data_8H16
#
_entry.id   8H16
#
_cell.length_a   1.00
_cell.length_b   1.00
_cell.length_c   1.00
_cell.angle_alpha   90.00
_cell.angle_beta   90.00
_cell.angle_gamma   90.00
#
_symmetry.space_group_name_H-M   'P 1'
#
loop_
_entity.id
_entity.type
_entity.pdbx_description
1 polymer 'Spike glycoprotein'
2 non-polymer 2-acetamido-2-deoxy-beta-D-glucopyranose
#
_entity_poly.entity_id   1
_entity_poly.type   'polypeptide(L)'
_entity_poly.pdbx_seq_one_letter_code
;ETGTDLDRCTTFDDVQAPNYTQHTSSMRGVYYPDEIFRSDTLYLTQDLFLPFYSNVTGFHTINHTFGNPVIPFKDGIYFA
ATEKSNVVRGWVFGSTMNNKSQSVIIINNSTNVVIRACNFELCDNPFFAVSKPMGTQTHTMIFDNAFNCTFEYISDAFSL
DVSEKSGNFKHLREFVFKNKDGFLYVYKGYQPIDVVRDLPSGFNTLKPIFKLPLGINITNFRAILTAFSPAQDIWGTSAA
AYFVGYLKPTTFMLKYDENGTITDAVDCSQNPLAELKCSVKSFEIDKGIYQTSNFRVVPSGDVVRFPNITNLCPFGEVFN
ATKFPSVYAWERKKISNCVADYSVLYNSTFFSTFKCYGVSATKLNDLCFSNVYADSFVVKGDDVRQIAPGQTGVIADYNY
KLPDDFMGCVLAWNTRNIDATSTGNYNYKYRYLRHGKLRPFERDISNVPFSPDGKPCTPPALNCYWPLNDYGFYTTTGIG
YQPYRVVVLSFELLNAPATVCGPKLSTDLIKNQCVNFNFNGLTGTGVLTPSSKRFQPFQQFGRDVSDFTDSVRDPKTSEI
LDISPCSFGGVSVITPGTNASSEVAVLYQDVNCTDVSTAIHADQLTPAWRIYSTGNNVFQTQAGCLIGAEHVDTSYECDI
PIGAGICASYHTVSLLRSTSQKSIVAYTMSLGADSSIAYSNNTIAIPTNFSISITTEVMPVSMAKTSVDCNMYICGDSTE
CANLLLQYGSFCTQLNRALSGIAAEQDRNTREVFAQVKQMYKTPTLKYFGGFNFSQILPDPLKPTKRSFIEDLLFNKVTL
ADAGFMKQYGECLGDINARDLICAQKFNGLTVLPPLLTDDMIAAYTAALVSGTATAGWTFGAGAALQIPFAMQMAYRFNG
IGVTQNVLYENQKQIANQFNKAISQIQESLTTTSTALGKLQDVVNQNAQALNTLVKQLSSNFGAISSVLNDILSRLDKVE
AEVQIDRLITGRLQSLQTYVTQQLIRAAEIRASANLAATKMSECVLGQSKRVDFCGKGYHLMSFPQAAPHGVVFLHVTYV
PSQERNFTTAPAICHEGKAYFPREGVFVFNGTSWFITQRNFFSPQIITTDNTFVSGNCDVVIGIINNTVYDPLQPELDSF
KEELDKYFKNHTSPDVDLGDISGINASVVNIQKEIDRLNEVAKNLNESLIDLQELGKYEQYIKGSGRENLYFQGGGGSGY
IPEAPRDGQAYVRKDGEWVLLSTFLGHHHHHH
;
_entity_poly.pdbx_strand_id   B,A,C
#
loop_
_chem_comp.id
_chem_comp.type
_chem_comp.name
_chem_comp.formula
NAG D-saccharide, beta linking 2-acetamido-2-deoxy-beta-D-glucopyranose 'C8 H15 N O6'
#
# COMPACT_ATOMS: atom_id res chain seq x y z
N THR A 21 -60.16 -19.55 8.45
CA THR A 21 -59.11 -20.51 8.14
C THR A 21 -57.83 -19.78 7.70
N GLN A 22 -56.74 -20.52 7.57
CA GLN A 22 -55.45 -19.96 7.17
C GLN A 22 -54.83 -20.82 6.09
N HIS A 23 -54.22 -20.17 5.10
CA HIS A 23 -53.55 -20.86 4.01
C HIS A 23 -52.15 -20.28 3.84
N THR A 24 -51.44 -20.78 2.83
CA THR A 24 -50.08 -20.33 2.53
C THR A 24 -50.06 -19.61 1.19
N SER A 25 -49.24 -18.58 1.09
CA SER A 25 -49.08 -17.82 -0.14
C SER A 25 -47.66 -18.05 -0.67
N SER A 26 -47.51 -19.02 -1.56
CA SER A 26 -46.20 -19.45 -2.02
C SER A 26 -45.86 -18.74 -3.32
N MET A 27 -44.87 -17.85 -3.25
CA MET A 27 -44.31 -17.15 -4.41
C MET A 27 -45.36 -16.31 -5.13
N ARG A 28 -46.17 -15.59 -4.35
CA ARG A 28 -47.23 -14.77 -4.90
C ARG A 28 -47.18 -13.38 -4.31
N GLY A 29 -47.55 -12.39 -5.11
CA GLY A 29 -47.65 -11.02 -4.65
C GLY A 29 -46.49 -10.13 -5.02
N VAL A 30 -45.60 -10.56 -5.89
CA VAL A 30 -44.51 -9.70 -6.33
C VAL A 30 -45.04 -8.76 -7.42
N TYR A 31 -44.51 -7.55 -7.47
CA TYR A 31 -44.96 -6.52 -8.39
C TYR A 31 -43.78 -5.74 -8.94
N TYR A 32 -44.06 -4.88 -9.92
CA TYR A 32 -43.02 -4.02 -10.44
C TYR A 32 -42.73 -2.92 -9.44
N PRO A 33 -41.49 -2.79 -8.94
CA PRO A 33 -41.25 -1.82 -7.87
C PRO A 33 -41.31 -0.37 -8.32
N ASP A 34 -40.80 -0.04 -9.50
CA ASP A 34 -40.70 1.36 -9.88
C ASP A 34 -40.95 1.53 -11.37
N GLU A 35 -40.57 2.72 -11.85
CA GLU A 35 -40.87 3.17 -13.21
C GLU A 35 -39.83 2.67 -14.21
N ILE A 36 -38.75 2.07 -13.72
CA ILE A 36 -37.57 1.79 -14.53
C ILE A 36 -37.79 0.55 -15.40
N PHE A 37 -37.22 0.57 -16.61
CA PHE A 37 -37.16 -0.60 -17.47
C PHE A 37 -35.75 -1.19 -17.44
N ARG A 38 -35.64 -2.47 -17.09
CA ARG A 38 -34.35 -3.15 -17.05
C ARG A 38 -34.47 -4.50 -17.74
N SER A 39 -33.36 -4.95 -18.33
CA SER A 39 -33.33 -6.24 -19.02
C SER A 39 -32.01 -6.94 -18.73
N ASP A 40 -32.08 -8.27 -18.63
CA ASP A 40 -30.93 -9.16 -18.45
C ASP A 40 -30.13 -8.81 -17.18
N THR A 41 -30.84 -8.54 -16.09
CA THR A 41 -30.18 -8.20 -14.83
C THR A 41 -30.76 -9.05 -13.71
N LEU A 42 -30.01 -9.13 -12.62
CA LEU A 42 -30.52 -9.56 -11.32
C LEU A 42 -30.47 -8.36 -10.40
N TYR A 43 -31.63 -7.82 -10.06
CA TYR A 43 -31.70 -6.55 -9.35
C TYR A 43 -32.21 -6.77 -7.94
N LEU A 44 -31.46 -6.27 -6.95
CA LEU A 44 -31.83 -6.39 -5.54
C LEU A 44 -32.54 -5.12 -5.09
N THR A 45 -33.70 -5.28 -4.50
CA THR A 45 -34.48 -4.14 -4.03
C THR A 45 -34.94 -4.38 -2.59
N GLN A 46 -35.15 -3.29 -1.87
CA GLN A 46 -35.74 -3.33 -0.54
C GLN A 46 -36.99 -2.46 -0.54
N ASP A 47 -38.14 -3.09 -0.35
CA ASP A 47 -39.42 -2.42 -0.42
C ASP A 47 -40.43 -3.28 0.31
N LEU A 48 -41.64 -2.75 0.50
CA LEU A 48 -42.69 -3.53 1.14
C LEU A 48 -43.17 -4.62 0.20
N PHE A 49 -42.99 -5.87 0.64
CA PHE A 49 -43.23 -7.04 -0.20
C PHE A 49 -44.00 -8.06 0.60
N LEU A 50 -44.64 -9.00 -0.10
CA LEU A 50 -45.28 -10.10 0.62
C LEU A 50 -44.30 -11.25 0.72
N PRO A 51 -43.99 -11.74 1.93
CA PRO A 51 -42.99 -12.79 2.07
C PRO A 51 -43.43 -14.08 1.41
N PHE A 52 -42.44 -14.84 0.93
CA PHE A 52 -42.74 -16.14 0.33
C PHE A 52 -43.15 -17.12 1.42
N TYR A 53 -44.16 -17.94 1.11
CA TYR A 53 -44.66 -19.01 1.96
C TYR A 53 -45.20 -18.51 3.30
N SER A 54 -45.72 -17.29 3.36
CA SER A 54 -46.30 -16.79 4.58
C SER A 54 -47.77 -17.19 4.68
N ASN A 55 -48.36 -16.93 5.85
CA ASN A 55 -49.74 -17.30 6.10
C ASN A 55 -50.69 -16.18 5.66
N VAL A 56 -51.85 -16.58 5.15
CA VAL A 56 -52.85 -15.68 4.60
C VAL A 56 -54.22 -16.10 5.12
N THR A 57 -55.02 -15.13 5.55
CA THR A 57 -56.35 -15.44 6.04
C THR A 57 -57.33 -15.49 4.87
N GLY A 58 -58.29 -16.41 4.96
CA GLY A 58 -59.24 -16.58 3.87
C GLY A 58 -60.69 -16.48 4.28
N PHE A 59 -61.41 -15.51 3.73
CA PHE A 59 -62.79 -15.26 4.07
C PHE A 59 -63.67 -15.84 2.97
N HIS A 60 -64.60 -16.71 3.36
CA HIS A 60 -65.44 -17.41 2.41
C HIS A 60 -66.86 -16.84 2.41
N ASN A 68 -69.48 -9.00 6.22
CA ASN A 68 -68.22 -8.52 5.72
C ASN A 68 -67.47 -7.78 6.82
N PRO A 69 -66.67 -8.52 7.59
CA PRO A 69 -65.98 -7.91 8.74
C PRO A 69 -64.94 -6.90 8.30
N VAL A 70 -64.75 -5.87 9.14
CA VAL A 70 -63.71 -4.89 8.88
C VAL A 70 -62.38 -5.45 9.38
N ILE A 71 -61.32 -5.22 8.61
CA ILE A 71 -60.00 -5.80 8.89
C ILE A 71 -58.98 -4.67 8.89
N PRO A 72 -57.89 -4.78 9.65
CA PRO A 72 -56.91 -3.70 9.69
C PRO A 72 -56.15 -3.53 8.38
N PHE A 73 -55.57 -2.35 8.21
CA PHE A 73 -54.71 -2.03 7.06
C PHE A 73 -53.41 -1.47 7.62
N LYS A 74 -52.45 -2.37 7.85
CA LYS A 74 -51.25 -1.97 8.57
C LYS A 74 -50.29 -1.19 7.68
N ASP A 75 -49.78 -1.81 6.63
CA ASP A 75 -48.87 -1.13 5.72
C ASP A 75 -49.36 -1.27 4.29
N GLY A 76 -49.99 -2.39 3.99
CA GLY A 76 -50.56 -2.66 2.69
C GLY A 76 -51.19 -4.03 2.72
N ILE A 77 -52.02 -4.31 1.72
CA ILE A 77 -52.66 -5.62 1.68
C ILE A 77 -52.46 -6.26 0.32
N TYR A 78 -52.55 -7.58 0.30
CA TYR A 78 -52.65 -8.38 -0.90
C TYR A 78 -54.00 -9.06 -0.86
N PHE A 79 -54.87 -8.71 -1.81
CA PHE A 79 -56.26 -9.15 -1.85
C PHE A 79 -56.42 -10.04 -3.07
N ALA A 80 -56.66 -11.33 -2.86
CA ALA A 80 -56.80 -12.27 -3.95
C ALA A 80 -58.19 -12.90 -3.90
N ALA A 81 -59.00 -12.61 -4.92
CA ALA A 81 -60.39 -13.06 -4.93
C ALA A 81 -60.61 -14.04 -6.07
N THR A 82 -61.20 -15.20 -5.75
CA THR A 82 -61.49 -16.21 -6.75
C THR A 82 -63.00 -16.27 -6.96
N GLU A 83 -63.44 -16.27 -8.22
CA GLU A 83 -64.84 -16.05 -8.55
C GLU A 83 -65.28 -16.94 -9.70
N LYS A 84 -66.58 -17.25 -9.73
CA LYS A 84 -67.19 -17.81 -10.92
C LYS A 84 -68.14 -16.81 -11.56
N SER A 85 -69.01 -16.20 -10.76
CA SER A 85 -70.08 -15.35 -11.27
C SER A 85 -69.87 -13.87 -10.97
N ASN A 86 -68.63 -13.46 -10.66
CA ASN A 86 -68.26 -12.06 -10.41
C ASN A 86 -69.06 -11.47 -9.25
N VAL A 87 -68.97 -12.09 -8.08
CA VAL A 87 -69.75 -11.63 -6.93
C VAL A 87 -69.09 -10.42 -6.28
N VAL A 88 -67.81 -10.53 -5.95
CA VAL A 88 -67.12 -9.52 -5.16
C VAL A 88 -66.75 -8.35 -6.05
N ARG A 89 -67.20 -7.16 -5.68
CA ARG A 89 -66.81 -5.93 -6.35
C ARG A 89 -66.72 -4.81 -5.33
N GLY A 90 -65.67 -3.99 -5.42
CA GLY A 90 -65.58 -2.79 -4.64
C GLY A 90 -64.81 -2.95 -3.34
N TRP A 91 -64.23 -1.82 -2.90
CA TRP A 91 -63.53 -1.71 -1.63
C TRP A 91 -63.77 -0.30 -1.09
N VAL A 92 -63.72 -0.16 0.24
CA VAL A 92 -63.83 1.12 0.91
C VAL A 92 -62.63 1.31 1.82
N PHE A 93 -62.22 2.57 2.00
CA PHE A 93 -61.08 2.91 2.85
C PHE A 93 -61.42 4.10 3.71
N GLY A 94 -61.17 3.97 5.00
CA GLY A 94 -61.40 5.06 5.93
C GLY A 94 -60.65 4.81 7.22
N SER A 95 -60.52 5.87 8.01
CA SER A 95 -59.85 5.73 9.30
C SER A 95 -60.73 4.98 10.30
N THR A 96 -62.01 5.33 10.38
CA THR A 96 -62.89 4.82 11.42
C THR A 96 -64.12 4.08 10.91
N MET A 97 -64.30 3.93 9.59
CA MET A 97 -65.52 3.38 8.99
C MET A 97 -66.77 4.11 9.49
N ASN A 98 -66.69 5.43 9.54
CA ASN A 98 -67.79 6.27 10.02
C ASN A 98 -67.99 7.41 9.05
N ASN A 99 -69.20 7.99 9.09
CA ASN A 99 -69.54 9.09 8.20
C ASN A 99 -68.76 10.35 8.55
N LYS A 100 -68.34 10.49 9.81
CA LYS A 100 -67.62 11.68 10.22
C LYS A 100 -66.22 11.72 9.62
N SER A 101 -65.50 10.60 9.67
CA SER A 101 -64.13 10.57 9.19
C SER A 101 -64.10 10.55 7.66
N GLN A 102 -63.01 11.09 7.10
CA GLN A 102 -62.84 11.13 5.65
C GLN A 102 -62.61 9.72 5.11
N SER A 103 -63.16 9.46 3.92
CA SER A 103 -63.13 8.14 3.33
C SER A 103 -63.02 8.24 1.81
N VAL A 104 -62.56 7.16 1.19
CA VAL A 104 -62.52 7.02 -0.25
C VAL A 104 -63.15 5.67 -0.60
N ILE A 105 -63.97 5.66 -1.65
CA ILE A 105 -64.70 4.47 -2.06
C ILE A 105 -64.30 4.11 -3.49
N ILE A 106 -63.77 2.91 -3.66
CA ILE A 106 -63.42 2.38 -4.97
C ILE A 106 -64.38 1.24 -5.28
N ILE A 107 -65.37 1.52 -6.13
CA ILE A 107 -66.43 0.56 -6.42
C ILE A 107 -66.61 0.47 -7.93
N ASN A 108 -66.71 -0.75 -8.42
CA ASN A 108 -66.95 -0.98 -9.84
C ASN A 108 -68.42 -0.76 -10.19
N VAL A 113 -66.18 1.80 -13.36
CA VAL A 113 -65.23 2.11 -12.29
C VAL A 113 -65.37 3.57 -11.88
N VAL A 114 -65.75 3.79 -10.62
CA VAL A 114 -65.93 5.13 -10.09
C VAL A 114 -65.19 5.23 -8.76
N ILE A 115 -64.47 6.33 -8.58
CA ILE A 115 -63.73 6.61 -7.34
C ILE A 115 -64.20 7.95 -6.82
N ARG A 116 -64.65 7.97 -5.56
CA ARG A 116 -65.09 9.18 -4.90
C ARG A 116 -64.44 9.23 -3.52
N ALA A 117 -63.81 10.36 -3.19
CA ALA A 117 -63.10 10.52 -1.93
C ALA A 117 -63.82 11.58 -1.09
N CYS A 118 -64.82 11.15 -0.33
CA CYS A 118 -65.53 12.06 0.56
C CYS A 118 -66.17 11.25 1.67
N ASN A 119 -66.82 11.96 2.59
CA ASN A 119 -67.44 11.35 3.76
C ASN A 119 -68.60 10.44 3.41
N TYR A 153 -62.13 13.93 -5.14
CA TYR A 153 -61.59 13.44 -6.40
C TYR A 153 -62.59 12.52 -7.08
N ILE A 154 -62.90 12.83 -8.34
CA ILE A 154 -63.88 12.08 -9.13
C ILE A 154 -63.16 11.53 -10.36
N SER A 155 -63.31 10.22 -10.60
CA SER A 155 -62.74 9.58 -11.76
C SER A 155 -63.74 8.61 -12.35
N ASP A 156 -63.61 8.37 -13.65
CA ASP A 156 -64.46 7.41 -14.35
C ASP A 156 -63.82 6.98 -15.66
N LYS A 170 -63.07 -20.93 -13.47
CA LYS A 170 -63.11 -19.79 -12.58
C LYS A 170 -62.08 -18.74 -13.02
N HIS A 171 -62.13 -17.57 -12.39
CA HIS A 171 -61.15 -16.53 -12.63
C HIS A 171 -60.70 -15.94 -11.31
N LEU A 172 -59.44 -15.49 -11.28
CA LEU A 172 -58.79 -15.06 -10.06
C LEU A 172 -58.22 -13.66 -10.26
N ARG A 173 -58.49 -12.77 -9.30
CA ARG A 173 -57.95 -11.42 -9.30
C ARG A 173 -56.96 -11.26 -8.16
N GLU A 174 -55.85 -10.57 -8.42
CA GLU A 174 -54.84 -10.27 -7.43
C GLU A 174 -54.66 -8.77 -7.37
N PHE A 175 -54.68 -8.21 -6.17
CA PHE A 175 -54.54 -6.78 -5.98
C PHE A 175 -53.54 -6.49 -4.87
N VAL A 176 -52.64 -5.55 -5.10
CA VAL A 176 -51.74 -5.07 -4.06
C VAL A 176 -52.08 -3.60 -3.80
N PHE A 177 -52.47 -3.30 -2.57
CA PHE A 177 -52.89 -1.97 -2.16
C PHE A 177 -51.86 -1.42 -1.18
N LYS A 178 -51.30 -0.25 -1.50
CA LYS A 178 -50.24 0.32 -0.67
C LYS A 178 -50.44 1.82 -0.56
N ASN A 179 -50.03 2.39 0.57
CA ASN A 179 -50.12 3.82 0.83
C ASN A 179 -48.75 4.35 1.21
N LYS A 180 -48.19 5.24 0.38
CA LYS A 180 -46.86 5.76 0.65
C LYS A 180 -46.69 7.11 -0.04
N ASP A 181 -45.93 7.99 0.64
CA ASP A 181 -45.50 9.29 0.11
C ASP A 181 -46.70 10.18 -0.23
N GLY A 182 -47.79 10.07 0.52
CA GLY A 182 -48.97 10.84 0.21
C GLY A 182 -49.74 10.36 -1.00
N PHE A 183 -49.44 9.17 -1.50
CA PHE A 183 -50.10 8.61 -2.66
C PHE A 183 -50.63 7.22 -2.31
N LEU A 184 -51.63 6.78 -3.06
CA LEU A 184 -52.15 5.43 -2.94
C LEU A 184 -51.83 4.68 -4.24
N TYR A 185 -51.10 3.57 -4.12
CA TYR A 185 -50.74 2.73 -5.24
C TYR A 185 -51.64 1.51 -5.25
N VAL A 186 -52.23 1.23 -6.41
CA VAL A 186 -53.07 0.06 -6.63
C VAL A 186 -52.50 -0.71 -7.80
N TYR A 187 -52.04 -1.94 -7.55
CA TYR A 187 -51.47 -2.81 -8.56
C TYR A 187 -52.44 -3.97 -8.79
N LYS A 188 -52.67 -4.32 -10.06
CA LYS A 188 -53.65 -5.33 -10.40
C LYS A 188 -53.03 -6.40 -11.29
N GLY A 189 -53.33 -7.65 -10.99
CA GLY A 189 -52.93 -8.76 -11.84
C GLY A 189 -54.05 -9.76 -12.01
N TYR A 190 -54.05 -10.43 -13.16
CA TYR A 190 -55.11 -11.36 -13.52
C TYR A 190 -54.46 -12.64 -14.01
N GLN A 191 -55.00 -13.78 -13.58
CA GLN A 191 -54.53 -15.08 -14.04
C GLN A 191 -55.68 -16.08 -14.05
N PRO A 192 -56.05 -16.64 -15.20
CA PRO A 192 -57.11 -17.64 -15.22
C PRO A 192 -56.65 -18.95 -14.57
N ILE A 193 -57.55 -19.55 -13.81
CA ILE A 193 -57.27 -20.75 -13.04
C ILE A 193 -58.36 -21.78 -13.30
N ASP A 194 -58.06 -23.04 -13.00
CA ASP A 194 -59.09 -24.07 -12.97
C ASP A 194 -59.83 -24.06 -11.65
N VAL A 195 -60.79 -24.98 -11.50
CA VAL A 195 -61.52 -25.09 -10.25
C VAL A 195 -60.62 -25.68 -9.18
N VAL A 196 -60.47 -24.97 -8.07
CA VAL A 196 -59.63 -25.39 -6.97
C VAL A 196 -60.16 -24.77 -5.69
N ARG A 197 -60.09 -25.53 -4.60
CA ARG A 197 -60.62 -25.05 -3.33
C ARG A 197 -59.69 -24.03 -2.67
N ASP A 198 -58.38 -24.25 -2.79
CA ASP A 198 -57.39 -23.46 -2.08
C ASP A 198 -56.75 -22.47 -3.04
N LEU A 199 -55.98 -21.54 -2.48
CA LEU A 199 -55.20 -20.61 -3.29
C LEU A 199 -54.13 -21.37 -4.07
N PRO A 200 -54.09 -21.25 -5.39
CA PRO A 200 -53.12 -22.02 -6.17
C PRO A 200 -51.68 -21.56 -5.93
N SER A 201 -50.76 -22.50 -6.10
CA SER A 201 -49.34 -22.24 -5.94
C SER A 201 -48.74 -21.92 -7.30
N GLY A 202 -48.22 -20.71 -7.45
CA GLY A 202 -47.65 -20.29 -8.72
C GLY A 202 -47.04 -18.91 -8.60
N PHE A 203 -46.47 -18.45 -9.69
CA PHE A 203 -45.78 -17.16 -9.74
C PHE A 203 -46.55 -16.22 -10.67
N ASN A 204 -46.93 -15.06 -10.14
CA ASN A 204 -47.64 -14.05 -10.90
C ASN A 204 -47.08 -12.67 -10.60
N THR A 205 -46.88 -11.87 -11.65
CA THR A 205 -46.30 -10.55 -11.53
C THR A 205 -47.35 -9.49 -11.82
N LEU A 206 -47.36 -8.44 -11.01
CA LEU A 206 -48.43 -7.44 -11.00
C LEU A 206 -47.91 -6.11 -11.50
N LYS A 207 -48.69 -5.44 -12.35
CA LYS A 207 -48.27 -4.21 -13.01
C LYS A 207 -48.96 -3.01 -12.40
N PRO A 208 -48.33 -1.83 -12.41
CA PRO A 208 -48.99 -0.62 -11.93
C PRO A 208 -50.29 -0.33 -12.67
N ILE A 209 -51.31 0.04 -11.91
CA ILE A 209 -52.59 0.47 -12.49
C ILE A 209 -52.96 1.87 -12.04
N PHE A 210 -53.15 2.10 -10.74
CA PHE A 210 -53.63 3.40 -10.28
C PHE A 210 -52.65 4.01 -9.29
N LYS A 211 -52.47 5.33 -9.44
CA LYS A 211 -51.69 6.15 -8.52
C LYS A 211 -52.54 7.35 -8.13
N LEU A 212 -53.20 7.27 -6.97
CA LEU A 212 -54.14 8.31 -6.58
C LEU A 212 -53.48 9.30 -5.63
N PRO A 213 -53.48 10.60 -5.96
CA PRO A 213 -52.97 11.60 -5.02
C PRO A 213 -54.02 12.05 -4.00
N LEU A 214 -53.87 11.59 -2.76
CA LEU A 214 -54.71 11.99 -1.65
C LEU A 214 -54.04 11.55 -0.36
N GLY A 215 -54.06 12.42 0.64
CA GLY A 215 -53.45 12.07 1.91
C GLY A 215 -54.46 11.96 3.03
N ILE A 216 -54.72 10.72 3.46
CA ILE A 216 -55.64 10.43 4.56
C ILE A 216 -55.00 9.35 5.43
N ASN A 217 -55.50 9.23 6.66
CA ASN A 217 -55.07 8.14 7.52
C ASN A 217 -55.95 6.91 7.25
N ILE A 218 -55.32 5.81 6.88
CA ILE A 218 -56.02 4.58 6.52
C ILE A 218 -55.59 3.49 7.48
N THR A 219 -56.51 3.04 8.33
CA THR A 219 -56.28 1.89 9.18
C THR A 219 -57.32 0.80 9.02
N ASN A 220 -58.34 0.99 8.19
CA ASN A 220 -59.49 0.09 8.14
C ASN A 220 -59.82 -0.25 6.70
N PHE A 221 -60.41 -1.43 6.50
CA PHE A 221 -60.68 -2.00 5.19
C PHE A 221 -61.93 -2.87 5.26
N ARG A 222 -62.84 -2.69 4.31
CA ARG A 222 -64.03 -3.53 4.21
C ARG A 222 -64.33 -3.79 2.73
N ALA A 223 -64.74 -5.02 2.42
CA ALA A 223 -65.14 -5.33 1.06
C ALA A 223 -66.65 -5.17 0.91
N ILE A 224 -67.11 -5.20 -0.34
CA ILE A 224 -68.53 -5.11 -0.66
C ILE A 224 -68.90 -6.36 -1.44
N LEU A 225 -69.92 -7.08 -0.95
CA LEU A 225 -70.39 -8.31 -1.56
C LEU A 225 -71.84 -8.15 -1.98
N THR A 226 -72.17 -8.64 -3.17
CA THR A 226 -73.52 -8.55 -3.70
C THR A 226 -74.46 -9.53 -3.00
N ALA A 240 -66.57 -17.15 -4.46
CA ALA A 240 -66.97 -16.07 -3.57
C ALA A 240 -66.03 -15.97 -2.38
N ALA A 241 -64.77 -16.35 -2.58
CA ALA A 241 -63.78 -16.41 -1.52
C ALA A 241 -62.66 -15.42 -1.81
N TYR A 242 -62.31 -14.62 -0.80
CA TYR A 242 -61.24 -13.66 -0.94
C TYR A 242 -60.23 -13.82 0.19
N PHE A 243 -58.95 -13.70 -0.15
CA PHE A 243 -57.83 -14.02 0.72
C PHE A 243 -57.06 -12.73 0.95
N VAL A 244 -56.72 -12.44 2.21
CA VAL A 244 -56.07 -11.18 2.56
C VAL A 244 -54.76 -11.46 3.26
N GLY A 245 -53.66 -10.97 2.67
CA GLY A 245 -52.36 -11.06 3.31
C GLY A 245 -51.79 -9.67 3.53
N TYR A 246 -50.77 -9.59 4.38
CA TYR A 246 -50.21 -8.31 4.79
C TYR A 246 -48.74 -8.23 4.41
N LEU A 247 -48.33 -7.07 3.90
CA LEU A 247 -46.97 -6.87 3.42
C LEU A 247 -46.03 -6.49 4.57
N LYS A 248 -44.76 -6.84 4.41
CA LYS A 248 -43.70 -6.51 5.37
C LYS A 248 -42.50 -5.98 4.60
N PRO A 249 -41.65 -5.18 5.24
CA PRO A 249 -40.43 -4.72 4.56
C PRO A 249 -39.37 -5.81 4.53
N THR A 250 -39.11 -6.32 3.33
CA THR A 250 -38.10 -7.36 3.13
C THR A 250 -37.22 -6.96 1.95
N THR A 251 -36.21 -7.79 1.69
CA THR A 251 -35.31 -7.59 0.56
C THR A 251 -35.54 -8.71 -0.45
N PHE A 252 -35.79 -8.33 -1.70
CA PHE A 252 -36.03 -9.28 -2.77
C PHE A 252 -34.95 -9.13 -3.82
N MET A 253 -34.72 -10.18 -4.60
CA MET A 253 -33.90 -10.04 -5.80
C MET A 253 -34.69 -10.58 -6.99
N LEU A 254 -34.78 -9.78 -8.04
CA LEU A 254 -35.72 -9.98 -9.14
C LEU A 254 -34.95 -10.22 -10.43
N LYS A 255 -35.44 -11.14 -11.25
CA LYS A 255 -34.77 -11.52 -12.50
C LYS A 255 -35.52 -10.92 -13.68
N TYR A 256 -34.78 -10.22 -14.55
CA TYR A 256 -35.34 -9.55 -15.70
C TYR A 256 -34.86 -10.26 -16.96
N ASP A 257 -35.79 -10.60 -17.84
CA ASP A 257 -35.39 -11.22 -19.10
C ASP A 257 -35.08 -10.15 -20.14
N GLU A 258 -34.94 -10.58 -21.40
CA GLU A 258 -34.53 -9.65 -22.45
C GLU A 258 -35.65 -8.68 -22.82
N ASN A 259 -36.91 -9.07 -22.56
CA ASN A 259 -38.02 -8.18 -22.89
C ASN A 259 -38.40 -7.30 -21.72
N GLY A 260 -37.76 -7.46 -20.57
CA GLY A 260 -38.02 -6.61 -19.43
C GLY A 260 -39.06 -7.11 -18.45
N THR A 261 -39.53 -8.34 -18.61
CA THR A 261 -40.54 -8.87 -17.69
C THR A 261 -39.88 -9.65 -16.56
N ILE A 262 -40.46 -9.54 -15.37
CA ILE A 262 -39.99 -10.33 -14.24
C ILE A 262 -40.44 -11.77 -14.41
N THR A 263 -39.49 -12.69 -14.38
CA THR A 263 -39.81 -14.11 -14.48
C THR A 263 -39.62 -14.87 -13.18
N ASP A 264 -38.71 -14.42 -12.31
CA ASP A 264 -38.41 -15.14 -11.08
C ASP A 264 -37.86 -14.17 -10.05
N ALA A 265 -37.88 -14.59 -8.79
CA ALA A 265 -37.38 -13.77 -7.70
C ALA A 265 -37.04 -14.67 -6.52
N VAL A 266 -36.12 -14.19 -5.68
CA VAL A 266 -35.83 -14.85 -4.41
C VAL A 266 -36.02 -13.85 -3.28
N ASP A 267 -36.38 -14.37 -2.10
CA ASP A 267 -36.58 -13.59 -0.90
C ASP A 267 -35.40 -13.87 0.01
N CYS A 268 -34.65 -12.83 0.37
CA CYS A 268 -33.36 -13.05 1.00
C CYS A 268 -33.50 -13.41 2.48
N SER A 269 -34.68 -13.24 3.05
CA SER A 269 -34.84 -13.46 4.49
C SER A 269 -35.46 -14.81 4.80
N GLN A 270 -35.63 -15.66 3.79
CA GLN A 270 -36.36 -16.90 3.98
C GLN A 270 -35.46 -18.02 4.52
N ASN A 271 -34.32 -18.24 3.87
CA ASN A 271 -33.50 -19.42 4.11
C ASN A 271 -32.05 -18.99 4.17
N PRO A 272 -31.17 -19.83 4.72
CA PRO A 272 -29.73 -19.62 4.50
C PRO A 272 -29.33 -19.70 3.03
N LEU A 273 -29.97 -20.61 2.28
CA LEU A 273 -29.64 -20.77 0.86
C LEU A 273 -30.07 -19.54 0.06
N ALA A 274 -31.22 -18.97 0.39
CA ALA A 274 -31.67 -17.77 -0.30
C ALA A 274 -30.78 -16.58 0.03
N GLU A 275 -30.26 -16.53 1.27
CA GLU A 275 -29.30 -15.49 1.60
C GLU A 275 -27.99 -15.67 0.84
N LEU A 276 -27.58 -16.92 0.62
CA LEU A 276 -26.40 -17.17 -0.21
C LEU A 276 -26.62 -16.71 -1.64
N LYS A 277 -27.80 -17.02 -2.19
CA LYS A 277 -28.12 -16.61 -3.55
C LYS A 277 -28.18 -15.09 -3.69
N CYS A 278 -28.64 -14.41 -2.64
CA CYS A 278 -28.64 -12.94 -2.66
C CYS A 278 -27.24 -12.38 -2.48
N SER A 279 -26.38 -13.08 -1.75
CA SER A 279 -25.03 -12.59 -1.49
C SER A 279 -24.14 -12.70 -2.72
N VAL A 280 -24.23 -13.83 -3.45
CA VAL A 280 -23.40 -14.01 -4.64
C VAL A 280 -24.10 -13.57 -5.92
N LYS A 281 -25.38 -13.18 -5.84
CA LYS A 281 -26.15 -12.65 -6.97
C LYS A 281 -26.26 -13.65 -8.12
N SER A 282 -26.74 -14.85 -7.81
CA SER A 282 -26.97 -15.87 -8.82
C SER A 282 -28.06 -16.81 -8.35
N PHE A 283 -28.66 -17.52 -9.31
CA PHE A 283 -29.64 -18.54 -9.02
C PHE A 283 -29.04 -19.95 -8.98
N GLU A 284 -27.76 -20.09 -9.27
CA GLU A 284 -27.05 -21.36 -9.19
C GLU A 284 -25.80 -21.17 -8.34
N ILE A 285 -25.47 -22.20 -7.56
CA ILE A 285 -24.35 -22.12 -6.62
C ILE A 285 -23.46 -23.34 -6.85
N ASP A 286 -22.15 -23.11 -6.85
CA ASP A 286 -21.18 -24.19 -6.92
C ASP A 286 -21.07 -24.86 -5.56
N LYS A 287 -20.24 -25.91 -5.49
CA LYS A 287 -19.98 -26.60 -4.24
C LYS A 287 -18.90 -25.86 -3.46
N GLY A 288 -19.10 -25.71 -2.15
CA GLY A 288 -18.06 -25.14 -1.32
C GLY A 288 -18.65 -24.50 -0.07
N ILE A 289 -17.82 -23.71 0.60
CA ILE A 289 -18.21 -22.97 1.79
C ILE A 289 -18.00 -21.48 1.52
N TYR A 290 -19.06 -20.70 1.67
CA TYR A 290 -19.05 -19.28 1.36
C TYR A 290 -19.41 -18.48 2.59
N GLN A 291 -18.59 -17.49 2.93
CA GLN A 291 -18.86 -16.65 4.09
C GLN A 291 -19.98 -15.68 3.74
N THR A 292 -21.12 -15.85 4.38
CA THR A 292 -22.32 -15.08 4.05
C THR A 292 -22.44 -13.79 4.82
N SER A 293 -22.46 -13.83 6.15
CA SER A 293 -22.83 -12.60 6.85
C SER A 293 -22.19 -12.59 8.23
N ASN A 294 -22.67 -11.68 9.08
CA ASN A 294 -22.26 -11.60 10.48
C ASN A 294 -23.49 -11.73 11.38
N PHE A 295 -23.30 -12.32 12.54
CA PHE A 295 -24.39 -12.50 13.49
C PHE A 295 -24.08 -11.86 14.84
N ARG A 296 -25.11 -11.30 15.45
CA ARG A 296 -25.10 -10.76 16.81
C ARG A 296 -26.23 -11.42 17.59
N VAL A 297 -26.23 -11.18 18.91
CA VAL A 297 -27.28 -11.66 19.80
C VAL A 297 -27.88 -10.41 20.45
N VAL A 298 -29.19 -10.22 20.29
CA VAL A 298 -29.86 -9.03 20.78
C VAL A 298 -30.02 -9.10 22.30
N PRO A 299 -30.09 -7.97 23.00
CA PRO A 299 -30.26 -8.00 24.46
C PRO A 299 -31.65 -8.47 24.87
N SER A 300 -31.77 -8.89 26.13
CA SER A 300 -33.01 -9.44 26.66
C SER A 300 -33.54 -8.68 27.87
N GLY A 301 -32.84 -7.67 28.36
CA GLY A 301 -33.24 -7.02 29.59
C GLY A 301 -32.71 -5.60 29.68
N ASP A 302 -32.88 -5.01 30.85
CA ASP A 302 -32.37 -3.67 31.14
C ASP A 302 -31.98 -3.59 32.62
N VAL A 303 -30.87 -2.90 32.90
CA VAL A 303 -30.35 -2.74 34.25
C VAL A 303 -29.99 -1.27 34.46
N VAL A 304 -30.53 -0.66 35.51
CA VAL A 304 -30.18 0.70 35.92
C VAL A 304 -29.79 0.66 37.38
N ARG A 305 -28.61 1.18 37.71
CA ARG A 305 -28.14 1.19 39.09
C ARG A 305 -27.61 2.58 39.45
N PHE A 306 -28.35 3.28 40.31
CA PHE A 306 -27.97 4.57 40.87
C PHE A 306 -27.94 4.45 42.38
N PRO A 307 -27.14 5.29 43.06
CA PRO A 307 -26.92 5.09 44.50
C PRO A 307 -28.12 5.46 45.36
N ASN A 308 -27.89 5.37 46.68
CA ASN A 308 -28.91 5.65 47.70
C ASN A 308 -28.85 7.12 48.07
N ILE A 309 -29.50 7.95 47.26
CA ILE A 309 -29.60 9.37 47.51
C ILE A 309 -31.07 9.79 47.45
N THR A 310 -31.51 10.55 48.46
CA THR A 310 -32.93 10.85 48.65
C THR A 310 -33.23 12.34 48.80
N ASN A 311 -32.27 13.14 49.22
CA ASN A 311 -32.54 14.55 49.50
C ASN A 311 -32.78 15.33 48.21
N LEU A 312 -33.82 16.15 48.22
CA LEU A 312 -34.06 17.04 47.11
C LEU A 312 -33.00 18.14 47.09
N CYS A 313 -32.67 18.60 45.89
CA CYS A 313 -31.45 19.36 45.71
C CYS A 313 -31.72 20.85 45.81
N PRO A 314 -30.91 21.58 46.61
CA PRO A 314 -31.16 23.01 46.86
C PRO A 314 -30.74 23.90 45.70
N PHE A 315 -31.52 23.88 44.63
CA PHE A 315 -31.32 24.84 43.55
C PHE A 315 -32.03 26.15 43.87
N GLY A 316 -32.90 26.15 44.87
CA GLY A 316 -33.59 27.37 45.24
C GLY A 316 -32.67 28.40 45.88
N GLU A 317 -31.74 27.95 46.71
CA GLU A 317 -30.90 28.88 47.46
C GLU A 317 -29.84 29.51 46.56
N VAL A 318 -29.36 28.75 45.58
CA VAL A 318 -28.31 29.25 44.70
C VAL A 318 -28.85 30.34 43.78
N PHE A 319 -30.03 30.14 43.21
CA PHE A 319 -30.54 31.07 42.20
C PHE A 319 -31.32 32.21 42.83
N ASN A 320 -32.21 31.91 43.77
CA ASN A 320 -33.02 32.92 44.44
C ASN A 320 -32.41 33.21 45.80
N ALA A 321 -31.49 34.18 45.84
CA ALA A 321 -30.80 34.53 47.07
C ALA A 321 -30.75 36.05 47.16
N THR A 322 -30.62 36.54 48.38
CA THR A 322 -30.72 37.98 48.61
C THR A 322 -29.51 38.73 48.06
N LYS A 323 -28.31 38.22 48.30
CA LYS A 323 -27.08 38.93 47.95
C LYS A 323 -26.14 38.03 47.15
N PHE A 324 -25.72 38.51 45.98
CA PHE A 324 -24.59 37.94 45.26
C PHE A 324 -23.37 38.84 45.43
N PRO A 325 -22.18 38.26 45.53
CA PRO A 325 -20.98 39.10 45.63
C PRO A 325 -20.62 39.70 44.28
N SER A 326 -19.77 40.72 44.33
CA SER A 326 -19.29 41.35 43.12
C SER A 326 -18.29 40.47 42.39
N VAL A 327 -17.95 40.87 41.17
CA VAL A 327 -17.27 39.95 40.25
C VAL A 327 -15.81 39.73 40.67
N TYR A 328 -15.20 40.71 41.33
CA TYR A 328 -13.78 40.57 41.67
C TYR A 328 -13.59 39.60 42.82
N ALA A 329 -14.63 39.36 43.62
CA ALA A 329 -14.60 38.37 44.69
C ALA A 329 -15.85 37.50 44.58
N TRP A 330 -15.79 36.49 43.72
CA TRP A 330 -16.93 35.60 43.53
C TRP A 330 -16.91 34.50 44.58
N GLU A 331 -17.99 33.74 44.64
CA GLU A 331 -18.14 32.65 45.60
C GLU A 331 -18.46 31.34 44.91
N ARG A 332 -17.83 30.27 45.41
CA ARG A 332 -18.05 28.91 44.96
C ARG A 332 -18.75 28.13 46.05
N LYS A 333 -19.88 27.52 45.71
CA LYS A 333 -20.66 26.72 46.64
C LYS A 333 -20.69 25.28 46.15
N LYS A 334 -20.46 24.33 47.05
CA LYS A 334 -20.40 22.92 46.70
C LYS A 334 -21.77 22.28 46.95
N ILE A 335 -22.25 21.53 45.96
CA ILE A 335 -23.49 20.79 46.04
C ILE A 335 -23.16 19.30 45.96
N SER A 336 -23.62 18.55 46.97
CA SER A 336 -23.34 17.13 47.07
C SER A 336 -24.50 16.44 47.76
N ASN A 337 -24.64 15.14 47.49
CA ASN A 337 -25.65 14.26 48.11
C ASN A 337 -27.07 14.75 47.91
N CYS A 338 -27.47 14.93 46.65
CA CYS A 338 -28.81 15.42 46.34
C CYS A 338 -29.30 14.77 45.06
N VAL A 339 -30.61 14.81 44.86
CA VAL A 339 -31.24 14.40 43.61
C VAL A 339 -31.65 15.67 42.88
N ALA A 340 -31.03 15.95 41.75
CA ALA A 340 -31.22 17.21 41.04
C ALA A 340 -32.12 16.96 39.83
N ASP A 341 -33.25 17.68 39.78
CA ASP A 341 -34.21 17.46 38.71
C ASP A 341 -33.69 17.98 37.37
N TYR A 342 -33.12 19.19 37.37
CA TYR A 342 -32.48 19.90 36.27
C TYR A 342 -33.46 20.37 35.19
N SER A 343 -34.74 19.97 35.25
CA SER A 343 -35.66 20.32 34.18
C SER A 343 -36.20 21.74 34.35
N VAL A 344 -36.20 22.23 35.59
CA VAL A 344 -36.77 23.55 35.87
C VAL A 344 -35.86 24.65 35.34
N LEU A 345 -34.64 24.30 34.93
CA LEU A 345 -33.74 25.31 34.38
C LEU A 345 -34.05 25.61 32.92
N TYR A 346 -34.27 24.57 32.10
CA TYR A 346 -34.47 24.84 30.68
C TYR A 346 -35.94 24.84 30.29
N ASN A 347 -36.81 24.27 31.13
CA ASN A 347 -38.24 24.40 30.86
C ASN A 347 -38.72 25.82 31.14
N SER A 348 -38.19 26.45 32.20
CA SER A 348 -38.63 27.79 32.57
C SER A 348 -38.06 28.83 31.62
N THR A 349 -38.74 29.98 31.55
CA THR A 349 -38.30 31.12 30.77
C THR A 349 -37.57 32.16 31.60
N PHE A 350 -37.03 31.76 32.75
CA PHE A 350 -36.40 32.71 33.67
C PHE A 350 -35.09 33.24 33.10
N PHE A 351 -34.29 32.37 32.49
CA PHE A 351 -32.90 32.68 32.16
C PHE A 351 -32.77 33.15 30.72
N SER A 352 -32.07 34.28 30.53
CA SER A 352 -31.86 34.80 29.19
C SER A 352 -30.85 33.96 28.41
N THR A 353 -29.71 33.65 29.03
CA THR A 353 -28.68 32.82 28.40
C THR A 353 -28.49 31.56 29.23
N PHE A 354 -28.71 30.41 28.60
CA PHE A 354 -28.48 29.08 29.16
C PHE A 354 -27.56 28.35 28.19
N LYS A 355 -26.26 28.52 28.36
CA LYS A 355 -25.29 28.04 27.37
C LYS A 355 -24.42 26.98 28.03
N CYS A 356 -24.46 25.76 27.50
CA CYS A 356 -23.78 24.63 28.11
C CYS A 356 -22.67 24.13 27.21
N TYR A 357 -21.48 23.94 27.80
CA TYR A 357 -20.29 23.49 27.09
C TYR A 357 -19.93 22.08 27.55
N GLY A 358 -19.75 21.18 26.58
CA GLY A 358 -19.36 19.82 26.86
C GLY A 358 -20.50 18.89 27.22
N VAL A 359 -21.66 19.42 27.57
CA VAL A 359 -22.85 18.63 27.91
C VAL A 359 -24.04 19.30 27.25
N SER A 360 -24.90 18.50 26.61
CA SER A 360 -26.19 18.97 26.15
C SER A 360 -27.14 18.98 27.34
N ALA A 361 -27.97 20.03 27.42
CA ALA A 361 -28.82 20.22 28.60
C ALA A 361 -29.83 19.10 28.76
N THR A 362 -30.37 18.61 27.64
CA THR A 362 -31.42 17.59 27.69
C THR A 362 -30.90 16.28 28.27
N LYS A 363 -29.61 16.01 28.14
CA LYS A 363 -29.02 14.81 28.71
C LYS A 363 -28.51 15.01 30.12
N LEU A 364 -28.73 16.18 30.73
CA LEU A 364 -28.22 16.42 32.08
C LEU A 364 -28.99 15.62 33.12
N ASN A 365 -30.21 15.21 32.80
CA ASN A 365 -31.04 14.54 33.79
C ASN A 365 -30.66 13.07 33.92
N ASP A 366 -29.91 12.54 32.95
CA ASP A 366 -29.55 11.13 32.97
C ASP A 366 -28.19 10.91 33.62
N LEU A 367 -27.24 11.80 33.36
CA LEU A 367 -25.86 11.63 33.83
C LEU A 367 -25.78 11.74 35.35
N CYS A 368 -24.73 11.14 35.92
CA CYS A 368 -24.56 11.15 37.36
C CYS A 368 -23.14 11.54 37.71
N PHE A 369 -23.01 12.51 38.63
CA PHE A 369 -21.79 13.26 38.84
C PHE A 369 -21.24 13.01 40.24
N SER A 370 -20.05 13.56 40.50
CA SER A 370 -19.44 13.42 41.80
C SER A 370 -19.81 14.58 42.72
N ASN A 371 -19.52 15.81 42.29
CA ASN A 371 -19.93 17.02 43.02
C ASN A 371 -20.25 18.08 41.98
N VAL A 372 -21.05 19.07 42.38
CA VAL A 372 -21.36 20.19 41.51
C VAL A 372 -20.90 21.47 42.20
N TYR A 373 -20.25 22.35 41.44
CA TYR A 373 -19.77 23.62 42.01
C TYR A 373 -20.45 24.77 41.31
N ALA A 374 -21.06 25.66 42.09
CA ALA A 374 -21.76 26.82 41.56
C ALA A 374 -21.00 28.09 41.93
N ASP A 375 -20.57 28.84 40.91
CA ASP A 375 -19.90 30.12 41.09
C ASP A 375 -20.88 31.24 40.76
N SER A 376 -21.07 32.15 41.71
CA SER A 376 -22.12 33.15 41.60
C SER A 376 -21.56 34.56 41.67
N PHE A 377 -21.95 35.42 40.71
CA PHE A 377 -21.51 36.81 40.72
C PHE A 377 -22.45 37.66 39.88
N VAL A 378 -22.15 38.97 39.82
CA VAL A 378 -22.98 39.97 39.15
C VAL A 378 -22.10 40.79 38.22
N VAL A 379 -22.49 40.88 36.95
CA VAL A 379 -21.72 41.60 35.94
C VAL A 379 -22.60 42.58 35.18
N LYS A 380 -21.93 43.52 34.52
CA LYS A 380 -22.58 44.49 33.65
C LYS A 380 -23.08 43.77 32.39
N GLY A 381 -24.06 44.37 31.72
CA GLY A 381 -24.85 43.65 30.73
C GLY A 381 -24.07 43.18 29.52
N ASP A 382 -23.02 43.90 29.14
CA ASP A 382 -22.22 43.47 27.99
C ASP A 382 -21.08 42.55 28.41
N ASP A 383 -20.92 42.34 29.71
CA ASP A 383 -19.83 41.50 30.19
C ASP A 383 -20.25 40.04 30.28
N VAL A 384 -21.49 39.72 29.91
CA VAL A 384 -21.95 38.34 29.94
C VAL A 384 -21.32 37.54 28.81
N ARG A 385 -20.94 38.21 27.72
CA ARG A 385 -20.36 37.49 26.58
C ARG A 385 -18.95 37.01 26.87
N GLN A 386 -18.29 37.60 27.88
CA GLN A 386 -16.92 37.22 28.18
C GLN A 386 -16.85 36.01 29.09
N ILE A 387 -18.00 35.51 29.52
CA ILE A 387 -18.03 34.28 30.31
C ILE A 387 -18.13 33.11 29.34
N ALA A 388 -16.98 32.67 28.83
CA ALA A 388 -16.87 31.60 27.84
C ALA A 388 -15.42 31.17 27.80
N PRO A 389 -15.14 29.92 27.42
CA PRO A 389 -13.74 29.47 27.36
C PRO A 389 -12.95 30.21 26.29
N GLY A 390 -11.70 30.53 26.63
CA GLY A 390 -10.77 31.08 25.66
C GLY A 390 -11.14 32.42 25.08
N GLN A 391 -11.54 33.38 25.93
CA GLN A 391 -11.96 34.69 25.47
C GLN A 391 -11.28 35.77 26.30
N THR A 392 -11.00 36.90 25.66
CA THR A 392 -10.14 37.94 26.24
C THR A 392 -10.92 39.22 26.47
N GLY A 393 -10.67 39.84 27.62
CA GLY A 393 -11.28 41.10 28.02
C GLY A 393 -10.74 41.46 29.38
N VAL A 394 -11.21 42.59 29.92
CA VAL A 394 -10.77 42.99 31.24
C VAL A 394 -11.38 42.07 32.31
N ILE A 395 -12.66 41.70 32.14
CA ILE A 395 -13.34 40.85 33.11
C ILE A 395 -12.77 39.45 33.07
N ALA A 396 -12.54 38.92 31.87
CA ALA A 396 -12.02 37.56 31.73
C ALA A 396 -10.59 37.46 32.25
N ASP A 397 -9.74 38.45 31.94
CA ASP A 397 -8.35 38.34 32.34
C ASP A 397 -8.13 38.64 33.81
N TYR A 398 -8.75 39.69 34.35
CA TYR A 398 -8.38 40.14 35.68
C TYR A 398 -9.37 39.73 36.77
N ASN A 399 -10.55 39.23 36.42
CA ASN A 399 -11.57 38.93 37.42
C ASN A 399 -11.98 37.47 37.45
N TYR A 400 -12.34 36.89 36.32
CA TYR A 400 -12.87 35.52 36.26
C TYR A 400 -12.48 34.87 34.95
N LYS A 401 -11.60 33.88 35.01
CA LYS A 401 -11.10 33.20 33.82
C LYS A 401 -11.62 31.77 33.81
N LEU A 402 -12.21 31.36 32.70
CA LEU A 402 -12.73 30.00 32.56
C LEU A 402 -11.69 29.14 31.87
N PRO A 403 -11.51 27.89 32.29
CA PRO A 403 -10.54 27.03 31.63
C PRO A 403 -10.99 26.64 30.23
N ASP A 404 -10.01 26.31 29.39
CA ASP A 404 -10.31 25.99 27.99
C ASP A 404 -11.05 24.67 27.88
N ASP A 405 -10.78 23.75 28.81
CA ASP A 405 -11.40 22.42 28.83
C ASP A 405 -12.67 22.36 29.67
N PHE A 406 -13.42 23.46 29.73
CA PHE A 406 -14.56 23.57 30.64
C PHE A 406 -15.68 22.61 30.24
N MET A 407 -16.25 21.96 31.25
CA MET A 407 -17.39 21.07 31.09
C MET A 407 -18.44 21.49 32.11
N GLY A 408 -19.52 22.10 31.64
CA GLY A 408 -20.53 22.63 32.54
C GLY A 408 -21.52 23.50 31.81
N CYS A 409 -22.10 24.44 32.55
CA CYS A 409 -23.11 25.34 32.00
C CYS A 409 -22.95 26.74 32.57
N VAL A 410 -23.45 27.72 31.81
CA VAL A 410 -23.45 29.13 32.18
C VAL A 410 -24.90 29.62 32.12
N LEU A 411 -25.35 30.26 33.19
CA LEU A 411 -26.70 30.78 33.29
C LEU A 411 -26.65 32.25 33.65
N ALA A 412 -27.38 33.08 32.93
CA ALA A 412 -27.41 34.50 33.26
C ALA A 412 -28.82 35.06 33.06
N TRP A 413 -29.17 36.04 33.88
CA TRP A 413 -30.47 36.70 33.73
C TRP A 413 -30.38 38.16 34.16
N ASN A 414 -31.48 38.88 33.93
CA ASN A 414 -31.56 40.33 34.07
C ASN A 414 -32.32 40.68 35.34
N THR A 415 -31.74 41.58 36.15
CA THR A 415 -32.36 42.06 37.37
C THR A 415 -32.37 43.59 37.46
N ARG A 416 -32.83 44.27 36.40
CA ARG A 416 -32.85 45.73 36.44
C ARG A 416 -33.90 46.26 37.40
N ASN A 417 -34.92 45.46 37.70
CA ASN A 417 -35.92 45.88 38.67
C ASN A 417 -35.39 45.81 40.10
N ILE A 418 -34.61 44.76 40.42
CA ILE A 418 -34.05 44.64 41.76
C ILE A 418 -32.89 45.60 41.95
N ASP A 419 -32.00 45.70 40.95
CA ASP A 419 -30.73 46.45 41.02
C ASP A 419 -29.88 46.04 42.22
N TYR A 428 -21.24 45.80 41.10
CA TYR A 428 -20.47 46.72 41.93
C TYR A 428 -19.02 46.81 41.46
N LYS A 429 -18.09 46.61 42.39
CA LYS A 429 -16.68 46.82 42.10
C LYS A 429 -16.11 45.74 41.18
N TYR A 430 -15.20 46.14 40.31
CA TYR A 430 -14.45 45.22 39.47
C TYR A 430 -13.02 45.74 39.38
N ARG A 431 -12.11 44.88 38.93
CA ARG A 431 -10.68 45.17 38.94
C ARG A 431 -10.21 45.42 37.51
N TYR A 432 -9.47 46.51 37.31
CA TYR A 432 -9.01 46.91 35.99
C TYR A 432 -7.50 47.07 35.87
N LEU A 433 -6.76 47.05 36.98
CA LEU A 433 -5.31 47.12 36.95
C LEU A 433 -4.73 45.96 37.74
N ARG A 434 -3.82 45.21 37.11
CA ARG A 434 -3.22 44.04 37.75
C ARG A 434 -1.98 43.65 36.96
N HIS A 435 -1.03 43.01 37.65
CA HIS A 435 0.22 42.55 37.05
C HIS A 435 -0.01 41.16 36.45
N GLY A 436 -0.43 41.11 35.20
CA GLY A 436 -0.51 39.84 34.51
C GLY A 436 -1.89 39.22 34.59
N LYS A 437 -2.15 38.30 33.66
CA LYS A 437 -3.45 37.65 33.57
C LYS A 437 -3.63 36.64 34.69
N LEU A 438 -4.89 36.24 34.92
CA LEU A 438 -5.20 35.22 35.90
C LEU A 438 -5.12 33.82 35.30
N ARG A 439 -4.74 32.87 36.13
CA ARG A 439 -4.88 31.46 35.80
C ARG A 439 -6.32 31.04 36.01
N PRO A 440 -6.80 29.99 35.32
CA PRO A 440 -8.22 29.62 35.40
C PRO A 440 -8.67 29.27 36.81
N PHE A 441 -9.91 29.66 37.12
CA PHE A 441 -10.58 29.42 38.40
C PHE A 441 -9.80 29.99 39.59
N GLU A 442 -9.24 31.18 39.42
CA GLU A 442 -8.48 31.85 40.46
C GLU A 442 -9.16 33.17 40.81
N ARG A 443 -8.99 33.60 42.06
CA ARG A 443 -9.55 34.86 42.54
C ARG A 443 -8.46 35.67 43.20
N ASP A 444 -8.69 36.98 43.31
CA ASP A 444 -7.75 37.89 43.93
C ASP A 444 -8.53 38.96 44.69
N ILE A 445 -8.39 38.98 46.01
CA ILE A 445 -9.05 39.98 46.84
C ILE A 445 -8.01 40.81 47.57
N PRO A 467 -7.00 49.76 42.78
CA PRO A 467 -7.19 49.35 41.38
C PRO A 467 -8.58 48.81 41.11
N LEU A 468 -9.57 49.30 41.83
CA LEU A 468 -10.96 48.85 41.70
C LEU A 468 -11.83 49.98 41.20
N ASN A 469 -12.59 49.72 40.14
CA ASN A 469 -13.50 50.68 39.54
C ASN A 469 -14.93 50.20 39.78
N ASP A 470 -15.82 51.14 40.06
CA ASP A 470 -17.19 50.78 40.38
C ASP A 470 -18.08 50.83 39.14
N TYR A 471 -19.10 49.96 39.12
CA TYR A 471 -20.13 50.03 38.11
C TYR A 471 -21.06 51.21 38.35
N GLY A 472 -21.76 51.62 37.30
CA GLY A 472 -22.79 52.63 37.38
C GLY A 472 -24.16 52.00 37.18
N PHE A 473 -24.99 52.10 38.20
CA PHE A 473 -26.30 51.44 38.20
C PHE A 473 -27.25 52.07 37.18
N GLY A 480 -23.30 51.26 32.50
CA GLY A 480 -23.48 51.51 31.08
C GLY A 480 -24.69 50.80 30.50
N TYR A 481 -25.16 49.77 31.20
CA TYR A 481 -26.36 49.05 30.81
C TYR A 481 -26.90 48.38 32.07
N GLN A 482 -28.10 47.81 31.98
CA GLN A 482 -28.75 47.20 33.13
C GLN A 482 -27.94 46.02 33.64
N PRO A 483 -27.85 45.82 34.96
CA PRO A 483 -27.01 44.76 35.50
C PRO A 483 -27.58 43.38 35.25
N TYR A 484 -26.71 42.37 35.27
CA TYR A 484 -27.08 40.98 35.08
C TYR A 484 -26.48 40.13 36.19
N ARG A 485 -27.14 39.03 36.51
CA ARG A 485 -26.67 38.06 37.49
C ARG A 485 -26.28 36.77 36.79
N VAL A 486 -25.14 36.20 37.19
CA VAL A 486 -24.52 35.07 36.52
C VAL A 486 -24.26 33.96 37.53
N VAL A 487 -24.67 32.74 37.19
CA VAL A 487 -24.35 31.53 37.95
C VAL A 487 -23.75 30.51 36.99
N VAL A 488 -22.57 30.00 37.33
CA VAL A 488 -21.82 29.06 36.50
C VAL A 488 -21.75 27.73 37.21
N LEU A 489 -22.23 26.67 36.56
CA LEU A 489 -22.22 25.32 37.13
C LEU A 489 -21.11 24.51 36.51
N SER A 490 -20.24 23.96 37.33
CA SER A 490 -19.16 23.09 36.87
C SER A 490 -19.35 21.71 37.47
N PHE A 491 -19.26 20.69 36.62
CA PHE A 491 -19.55 19.31 36.99
C PHE A 491 -18.24 18.56 37.17
N GLU A 492 -18.17 17.80 38.26
CA GLU A 492 -17.02 16.96 38.56
C GLU A 492 -17.33 15.55 38.09
N LEU A 493 -16.51 15.01 37.19
CA LEU A 493 -16.89 13.85 36.40
C LEU A 493 -16.38 12.54 37.01
N LEU A 494 -17.03 12.15 38.11
CA LEU A 494 -17.06 10.77 38.60
C LEU A 494 -15.66 10.21 38.90
N ASN A 495 -14.80 11.04 39.49
CA ASN A 495 -13.55 10.52 40.03
C ASN A 495 -13.72 10.03 41.47
N ALA A 496 -14.82 10.41 42.10
CA ALA A 496 -15.21 9.98 43.43
C ALA A 496 -16.50 9.20 43.29
N PRO A 497 -16.98 8.55 44.36
CA PRO A 497 -18.33 7.99 44.33
C PRO A 497 -19.38 9.04 44.02
N ALA A 498 -20.40 8.63 43.25
CA ALA A 498 -21.38 9.57 42.74
C ALA A 498 -22.30 10.06 43.85
N THR A 499 -22.64 11.35 43.83
CA THR A 499 -23.51 11.97 44.83
C THR A 499 -24.67 12.77 44.26
N VAL A 500 -24.48 13.50 43.16
CA VAL A 500 -25.51 14.40 42.64
C VAL A 500 -25.99 13.87 41.31
N CYS A 501 -27.22 13.33 41.27
CA CYS A 501 -27.87 12.96 40.02
C CYS A 501 -29.36 12.71 40.11
N GLY A 502 -29.98 12.69 38.94
CA GLY A 502 -31.40 12.87 38.77
C GLY A 502 -32.24 11.65 39.06
N PRO A 503 -33.56 11.79 38.88
CA PRO A 503 -34.51 10.73 39.25
C PRO A 503 -34.56 9.63 38.20
N LYS A 504 -33.94 8.49 38.51
CA LYS A 504 -34.17 7.27 37.74
C LYS A 504 -34.28 6.13 38.73
N LEU A 505 -35.12 5.16 38.39
CA LEU A 505 -35.47 4.09 39.32
C LEU A 505 -34.54 2.91 39.12
N SER A 506 -33.90 2.48 40.21
CA SER A 506 -32.98 1.36 40.14
C SER A 506 -33.74 0.05 39.98
N THR A 507 -33.12 -0.88 39.26
CA THR A 507 -33.70 -2.19 39.00
C THR A 507 -32.79 -3.26 39.56
N ASP A 508 -33.29 -4.49 39.62
CA ASP A 508 -32.48 -5.62 40.02
C ASP A 508 -31.49 -5.95 38.92
N LEU A 509 -30.28 -6.37 39.31
CA LEU A 509 -29.27 -6.70 38.33
C LEU A 509 -29.44 -8.13 37.85
N ILE A 510 -29.17 -8.35 36.56
CA ILE A 510 -29.35 -9.65 35.91
C ILE A 510 -27.97 -10.14 35.49
N LYS A 511 -27.59 -11.32 35.97
CA LYS A 511 -26.25 -11.85 35.77
C LYS A 511 -26.27 -13.01 34.80
N ASN A 512 -25.18 -13.13 34.03
CA ASN A 512 -25.01 -14.12 32.96
C ASN A 512 -26.10 -14.03 31.90
N GLN A 513 -26.45 -12.82 31.46
CA GLN A 513 -27.48 -12.62 30.46
C GLN A 513 -27.21 -11.31 29.73
N CYS A 514 -27.38 -11.33 28.41
CA CYS A 514 -27.05 -10.19 27.55
C CYS A 514 -28.09 -9.09 27.77
N VAL A 515 -27.68 -8.00 28.45
CA VAL A 515 -28.59 -6.93 28.82
C VAL A 515 -27.98 -5.57 28.47
N ASN A 516 -28.84 -4.57 28.39
CA ASN A 516 -28.40 -3.18 28.38
C ASN A 516 -28.26 -2.67 29.81
N PHE A 517 -27.10 -2.10 30.13
CA PHE A 517 -26.85 -1.70 31.50
C PHE A 517 -26.50 -0.23 31.59
N ASN A 518 -26.89 0.38 32.71
CA ASN A 518 -26.60 1.76 33.03
C ASN A 518 -26.08 1.81 34.46
N PHE A 519 -24.77 1.96 34.62
CA PHE A 519 -24.13 2.05 35.93
C PHE A 519 -23.59 3.46 36.11
N ASN A 520 -24.28 4.26 36.93
CA ASN A 520 -23.87 5.63 37.28
C ASN A 520 -23.69 6.50 36.03
N GLY A 521 -24.60 6.37 35.08
CA GLY A 521 -24.48 7.11 33.84
C GLY A 521 -23.56 6.49 32.81
N LEU A 522 -23.00 5.31 33.09
CA LEU A 522 -22.13 4.58 32.18
C LEU A 522 -22.97 3.51 31.49
N THR A 523 -23.20 3.66 30.19
CA THR A 523 -24.16 2.86 29.45
C THR A 523 -23.45 1.88 28.54
N GLY A 524 -23.98 0.66 28.46
CA GLY A 524 -23.41 -0.34 27.58
C GLY A 524 -24.36 -1.48 27.31
N THR A 525 -23.88 -2.44 26.53
CA THR A 525 -24.61 -3.67 26.25
C THR A 525 -23.66 -4.85 26.42
N GLY A 526 -24.02 -5.78 27.29
CA GLY A 526 -23.13 -6.91 27.53
C GLY A 526 -23.69 -7.85 28.57
N VAL A 527 -22.86 -8.81 28.98
CA VAL A 527 -23.20 -9.72 30.05
C VAL A 527 -22.35 -9.36 31.26
N LEU A 528 -22.87 -9.64 32.45
CA LEU A 528 -22.25 -9.24 33.70
C LEU A 528 -22.01 -10.46 34.57
N THR A 529 -20.80 -10.61 35.07
CA THR A 529 -20.42 -11.76 35.87
C THR A 529 -19.72 -11.30 37.13
N PRO A 530 -19.70 -12.11 38.19
CA PRO A 530 -18.85 -11.79 39.35
C PRO A 530 -17.38 -11.83 38.97
N SER A 531 -16.59 -11.00 39.63
CA SER A 531 -15.21 -10.76 39.25
C SER A 531 -14.27 -10.97 40.42
N SER A 532 -13.05 -11.44 40.11
CA SER A 532 -12.07 -11.72 41.16
C SER A 532 -11.14 -10.53 41.37
N LYS A 533 -11.28 -9.48 40.55
CA LYS A 533 -10.42 -8.31 40.69
C LYS A 533 -10.73 -7.56 41.97
N ARG A 534 -9.70 -6.98 42.56
CA ARG A 534 -9.83 -6.24 43.81
C ARG A 534 -9.57 -4.76 43.57
N PHE A 535 -10.44 -3.92 44.10
CA PHE A 535 -10.40 -2.48 43.87
C PHE A 535 -9.92 -1.80 45.14
N GLN A 536 -9.00 -0.85 44.99
CA GLN A 536 -8.69 0.06 46.07
C GLN A 536 -9.83 1.08 46.19
N PRO A 537 -10.06 1.63 47.39
CA PRO A 537 -11.33 2.37 47.63
C PRO A 537 -11.54 3.61 46.77
N PHE A 538 -10.51 4.19 46.19
CA PHE A 538 -10.71 5.44 45.45
C PHE A 538 -11.12 5.17 44.01
N GLN A 539 -11.06 3.92 43.56
CA GLN A 539 -11.39 3.55 42.19
C GLN A 539 -12.83 3.06 42.12
N GLN A 540 -13.52 3.38 41.04
CA GLN A 540 -14.90 2.96 40.86
C GLN A 540 -15.10 2.08 39.63
N PHE A 541 -14.19 2.09 38.67
CA PHE A 541 -14.32 1.27 37.48
C PHE A 541 -12.94 0.97 36.90
N GLY A 542 -12.88 -0.08 36.09
CA GLY A 542 -11.61 -0.55 35.55
C GLY A 542 -11.64 -0.57 34.04
N ARG A 543 -10.48 -0.29 33.44
CA ARG A 543 -10.41 0.05 32.03
C ARG A 543 -9.39 -0.82 31.29
N ASP A 544 -9.71 -1.16 30.04
CA ASP A 544 -8.85 -1.91 29.14
C ASP A 544 -7.86 -1.02 28.40
N VAL A 545 -7.14 -1.63 27.45
CA VAL A 545 -6.16 -0.93 26.65
C VAL A 545 -6.84 0.02 25.65
N SER A 546 -7.95 -0.43 25.04
CA SER A 546 -8.65 0.37 24.06
C SER A 546 -9.63 1.36 24.68
N ASP A 547 -9.45 1.72 25.95
CA ASP A 547 -10.30 2.62 26.72
C ASP A 547 -11.71 2.07 26.89
N PHE A 548 -11.88 0.75 26.77
CA PHE A 548 -13.14 0.15 27.16
C PHE A 548 -13.16 -0.09 28.67
N THR A 549 -14.36 -0.06 29.24
CA THR A 549 -14.58 -0.37 30.64
C THR A 549 -14.88 -1.86 30.75
N ASP A 550 -14.06 -2.59 31.48
CA ASP A 550 -14.26 -4.03 31.61
C ASP A 550 -14.73 -4.46 32.99
N SER A 551 -14.60 -3.60 34.00
CA SER A 551 -15.09 -3.90 35.33
C SER A 551 -15.82 -2.68 35.86
N VAL A 552 -16.77 -2.91 36.76
CA VAL A 552 -17.53 -1.83 37.37
C VAL A 552 -17.87 -2.23 38.80
N ARG A 553 -18.04 -1.24 39.66
CA ARG A 553 -18.44 -1.48 41.03
C ARG A 553 -19.91 -1.12 41.20
N ASP A 554 -20.68 -2.06 41.74
CA ASP A 554 -22.10 -1.82 41.97
C ASP A 554 -22.27 -0.73 43.03
N PRO A 555 -22.97 0.37 42.73
CA PRO A 555 -23.09 1.45 43.71
C PRO A 555 -23.77 1.07 45.02
N LYS A 556 -24.74 0.14 44.98
CA LYS A 556 -25.42 -0.24 46.21
C LYS A 556 -24.61 -1.23 47.03
N THR A 557 -24.35 -2.41 46.48
CA THR A 557 -23.78 -3.51 47.25
C THR A 557 -22.25 -3.53 47.26
N SER A 558 -21.59 -2.66 46.48
CA SER A 558 -20.13 -2.60 46.37
C SER A 558 -19.53 -3.94 45.95
N GLU A 559 -20.12 -4.54 44.92
CA GLU A 559 -19.66 -5.80 44.36
C GLU A 559 -19.06 -5.54 42.98
N ILE A 560 -17.86 -6.07 42.75
CA ILE A 560 -17.16 -5.83 41.49
C ILE A 560 -17.67 -6.79 40.42
N LEU A 561 -18.04 -6.26 39.26
CA LEU A 561 -18.65 -7.01 38.18
C LEU A 561 -17.80 -6.89 36.92
N ASP A 562 -17.54 -8.02 36.28
CA ASP A 562 -16.90 -8.04 34.97
C ASP A 562 -17.93 -7.97 33.86
N ILE A 563 -17.59 -7.20 32.82
CA ILE A 563 -18.46 -7.00 31.66
C ILE A 563 -17.83 -7.73 30.48
N SER A 564 -18.64 -8.49 29.76
CA SER A 564 -18.18 -9.19 28.58
C SER A 564 -19.14 -8.89 27.43
N PRO A 565 -18.65 -8.91 26.18
CA PRO A 565 -19.56 -8.65 25.06
C PRO A 565 -20.53 -9.79 24.85
N CYS A 566 -21.70 -9.45 24.29
CA CYS A 566 -22.61 -10.48 23.81
C CYS A 566 -22.05 -11.12 22.55
N SER A 567 -22.48 -12.34 22.28
CA SER A 567 -21.87 -13.15 21.23
C SER A 567 -22.07 -12.54 19.85
N PHE A 568 -21.02 -12.62 19.04
CA PHE A 568 -21.02 -12.10 17.68
C PHE A 568 -20.06 -12.94 16.85
N GLY A 569 -20.07 -12.73 15.55
CA GLY A 569 -19.10 -13.40 14.71
C GLY A 569 -19.59 -13.47 13.28
N GLY A 570 -19.05 -14.44 12.56
CA GLY A 570 -19.37 -14.64 11.15
C GLY A 570 -20.23 -15.88 10.95
N VAL A 571 -21.03 -15.86 9.89
CA VAL A 571 -21.90 -16.96 9.50
C VAL A 571 -21.53 -17.40 8.09
N SER A 572 -21.18 -18.68 7.95
CA SER A 572 -20.80 -19.29 6.69
C SER A 572 -21.81 -20.39 6.36
N VAL A 573 -22.05 -20.62 5.07
CA VAL A 573 -23.03 -21.60 4.61
C VAL A 573 -22.32 -22.63 3.74
N ILE A 574 -22.51 -23.90 4.06
CA ILE A 574 -21.84 -25.02 3.40
C ILE A 574 -22.87 -25.75 2.54
N THR A 575 -22.63 -25.80 1.24
CA THR A 575 -23.58 -26.36 0.30
C THR A 575 -22.91 -27.42 -0.57
N PRO A 576 -23.63 -28.49 -0.94
CA PRO A 576 -23.07 -29.45 -1.90
C PRO A 576 -23.18 -28.97 -3.33
N GLY A 577 -24.08 -28.03 -3.59
CA GLY A 577 -24.30 -27.53 -4.93
C GLY A 577 -25.78 -27.50 -5.22
N THR A 578 -26.17 -26.51 -6.02
CA THR A 578 -27.59 -26.34 -6.32
C THR A 578 -28.13 -27.51 -7.16
N ASN A 579 -27.29 -28.05 -8.04
CA ASN A 579 -27.71 -29.18 -8.87
C ASN A 579 -27.92 -30.43 -8.02
N ALA A 580 -27.12 -30.61 -6.98
CA ALA A 580 -27.24 -31.82 -6.16
C ALA A 580 -28.45 -31.75 -5.24
N SER A 581 -28.48 -30.76 -4.34
CA SER A 581 -29.57 -30.68 -3.37
C SER A 581 -29.68 -29.26 -2.84
N SER A 582 -30.84 -28.96 -2.27
CA SER A 582 -31.10 -27.67 -1.65
C SER A 582 -30.85 -27.69 -0.15
N GLU A 583 -30.24 -28.76 0.37
CA GLU A 583 -29.87 -28.82 1.77
C GLU A 583 -28.55 -28.10 1.99
N VAL A 584 -28.47 -27.33 3.08
CA VAL A 584 -27.25 -26.62 3.44
C VAL A 584 -26.99 -26.83 4.93
N ALA A 585 -25.74 -26.61 5.33
CA ALA A 585 -25.35 -26.58 6.73
C ALA A 585 -24.79 -25.20 7.05
N VAL A 586 -24.83 -24.80 8.32
CA VAL A 586 -24.45 -23.46 8.72
C VAL A 586 -23.33 -23.56 9.76
N LEU A 587 -22.31 -22.73 9.61
CA LEU A 587 -21.23 -22.60 10.57
C LEU A 587 -21.29 -21.23 11.21
N TYR A 588 -21.39 -21.19 12.55
CA TYR A 588 -21.33 -19.98 13.34
C TYR A 588 -19.95 -19.91 13.98
N GLN A 589 -19.16 -18.92 13.57
CA GLN A 589 -17.71 -18.98 13.75
C GLN A 589 -17.28 -18.58 15.15
N ASP A 590 -16.60 -19.51 15.82
CA ASP A 590 -15.88 -19.27 17.09
C ASP A 590 -16.80 -18.82 18.23
N VAL A 591 -17.90 -19.53 18.43
CA VAL A 591 -18.80 -19.30 19.55
C VAL A 591 -19.16 -20.62 20.20
N ASN A 592 -19.64 -20.55 21.43
CA ASN A 592 -20.15 -21.71 22.14
C ASN A 592 -21.46 -22.18 21.54
N CYS A 593 -21.64 -23.50 21.45
CA CYS A 593 -22.87 -24.03 20.85
C CYS A 593 -24.06 -23.84 21.77
N THR A 594 -23.85 -23.85 23.09
CA THR A 594 -24.98 -23.73 24.01
C THR A 594 -25.52 -22.32 24.07
N ASP A 595 -24.79 -21.34 23.53
CA ASP A 595 -25.32 -20.00 23.43
C ASP A 595 -26.21 -19.84 22.20
N VAL A 596 -25.70 -20.24 21.04
CA VAL A 596 -26.44 -20.11 19.79
C VAL A 596 -27.65 -21.03 19.78
N SER A 597 -27.50 -22.23 20.34
CA SER A 597 -28.58 -23.23 20.31
C SER A 597 -29.79 -22.75 21.11
N THR A 598 -29.57 -21.96 22.17
CA THR A 598 -30.71 -21.43 22.91
C THR A 598 -31.16 -20.08 22.36
N ALA A 599 -30.23 -19.31 21.77
CA ALA A 599 -30.61 -18.01 21.22
C ALA A 599 -31.49 -18.16 19.98
N ILE A 600 -31.32 -19.25 19.23
CA ILE A 600 -32.21 -19.51 18.10
C ILE A 600 -33.60 -19.89 18.61
N HIS A 601 -33.66 -20.68 19.69
CA HIS A 601 -34.94 -21.14 20.22
C HIS A 601 -35.72 -20.00 20.85
N ALA A 602 -35.04 -19.04 21.47
CA ALA A 602 -35.71 -17.90 22.07
C ALA A 602 -36.01 -16.79 21.07
N ASP A 603 -35.64 -16.99 19.80
CA ASP A 603 -35.78 -15.99 18.72
C ASP A 603 -35.09 -14.68 19.06
N GLN A 604 -33.84 -14.77 19.50
CA GLN A 604 -33.02 -13.61 19.80
C GLN A 604 -31.69 -13.63 19.06
N LEU A 605 -31.71 -13.86 17.76
CA LEU A 605 -30.51 -13.87 16.95
C LEU A 605 -30.73 -12.92 15.77
N THR A 606 -29.71 -12.15 15.40
CA THR A 606 -29.91 -11.09 14.41
C THR A 606 -30.16 -11.55 12.97
N PRO A 607 -29.45 -12.55 12.38
CA PRO A 607 -29.92 -13.03 11.07
C PRO A 607 -31.18 -13.87 11.28
N ALA A 608 -32.32 -13.29 10.97
CA ALA A 608 -33.60 -13.89 11.28
C ALA A 608 -34.13 -14.58 10.04
N TRP A 609 -34.20 -15.90 10.09
CA TRP A 609 -34.69 -16.71 8.99
C TRP A 609 -36.04 -17.29 9.40
N ARG A 610 -37.07 -17.01 8.60
CA ARG A 610 -38.43 -17.33 8.99
C ARG A 610 -38.67 -18.83 9.00
N ILE A 611 -38.10 -19.54 8.02
CA ILE A 611 -38.23 -20.99 7.93
C ILE A 611 -36.85 -21.58 8.19
N TYR A 612 -36.56 -21.89 9.45
CA TYR A 612 -35.26 -22.44 9.80
C TYR A 612 -35.41 -23.28 11.06
N SER A 613 -34.84 -24.48 11.02
CA SER A 613 -34.89 -25.40 12.15
C SER A 613 -33.48 -25.77 12.54
N THR A 614 -33.15 -25.60 13.83
CA THR A 614 -31.85 -26.02 14.33
C THR A 614 -31.67 -27.53 14.20
N GLY A 615 -32.68 -28.29 14.59
CA GLY A 615 -32.66 -29.71 14.36
C GLY A 615 -31.84 -30.47 15.38
N ASN A 616 -31.70 -31.77 15.13
CA ASN A 616 -31.04 -32.65 16.09
C ASN A 616 -29.53 -32.54 16.01
N ASN A 617 -28.98 -32.27 14.83
CA ASN A 617 -27.54 -32.27 14.60
C ASN A 617 -26.96 -30.93 14.97
N VAL A 618 -26.28 -30.86 16.12
CA VAL A 618 -25.51 -29.70 16.53
C VAL A 618 -24.15 -30.20 16.99
N PHE A 619 -23.08 -29.69 16.40
CA PHE A 619 -21.75 -30.18 16.68
C PHE A 619 -20.86 -29.00 17.07
N GLN A 620 -20.04 -29.22 18.10
CA GLN A 620 -19.07 -28.23 18.54
C GLN A 620 -17.70 -28.56 17.97
N THR A 621 -17.17 -27.65 17.16
CA THR A 621 -15.83 -27.78 16.62
C THR A 621 -14.96 -26.68 17.22
N GLN A 622 -13.67 -26.72 16.90
CA GLN A 622 -12.80 -25.64 17.32
C GLN A 622 -12.98 -24.42 16.42
N ALA A 623 -13.48 -24.63 15.20
CA ALA A 623 -13.75 -23.51 14.31
C ALA A 623 -15.03 -22.79 14.70
N GLY A 624 -15.95 -23.48 15.37
CA GLY A 624 -17.20 -22.87 15.77
C GLY A 624 -18.27 -23.91 15.97
N CYS A 625 -19.52 -23.47 15.84
CA CYS A 625 -20.68 -24.35 15.99
C CYS A 625 -21.21 -24.71 14.61
N LEU A 626 -21.34 -26.01 14.35
CA LEU A 626 -21.78 -26.51 13.05
C LEU A 626 -23.18 -27.11 13.19
N ILE A 627 -24.12 -26.62 12.39
CA ILE A 627 -25.52 -26.98 12.49
C ILE A 627 -26.00 -27.52 11.15
N GLY A 628 -26.59 -28.72 11.19
CA GLY A 628 -27.13 -29.34 9.99
C GLY A 628 -26.27 -30.42 9.38
N ALA A 629 -25.13 -30.75 9.98
CA ALA A 629 -24.23 -31.76 9.48
C ALA A 629 -24.13 -32.90 10.48
N GLU A 630 -24.18 -34.13 9.99
CA GLU A 630 -24.24 -35.32 10.83
C GLU A 630 -22.85 -35.91 10.96
N HIS A 631 -22.39 -36.09 12.19
CA HIS A 631 -21.05 -36.60 12.42
C HIS A 631 -20.97 -38.10 12.14
N VAL A 632 -19.88 -38.50 11.47
CA VAL A 632 -19.65 -39.90 11.12
C VAL A 632 -18.28 -40.30 11.64
N ASP A 633 -18.07 -41.60 11.86
CA ASP A 633 -16.85 -42.06 12.50
C ASP A 633 -15.75 -42.33 11.49
N THR A 634 -16.12 -42.68 10.26
CA THR A 634 -15.13 -43.02 9.24
C THR A 634 -14.40 -41.77 8.75
N SER A 635 -13.27 -41.98 8.09
CA SER A 635 -12.43 -40.89 7.60
C SER A 635 -12.24 -41.04 6.10
N TYR A 636 -12.30 -39.91 5.39
CA TYR A 636 -12.17 -39.88 3.94
C TYR A 636 -11.17 -38.78 3.57
N GLU A 637 -10.81 -38.71 2.30
CA GLU A 637 -10.22 -37.47 1.81
C GLU A 637 -11.32 -36.42 1.76
N CYS A 638 -10.97 -35.18 2.10
CA CYS A 638 -12.04 -34.25 2.43
C CYS A 638 -12.22 -33.17 1.36
N ASP A 639 -13.48 -32.82 1.13
CA ASP A 639 -13.90 -31.92 0.06
C ASP A 639 -14.00 -30.47 0.51
N ILE A 640 -14.83 -30.20 1.51
CA ILE A 640 -15.08 -28.83 1.96
C ILE A 640 -14.35 -28.65 3.28
N PRO A 641 -13.28 -27.86 3.32
CA PRO A 641 -12.50 -27.74 4.55
C PRO A 641 -13.08 -26.74 5.54
N ILE A 642 -13.52 -27.21 6.71
CA ILE A 642 -13.92 -26.29 7.77
C ILE A 642 -12.71 -25.90 8.61
N GLY A 643 -12.00 -26.87 9.16
CA GLY A 643 -10.82 -26.52 9.92
C GLY A 643 -10.53 -27.38 11.13
N ALA A 644 -9.32 -27.22 11.68
CA ALA A 644 -8.81 -28.02 12.80
C ALA A 644 -8.87 -29.52 12.51
N GLY A 645 -8.71 -29.87 11.25
CA GLY A 645 -8.79 -31.25 10.81
C GLY A 645 -10.18 -31.77 10.54
N ILE A 646 -11.18 -30.90 10.46
CA ILE A 646 -12.56 -31.30 10.23
C ILE A 646 -12.98 -30.82 8.84
N CYS A 647 -13.54 -31.73 8.05
CA CYS A 647 -14.05 -31.43 6.71
C CYS A 647 -15.43 -32.03 6.53
N ALA A 648 -16.24 -31.45 5.65
CA ALA A 648 -17.59 -31.93 5.38
C ALA A 648 -17.73 -32.33 3.92
N SER A 649 -18.69 -33.20 3.64
CA SER A 649 -18.98 -33.65 2.30
C SER A 649 -20.40 -34.19 2.21
N TYR A 650 -20.86 -34.43 1.00
CA TYR A 650 -22.23 -34.87 0.75
C TYR A 650 -22.22 -36.34 0.37
N HIS A 651 -22.58 -37.20 1.32
CA HIS A 651 -22.42 -38.64 1.18
C HIS A 651 -23.71 -39.34 1.53
N THR A 652 -23.84 -40.60 1.09
CA THR A 652 -25.03 -41.39 1.36
C THR A 652 -25.16 -41.78 2.84
N GLN A 661 -30.49 -41.95 -0.45
CA GLN A 661 -30.76 -40.83 0.43
C GLN A 661 -29.46 -40.21 0.94
N LYS A 662 -29.00 -39.18 0.24
CA LYS A 662 -27.73 -38.55 0.58
C LYS A 662 -27.95 -37.41 1.57
N SER A 663 -26.91 -37.11 2.36
CA SER A 663 -26.97 -36.05 3.35
C SER A 663 -25.56 -35.51 3.59
N ILE A 664 -25.50 -34.34 4.26
CA ILE A 664 -24.22 -33.73 4.58
C ILE A 664 -23.63 -34.36 5.83
N VAL A 665 -22.37 -34.79 5.73
CA VAL A 665 -21.66 -35.42 6.84
C VAL A 665 -20.38 -34.64 7.11
N ALA A 666 -19.93 -34.64 8.36
CA ALA A 666 -18.71 -33.99 8.76
C ALA A 666 -17.83 -34.99 9.49
N TYR A 667 -16.54 -35.00 9.14
CA TYR A 667 -15.63 -36.03 9.58
C TYR A 667 -14.24 -35.45 9.73
N THR A 668 -13.31 -36.28 10.21
CA THR A 668 -11.91 -35.91 10.25
C THR A 668 -11.21 -36.44 9.00
N MET A 669 -10.42 -35.58 8.35
CA MET A 669 -9.79 -35.95 7.10
C MET A 669 -8.67 -36.96 7.32
N SER A 670 -8.46 -37.81 6.32
CA SER A 670 -7.39 -38.80 6.33
C SER A 670 -6.29 -38.31 5.39
N LEU A 671 -5.04 -38.44 5.83
CA LEU A 671 -3.94 -37.80 5.13
C LEU A 671 -3.55 -38.55 3.85
N GLY A 672 -3.62 -39.87 3.87
CA GLY A 672 -3.31 -40.63 2.68
C GLY A 672 -3.63 -42.10 2.85
N ALA A 673 -3.64 -42.80 1.72
CA ALA A 673 -3.89 -44.24 1.73
C ALA A 673 -2.69 -44.98 2.30
N ASP A 674 -2.94 -45.84 3.28
CA ASP A 674 -1.84 -46.45 4.03
C ASP A 674 -1.15 -47.53 3.21
N SER A 675 0.17 -47.62 3.35
CA SER A 675 0.94 -48.66 2.68
C SER A 675 2.22 -48.94 3.46
N SER A 676 2.62 -50.21 3.46
CA SER A 676 3.78 -50.68 4.18
C SER A 676 4.71 -51.40 3.22
N ILE A 677 5.98 -50.99 3.21
CA ILE A 677 7.03 -51.70 2.51
C ILE A 677 8.08 -52.12 3.53
N ALA A 678 8.47 -53.39 3.48
CA ALA A 678 9.41 -53.92 4.45
C ALA A 678 10.82 -53.46 4.12
N TYR A 679 11.67 -53.44 5.14
CA TYR A 679 13.09 -53.18 4.96
C TYR A 679 13.86 -54.46 5.22
N SER A 680 14.50 -54.99 4.18
CA SER A 680 15.39 -56.12 4.32
C SER A 680 16.76 -55.73 3.79
N ASN A 681 17.81 -56.17 4.47
CA ASN A 681 19.15 -55.68 4.18
C ASN A 681 19.84 -56.43 3.03
N ASN A 682 19.18 -57.41 2.43
CA ASN A 682 19.70 -58.10 1.26
C ASN A 682 18.66 -58.32 0.18
N THR A 683 17.81 -57.33 -0.08
CA THR A 683 16.62 -57.52 -0.90
C THR A 683 16.31 -56.24 -1.67
N ILE A 684 16.10 -56.37 -2.98
CA ILE A 684 15.88 -55.22 -3.84
C ILE A 684 14.66 -55.47 -4.72
N ALA A 685 14.05 -54.39 -5.19
CA ALA A 685 12.93 -54.45 -6.12
C ALA A 685 13.30 -53.69 -7.39
N ILE A 686 12.97 -54.27 -8.53
CA ILE A 686 13.37 -53.73 -9.83
C ILE A 686 12.14 -53.74 -10.74
N PRO A 687 11.82 -52.64 -11.41
CA PRO A 687 10.68 -52.63 -12.34
C PRO A 687 10.93 -53.52 -13.55
N THR A 688 9.86 -54.08 -14.08
CA THR A 688 9.93 -54.95 -15.25
C THR A 688 9.12 -54.42 -16.43
N ASN A 689 8.49 -53.25 -16.28
CA ASN A 689 7.73 -52.68 -17.38
C ASN A 689 7.66 -51.17 -17.17
N PHE A 690 7.05 -50.48 -18.13
CA PHE A 690 6.97 -49.03 -18.06
C PHE A 690 5.70 -48.55 -18.75
N SER A 691 5.37 -47.28 -18.51
CA SER A 691 4.27 -46.62 -19.16
C SER A 691 4.68 -45.19 -19.52
N ILE A 692 4.02 -44.65 -20.54
CA ILE A 692 4.24 -43.29 -21.01
C ILE A 692 3.03 -42.46 -20.62
N SER A 693 3.25 -41.40 -19.85
CA SER A 693 2.13 -40.61 -19.34
C SER A 693 2.28 -39.16 -19.75
N ILE A 694 1.16 -38.52 -20.09
CA ILE A 694 1.14 -37.13 -20.51
C ILE A 694 0.30 -36.32 -19.53
N THR A 695 0.89 -35.26 -18.99
CA THR A 695 0.32 -34.50 -17.89
C THR A 695 0.16 -33.05 -18.32
N THR A 696 -0.88 -32.40 -17.80
CA THR A 696 -1.25 -31.04 -18.16
C THR A 696 -0.86 -30.09 -17.03
N GLU A 697 -0.22 -28.97 -17.38
CA GLU A 697 0.04 -27.89 -16.44
C GLU A 697 -0.47 -26.57 -16.99
N VAL A 698 -1.24 -25.85 -16.20
CA VAL A 698 -1.86 -24.58 -16.62
C VAL A 698 -1.20 -23.45 -15.87
N MET A 699 -0.70 -22.45 -16.60
CA MET A 699 0.05 -21.37 -15.98
C MET A 699 -0.42 -20.01 -16.47
N PRO A 700 -0.87 -19.12 -15.58
CA PRO A 700 -1.24 -17.76 -16.01
C PRO A 700 -0.01 -16.94 -16.37
N VAL A 701 -0.15 -16.11 -17.40
CA VAL A 701 0.94 -15.30 -17.91
C VAL A 701 0.66 -13.80 -17.85
N SER A 702 -0.54 -13.36 -18.20
CA SER A 702 -0.83 -11.93 -18.25
C SER A 702 -2.29 -11.70 -17.90
N MET A 703 -2.62 -10.44 -17.62
CA MET A 703 -3.98 -10.05 -17.31
C MET A 703 -4.35 -8.82 -18.15
N ALA A 704 -5.63 -8.45 -18.07
CA ALA A 704 -6.15 -7.43 -18.98
C ALA A 704 -5.68 -6.03 -18.61
N LYS A 705 -5.38 -5.24 -19.62
CA LYS A 705 -4.87 -3.88 -19.45
C LYS A 705 -6.03 -2.91 -19.39
N THR A 706 -6.11 -2.16 -18.30
CA THR A 706 -7.23 -1.27 -18.07
C THR A 706 -6.73 0.16 -17.98
N SER A 707 -7.64 1.10 -18.20
CA SER A 707 -7.38 2.52 -18.00
C SER A 707 -8.65 3.19 -17.50
N VAL A 708 -8.47 4.26 -16.74
CA VAL A 708 -9.57 5.02 -16.16
C VAL A 708 -9.32 6.50 -16.44
N ASP A 709 -10.40 7.22 -16.75
CA ASP A 709 -10.36 8.67 -16.92
C ASP A 709 -10.68 9.29 -15.57
N CYS A 710 -9.71 10.02 -15.00
CA CYS A 710 -9.85 10.53 -13.65
C CYS A 710 -10.95 11.58 -13.56
N ASN A 711 -10.96 12.54 -14.49
CA ASN A 711 -11.99 13.57 -14.49
C ASN A 711 -13.37 12.98 -14.80
N MET A 712 -13.45 12.05 -15.74
CA MET A 712 -14.75 11.51 -16.11
C MET A 712 -15.32 10.63 -15.00
N TYR A 713 -14.45 9.91 -14.27
CA TYR A 713 -14.93 9.09 -13.16
C TYR A 713 -15.37 9.96 -12.00
N ILE A 714 -14.53 10.93 -11.61
CA ILE A 714 -14.82 11.69 -10.39
C ILE A 714 -15.88 12.75 -10.64
N CYS A 715 -15.64 13.63 -11.61
CA CYS A 715 -16.46 14.83 -11.75
C CYS A 715 -17.55 14.74 -12.79
N GLY A 716 -17.34 14.06 -13.90
CA GLY A 716 -18.37 14.03 -14.94
C GLY A 716 -18.23 15.23 -15.86
N ASP A 717 -19.33 15.96 -16.05
CA ASP A 717 -19.34 17.13 -16.91
C ASP A 717 -19.45 18.45 -16.15
N SER A 718 -19.31 18.43 -14.82
CA SER A 718 -19.38 19.67 -14.05
C SER A 718 -18.09 20.45 -14.19
N THR A 719 -18.21 21.76 -14.39
CA THR A 719 -17.03 22.63 -14.39
C THR A 719 -16.66 23.06 -12.97
N GLU A 720 -17.65 23.10 -12.07
CA GLU A 720 -17.35 23.42 -10.67
C GLU A 720 -16.51 22.34 -10.01
N CYS A 721 -16.87 21.07 -10.21
CA CYS A 721 -16.06 19.97 -9.72
C CYS A 721 -14.69 19.96 -10.39
N ALA A 722 -14.66 20.29 -11.68
CA ALA A 722 -13.39 20.31 -12.40
C ALA A 722 -12.45 21.36 -11.83
N ASN A 723 -12.97 22.54 -11.49
CA ASN A 723 -12.12 23.57 -10.90
C ASN A 723 -11.78 23.25 -9.45
N LEU A 724 -12.64 22.49 -8.75
CA LEU A 724 -12.32 22.10 -7.39
C LEU A 724 -11.25 21.00 -7.36
N LEU A 725 -11.13 20.24 -8.43
CA LEU A 725 -10.20 19.10 -8.42
C LEU A 725 -8.74 19.55 -8.54
N LEU A 726 -8.47 20.77 -9.01
CA LEU A 726 -7.08 21.23 -9.11
C LEU A 726 -6.47 21.51 -7.75
N GLN A 727 -7.29 21.55 -6.69
CA GLN A 727 -6.78 21.89 -5.36
C GLN A 727 -5.96 20.76 -4.77
N TYR A 728 -6.10 19.54 -5.31
CA TYR A 728 -5.44 18.38 -4.74
C TYR A 728 -4.11 18.05 -5.41
N GLY A 729 -3.65 18.88 -6.32
CA GLY A 729 -2.31 18.71 -6.86
C GLY A 729 -2.27 17.70 -7.98
N SER A 730 -1.15 16.99 -8.08
CA SER A 730 -0.95 15.97 -9.10
C SER A 730 -1.45 14.63 -8.59
N PHE A 731 -2.75 14.40 -8.80
CA PHE A 731 -3.38 13.14 -8.41
C PHE A 731 -3.72 12.28 -9.61
N CYS A 732 -4.35 12.86 -10.63
CA CYS A 732 -4.78 12.05 -11.78
C CYS A 732 -3.59 11.61 -12.63
N THR A 733 -2.54 12.45 -12.70
CA THR A 733 -1.35 12.09 -13.45
C THR A 733 -0.65 10.90 -12.83
N GLN A 734 -0.56 10.87 -11.50
CA GLN A 734 0.09 9.75 -10.80
C GLN A 734 -0.67 8.45 -11.00
N LEU A 735 -2.00 8.49 -10.95
CA LEU A 735 -2.80 7.28 -11.13
C LEU A 735 -2.73 6.78 -12.56
N ASN A 736 -2.77 7.69 -13.53
CA ASN A 736 -2.61 7.30 -14.93
C ASN A 736 -1.23 6.70 -15.18
N ARG A 737 -0.20 7.25 -14.54
CA ARG A 737 1.15 6.72 -14.70
C ARG A 737 1.28 5.32 -14.11
N ALA A 738 0.61 5.07 -12.97
CA ALA A 738 0.63 3.73 -12.40
C ALA A 738 -0.05 2.71 -13.30
N LEU A 739 -1.23 3.03 -13.82
CA LEU A 739 -1.93 2.07 -14.69
C LEU A 739 -1.19 1.87 -16.01
N SER A 740 -0.51 2.91 -16.50
CA SER A 740 0.35 2.75 -17.68
C SER A 740 1.51 1.80 -17.43
N GLY A 741 2.14 1.91 -16.27
CA GLY A 741 3.21 0.98 -15.94
C GLY A 741 2.75 -0.46 -15.87
N ILE A 742 1.55 -0.67 -15.30
CA ILE A 742 0.98 -2.03 -15.25
C ILE A 742 0.74 -2.57 -16.65
N ALA A 743 0.19 -1.74 -17.55
CA ALA A 743 -0.09 -2.19 -18.91
C ALA A 743 1.18 -2.55 -19.68
N ALA A 744 2.23 -1.74 -19.53
CA ALA A 744 3.50 -2.05 -20.18
C ALA A 744 4.11 -3.34 -19.65
N GLU A 745 3.98 -3.59 -18.34
CA GLU A 745 4.49 -4.84 -17.77
C GLU A 745 3.72 -6.05 -18.32
N GLN A 746 2.39 -5.93 -18.46
CA GLN A 746 1.60 -7.03 -18.99
C GLN A 746 1.95 -7.31 -20.45
N ASP A 747 2.36 -6.27 -21.19
CA ASP A 747 2.85 -6.51 -22.54
C ASP A 747 4.20 -7.21 -22.54
N ARG A 748 5.05 -6.91 -21.56
CA ARG A 748 6.38 -7.54 -21.50
C ARG A 748 6.30 -9.01 -21.12
N ASN A 749 5.31 -9.38 -20.30
CA ASN A 749 5.21 -10.74 -19.76
C ASN A 749 5.03 -11.79 -20.86
N THR A 750 4.18 -11.52 -21.84
CA THR A 750 3.94 -12.48 -22.92
C THR A 750 5.16 -12.63 -23.81
N ARG A 751 5.84 -11.51 -24.09
CA ARG A 751 7.03 -11.54 -24.94
C ARG A 751 8.14 -12.35 -24.30
N GLU A 752 8.24 -12.29 -22.97
CA GLU A 752 9.25 -13.10 -22.29
C GLU A 752 8.98 -14.59 -22.43
N VAL A 753 7.73 -15.01 -22.26
CA VAL A 753 7.42 -16.43 -22.22
C VAL A 753 7.44 -17.05 -23.61
N PHE A 754 6.80 -16.40 -24.58
CA PHE A 754 6.55 -17.05 -25.86
C PHE A 754 7.67 -16.84 -26.88
N ALA A 755 8.24 -15.63 -26.97
CA ALA A 755 9.24 -15.33 -27.99
C ALA A 755 10.60 -15.89 -27.56
N GLN A 756 10.72 -17.21 -27.69
CA GLN A 756 11.95 -17.92 -27.39
C GLN A 756 12.63 -18.49 -28.62
N VAL A 757 12.01 -18.37 -29.79
CA VAL A 757 12.54 -18.90 -31.05
C VAL A 757 13.06 -17.74 -31.89
N LYS A 758 14.23 -17.94 -32.49
CA LYS A 758 14.82 -16.91 -33.34
C LYS A 758 14.22 -16.95 -34.74
N GLN A 759 14.06 -18.14 -35.29
CA GLN A 759 13.58 -18.34 -36.65
C GLN A 759 12.28 -19.15 -36.60
N MET A 760 11.26 -18.68 -37.31
CA MET A 760 10.03 -19.44 -37.41
C MET A 760 10.18 -20.62 -38.36
N TYR A 761 9.69 -21.77 -37.92
CA TYR A 761 9.85 -23.03 -38.63
C TYR A 761 8.53 -23.40 -39.27
N LYS A 762 8.57 -23.74 -40.56
CA LYS A 762 7.38 -24.18 -41.24
C LYS A 762 6.98 -25.57 -40.76
N THR A 763 5.68 -25.75 -40.52
CA THR A 763 5.19 -27.01 -40.00
C THR A 763 5.33 -28.11 -41.06
N PRO A 764 5.78 -29.30 -40.67
CA PRO A 764 6.00 -30.36 -41.67
C PRO A 764 4.70 -30.82 -42.32
N THR A 765 4.80 -31.22 -43.59
CA THR A 765 3.60 -31.59 -44.34
C THR A 765 3.08 -32.96 -43.94
N LEU A 766 3.94 -33.79 -43.35
CA LEU A 766 3.54 -35.09 -42.82
C LEU A 766 3.73 -35.09 -41.31
N LYS A 767 2.67 -35.46 -40.60
CA LYS A 767 2.68 -35.40 -39.14
C LYS A 767 2.75 -36.78 -38.49
N TYR A 768 3.30 -37.77 -39.20
CA TYR A 768 3.50 -39.11 -38.65
C TYR A 768 5.00 -39.37 -38.60
N PHE A 769 5.59 -39.32 -37.41
CA PHE A 769 7.03 -39.48 -37.23
C PHE A 769 7.30 -40.78 -36.50
N GLY A 770 7.74 -41.80 -37.25
CA GLY A 770 8.15 -43.05 -36.64
C GLY A 770 7.07 -43.82 -35.92
N GLY A 771 5.80 -43.55 -36.21
CA GLY A 771 4.71 -44.16 -35.46
C GLY A 771 4.07 -43.25 -34.44
N PHE A 772 4.63 -42.07 -34.20
CA PHE A 772 4.10 -41.11 -33.24
C PHE A 772 3.21 -40.13 -33.98
N ASN A 773 2.00 -39.93 -33.49
CA ASN A 773 0.99 -39.13 -34.17
C ASN A 773 0.97 -37.72 -33.58
N PHE A 774 1.21 -36.71 -34.43
CA PHE A 774 1.35 -35.33 -34.02
C PHE A 774 0.22 -34.44 -34.52
N SER A 775 -0.91 -35.01 -34.93
CA SER A 775 -1.93 -34.26 -35.63
C SER A 775 -2.78 -33.38 -34.73
N GLN A 776 -2.75 -33.59 -33.41
CA GLN A 776 -3.58 -32.80 -32.51
C GLN A 776 -2.86 -31.58 -31.97
N ILE A 777 -1.54 -31.53 -32.07
CA ILE A 777 -0.79 -30.40 -31.53
C ILE A 777 -0.29 -29.48 -32.64
N LEU A 778 -0.28 -29.96 -33.87
CA LEU A 778 0.14 -29.12 -34.99
C LEU A 778 -1.09 -28.55 -35.71
N PRO A 779 -0.98 -27.35 -36.30
CA PRO A 779 -2.14 -26.72 -36.92
C PRO A 779 -2.64 -27.45 -38.16
N ASP A 780 -3.93 -27.33 -38.41
CA ASP A 780 -4.64 -27.94 -39.53
C ASP A 780 -4.68 -26.97 -40.71
N PRO A 781 -4.08 -27.30 -41.85
CA PRO A 781 -4.12 -26.37 -42.98
C PRO A 781 -5.49 -26.25 -43.65
N LEU A 782 -6.32 -27.29 -43.58
CA LEU A 782 -7.63 -27.28 -44.24
C LEU A 782 -8.72 -26.81 -43.27
N LYS A 783 -8.45 -25.68 -42.63
CA LYS A 783 -9.37 -25.11 -41.65
C LYS A 783 -9.10 -23.62 -41.56
N PRO A 784 -10.16 -22.80 -41.48
CA PRO A 784 -9.94 -21.34 -41.33
C PRO A 784 -9.20 -20.94 -40.07
N THR A 785 -9.38 -21.68 -38.97
CA THR A 785 -8.64 -21.37 -37.75
C THR A 785 -7.20 -21.85 -37.86
N LYS A 786 -6.26 -21.00 -37.50
CA LYS A 786 -4.84 -21.31 -37.54
C LYS A 786 -4.34 -21.92 -36.24
N ARG A 787 -5.20 -22.09 -35.25
CA ARG A 787 -4.83 -22.80 -34.04
C ARG A 787 -5.05 -24.30 -34.23
N SER A 788 -4.48 -25.08 -33.31
CA SER A 788 -4.64 -26.52 -33.36
C SER A 788 -6.01 -26.94 -32.84
N PHE A 789 -6.23 -28.24 -32.77
CA PHE A 789 -7.48 -28.75 -32.21
C PHE A 789 -7.52 -28.58 -30.70
N ILE A 790 -6.40 -28.86 -30.03
CA ILE A 790 -6.35 -28.75 -28.57
C ILE A 790 -6.41 -27.29 -28.14
N GLU A 791 -5.77 -26.39 -28.89
CA GLU A 791 -5.90 -24.96 -28.60
C GLU A 791 -7.34 -24.49 -28.83
N ASP A 792 -8.04 -25.09 -29.80
CA ASP A 792 -9.46 -24.77 -29.99
C ASP A 792 -10.28 -25.18 -28.77
N LEU A 793 -10.01 -26.37 -28.23
CA LEU A 793 -10.70 -26.81 -27.01
C LEU A 793 -10.39 -25.89 -25.84
N LEU A 794 -9.13 -25.46 -25.71
CA LEU A 794 -8.73 -24.59 -24.61
C LEU A 794 -9.36 -23.21 -24.73
N PHE A 795 -9.52 -22.71 -25.96
CA PHE A 795 -10.17 -21.42 -26.13
C PHE A 795 -11.67 -21.51 -25.86
N ASN A 796 -12.28 -22.66 -26.18
CA ASN A 796 -13.71 -22.79 -25.94
C ASN A 796 -14.03 -23.03 -24.46
N LYS A 797 -13.09 -23.61 -23.70
CA LYS A 797 -13.38 -23.90 -22.29
C LYS A 797 -13.38 -22.64 -21.42
N VAL A 798 -12.44 -21.72 -21.64
CA VAL A 798 -12.45 -20.49 -20.85
C VAL A 798 -13.55 -19.58 -21.37
N THR A 799 -14.45 -19.20 -20.46
CA THR A 799 -15.63 -18.41 -20.82
C THR A 799 -15.69 -17.18 -19.92
N LEU A 800 -16.46 -16.19 -20.35
CA LEU A 800 -16.59 -14.95 -19.61
C LEU A 800 -17.81 -15.00 -18.70
N LYS A 807 -19.19 -7.91 -18.75
CA LYS A 807 -20.06 -6.78 -19.10
C LYS A 807 -19.56 -5.54 -18.37
N GLN A 808 -20.11 -4.38 -18.74
CA GLN A 808 -19.85 -3.02 -18.23
C GLN A 808 -18.37 -2.64 -18.19
N TYR A 809 -17.51 -3.27 -19.00
CA TYR A 809 -16.12 -2.85 -19.06
C TYR A 809 -15.95 -1.54 -19.80
N GLY A 810 -16.37 -1.50 -21.07
CA GLY A 810 -15.94 -0.46 -21.98
C GLY A 810 -15.01 -0.94 -23.08
N GLU A 811 -14.87 -2.24 -23.27
CA GLU A 811 -14.05 -2.81 -24.34
C GLU A 811 -14.62 -2.44 -25.70
N CYS A 812 -13.77 -2.38 -26.72
CA CYS A 812 -14.27 -2.38 -28.09
C CYS A 812 -13.44 -3.30 -28.97
N LEU A 813 -14.12 -4.02 -29.85
CA LEU A 813 -13.49 -5.06 -30.66
C LEU A 813 -14.25 -5.31 -31.96
N ILE A 822 -16.19 -2.16 -34.40
CA ILE A 822 -17.15 -1.25 -33.79
C ILE A 822 -16.70 -0.85 -32.40
N CYS A 823 -16.44 0.45 -32.18
CA CYS A 823 -16.14 0.95 -30.85
C CYS A 823 -17.26 1.84 -30.34
N ALA A 824 -17.79 1.46 -29.17
CA ALA A 824 -18.71 2.23 -28.37
C ALA A 824 -18.14 2.41 -26.98
N GLN A 825 -18.69 3.35 -26.23
CA GLN A 825 -18.12 3.77 -24.96
C GLN A 825 -19.18 3.67 -23.87
N LYS A 826 -18.73 3.86 -22.62
CA LYS A 826 -19.61 3.77 -21.46
C LYS A 826 -19.48 5.03 -20.63
N PHE A 827 -20.52 5.29 -19.82
CA PHE A 827 -20.61 6.53 -19.06
C PHE A 827 -19.59 6.61 -17.94
N ASN A 828 -19.11 5.47 -17.45
CA ASN A 828 -18.35 5.43 -16.20
C ASN A 828 -16.89 5.85 -16.40
N GLY A 829 -16.37 5.72 -17.61
CA GLY A 829 -15.02 6.16 -17.89
C GLY A 829 -13.95 5.08 -17.89
N LEU A 830 -14.33 3.81 -17.91
CA LEU A 830 -13.41 2.69 -17.83
C LEU A 830 -13.14 2.16 -19.22
N THR A 831 -11.92 1.67 -19.47
CA THR A 831 -11.51 1.30 -20.81
C THR A 831 -10.57 0.10 -20.72
N VAL A 832 -10.68 -0.82 -21.68
CA VAL A 832 -9.78 -1.96 -21.78
C VAL A 832 -8.97 -1.84 -23.06
N LEU A 833 -7.65 -1.84 -22.92
CA LEU A 833 -6.76 -1.70 -24.05
C LEU A 833 -6.45 -3.07 -24.66
N PRO A 834 -6.21 -3.14 -25.96
CA PRO A 834 -5.95 -4.44 -26.61
C PRO A 834 -4.49 -4.85 -26.45
N PRO A 835 -4.22 -6.16 -26.42
CA PRO A 835 -2.84 -6.62 -26.27
C PRO A 835 -2.02 -6.34 -27.51
N LEU A 836 -0.68 -6.36 -27.34
CA LEU A 836 0.21 -6.09 -28.47
C LEU A 836 0.29 -7.29 -29.41
N LEU A 837 0.34 -8.50 -28.86
CA LEU A 837 0.44 -9.72 -29.64
C LEU A 837 -0.94 -10.35 -29.75
N THR A 838 -1.41 -10.54 -30.97
CA THR A 838 -2.74 -11.09 -31.18
C THR A 838 -2.75 -12.60 -30.94
N ASP A 839 -3.95 -13.19 -31.05
CA ASP A 839 -4.10 -14.62 -30.81
C ASP A 839 -3.39 -15.44 -31.87
N ASP A 840 -3.48 -15.02 -33.13
CA ASP A 840 -2.82 -15.75 -34.20
C ASP A 840 -1.31 -15.63 -34.11
N MET A 841 -0.82 -14.50 -33.60
CA MET A 841 0.61 -14.30 -33.45
C MET A 841 1.19 -15.21 -32.36
N ILE A 842 0.36 -15.58 -31.38
CA ILE A 842 0.80 -16.50 -30.33
C ILE A 842 0.69 -17.94 -30.81
N ALA A 843 -0.36 -18.25 -31.58
CA ALA A 843 -0.49 -19.59 -32.14
C ALA A 843 0.65 -19.90 -33.11
N ALA A 844 1.14 -18.88 -33.82
CA ALA A 844 2.30 -19.07 -34.70
C ALA A 844 3.55 -19.45 -33.91
N TYR A 845 3.76 -18.81 -32.76
CA TYR A 845 4.90 -19.15 -31.91
C TYR A 845 4.81 -20.58 -31.39
N THR A 846 3.62 -20.99 -30.93
CA THR A 846 3.50 -22.34 -30.39
C THR A 846 3.67 -23.40 -31.48
N ALA A 847 3.17 -23.10 -32.69
CA ALA A 847 3.39 -24.01 -33.82
C ALA A 847 4.86 -24.11 -34.19
N ALA A 848 5.60 -22.99 -34.13
CA ALA A 848 7.03 -23.04 -34.44
C ALA A 848 7.80 -23.82 -33.39
N LEU A 849 7.43 -23.68 -32.11
CA LEU A 849 8.09 -24.44 -31.05
C LEU A 849 7.84 -25.94 -31.18
N VAL A 850 6.60 -26.33 -31.49
CA VAL A 850 6.29 -27.75 -31.65
C VAL A 850 6.98 -28.32 -32.88
N SER A 851 7.03 -27.56 -33.99
CA SER A 851 7.70 -28.03 -35.19
C SER A 851 9.20 -28.18 -34.97
N GLY A 852 9.82 -27.25 -34.25
CA GLY A 852 11.23 -27.39 -33.93
C GLY A 852 11.51 -28.56 -33.01
N THR A 853 10.61 -28.84 -32.07
CA THR A 853 10.77 -30.00 -31.20
C THR A 853 10.66 -31.30 -32.00
N ALA A 854 9.75 -31.36 -32.96
CA ALA A 854 9.58 -32.57 -33.76
C ALA A 854 10.76 -32.79 -34.70
N THR A 855 11.27 -31.71 -35.31
CA THR A 855 12.33 -31.89 -36.29
C THR A 855 13.72 -31.90 -35.65
N ALA A 856 14.10 -30.83 -34.95
CA ALA A 856 15.47 -30.66 -34.48
C ALA A 856 15.69 -31.09 -33.04
N GLY A 857 14.69 -31.00 -32.17
CA GLY A 857 14.84 -31.54 -30.82
C GLY A 857 15.41 -30.54 -29.84
N TRP A 858 16.47 -30.97 -29.14
CA TRP A 858 17.04 -30.17 -28.06
C TRP A 858 18.04 -29.16 -28.59
N THR A 859 18.33 -29.18 -29.89
CA THR A 859 19.48 -28.48 -30.42
C THR A 859 19.20 -27.01 -30.63
N PHE A 860 18.01 -26.68 -31.13
CA PHE A 860 17.77 -25.34 -31.68
C PHE A 860 17.66 -24.28 -30.60
N GLY A 861 17.54 -24.70 -29.34
CA GLY A 861 17.70 -23.76 -28.24
C GLY A 861 19.14 -23.30 -28.06
N ALA A 862 20.09 -24.23 -28.20
CA ALA A 862 21.49 -23.92 -27.92
C ALA A 862 22.12 -23.08 -29.03
N GLY A 863 21.85 -23.43 -30.28
CA GLY A 863 22.46 -22.75 -31.40
C GLY A 863 21.64 -22.91 -32.65
N ALA A 864 22.34 -23.16 -33.77
CA ALA A 864 21.65 -23.44 -35.01
C ALA A 864 21.02 -24.81 -34.97
N ALA A 865 19.86 -24.95 -35.59
CA ALA A 865 19.10 -26.19 -35.53
C ALA A 865 19.73 -27.27 -36.38
N LEU A 866 19.69 -28.51 -35.88
CA LEU A 866 20.23 -29.67 -36.56
C LEU A 866 19.16 -30.74 -36.65
N GLN A 867 18.97 -31.30 -37.84
CA GLN A 867 17.92 -32.29 -38.03
C GLN A 867 18.32 -33.64 -37.46
N ILE A 868 17.32 -34.41 -37.07
CA ILE A 868 17.50 -35.74 -36.48
C ILE A 868 16.17 -36.49 -36.51
N PRO A 869 16.21 -37.77 -36.87
CA PRO A 869 14.98 -38.57 -36.89
C PRO A 869 14.40 -38.73 -35.48
N PHE A 870 13.09 -38.91 -35.40
CA PHE A 870 12.39 -38.83 -34.12
C PHE A 870 12.75 -39.97 -33.19
N ALA A 871 12.89 -41.18 -33.73
CA ALA A 871 13.31 -42.31 -32.90
C ALA A 871 14.74 -42.13 -32.41
N MET A 872 15.58 -41.45 -33.20
CA MET A 872 16.93 -41.15 -32.73
C MET A 872 16.96 -39.98 -31.78
N GLN A 873 15.85 -39.22 -31.68
CA GLN A 873 15.69 -38.35 -30.53
C GLN A 873 15.34 -39.16 -29.29
N MET A 874 14.42 -40.11 -29.44
CA MET A 874 13.88 -40.77 -28.27
C MET A 874 14.91 -41.71 -27.65
N ALA A 875 15.84 -42.23 -28.46
CA ALA A 875 16.93 -43.02 -27.90
C ALA A 875 17.83 -42.17 -27.01
N TYR A 876 18.16 -40.96 -27.46
CA TYR A 876 18.97 -40.05 -26.65
C TYR A 876 18.22 -39.61 -25.40
N ARG A 877 16.93 -39.35 -25.52
CA ARG A 877 16.13 -38.93 -24.38
C ARG A 877 15.93 -40.08 -23.39
N PHE A 878 16.00 -41.32 -23.88
CA PHE A 878 15.98 -42.47 -22.98
C PHE A 878 17.33 -42.66 -22.28
N ASN A 879 18.43 -42.38 -22.97
CA ASN A 879 19.74 -42.36 -22.30
C ASN A 879 19.79 -41.32 -21.20
N GLY A 880 19.10 -40.19 -21.41
CA GLY A 880 19.12 -39.13 -20.42
C GLY A 880 18.55 -39.54 -19.07
N ILE A 881 17.57 -40.45 -19.05
CA ILE A 881 16.96 -40.85 -17.79
C ILE A 881 17.50 -42.16 -17.26
N GLY A 882 18.55 -42.71 -17.86
CA GLY A 882 19.22 -43.88 -17.32
C GLY A 882 18.84 -45.21 -17.93
N VAL A 883 18.17 -45.21 -19.07
CA VAL A 883 17.73 -46.43 -19.74
C VAL A 883 18.47 -46.50 -21.08
N THR A 884 18.97 -47.68 -21.41
CA THR A 884 19.85 -47.82 -22.57
C THR A 884 19.07 -47.67 -23.89
N GLN A 885 19.83 -47.61 -24.98
CA GLN A 885 19.24 -47.34 -26.29
C GLN A 885 18.43 -48.52 -26.81
N ASN A 886 18.82 -49.74 -26.43
CA ASN A 886 18.18 -50.93 -26.99
C ASN A 886 16.74 -51.07 -26.50
N VAL A 887 16.40 -50.42 -25.39
CA VAL A 887 15.06 -50.55 -24.84
C VAL A 887 14.04 -49.85 -25.73
N LEU A 888 14.42 -48.73 -26.35
CA LEU A 888 13.49 -48.02 -27.22
C LEU A 888 13.25 -48.79 -28.51
N TYR A 889 14.32 -49.23 -29.18
CA TYR A 889 14.18 -49.75 -30.55
C TYR A 889 13.43 -51.07 -30.58
N GLU A 890 13.70 -51.95 -29.61
CA GLU A 890 13.03 -53.24 -29.59
C GLU A 890 11.56 -53.10 -29.20
N ASN A 891 11.22 -52.04 -28.47
CA ASN A 891 9.85 -51.77 -28.05
C ASN A 891 9.32 -50.45 -28.63
N GLN A 892 9.56 -50.19 -29.91
CA GLN A 892 9.15 -48.90 -30.48
C GLN A 892 7.64 -48.82 -30.66
N LYS A 893 7.01 -49.91 -31.09
CA LYS A 893 5.58 -49.88 -31.41
C LYS A 893 4.72 -49.72 -30.16
N GLN A 894 5.13 -50.35 -29.05
CA GLN A 894 4.42 -50.19 -27.79
C GLN A 894 4.46 -48.74 -27.32
N ILE A 895 5.63 -48.11 -27.42
CA ILE A 895 5.79 -46.72 -26.99
C ILE A 895 4.98 -45.80 -27.89
N ALA A 896 4.95 -46.06 -29.19
CA ALA A 896 4.14 -45.26 -30.10
C ALA A 896 2.65 -45.36 -29.76
N ASN A 897 2.18 -46.58 -29.47
CA ASN A 897 0.76 -46.74 -29.15
C ASN A 897 0.40 -46.09 -27.81
N GLN A 898 1.29 -46.19 -26.82
CA GLN A 898 1.03 -45.54 -25.54
C GLN A 898 1.02 -44.02 -25.67
N PHE A 899 1.91 -43.47 -26.50
CA PHE A 899 1.90 -42.02 -26.76
C PHE A 899 0.61 -41.58 -27.40
N ASN A 900 0.14 -42.32 -28.42
CA ASN A 900 -1.11 -41.96 -29.09
C ASN A 900 -2.30 -42.06 -28.14
N LYS A 901 -2.35 -43.10 -27.31
CA LYS A 901 -3.48 -43.24 -26.38
C LYS A 901 -3.46 -42.14 -25.32
N ALA A 902 -2.27 -41.75 -24.85
CA ALA A 902 -2.20 -40.67 -23.86
C ALA A 902 -2.67 -39.34 -24.46
N ILE A 903 -2.29 -39.07 -25.71
CA ILE A 903 -2.77 -37.85 -26.38
C ILE A 903 -4.28 -37.88 -26.54
N SER A 904 -4.84 -39.04 -26.89
CA SER A 904 -6.29 -39.17 -27.01
C SER A 904 -7.00 -38.94 -25.68
N GLN A 905 -6.43 -39.47 -24.60
CA GLN A 905 -7.06 -39.30 -23.28
C GLN A 905 -7.02 -37.85 -22.83
N ILE A 906 -5.94 -37.13 -23.14
CA ILE A 906 -5.90 -35.68 -22.89
C ILE A 906 -6.98 -34.97 -23.68
N GLN A 907 -7.17 -35.37 -24.93
CA GLN A 907 -8.18 -34.76 -25.80
C GLN A 907 -9.59 -34.95 -25.26
N GLU A 908 -9.92 -36.14 -24.75
CA GLU A 908 -11.26 -36.35 -24.20
C GLU A 908 -11.41 -35.69 -22.84
N SER A 909 -10.35 -35.67 -22.03
CA SER A 909 -10.42 -35.05 -20.71
C SER A 909 -10.66 -33.56 -20.81
N LEU A 910 -10.08 -32.90 -21.82
CA LEU A 910 -10.38 -31.49 -22.02
C LEU A 910 -11.80 -31.29 -22.56
N THR A 911 -12.35 -32.31 -23.22
CA THR A 911 -13.70 -32.18 -23.79
C THR A 911 -14.78 -32.31 -22.72
N THR A 912 -14.67 -33.31 -21.84
CA THR A 912 -15.78 -33.68 -20.95
C THR A 912 -15.82 -32.78 -19.71
N THR A 913 -16.03 -31.48 -19.95
CA THR A 913 -16.43 -30.50 -18.93
C THR A 913 -15.43 -30.43 -17.78
N SER A 914 -14.23 -29.95 -18.06
CA SER A 914 -13.18 -29.92 -17.06
C SER A 914 -13.12 -28.57 -16.35
N THR A 915 -12.73 -28.61 -15.08
CA THR A 915 -12.35 -27.42 -14.33
C THR A 915 -10.85 -27.27 -14.21
N ALA A 916 -10.07 -28.04 -14.99
CA ALA A 916 -8.62 -27.97 -14.90
C ALA A 916 -8.09 -26.61 -15.36
N LEU A 917 -8.88 -25.88 -16.14
CA LEU A 917 -8.52 -24.55 -16.58
C LEU A 917 -8.96 -23.47 -15.60
N GLY A 918 -9.36 -23.87 -14.39
CA GLY A 918 -9.90 -22.91 -13.43
C GLY A 918 -8.91 -21.86 -13.02
N LYS A 919 -7.61 -22.17 -13.08
CA LYS A 919 -6.58 -21.18 -12.75
C LYS A 919 -6.61 -20.00 -13.71
N LEU A 920 -6.96 -20.23 -14.98
CA LEU A 920 -7.07 -19.11 -15.91
C LEU A 920 -8.40 -18.40 -15.75
N GLN A 921 -9.37 -19.04 -15.11
CA GLN A 921 -10.67 -18.39 -14.95
C GLN A 921 -10.61 -17.33 -13.86
N ASP A 922 -9.87 -17.59 -12.79
CA ASP A 922 -9.80 -16.67 -11.66
C ASP A 922 -9.22 -15.33 -12.07
N VAL A 923 -8.22 -15.33 -12.95
CA VAL A 923 -7.63 -14.09 -13.44
C VAL A 923 -8.67 -13.23 -14.16
N VAL A 924 -9.67 -13.88 -14.76
CA VAL A 924 -10.80 -13.15 -15.32
C VAL A 924 -11.77 -12.75 -14.21
N ASN A 925 -12.02 -13.65 -13.26
CA ASN A 925 -13.05 -13.41 -12.25
C ASN A 925 -12.62 -12.37 -11.22
N GLN A 926 -11.35 -12.35 -10.86
CA GLN A 926 -10.88 -11.43 -9.84
C GLN A 926 -10.85 -10.00 -10.34
N ASN A 927 -10.69 -9.81 -11.65
CA ASN A 927 -10.64 -8.45 -12.19
C ASN A 927 -12.03 -7.87 -12.36
N ALA A 928 -12.99 -8.68 -12.82
CA ALA A 928 -14.35 -8.19 -13.03
C ALA A 928 -15.00 -7.76 -11.71
N GLN A 929 -14.74 -8.50 -10.64
CA GLN A 929 -15.24 -8.07 -9.33
C GLN A 929 -14.51 -6.84 -8.83
N ALA A 930 -13.30 -6.58 -9.34
CA ALA A 930 -12.58 -5.38 -8.94
C ALA A 930 -13.16 -4.14 -9.61
N LEU A 931 -13.69 -4.31 -10.83
CA LEU A 931 -14.24 -3.18 -11.58
C LEU A 931 -15.71 -2.97 -11.27
N ASN A 932 -16.42 -4.02 -10.82
CA ASN A 932 -17.80 -3.83 -10.38
C ASN A 932 -17.87 -3.08 -9.07
N THR A 933 -16.82 -3.18 -8.25
CA THR A 933 -16.79 -2.47 -6.98
C THR A 933 -16.44 -1.00 -7.18
N LEU A 934 -15.66 -0.69 -8.21
CA LEU A 934 -15.35 0.71 -8.52
C LEU A 934 -16.58 1.46 -9.00
N VAL A 935 -17.40 0.81 -9.82
CA VAL A 935 -18.60 1.45 -10.37
C VAL A 935 -19.66 1.63 -9.28
N LYS A 936 -19.71 0.69 -8.33
CA LYS A 936 -20.71 0.78 -7.26
C LYS A 936 -20.46 1.97 -6.34
N GLN A 937 -19.18 2.32 -6.13
CA GLN A 937 -18.84 3.43 -5.24
C GLN A 937 -19.28 4.79 -5.77
N LEU A 938 -19.77 4.85 -7.01
CA LEU A 938 -20.34 6.09 -7.52
C LEU A 938 -21.71 6.38 -6.90
N SER A 939 -22.30 5.39 -6.23
CA SER A 939 -23.66 5.58 -5.71
C SER A 939 -23.64 6.16 -4.29
N SER A 940 -22.52 6.04 -3.59
CA SER A 940 -22.50 6.38 -2.17
C SER A 940 -22.54 7.87 -1.92
N ASN A 941 -23.12 8.26 -0.78
CA ASN A 941 -23.23 9.68 -0.44
C ASN A 941 -21.91 10.22 0.11
N PHE A 942 -21.17 9.39 0.85
CA PHE A 942 -19.95 9.79 1.57
C PHE A 942 -20.19 10.94 2.54
N GLY A 943 -21.39 11.00 3.10
CA GLY A 943 -21.73 12.04 4.05
C GLY A 943 -22.26 13.31 3.45
N ALA A 944 -22.26 13.44 2.13
CA ALA A 944 -22.89 14.57 1.47
C ALA A 944 -24.40 14.34 1.40
N ILE A 945 -25.08 15.27 0.73
CA ILE A 945 -26.55 15.21 0.69
C ILE A 945 -27.01 14.32 -0.46
N SER A 946 -26.21 14.17 -1.51
CA SER A 946 -26.64 13.41 -2.67
C SER A 946 -25.44 12.82 -3.41
N SER A 947 -25.72 11.76 -4.17
CA SER A 947 -24.70 11.18 -5.04
C SER A 947 -24.46 12.02 -6.28
N VAL A 948 -25.54 12.51 -6.90
CA VAL A 948 -25.43 13.21 -8.17
C VAL A 948 -25.08 14.68 -7.89
N LEU A 949 -24.26 15.27 -8.77
CA LEU A 949 -23.75 16.61 -8.51
C LEU A 949 -24.71 17.69 -9.01
N ASN A 950 -25.61 17.34 -9.94
CA ASN A 950 -26.57 18.31 -10.45
C ASN A 950 -27.54 18.77 -9.37
N ASP A 951 -28.02 17.83 -8.55
CA ASP A 951 -28.91 18.19 -7.46
C ASP A 951 -28.21 19.03 -6.41
N ILE A 952 -26.94 18.71 -6.13
CA ILE A 952 -26.17 19.47 -5.16
C ILE A 952 -25.96 20.90 -5.65
N LEU A 953 -25.66 21.07 -6.94
CA LEU A 953 -25.46 22.40 -7.49
C LEU A 953 -26.78 23.19 -7.54
N SER A 954 -27.89 22.51 -7.83
CA SER A 954 -29.16 23.21 -7.94
C SER A 954 -29.69 23.65 -6.59
N ARG A 955 -29.68 22.76 -5.59
CA ARG A 955 -30.43 22.97 -4.38
C ARG A 955 -29.78 23.95 -3.40
N LEU A 956 -28.49 24.21 -3.51
CA LEU A 956 -27.80 25.05 -2.53
C LEU A 956 -27.07 26.19 -3.22
N ASP A 957 -26.71 27.19 -2.43
CA ASP A 957 -25.88 28.29 -2.89
C ASP A 957 -24.45 27.81 -3.11
N LYS A 958 -23.65 28.66 -3.78
CA LYS A 958 -22.35 28.24 -4.29
C LYS A 958 -21.38 27.90 -3.16
N VAL A 959 -21.33 28.71 -2.11
CA VAL A 959 -20.34 28.52 -1.04
C VAL A 959 -20.61 27.22 -0.29
N GLU A 960 -21.88 26.92 -0.03
CA GLU A 960 -22.23 25.64 0.58
C GLU A 960 -22.02 24.49 -0.40
N ALA A 961 -22.19 24.75 -1.70
CA ALA A 961 -22.03 23.72 -2.71
C ALA A 961 -20.59 23.25 -2.81
N GLU A 962 -19.62 24.17 -2.64
CA GLU A 962 -18.22 23.75 -2.63
C GLU A 962 -17.93 22.79 -1.50
N VAL A 963 -18.46 23.08 -0.30
CA VAL A 963 -18.24 22.23 0.86
C VAL A 963 -18.89 20.88 0.66
N GLN A 964 -20.08 20.84 0.04
CA GLN A 964 -20.74 19.55 -0.17
C GLN A 964 -20.07 18.75 -1.28
N ILE A 965 -19.52 19.41 -2.30
CA ILE A 965 -18.88 18.69 -3.40
C ILE A 965 -17.53 18.13 -2.96
N ASP A 966 -16.83 18.85 -2.07
CA ASP A 966 -15.48 18.46 -1.70
C ASP A 966 -15.44 17.11 -0.99
N ARG A 967 -16.52 16.76 -0.28
CA ARG A 967 -16.58 15.47 0.40
C ARG A 967 -16.75 14.32 -0.60
N LEU A 968 -17.57 14.52 -1.62
CA LEU A 968 -17.68 13.53 -2.69
C LEU A 968 -16.35 13.36 -3.43
N ILE A 969 -15.65 14.48 -3.65
CA ILE A 969 -14.35 14.43 -4.33
C ILE A 969 -13.36 13.60 -3.52
N THR A 970 -13.31 13.83 -2.20
CA THR A 970 -12.42 13.05 -1.34
C THR A 970 -12.76 11.56 -1.36
N GLY A 971 -14.06 11.24 -1.25
CA GLY A 971 -14.46 9.84 -1.25
C GLY A 971 -14.13 9.12 -2.54
N ARG A 972 -14.33 9.77 -3.69
CA ARG A 972 -14.04 9.13 -4.96
C ARG A 972 -12.53 9.01 -5.21
N LEU A 973 -11.75 9.98 -4.74
CA LEU A 973 -10.30 9.85 -4.83
C LEU A 973 -9.80 8.63 -4.07
N GLN A 974 -10.34 8.40 -2.87
CA GLN A 974 -9.90 7.23 -2.10
C GLN A 974 -10.41 5.93 -2.72
N SER A 975 -11.61 5.95 -3.29
CA SER A 975 -12.14 4.75 -3.94
C SER A 975 -11.34 4.40 -5.19
N LEU A 976 -10.66 5.37 -5.78
CA LEU A 976 -9.84 5.07 -6.95
C LEU A 976 -8.41 4.65 -6.56
N GLN A 977 -7.87 5.25 -5.50
CA GLN A 977 -6.53 4.87 -5.03
C GLN A 977 -6.51 3.44 -4.49
N THR A 978 -7.60 3.02 -3.85
CA THR A 978 -7.71 1.63 -3.41
C THR A 978 -7.60 0.65 -4.59
N TYR A 979 -8.31 0.93 -5.67
CA TYR A 979 -8.29 0.09 -6.87
C TYR A 979 -6.89 0.01 -7.46
N VAL A 980 -6.20 1.15 -7.54
CA VAL A 980 -4.85 1.15 -8.10
C VAL A 980 -3.90 0.31 -7.26
N THR A 981 -3.98 0.42 -5.94
CA THR A 981 -3.07 -0.33 -5.07
C THR A 981 -3.31 -1.83 -5.18
N GLN A 982 -4.57 -2.27 -5.17
CA GLN A 982 -4.83 -3.71 -5.27
C GLN A 982 -4.44 -4.25 -6.64
N GLN A 983 -4.53 -3.42 -7.69
CA GLN A 983 -4.08 -3.87 -9.01
C GLN A 983 -2.57 -4.02 -9.06
N LEU A 984 -1.82 -3.14 -8.37
CA LEU A 984 -0.37 -3.30 -8.30
C LEU A 984 0.01 -4.61 -7.59
N ILE A 985 -0.69 -4.93 -6.51
CA ILE A 985 -0.38 -6.17 -5.78
C ILE A 985 -0.74 -7.40 -6.62
N ARG A 986 -1.78 -7.32 -7.46
CA ARG A 986 -2.07 -8.45 -8.35
C ARG A 986 -1.04 -8.58 -9.48
N ALA A 987 -0.56 -7.45 -9.99
CA ALA A 987 0.41 -7.48 -11.08
C ALA A 987 1.72 -8.12 -10.63
N ALA A 988 2.08 -7.95 -9.36
CA ALA A 988 3.26 -8.65 -8.84
C ALA A 988 3.13 -10.17 -8.93
N GLU A 989 1.95 -10.70 -8.58
CA GLU A 989 1.72 -12.14 -8.64
C GLU A 989 1.74 -12.66 -10.07
N ILE A 990 1.13 -11.90 -11.00
CA ILE A 990 1.14 -12.32 -12.39
C ILE A 990 2.57 -12.31 -12.96
N ARG A 991 3.39 -11.35 -12.52
CA ARG A 991 4.80 -11.36 -12.94
C ARG A 991 5.54 -12.58 -12.43
N ALA A 992 5.27 -12.99 -11.19
CA ALA A 992 5.90 -14.20 -10.66
C ALA A 992 5.53 -15.44 -11.49
N SER A 993 4.24 -15.59 -11.81
CA SER A 993 3.80 -16.73 -12.62
C SER A 993 4.40 -16.68 -14.02
N ALA A 994 4.51 -15.50 -14.61
CA ALA A 994 5.08 -15.38 -15.95
C ALA A 994 6.56 -15.72 -15.97
N ASN A 995 7.31 -15.32 -14.94
CA ASN A 995 8.72 -15.69 -14.87
C ASN A 995 8.90 -17.20 -14.71
N LEU A 996 8.07 -17.84 -13.88
CA LEU A 996 8.14 -19.30 -13.77
C LEU A 996 7.78 -19.99 -15.08
N ALA A 997 6.79 -19.47 -15.81
CA ALA A 997 6.43 -20.05 -17.10
C ALA A 997 7.56 -19.91 -18.13
N ALA A 998 8.25 -18.77 -18.10
CA ALA A 998 9.40 -18.60 -18.99
C ALA A 998 10.52 -19.59 -18.67
N THR A 999 10.78 -19.82 -17.38
CA THR A 999 11.77 -20.81 -16.99
C THR A 999 11.38 -22.22 -17.43
N LYS A 1000 10.10 -22.57 -17.29
CA LYS A 1000 9.65 -23.89 -17.72
C LYS A 1000 9.72 -24.05 -19.23
N MET A 1001 9.46 -22.97 -19.97
CA MET A 1001 9.58 -23.03 -21.43
C MET A 1001 11.03 -23.23 -21.86
N SER A 1002 11.97 -22.60 -21.15
CA SER A 1002 13.37 -22.78 -21.49
C SER A 1002 13.87 -24.18 -21.14
N GLU A 1003 13.49 -24.69 -19.97
CA GLU A 1003 14.17 -25.88 -19.45
C GLU A 1003 13.43 -27.16 -19.80
N CYS A 1004 12.10 -27.14 -19.82
CA CYS A 1004 11.31 -28.33 -20.12
C CYS A 1004 11.09 -28.52 -21.62
N VAL A 1005 10.87 -27.44 -22.36
CA VAL A 1005 10.52 -27.58 -23.78
C VAL A 1005 11.77 -27.63 -24.65
N LEU A 1006 12.68 -26.67 -24.50
CA LEU A 1006 13.88 -26.60 -25.34
C LEU A 1006 14.99 -27.54 -24.87
N GLY A 1007 14.78 -28.30 -23.80
CA GLY A 1007 15.79 -29.24 -23.34
C GLY A 1007 15.19 -30.26 -22.40
N GLN A 1008 16.02 -31.20 -21.99
CA GLN A 1008 15.57 -32.21 -21.03
C GLN A 1008 16.04 -31.84 -19.63
N SER A 1009 15.11 -31.93 -18.67
CA SER A 1009 15.31 -31.40 -17.33
C SER A 1009 15.50 -32.53 -16.33
N LYS A 1010 16.55 -32.44 -15.51
CA LYS A 1010 16.85 -33.43 -14.49
C LYS A 1010 16.31 -33.06 -13.11
N ARG A 1011 15.69 -31.89 -12.96
CA ARG A 1011 15.15 -31.48 -11.67
C ARG A 1011 13.90 -32.28 -11.37
N VAL A 1012 13.80 -32.78 -10.13
CA VAL A 1012 12.70 -33.65 -9.74
C VAL A 1012 11.42 -32.81 -9.62
N ASP A 1013 10.37 -33.26 -10.29
CA ASP A 1013 9.01 -32.69 -10.30
C ASP A 1013 8.92 -31.29 -10.87
N PHE A 1014 9.92 -30.82 -11.62
CA PHE A 1014 9.79 -29.55 -12.32
C PHE A 1014 8.89 -29.68 -13.53
N CYS A 1015 9.09 -30.72 -14.34
CA CYS A 1015 8.37 -30.91 -15.58
C CYS A 1015 7.52 -32.19 -15.46
N GLY A 1016 6.82 -32.32 -14.35
CA GLY A 1016 5.84 -33.37 -14.17
C GLY A 1016 6.37 -34.55 -13.39
N LYS A 1017 5.43 -35.37 -12.92
CA LYS A 1017 5.77 -36.58 -12.19
C LYS A 1017 6.30 -37.65 -13.12
N GLY A 1018 7.31 -38.38 -12.65
CA GLY A 1018 8.01 -39.32 -13.50
C GLY A 1018 9.34 -38.78 -13.95
N TYR A 1019 9.92 -39.44 -14.94
CA TYR A 1019 11.18 -39.01 -15.52
C TYR A 1019 10.89 -38.29 -16.83
N HIS A 1020 11.40 -37.07 -16.96
CA HIS A 1020 11.05 -36.21 -18.08
C HIS A 1020 11.67 -36.71 -19.38
N LEU A 1021 10.86 -36.70 -20.45
CA LEU A 1021 11.36 -36.97 -21.79
C LEU A 1021 11.27 -35.76 -22.69
N MET A 1022 10.09 -35.17 -22.88
CA MET A 1022 9.97 -33.88 -23.54
C MET A 1022 8.67 -33.22 -23.11
N SER A 1023 8.41 -32.05 -23.68
CA SER A 1023 7.24 -31.26 -23.34
C SER A 1023 6.79 -30.46 -24.56
N PHE A 1024 5.49 -30.14 -24.59
CA PHE A 1024 4.88 -29.45 -25.71
C PHE A 1024 4.08 -28.26 -25.21
N PRO A 1025 4.27 -27.07 -25.77
CA PRO A 1025 3.46 -25.92 -25.35
C PRO A 1025 2.20 -25.72 -26.17
N GLN A 1026 1.13 -25.24 -25.53
CA GLN A 1026 -0.11 -24.86 -26.22
C GLN A 1026 -0.58 -23.54 -25.65
N ALA A 1027 -1.10 -22.68 -26.51
CA ALA A 1027 -1.57 -21.38 -26.07
C ALA A 1027 -2.98 -21.48 -25.48
N ALA A 1028 -3.29 -20.55 -24.60
CA ALA A 1028 -4.58 -20.46 -23.93
C ALA A 1028 -4.86 -18.97 -23.72
N PRO A 1029 -6.12 -18.59 -23.48
CA PRO A 1029 -6.40 -17.17 -23.22
C PRO A 1029 -5.82 -16.74 -21.88
N HIS A 1030 -4.89 -15.79 -21.92
CA HIS A 1030 -4.14 -15.20 -20.79
C HIS A 1030 -3.25 -16.22 -20.09
N GLY A 1031 -2.65 -17.17 -20.79
CA GLY A 1031 -1.87 -18.19 -20.13
C GLY A 1031 -1.19 -19.12 -21.11
N VAL A 1032 -0.70 -20.23 -20.58
CA VAL A 1032 -0.07 -21.28 -21.37
C VAL A 1032 -0.38 -22.62 -20.72
N VAL A 1033 -0.39 -23.67 -21.53
CA VAL A 1033 -0.64 -25.03 -21.08
C VAL A 1033 0.48 -25.92 -21.58
N PHE A 1034 1.14 -26.62 -20.66
CA PHE A 1034 2.24 -27.51 -21.00
C PHE A 1034 1.76 -28.95 -20.93
N LEU A 1035 2.02 -29.71 -21.98
CA LEU A 1035 1.82 -31.15 -21.97
C LEU A 1035 3.18 -31.80 -21.80
N HIS A 1036 3.46 -32.29 -20.59
CA HIS A 1036 4.71 -32.96 -20.26
C HIS A 1036 4.54 -34.45 -20.52
N VAL A 1037 5.49 -35.06 -21.20
CA VAL A 1037 5.46 -36.51 -21.39
C VAL A 1037 6.58 -37.14 -20.56
N THR A 1038 6.22 -38.15 -19.79
CA THR A 1038 7.08 -38.71 -18.76
C THR A 1038 7.05 -40.23 -18.80
N TYR A 1039 8.10 -40.83 -18.25
CA TYR A 1039 8.30 -42.27 -18.20
C TYR A 1039 8.01 -42.74 -16.78
N VAL A 1040 7.16 -43.73 -16.62
CA VAL A 1040 6.72 -44.20 -15.31
C VAL A 1040 7.03 -45.68 -15.19
N PRO A 1041 7.93 -46.10 -14.31
CA PRO A 1041 8.19 -47.53 -14.14
C PRO A 1041 7.01 -48.25 -13.51
N SER A 1042 6.92 -49.55 -13.76
CA SER A 1042 5.76 -50.32 -13.34
C SER A 1042 6.12 -51.80 -13.30
N GLN A 1043 5.27 -52.56 -12.60
CA GLN A 1043 5.37 -54.02 -12.44
C GLN A 1043 6.69 -54.44 -11.81
N GLU A 1044 6.89 -54.05 -10.56
CA GLU A 1044 8.11 -54.36 -9.84
C GLU A 1044 8.20 -55.85 -9.51
N ARG A 1045 9.43 -56.34 -9.42
CA ARG A 1045 9.73 -57.69 -8.99
C ARG A 1045 10.74 -57.64 -7.85
N ASN A 1046 10.74 -58.69 -7.03
CA ASN A 1046 11.61 -58.77 -5.86
C ASN A 1046 12.74 -59.74 -6.15
N PHE A 1047 13.97 -59.33 -5.84
CA PHE A 1047 15.17 -60.13 -6.03
C PHE A 1047 16.06 -60.03 -4.80
N THR A 1048 17.00 -60.96 -4.72
CA THR A 1048 18.09 -60.91 -3.75
C THR A 1048 19.28 -60.20 -4.37
N THR A 1049 19.94 -59.37 -3.58
CA THR A 1049 21.00 -58.50 -4.09
C THR A 1049 22.24 -58.61 -3.22
N ALA A 1050 23.39 -58.28 -3.81
CA ALA A 1050 24.68 -58.36 -3.16
C ALA A 1050 25.51 -57.12 -3.44
N PRO A 1051 26.36 -56.69 -2.50
CA PRO A 1051 27.19 -55.51 -2.75
C PRO A 1051 28.31 -55.76 -3.73
N ALA A 1052 29.00 -56.88 -3.62
CA ALA A 1052 30.11 -57.23 -4.50
C ALA A 1052 30.29 -58.73 -4.45
N ILE A 1053 30.99 -59.27 -5.45
CA ILE A 1053 31.31 -60.69 -5.51
C ILE A 1053 32.82 -60.84 -5.49
N CYS A 1054 33.30 -61.95 -4.95
CA CYS A 1054 34.73 -62.24 -4.86
C CYS A 1054 35.03 -63.48 -5.67
N HIS A 1055 35.90 -63.35 -6.68
CA HIS A 1055 36.20 -64.44 -7.58
C HIS A 1055 37.42 -65.25 -7.16
N GLU A 1056 38.62 -64.63 -7.17
CA GLU A 1056 39.83 -65.27 -6.67
C GLU A 1056 40.61 -64.25 -5.83
N GLY A 1057 40.25 -64.15 -4.55
CA GLY A 1057 40.94 -63.28 -3.64
C GLY A 1057 40.81 -61.79 -3.90
N LYS A 1058 39.90 -61.39 -4.79
CA LYS A 1058 39.72 -59.99 -5.14
C LYS A 1058 38.24 -59.70 -5.31
N ALA A 1059 37.85 -58.46 -5.01
CA ALA A 1059 36.45 -58.07 -4.98
C ALA A 1059 36.09 -57.32 -6.26
N TYR A 1060 34.95 -57.66 -6.84
CA TYR A 1060 34.48 -57.06 -8.08
C TYR A 1060 33.26 -56.21 -7.80
N PHE A 1061 33.33 -54.93 -8.19
CA PHE A 1061 32.20 -54.04 -8.06
C PHE A 1061 31.60 -53.74 -9.42
N PRO A 1062 30.28 -53.55 -9.51
CA PRO A 1062 29.68 -53.25 -10.82
C PRO A 1062 29.99 -51.84 -11.28
N ARG A 1063 30.16 -51.68 -12.59
CA ARG A 1063 30.38 -50.35 -13.16
C ARG A 1063 29.09 -49.54 -13.17
N GLU A 1064 28.01 -50.12 -13.70
CA GLU A 1064 26.70 -49.49 -13.72
C GLU A 1064 25.64 -50.53 -13.42
N GLY A 1065 24.78 -50.23 -12.46
CA GLY A 1065 23.72 -51.15 -12.11
C GLY A 1065 23.97 -51.90 -10.82
N VAL A 1066 23.24 -53.01 -10.68
CA VAL A 1066 23.21 -53.81 -9.47
C VAL A 1066 23.40 -55.27 -9.81
N PHE A 1067 23.66 -56.07 -8.77
CA PHE A 1067 23.71 -57.53 -8.87
C PHE A 1067 22.37 -58.10 -8.41
N VAL A 1068 21.81 -59.03 -9.19
CA VAL A 1068 20.56 -59.69 -8.83
C VAL A 1068 20.74 -61.20 -8.93
N PHE A 1069 19.78 -61.92 -8.38
CA PHE A 1069 19.79 -63.38 -8.29
C PHE A 1069 18.48 -63.92 -8.84
N ASN A 1070 18.53 -64.60 -9.99
CA ASN A 1070 17.31 -65.15 -10.57
C ASN A 1070 16.84 -66.38 -9.82
N GLY A 1071 17.73 -66.98 -9.02
CA GLY A 1071 17.49 -68.27 -8.41
C GLY A 1071 18.42 -69.36 -8.90
N THR A 1072 18.92 -69.25 -10.13
CA THR A 1072 19.88 -70.21 -10.65
C THR A 1072 21.29 -69.65 -10.66
N SER A 1073 21.45 -68.42 -11.14
CA SER A 1073 22.77 -67.83 -11.25
C SER A 1073 22.65 -66.31 -11.08
N TRP A 1074 23.77 -65.68 -10.77
CA TRP A 1074 23.79 -64.24 -10.53
C TRP A 1074 23.86 -63.48 -11.86
N PHE A 1075 23.35 -62.25 -11.83
CA PHE A 1075 23.32 -61.42 -13.03
C PHE A 1075 23.58 -59.98 -12.63
N ILE A 1076 23.85 -59.14 -13.62
CA ILE A 1076 23.98 -57.70 -13.43
C ILE A 1076 22.89 -57.02 -14.26
N THR A 1077 22.24 -56.02 -13.67
CA THR A 1077 21.16 -55.29 -14.33
C THR A 1077 21.33 -53.80 -14.14
N GLN A 1078 20.57 -53.04 -14.90
CA GLN A 1078 20.36 -51.63 -14.61
C GLN A 1078 19.20 -51.49 -13.62
N ARG A 1079 19.12 -50.34 -12.95
CA ARG A 1079 18.19 -50.20 -11.85
C ARG A 1079 16.77 -49.93 -12.32
N ASN A 1080 16.61 -49.28 -13.48
CA ASN A 1080 15.28 -48.84 -13.87
C ASN A 1080 14.55 -49.85 -14.74
N PHE A 1081 15.29 -50.74 -15.41
CA PHE A 1081 14.68 -51.80 -16.20
C PHE A 1081 15.34 -53.12 -15.85
N PHE A 1082 14.60 -54.22 -15.99
CA PHE A 1082 15.13 -55.55 -15.71
C PHE A 1082 15.58 -56.17 -17.02
N SER A 1083 16.86 -56.00 -17.36
CA SER A 1083 17.48 -56.66 -18.49
C SER A 1083 18.74 -57.36 -17.99
N PRO A 1084 18.67 -58.65 -17.69
CA PRO A 1084 19.81 -59.32 -17.05
C PRO A 1084 20.96 -59.58 -18.00
N GLN A 1085 22.18 -59.35 -17.54
CA GLN A 1085 23.38 -59.55 -18.34
C GLN A 1085 24.33 -60.45 -17.57
N ILE A 1086 25.17 -61.19 -18.31
CA ILE A 1086 26.12 -62.08 -17.66
C ILE A 1086 27.25 -61.27 -17.06
N ILE A 1087 27.65 -61.63 -15.84
CA ILE A 1087 28.76 -60.93 -15.19
C ILE A 1087 30.06 -61.27 -15.88
N THR A 1088 30.78 -60.24 -16.32
CA THR A 1088 31.95 -60.41 -17.16
C THR A 1088 33.00 -59.44 -16.63
N THR A 1089 34.26 -59.65 -17.03
CA THR A 1089 35.35 -58.78 -16.63
C THR A 1089 35.12 -57.34 -17.08
N ASP A 1090 34.42 -57.16 -18.21
CA ASP A 1090 34.14 -55.81 -18.70
C ASP A 1090 33.17 -55.06 -17.79
N ASN A 1091 32.12 -55.74 -17.31
CA ASN A 1091 31.11 -55.06 -16.50
C ASN A 1091 31.66 -54.64 -15.14
N THR A 1092 32.57 -55.41 -14.58
CA THR A 1092 33.01 -55.19 -13.21
C THR A 1092 34.38 -54.54 -13.19
N PHE A 1093 34.74 -53.97 -12.04
CA PHE A 1093 36.10 -53.50 -11.81
C PHE A 1093 36.59 -53.97 -10.46
N VAL A 1094 37.90 -54.12 -10.31
CA VAL A 1094 38.53 -54.81 -9.20
C VAL A 1094 39.12 -53.77 -8.25
N SER A 1095 38.83 -53.90 -6.96
CA SER A 1095 39.39 -53.02 -5.94
C SER A 1095 39.69 -53.80 -4.68
N GLY A 1096 40.96 -54.12 -4.47
CA GLY A 1096 41.41 -54.71 -3.22
C GLY A 1096 41.01 -56.17 -3.07
N ASN A 1097 41.07 -56.62 -1.82
CA ASN A 1097 40.72 -57.99 -1.45
C ASN A 1097 39.32 -58.02 -0.85
N CYS A 1098 38.72 -59.21 -0.85
CA CYS A 1098 37.32 -59.37 -0.46
C CYS A 1098 37.18 -59.74 1.02
N ASP A 1099 37.80 -58.92 1.87
CA ASP A 1099 37.73 -59.12 3.32
C ASP A 1099 37.03 -57.98 4.04
N VAL A 1100 37.15 -56.75 3.55
CA VAL A 1100 36.65 -55.60 4.29
C VAL A 1100 35.17 -55.35 4.00
N VAL A 1101 34.71 -55.76 2.81
CA VAL A 1101 33.34 -55.48 2.40
C VAL A 1101 32.36 -56.35 3.18
N ILE A 1102 31.30 -55.72 3.68
CA ILE A 1102 30.28 -56.39 4.48
C ILE A 1102 29.20 -56.96 3.57
N GLY A 1103 29.24 -58.26 3.32
CA GLY A 1103 28.22 -58.89 2.49
C GLY A 1103 28.79 -59.49 1.22
N ILE A 1104 30.10 -59.72 1.20
CA ILE A 1104 30.76 -60.25 0.01
C ILE A 1104 30.36 -61.71 -0.18
N ILE A 1105 30.27 -62.12 -1.44
CA ILE A 1105 29.86 -63.48 -1.80
C ILE A 1105 30.85 -64.06 -2.80
N ASN A 1106 30.76 -65.37 -3.01
CA ASN A 1106 31.59 -66.08 -3.98
C ASN A 1106 30.77 -66.43 -5.21
N ASN A 1107 31.23 -65.99 -6.37
CA ASN A 1107 30.64 -66.38 -7.65
C ASN A 1107 31.67 -66.12 -8.74
N THR A 1108 31.64 -66.95 -9.78
CA THR A 1108 32.64 -66.85 -10.83
C THR A 1108 32.39 -65.65 -11.73
N VAL A 1109 33.46 -65.14 -12.34
CA VAL A 1109 33.39 -64.03 -13.28
C VAL A 1109 33.84 -64.56 -14.64
N TYR A 1110 32.99 -64.41 -15.64
CA TYR A 1110 33.31 -64.85 -16.99
C TYR A 1110 34.42 -63.99 -17.57
N ASP A 1111 35.34 -64.63 -18.28
CA ASP A 1111 36.44 -63.95 -18.94
C ASP A 1111 36.16 -63.84 -20.43
N PRO A 1112 36.43 -62.70 -21.06
CA PRO A 1112 36.20 -62.59 -22.52
C PRO A 1112 37.14 -63.44 -23.35
N LEU A 1113 38.20 -63.98 -22.76
CA LEU A 1113 39.19 -64.85 -23.41
C LEU A 1113 39.87 -64.15 -24.58
N THR B 21 -2.28 45.65 -43.67
CA THR B 21 -1.56 44.41 -43.87
C THR B 21 -1.44 43.64 -42.55
N GLN B 22 -0.99 42.39 -42.63
CA GLN B 22 -0.85 41.54 -41.46
C GLN B 22 0.53 40.88 -41.45
N HIS B 23 1.07 40.63 -40.26
CA HIS B 23 2.31 39.90 -40.12
C HIS B 23 2.15 38.85 -39.02
N THR B 24 3.21 38.09 -38.78
CA THR B 24 3.17 37.13 -37.67
C THR B 24 4.03 37.63 -36.51
N SER B 25 3.74 37.11 -35.32
CA SER B 25 4.49 37.46 -34.12
C SER B 25 5.09 36.20 -33.53
N SER B 26 6.37 35.98 -33.76
CA SER B 26 7.03 34.74 -33.42
C SER B 26 7.79 34.92 -32.11
N MET B 27 7.33 34.24 -31.06
CA MET B 27 8.00 34.18 -29.76
C MET B 27 8.20 35.57 -29.15
N ARG B 28 7.15 36.39 -29.21
CA ARG B 28 7.19 37.75 -28.69
C ARG B 28 6.05 37.95 -27.71
N GLY B 29 6.27 38.87 -26.76
CA GLY B 29 5.25 39.20 -25.79
C GLY B 29 5.32 38.47 -24.48
N VAL B 30 6.46 37.85 -24.15
CA VAL B 30 6.57 37.14 -22.89
C VAL B 30 7.01 38.12 -21.79
N TYR B 31 6.24 38.16 -20.71
CA TYR B 31 6.51 39.06 -19.60
C TYR B 31 6.63 38.28 -18.30
N TYR B 32 7.00 38.99 -17.24
CA TYR B 32 7.23 38.37 -15.95
C TYR B 32 5.91 38.12 -15.23
N PRO B 33 5.58 36.89 -14.86
CA PRO B 33 4.23 36.62 -14.32
C PRO B 33 4.00 37.20 -12.94
N ASP B 34 4.93 36.96 -12.02
CA ASP B 34 4.77 37.35 -10.63
C ASP B 34 6.05 37.97 -10.12
N GLU B 35 5.97 38.52 -8.91
CA GLU B 35 6.91 39.56 -8.47
C GLU B 35 8.00 38.92 -7.61
N ILE B 36 8.54 37.80 -8.10
CA ILE B 36 9.29 36.85 -7.27
C ILE B 36 10.53 36.39 -8.02
N PHE B 37 11.67 36.36 -7.33
CA PHE B 37 12.92 35.88 -7.90
C PHE B 37 12.91 34.36 -8.03
N ARG B 38 13.34 33.85 -9.20
CA ARG B 38 13.53 32.42 -9.42
C ARG B 38 14.76 32.20 -10.28
N SER B 39 15.40 31.04 -10.12
CA SER B 39 16.62 30.72 -10.84
C SER B 39 16.82 29.22 -10.93
N ASP B 40 17.35 28.78 -12.09
CA ASP B 40 17.60 27.37 -12.40
C ASP B 40 16.36 26.51 -12.24
N THR B 41 15.25 26.95 -12.83
CA THR B 41 14.00 26.21 -12.72
C THR B 41 13.19 26.38 -14.00
N LEU B 42 12.25 25.48 -14.20
CA LEU B 42 11.23 25.59 -15.23
C LEU B 42 9.89 25.81 -14.55
N TYR B 43 9.21 26.89 -14.89
CA TYR B 43 8.00 27.30 -14.18
C TYR B 43 6.80 27.20 -15.12
N LEU B 44 5.77 26.48 -14.69
CA LEU B 44 4.53 26.33 -15.44
C LEU B 44 3.50 27.32 -14.92
N THR B 45 3.09 28.27 -15.77
CA THR B 45 2.17 29.32 -15.36
C THR B 45 1.00 29.40 -16.32
N GLN B 46 -0.13 29.89 -15.80
CA GLN B 46 -1.33 30.12 -16.61
C GLN B 46 -1.79 31.56 -16.45
N ASP B 47 -1.91 32.28 -17.56
CA ASP B 47 -2.30 33.68 -17.52
C ASP B 47 -2.67 34.12 -18.93
N LEU B 48 -2.96 35.42 -19.07
CA LEU B 48 -3.20 35.99 -20.38
C LEU B 48 -1.87 36.27 -21.07
N PHE B 49 -1.62 35.57 -22.16
CA PHE B 49 -0.36 35.66 -22.89
C PHE B 49 -0.66 35.82 -24.36
N LEU B 50 0.37 36.17 -25.14
CA LEU B 50 0.26 36.22 -26.59
C LEU B 50 0.74 34.90 -27.16
N PRO B 51 -0.10 34.13 -27.84
CA PRO B 51 0.32 32.82 -28.35
C PRO B 51 1.39 32.95 -29.43
N PHE B 52 2.26 31.94 -29.50
CA PHE B 52 3.36 31.94 -30.45
C PHE B 52 2.84 31.78 -31.87
N TYR B 53 3.49 32.48 -32.81
CA TYR B 53 3.17 32.44 -34.24
C TYR B 53 1.72 32.82 -34.52
N SER B 54 1.20 33.79 -33.77
CA SER B 54 -0.13 34.31 -34.04
C SER B 54 -0.03 35.57 -34.87
N ASN B 55 -1.09 35.86 -35.62
CA ASN B 55 -1.07 37.01 -36.51
C ASN B 55 -1.31 38.32 -35.77
N VAL B 56 -0.66 39.38 -36.25
CA VAL B 56 -0.79 40.73 -35.70
C VAL B 56 -1.12 41.67 -36.84
N THR B 57 -2.00 42.62 -36.58
CA THR B 57 -2.40 43.58 -37.60
C THR B 57 -1.46 44.77 -37.58
N GLY B 58 -0.91 45.11 -38.73
CA GLY B 58 0.05 46.19 -38.79
C GLY B 58 -0.45 47.41 -39.49
N PHE B 59 -0.23 48.59 -38.89
CA PHE B 59 -0.59 49.86 -39.50
C PHE B 59 0.69 50.61 -39.84
N HIS B 60 0.81 51.00 -41.11
CA HIS B 60 2.01 51.66 -41.61
C HIS B 60 1.74 53.14 -41.85
N ASN B 68 -5.76 56.44 -38.23
CA ASN B 68 -5.90 56.10 -36.83
C ASN B 68 -7.30 55.56 -36.50
N PRO B 69 -7.60 54.34 -36.90
CA PRO B 69 -8.90 53.75 -36.56
C PRO B 69 -8.93 53.35 -35.09
N VAL B 70 -10.14 53.10 -34.59
CA VAL B 70 -10.28 52.57 -33.24
C VAL B 70 -10.25 51.05 -33.28
N ILE B 71 -9.45 50.45 -32.42
CA ILE B 71 -9.21 49.02 -32.40
C ILE B 71 -9.86 48.46 -31.14
N PRO B 72 -10.65 47.39 -31.22
CA PRO B 72 -11.28 46.84 -30.02
C PRO B 72 -10.26 46.27 -29.04
N PHE B 73 -10.63 46.31 -27.77
CA PHE B 73 -9.79 45.88 -26.66
C PHE B 73 -10.51 44.71 -26.00
N LYS B 74 -10.24 43.50 -26.47
CA LYS B 74 -11.04 42.36 -26.03
C LYS B 74 -10.61 41.81 -24.68
N ASP B 75 -9.37 41.33 -24.57
CA ASP B 75 -8.82 40.91 -23.29
C ASP B 75 -7.53 41.61 -22.94
N GLY B 76 -6.79 42.08 -23.94
CA GLY B 76 -5.56 42.82 -23.74
C GLY B 76 -4.96 43.04 -25.11
N ILE B 77 -3.96 43.91 -25.16
CA ILE B 77 -3.27 44.14 -26.41
C ILE B 77 -1.77 44.09 -26.19
N TYR B 78 -1.09 43.58 -27.21
CA TYR B 78 0.35 43.71 -27.40
C TYR B 78 0.56 44.76 -28.47
N PHE B 79 1.08 45.92 -28.07
CA PHE B 79 1.30 47.06 -28.95
C PHE B 79 2.79 47.19 -29.21
N ALA B 80 3.21 46.98 -30.45
CA ALA B 80 4.62 47.05 -30.79
C ALA B 80 4.83 48.15 -31.80
N ALA B 81 5.60 49.17 -31.44
CA ALA B 81 5.85 50.31 -32.31
C ALA B 81 7.30 50.29 -32.74
N THR B 82 7.53 50.23 -34.05
CA THR B 82 8.88 50.29 -34.61
C THR B 82 9.04 51.63 -35.33
N GLU B 83 10.08 52.37 -34.96
CA GLU B 83 10.19 53.76 -35.40
C GLU B 83 11.65 54.10 -35.69
N LYS B 84 11.84 55.17 -36.45
CA LYS B 84 13.08 55.92 -36.51
C LYS B 84 12.95 57.29 -35.86
N SER B 85 11.77 57.61 -35.35
CA SER B 85 11.47 58.90 -34.76
C SER B 85 10.58 58.69 -33.54
N ASN B 86 9.93 59.77 -33.10
CA ASN B 86 9.00 59.73 -31.98
C ASN B 86 7.57 60.06 -32.40
N VAL B 87 7.10 59.48 -33.50
CA VAL B 87 5.80 59.87 -34.04
C VAL B 87 4.66 59.33 -33.20
N VAL B 88 4.87 58.21 -32.51
CA VAL B 88 3.83 57.59 -31.69
C VAL B 88 4.09 57.97 -30.24
N ARG B 89 3.08 58.56 -29.59
CA ARG B 89 3.19 58.95 -28.19
C ARG B 89 1.82 58.86 -27.53
N GLY B 90 1.64 57.84 -26.69
CA GLY B 90 0.47 57.75 -25.84
C GLY B 90 -0.75 57.16 -26.51
N TRP B 91 -1.75 56.85 -25.68
CA TRP B 91 -2.97 56.19 -26.11
C TRP B 91 -4.14 56.78 -25.33
N VAL B 92 -5.34 56.49 -25.80
CA VAL B 92 -6.58 56.81 -25.09
C VAL B 92 -7.42 55.54 -25.01
N PHE B 93 -7.88 55.20 -23.81
CA PHE B 93 -8.66 53.99 -23.58
C PHE B 93 -10.04 54.40 -23.07
N GLY B 94 -11.08 53.80 -23.64
CA GLY B 94 -12.42 54.20 -23.24
C GLY B 94 -13.46 53.16 -23.60
N SER B 95 -14.68 53.44 -23.18
CA SER B 95 -15.78 52.51 -23.42
C SER B 95 -16.45 52.79 -24.75
N THR B 96 -16.94 54.02 -24.96
CA THR B 96 -17.61 54.38 -26.20
C THR B 96 -16.91 55.45 -27.00
N MET B 97 -15.77 55.96 -26.53
CA MET B 97 -15.02 57.07 -27.16
C MET B 97 -15.92 58.29 -27.34
N ASN B 98 -16.74 58.58 -26.33
CA ASN B 98 -17.66 59.70 -26.34
C ASN B 98 -17.51 60.45 -25.02
N ASN B 99 -18.21 61.58 -24.89
CA ASN B 99 -18.08 62.36 -23.67
C ASN B 99 -18.81 61.70 -22.50
N LYS B 100 -19.76 60.82 -22.79
CA LYS B 100 -20.50 60.16 -21.71
C LYS B 100 -19.63 59.13 -20.99
N SER B 101 -18.78 58.42 -21.73
CA SER B 101 -18.00 57.35 -21.14
C SER B 101 -16.85 57.89 -20.31
N GLN B 102 -16.59 57.23 -19.19
CA GLN B 102 -15.44 57.56 -18.36
C GLN B 102 -14.19 56.93 -18.97
N SER B 103 -13.26 57.77 -19.42
CA SER B 103 -12.14 57.29 -20.23
C SER B 103 -10.82 57.84 -19.72
N VAL B 104 -9.76 57.05 -19.91
CA VAL B 104 -8.41 57.36 -19.43
C VAL B 104 -7.53 57.69 -20.61
N ILE B 105 -6.74 58.75 -20.48
CA ILE B 105 -5.73 59.13 -21.46
C ILE B 105 -4.36 59.03 -20.81
N ILE B 106 -3.45 58.35 -21.51
CA ILE B 106 -2.05 58.26 -21.14
C ILE B 106 -1.27 58.96 -22.23
N ILE B 107 -0.44 59.94 -21.90
CA ILE B 107 0.32 60.63 -22.93
C ILE B 107 1.66 61.05 -22.36
N ASN B 108 2.66 61.12 -23.24
CA ASN B 108 4.02 61.51 -22.90
C ASN B 108 4.40 62.69 -23.78
N ASN B 109 4.78 63.80 -23.15
CA ASN B 109 5.44 64.87 -23.89
C ASN B 109 6.85 65.02 -23.35
N SER B 110 7.65 65.85 -24.04
CA SER B 110 9.11 65.79 -23.92
C SER B 110 9.61 66.08 -22.51
N THR B 111 8.76 66.65 -21.66
CA THR B 111 9.12 66.81 -20.26
C THR B 111 8.59 65.65 -19.41
N ASN B 112 7.30 65.33 -19.52
CA ASN B 112 6.65 64.54 -18.50
C ASN B 112 5.73 63.48 -19.10
N VAL B 113 5.37 62.51 -18.27
CA VAL B 113 4.34 61.51 -18.57
C VAL B 113 3.13 61.82 -17.71
N VAL B 114 1.98 62.05 -18.34
CA VAL B 114 0.77 62.39 -17.59
C VAL B 114 -0.34 61.41 -17.94
N ILE B 115 -1.02 60.91 -16.90
CA ILE B 115 -2.15 60.01 -17.02
C ILE B 115 -3.33 60.68 -16.34
N ARG B 116 -4.42 60.86 -17.09
CA ARG B 116 -5.63 61.43 -16.53
C ARG B 116 -6.78 60.51 -16.84
N ALA B 117 -7.81 60.49 -16.00
CA ALA B 117 -8.97 59.65 -16.26
C ALA B 117 -10.23 60.49 -16.15
N CYS B 118 -10.61 61.16 -17.25
CA CYS B 118 -11.68 62.13 -17.20
C CYS B 118 -12.59 62.00 -18.41
N ASN B 119 -13.79 62.57 -18.30
CA ASN B 119 -14.70 62.63 -19.45
C ASN B 119 -14.18 63.65 -20.45
N PHE B 120 -13.38 63.19 -21.40
CA PHE B 120 -12.81 64.08 -22.40
C PHE B 120 -13.76 64.20 -23.58
N GLU B 121 -13.95 65.42 -24.07
CA GLU B 121 -14.59 65.59 -25.36
C GLU B 121 -13.59 65.28 -26.48
N LEU B 122 -14.00 64.42 -27.39
CA LEU B 122 -13.07 63.84 -28.35
C LEU B 122 -13.34 64.32 -29.77
N ASN B 145 -13.94 70.00 -21.60
CA ASN B 145 -12.64 69.43 -21.27
C ASN B 145 -12.76 68.32 -20.23
N ALA B 146 -12.71 68.68 -18.96
CA ALA B 146 -12.70 67.72 -17.86
C ALA B 146 -13.99 67.86 -17.05
N PHE B 147 -14.81 66.81 -17.09
CA PHE B 147 -16.03 66.72 -16.30
C PHE B 147 -15.71 66.01 -14.98
N ASN B 148 -16.74 65.45 -14.33
CA ASN B 148 -16.58 64.52 -13.21
C ASN B 148 -15.44 63.54 -13.45
N CYS B 149 -14.39 63.60 -12.62
CA CYS B 149 -13.29 62.65 -12.75
C CYS B 149 -12.43 62.55 -11.49
N THR B 150 -11.63 61.48 -11.45
CA THR B 150 -11.02 61.03 -10.20
C THR B 150 -9.50 60.99 -10.28
N PHE B 151 -8.95 60.29 -11.27
CA PHE B 151 -7.57 59.84 -11.19
C PHE B 151 -6.68 60.71 -12.08
N GLU B 152 -5.52 61.07 -11.52
CA GLU B 152 -4.50 61.84 -12.21
C GLU B 152 -3.14 61.48 -11.63
N TYR B 153 -2.16 61.30 -12.50
CA TYR B 153 -0.80 60.98 -12.10
C TYR B 153 0.17 61.66 -13.05
N ILE B 154 1.23 62.25 -12.50
CA ILE B 154 2.25 62.94 -13.29
C ILE B 154 3.62 62.43 -12.86
N SER B 155 4.43 62.02 -13.82
CA SER B 155 5.77 61.52 -13.56
C SER B 155 6.78 62.28 -14.40
N ASP B 156 7.97 62.49 -13.86
CA ASP B 156 9.03 63.19 -14.56
C ASP B 156 10.20 62.26 -14.86
N LYS B 170 15.31 52.71 -35.85
CA LYS B 170 16.30 51.87 -35.18
C LYS B 170 15.85 51.54 -33.76
N HIS B 171 14.56 51.69 -33.48
CA HIS B 171 14.00 51.49 -32.15
C HIS B 171 12.73 50.67 -32.26
N LEU B 172 12.56 49.72 -31.32
CA LEU B 172 11.33 48.96 -31.18
C LEU B 172 10.89 49.00 -29.74
N ARG B 173 9.67 49.49 -29.50
CA ARG B 173 9.11 49.63 -28.17
C ARG B 173 7.88 48.74 -28.05
N GLU B 174 7.88 47.86 -27.05
CA GLU B 174 6.86 46.83 -26.91
C GLU B 174 6.10 47.05 -25.62
N PHE B 175 4.78 47.03 -25.69
CA PHE B 175 3.92 47.28 -24.54
C PHE B 175 2.87 46.20 -24.46
N VAL B 176 2.55 45.79 -23.24
CA VAL B 176 1.43 44.89 -22.98
C VAL B 176 0.47 45.59 -22.03
N PHE B 177 -0.79 45.71 -22.45
CA PHE B 177 -1.83 46.34 -21.63
C PHE B 177 -2.83 45.28 -21.21
N LYS B 178 -3.05 45.14 -19.91
CA LYS B 178 -3.97 44.14 -19.42
C LYS B 178 -4.90 44.79 -18.40
N ASN B 179 -6.15 44.34 -18.35
CA ASN B 179 -7.15 44.97 -17.49
C ASN B 179 -7.87 43.88 -16.72
N LYS B 180 -7.69 43.86 -15.39
CA LYS B 180 -8.41 42.89 -14.58
C LYS B 180 -8.54 43.38 -13.15
N ASP B 181 -9.69 43.04 -12.54
CA ASP B 181 -10.03 43.39 -11.16
C ASP B 181 -9.91 44.89 -10.89
N GLY B 182 -10.34 45.70 -11.87
CA GLY B 182 -10.30 47.13 -11.72
C GLY B 182 -8.93 47.75 -11.83
N PHE B 183 -7.91 46.98 -12.23
CA PHE B 183 -6.56 47.48 -12.36
C PHE B 183 -6.10 47.36 -13.80
N LEU B 184 -5.35 48.36 -14.27
CA LEU B 184 -4.73 48.34 -15.58
C LEU B 184 -3.23 48.13 -15.42
N TYR B 185 -2.73 47.00 -15.90
CA TYR B 185 -1.34 46.62 -15.81
C TYR B 185 -0.66 47.01 -17.11
N VAL B 186 0.43 47.75 -17.03
CA VAL B 186 1.18 48.18 -18.20
C VAL B 186 2.60 47.65 -18.09
N TYR B 187 3.01 46.86 -19.08
CA TYR B 187 4.33 46.26 -19.17
C TYR B 187 5.07 46.85 -20.36
N LYS B 188 6.38 47.07 -20.22
CA LYS B 188 7.17 47.77 -21.23
C LYS B 188 8.54 47.13 -21.44
N GLY B 189 8.93 46.98 -22.69
CA GLY B 189 10.28 46.59 -23.04
C GLY B 189 10.76 47.34 -24.27
N TYR B 190 12.08 47.35 -24.46
CA TYR B 190 12.72 48.07 -25.56
C TYR B 190 13.74 47.16 -26.22
N GLN B 191 13.94 47.35 -27.52
CA GLN B 191 14.94 46.60 -28.26
C GLN B 191 15.43 47.40 -29.46
N PRO B 192 16.75 47.47 -29.67
CA PRO B 192 17.27 48.19 -30.84
C PRO B 192 17.38 47.32 -32.08
N ILE B 193 16.76 47.75 -33.18
CA ILE B 193 16.87 47.03 -34.44
C ILE B 193 17.42 47.96 -35.51
N ASP B 198 7.37 43.89 -40.92
CA ASP B 198 8.67 44.48 -40.62
C ASP B 198 9.07 44.21 -39.18
N LEU B 199 8.26 43.41 -38.48
CA LEU B 199 8.48 43.10 -37.08
C LEU B 199 9.49 41.97 -36.98
N PRO B 200 10.66 42.20 -36.37
CA PRO B 200 11.71 41.18 -36.37
C PRO B 200 11.34 39.96 -35.54
N SER B 201 11.86 38.81 -35.97
CA SER B 201 11.59 37.53 -35.33
C SER B 201 12.62 37.29 -34.24
N GLY B 202 12.18 37.28 -32.99
CA GLY B 202 13.09 37.10 -31.88
C GLY B 202 12.36 37.00 -30.57
N PHE B 203 13.13 36.86 -29.50
CA PHE B 203 12.62 36.70 -28.15
C PHE B 203 13.04 37.89 -27.30
N ASN B 204 12.06 38.53 -26.66
CA ASN B 204 12.30 39.66 -25.77
C ASN B 204 11.38 39.56 -24.57
N THR B 205 11.89 39.97 -23.42
CA THR B 205 11.18 39.84 -22.15
C THR B 205 10.83 41.24 -21.62
N LEU B 206 9.62 41.38 -21.10
CA LEU B 206 9.07 42.68 -20.72
C LEU B 206 8.94 42.77 -19.20
N LYS B 207 9.27 43.95 -18.65
CA LYS B 207 9.31 44.22 -17.22
C LYS B 207 8.05 44.97 -16.79
N PRO B 208 7.61 44.81 -15.54
CA PRO B 208 6.46 45.59 -15.07
C PRO B 208 6.78 47.08 -14.95
N ILE B 209 5.81 47.91 -15.30
CA ILE B 209 5.94 49.37 -15.18
C ILE B 209 4.82 49.97 -14.35
N PHE B 210 3.57 49.79 -14.77
CA PHE B 210 2.47 50.50 -14.11
C PHE B 210 1.42 49.51 -13.63
N LYS B 211 0.78 49.86 -12.51
CA LYS B 211 -0.51 49.33 -12.11
C LYS B 211 -1.41 50.50 -11.76
N LEU B 212 -2.33 50.84 -12.66
CA LEU B 212 -3.20 51.98 -12.44
C LEU B 212 -4.51 51.52 -11.82
N PRO B 213 -4.87 52.04 -10.65
CA PRO B 213 -6.11 51.62 -9.95
C PRO B 213 -7.33 52.41 -10.39
N LEU B 214 -7.69 52.28 -11.65
CA LEU B 214 -8.85 52.96 -12.24
C LEU B 214 -9.86 51.92 -12.70
N GLY B 215 -11.07 51.99 -12.17
CA GLY B 215 -12.09 51.00 -12.44
C GLY B 215 -13.09 51.35 -13.53
N ILE B 216 -12.67 51.37 -14.79
CA ILE B 216 -13.55 51.72 -15.90
C ILE B 216 -13.62 50.56 -16.88
N ASN B 217 -14.67 50.54 -17.70
CA ASN B 217 -14.78 49.56 -18.77
C ASN B 217 -13.93 50.00 -19.95
N ILE B 218 -13.03 49.15 -20.40
CA ILE B 218 -12.20 49.44 -21.56
C ILE B 218 -12.55 48.42 -22.64
N THR B 219 -13.16 48.90 -23.73
CA THR B 219 -13.49 48.06 -24.88
C THR B 219 -12.87 48.56 -26.17
N ASN B 220 -12.40 49.80 -26.22
CA ASN B 220 -11.83 50.36 -27.43
C ASN B 220 -10.60 51.18 -27.04
N PHE B 221 -9.68 51.33 -27.98
CA PHE B 221 -8.52 52.19 -27.76
C PHE B 221 -8.09 52.79 -29.09
N ARG B 222 -7.26 53.83 -29.00
CA ARG B 222 -6.78 54.54 -30.18
C ARG B 222 -5.43 55.16 -29.87
N ALA B 223 -4.49 55.03 -30.81
CA ALA B 223 -3.18 55.62 -30.62
C ALA B 223 -3.21 57.11 -30.90
N ILE B 224 -2.24 57.82 -30.34
CA ILE B 224 -2.13 59.27 -30.47
C ILE B 224 -0.84 59.58 -31.23
N LEU B 225 -0.96 60.32 -32.32
CA LEU B 225 0.17 60.60 -33.20
C LEU B 225 0.53 62.08 -33.12
N THR B 226 1.72 62.42 -33.60
CA THR B 226 2.13 63.82 -33.66
C THR B 226 1.39 64.56 -34.75
N ALA B 240 8.20 53.93 -39.18
CA ALA B 240 7.15 54.51 -38.35
C ALA B 240 5.86 53.70 -38.46
N ALA B 241 5.84 52.51 -37.87
CA ALA B 241 4.70 51.62 -37.97
C ALA B 241 4.35 51.07 -36.59
N TYR B 242 3.10 50.70 -36.39
CA TYR B 242 2.70 50.08 -35.13
C TYR B 242 1.81 48.87 -35.39
N PHE B 243 2.05 47.80 -34.63
CA PHE B 243 1.39 46.52 -34.80
C PHE B 243 0.60 46.20 -33.54
N VAL B 244 -0.57 45.58 -33.72
CA VAL B 244 -1.50 45.28 -32.65
C VAL B 244 -1.78 43.78 -32.65
N GLY B 245 -1.61 43.14 -31.49
CA GLY B 245 -2.00 41.76 -31.32
C GLY B 245 -2.82 41.60 -30.07
N TYR B 246 -3.53 40.47 -29.96
CA TYR B 246 -4.52 40.26 -28.92
C TYR B 246 -4.07 39.17 -27.97
N LEU B 247 -4.29 39.38 -26.67
CA LEU B 247 -3.93 38.39 -25.65
C LEU B 247 -5.03 37.36 -25.49
N LYS B 248 -4.64 36.14 -25.10
CA LYS B 248 -5.56 35.04 -24.87
C LYS B 248 -5.11 34.26 -23.64
N PRO B 249 -6.04 33.62 -22.93
CA PRO B 249 -5.66 32.85 -21.73
C PRO B 249 -5.00 31.53 -22.09
N THR B 250 -3.71 31.42 -21.79
CA THR B 250 -2.96 30.22 -22.14
C THR B 250 -2.11 29.77 -20.95
N THR B 251 -1.35 28.71 -21.19
CA THR B 251 -0.39 28.14 -20.25
C THR B 251 0.98 28.16 -20.91
N PHE B 252 1.97 28.72 -20.21
CA PHE B 252 3.34 28.79 -20.70
C PHE B 252 4.24 28.00 -19.76
N MET B 253 5.36 27.51 -20.30
CA MET B 253 6.41 26.94 -19.47
C MET B 253 7.69 27.71 -19.72
N LEU B 254 8.24 28.31 -18.66
CA LEU B 254 9.25 29.34 -18.75
C LEU B 254 10.56 28.81 -18.19
N LYS B 255 11.68 29.23 -18.79
CA LYS B 255 13.00 28.78 -18.42
C LYS B 255 13.79 29.90 -17.75
N TYR B 256 14.28 29.64 -16.55
CA TYR B 256 15.10 30.58 -15.79
C TYR B 256 16.53 30.05 -15.72
N ASP B 257 17.49 30.89 -16.06
CA ASP B 257 18.89 30.47 -16.02
C ASP B 257 19.47 30.72 -14.63
N GLU B 258 20.81 30.72 -14.56
CA GLU B 258 21.50 31.06 -13.33
C GLU B 258 21.25 32.51 -12.93
N ASN B 259 21.21 33.40 -13.92
CA ASN B 259 20.68 34.74 -13.69
C ASN B 259 19.19 34.65 -13.38
N GLY B 260 18.65 35.67 -12.74
CA GLY B 260 17.22 35.63 -12.49
C GLY B 260 16.37 36.15 -13.62
N THR B 261 16.49 35.57 -14.82
CA THR B 261 15.81 36.09 -16.00
C THR B 261 15.27 34.95 -16.84
N ILE B 262 14.40 35.30 -17.79
CA ILE B 262 13.70 34.32 -18.62
C ILE B 262 14.43 34.28 -19.96
N THR B 263 15.01 33.14 -20.28
CA THR B 263 15.76 33.02 -21.52
C THR B 263 14.96 32.31 -22.62
N ASP B 264 13.97 31.50 -22.24
CA ASP B 264 13.20 30.76 -23.23
C ASP B 264 11.84 30.40 -22.64
N ALA B 265 10.91 30.04 -23.54
CA ALA B 265 9.58 29.63 -23.13
C ALA B 265 8.99 28.70 -24.19
N VAL B 266 8.00 27.91 -23.78
CA VAL B 266 7.28 27.02 -24.69
C VAL B 266 5.78 27.17 -24.43
N ASP B 267 5.02 27.20 -25.53
CA ASP B 267 3.58 27.43 -25.50
C ASP B 267 2.89 26.08 -25.63
N CYS B 268 2.12 25.70 -24.60
CA CYS B 268 1.62 24.33 -24.54
C CYS B 268 0.43 24.11 -25.47
N SER B 269 -0.14 25.18 -26.03
CA SER B 269 -1.35 25.03 -26.82
C SER B 269 -1.07 24.95 -28.32
N GLN B 270 0.19 25.03 -28.72
CA GLN B 270 0.49 25.28 -30.13
C GLN B 270 0.61 23.97 -30.93
N ASN B 271 1.24 22.96 -30.36
CA ASN B 271 1.63 21.76 -31.07
C ASN B 271 1.40 20.54 -30.19
N PRO B 272 1.28 19.35 -30.78
CA PRO B 272 1.35 18.13 -29.95
C PRO B 272 2.69 17.98 -29.24
N LEU B 273 3.79 18.33 -29.92
CA LEU B 273 5.11 18.20 -29.31
C LEU B 273 5.29 19.22 -28.19
N ALA B 274 4.73 20.41 -28.35
CA ALA B 274 4.82 21.42 -27.30
C ALA B 274 4.03 21.00 -26.07
N GLU B 275 2.85 20.39 -26.26
CA GLU B 275 2.10 19.87 -25.12
C GLU B 275 2.84 18.72 -24.44
N LEU B 276 3.51 17.87 -25.23
CA LEU B 276 4.33 16.81 -24.64
C LEU B 276 5.48 17.38 -23.81
N LYS B 277 6.12 18.43 -24.31
CA LYS B 277 7.19 19.07 -23.57
C LYS B 277 6.69 19.67 -22.27
N CYS B 278 5.51 20.29 -22.29
CA CYS B 278 4.93 20.81 -21.05
C CYS B 278 4.54 19.69 -20.10
N SER B 279 4.11 18.55 -20.65
CA SER B 279 3.68 17.44 -19.80
C SER B 279 4.85 16.80 -19.07
N VAL B 280 5.93 16.51 -19.80
CA VAL B 280 7.07 15.85 -19.15
C VAL B 280 8.04 16.85 -18.57
N LYS B 281 7.82 18.15 -18.81
CA LYS B 281 8.62 19.25 -18.24
C LYS B 281 10.10 19.14 -18.59
N SER B 282 10.39 19.12 -19.88
CA SER B 282 11.76 19.13 -20.39
C SER B 282 11.76 19.66 -21.81
N PHE B 283 12.94 20.01 -22.30
CA PHE B 283 13.13 20.42 -23.68
C PHE B 283 13.70 19.31 -24.56
N GLU B 284 13.99 18.14 -23.98
CA GLU B 284 14.57 17.04 -24.73
C GLU B 284 13.71 15.80 -24.53
N ILE B 285 13.27 15.20 -25.63
CA ILE B 285 12.32 14.10 -25.61
C ILE B 285 12.99 12.88 -26.21
N ASP B 286 12.92 11.75 -25.50
CA ASP B 286 13.47 10.52 -26.02
C ASP B 286 12.47 9.83 -26.94
N LYS B 287 12.92 8.77 -27.61
CA LYS B 287 12.05 8.00 -28.48
C LYS B 287 11.02 7.23 -27.66
N GLY B 288 9.83 7.06 -28.22
CA GLY B 288 8.82 6.24 -27.58
C GLY B 288 7.44 6.82 -27.82
N ILE B 289 6.47 6.25 -27.11
CA ILE B 289 5.08 6.71 -27.12
C ILE B 289 4.73 7.19 -25.72
N TYR B 290 4.11 8.37 -25.63
CA TYR B 290 3.81 9.01 -24.36
C TYR B 290 2.34 9.37 -24.29
N GLN B 291 1.66 8.93 -23.23
CA GLN B 291 0.27 9.27 -23.02
C GLN B 291 0.20 10.68 -22.47
N THR B 292 -0.29 11.62 -23.27
CA THR B 292 -0.26 13.03 -22.94
C THR B 292 -1.53 13.52 -22.26
N SER B 293 -2.69 13.33 -22.88
CA SER B 293 -3.86 14.04 -22.34
C SER B 293 -5.13 13.24 -22.62
N ASN B 294 -6.28 13.89 -22.45
CA ASN B 294 -7.58 13.33 -22.76
C ASN B 294 -8.34 14.25 -23.69
N PHE B 295 -9.06 13.67 -24.64
CA PHE B 295 -9.82 14.44 -25.61
C PHE B 295 -11.32 14.23 -25.41
N ARG B 296 -12.08 15.31 -25.57
CA ARG B 296 -13.53 15.33 -25.47
C ARG B 296 -14.10 16.02 -26.71
N VAL B 297 -15.34 15.68 -27.03
CA VAL B 297 -16.10 16.34 -28.08
C VAL B 297 -17.15 17.22 -27.40
N VAL B 298 -17.14 18.51 -27.71
CA VAL B 298 -18.04 19.45 -27.02
C VAL B 298 -19.44 19.32 -27.60
N PRO B 299 -20.50 19.65 -26.86
CA PRO B 299 -21.85 19.60 -27.42
C PRO B 299 -22.06 20.67 -28.48
N SER B 300 -22.95 20.38 -29.43
CA SER B 300 -23.17 21.25 -30.58
C SER B 300 -24.57 21.85 -30.63
N GLY B 301 -25.49 21.38 -29.80
CA GLY B 301 -26.86 21.88 -29.85
C GLY B 301 -27.56 21.66 -28.53
N ASP B 302 -28.83 22.08 -28.50
CA ASP B 302 -29.69 21.91 -27.35
C ASP B 302 -31.00 21.28 -27.79
N VAL B 303 -31.47 20.30 -27.02
CA VAL B 303 -32.75 19.64 -27.25
C VAL B 303 -33.53 19.65 -25.95
N VAL B 304 -34.74 20.20 -25.98
CA VAL B 304 -35.62 20.27 -24.83
C VAL B 304 -36.99 19.74 -25.22
N ARG B 305 -37.49 18.75 -24.49
CA ARG B 305 -38.82 18.22 -24.70
C ARG B 305 -39.60 18.24 -23.39
N PHE B 306 -40.80 18.77 -23.43
CA PHE B 306 -41.68 18.90 -22.27
C PHE B 306 -43.07 18.46 -22.66
N PRO B 307 -43.90 18.03 -21.68
CA PRO B 307 -45.29 17.64 -21.95
C PRO B 307 -46.14 18.76 -22.55
N SER B 506 -40.10 24.18 -25.78
CA SER B 506 -39.97 22.96 -26.57
C SER B 506 -39.10 23.20 -27.81
N THR B 507 -38.28 22.22 -28.15
CA THR B 507 -37.36 22.29 -29.27
C THR B 507 -37.42 20.98 -30.04
N ASP B 508 -37.31 21.07 -31.37
CA ASP B 508 -37.23 19.86 -32.19
C ASP B 508 -35.95 19.10 -31.89
N LEU B 509 -36.09 17.78 -31.74
CA LEU B 509 -34.96 16.95 -31.34
C LEU B 509 -34.05 16.65 -32.52
N ILE B 510 -32.77 16.48 -32.22
CA ILE B 510 -31.73 16.19 -33.21
C ILE B 510 -31.19 14.79 -32.92
N LYS B 511 -31.04 13.99 -33.97
CA LYS B 511 -30.52 12.64 -33.85
C LYS B 511 -29.08 12.61 -34.34
N ASN B 512 -28.30 11.66 -33.80
CA ASN B 512 -26.93 11.33 -34.20
C ASN B 512 -25.96 12.49 -34.05
N GLN B 513 -26.09 13.33 -33.02
CA GLN B 513 -25.18 14.44 -32.80
C GLN B 513 -25.13 14.78 -31.31
N CYS B 514 -23.93 14.92 -30.77
CA CYS B 514 -23.76 15.11 -29.32
C CYS B 514 -24.31 16.46 -28.90
N VAL B 515 -25.43 16.45 -28.17
CA VAL B 515 -26.17 17.63 -27.76
C VAL B 515 -26.46 17.55 -26.27
N ASN B 516 -26.83 18.70 -25.70
CA ASN B 516 -27.34 18.78 -24.34
C ASN B 516 -28.84 18.54 -24.38
N PHE B 517 -29.32 17.57 -23.61
CA PHE B 517 -30.74 17.22 -23.64
C PHE B 517 -31.36 17.46 -22.28
N ASN B 518 -32.62 17.87 -22.28
CA ASN B 518 -33.44 18.04 -21.09
C ASN B 518 -34.80 17.42 -21.37
N PHE B 519 -35.00 16.17 -20.95
CA PHE B 519 -36.24 15.46 -21.16
C PHE B 519 -37.02 15.42 -19.85
N ASN B 520 -37.98 16.35 -19.72
CA ASN B 520 -38.97 16.36 -18.63
C ASN B 520 -38.29 16.36 -17.25
N GLY B 521 -37.31 17.24 -17.09
CA GLY B 521 -36.57 17.32 -15.85
C GLY B 521 -35.36 16.42 -15.76
N LEU B 522 -35.10 15.61 -16.78
CA LEU B 522 -33.91 14.76 -16.83
C LEU B 522 -32.88 15.41 -17.74
N THR B 523 -31.80 15.92 -17.15
CA THR B 523 -30.80 16.70 -17.87
C THR B 523 -29.55 15.88 -18.11
N GLY B 524 -28.88 16.13 -19.23
CA GLY B 524 -27.64 15.43 -19.52
C GLY B 524 -27.04 15.87 -20.83
N THR B 525 -25.94 15.20 -21.19
CA THR B 525 -25.24 15.44 -22.44
C THR B 525 -25.00 14.11 -23.14
N GLY B 526 -25.38 14.01 -24.41
CA GLY B 526 -25.17 12.76 -25.11
C GLY B 526 -25.65 12.83 -26.54
N VAL B 527 -25.58 11.68 -27.21
CA VAL B 527 -26.03 11.53 -28.58
C VAL B 527 -27.23 10.60 -28.59
N LEU B 528 -28.28 10.99 -29.31
CA LEU B 528 -29.57 10.30 -29.31
C LEU B 528 -29.77 9.58 -30.63
N THR B 529 -30.06 8.28 -30.56
CA THR B 529 -30.30 7.44 -31.72
C THR B 529 -31.66 6.76 -31.55
N PRO B 530 -32.29 6.33 -32.64
CA PRO B 530 -33.48 5.48 -32.51
C PRO B 530 -33.15 4.13 -31.90
N SER B 531 -34.14 3.54 -31.23
CA SER B 531 -33.93 2.36 -30.40
C SER B 531 -34.82 1.21 -30.85
N SER B 532 -34.39 0.00 -30.50
CA SER B 532 -35.17 -1.21 -30.71
C SER B 532 -35.65 -1.83 -29.41
N LYS B 533 -35.47 -1.16 -28.28
CA LYS B 533 -35.89 -1.71 -27.00
C LYS B 533 -37.41 -1.70 -26.88
N ARG B 534 -37.93 -2.70 -26.17
CA ARG B 534 -39.36 -2.84 -25.96
C ARG B 534 -39.70 -2.31 -24.57
N PHE B 535 -40.40 -1.17 -24.53
CA PHE B 535 -40.82 -0.55 -23.29
C PHE B 535 -42.26 -0.93 -22.99
N GLN B 536 -42.52 -1.31 -21.75
CA GLN B 536 -43.88 -1.52 -21.31
C GLN B 536 -44.59 -0.17 -21.16
N PRO B 537 -45.92 -0.14 -21.29
CA PRO B 537 -46.64 1.15 -21.34
C PRO B 537 -46.51 2.02 -20.09
N PHE B 538 -46.21 1.44 -18.93
CA PHE B 538 -46.11 2.25 -17.73
C PHE B 538 -44.67 2.69 -17.47
N GLN B 539 -43.73 2.21 -18.27
CA GLN B 539 -42.31 2.50 -18.08
C GLN B 539 -41.91 3.65 -19.00
N GLN B 540 -41.19 4.64 -18.46
CA GLN B 540 -40.77 5.76 -19.28
C GLN B 540 -39.30 5.66 -19.67
N PHE B 541 -38.39 5.51 -18.71
CA PHE B 541 -36.98 5.43 -19.06
C PHE B 541 -36.35 4.21 -18.41
N GLY B 542 -35.18 3.83 -18.92
CA GLY B 542 -34.51 2.61 -18.50
C GLY B 542 -33.11 2.91 -18.00
N ARG B 543 -32.57 2.00 -17.20
CA ARG B 543 -31.24 2.15 -16.62
C ARG B 543 -30.41 0.92 -16.93
N ASP B 544 -29.11 1.11 -17.06
CA ASP B 544 -28.19 0.06 -17.47
C ASP B 544 -27.87 -0.85 -16.28
N VAL B 545 -26.91 -1.75 -16.48
CA VAL B 545 -26.46 -2.62 -15.39
C VAL B 545 -25.69 -1.81 -14.35
N SER B 546 -25.11 -0.68 -14.76
CA SER B 546 -24.37 0.17 -13.84
C SER B 546 -25.25 1.29 -13.30
N ASP B 547 -26.57 1.19 -13.53
CA ASP B 547 -27.57 2.18 -13.15
C ASP B 547 -27.32 3.56 -13.77
N PHE B 548 -26.86 3.58 -15.00
CA PHE B 548 -26.87 4.80 -15.79
C PHE B 548 -28.00 4.77 -16.80
N THR B 549 -28.51 5.96 -17.14
CA THR B 549 -29.66 6.09 -18.04
C THR B 549 -29.20 5.78 -19.46
N ASP B 550 -29.81 4.77 -20.09
CA ASP B 550 -29.43 4.44 -21.45
C ASP B 550 -30.58 4.65 -22.44
N SER B 551 -31.82 4.64 -21.97
CA SER B 551 -32.97 4.79 -22.87
C SER B 551 -34.00 5.71 -22.25
N VAL B 552 -34.65 6.52 -23.10
CA VAL B 552 -35.65 7.50 -22.66
C VAL B 552 -36.77 7.52 -23.69
N ARG B 553 -38.01 7.57 -23.20
CA ARG B 553 -39.19 7.75 -24.03
C ARG B 553 -39.46 9.24 -24.26
N ASP B 554 -39.67 9.61 -25.52
CA ASP B 554 -39.95 10.99 -25.89
C ASP B 554 -41.34 11.38 -25.37
N PRO B 555 -41.46 12.46 -24.60
CA PRO B 555 -42.78 12.84 -24.05
C PRO B 555 -43.83 13.19 -25.11
N LYS B 556 -43.45 13.84 -26.21
CA LYS B 556 -44.46 14.31 -27.15
C LYS B 556 -44.93 13.21 -28.09
N THR B 557 -44.00 12.43 -28.64
CA THR B 557 -44.31 11.48 -29.70
C THR B 557 -44.52 10.06 -29.17
N SER B 558 -44.14 9.81 -27.92
CA SER B 558 -44.07 8.46 -27.33
C SER B 558 -43.16 7.56 -28.17
N GLU B 559 -41.99 8.09 -28.53
CA GLU B 559 -40.95 7.37 -29.24
C GLU B 559 -39.82 7.06 -28.26
N ILE B 560 -39.23 5.87 -28.40
CA ILE B 560 -38.18 5.40 -27.50
C ILE B 560 -36.84 5.63 -28.18
N LEU B 561 -35.89 6.22 -27.46
CA LEU B 561 -34.60 6.56 -28.05
C LEU B 561 -33.47 6.34 -27.06
N ASP B 562 -32.30 6.02 -27.59
CA ASP B 562 -31.13 5.61 -26.81
C ASP B 562 -30.20 6.80 -26.61
N ILE B 563 -29.70 6.96 -25.40
CA ILE B 563 -28.65 7.93 -25.13
C ILE B 563 -27.30 7.22 -25.10
N SER B 564 -26.33 7.79 -25.78
CA SER B 564 -24.97 7.29 -25.72
C SER B 564 -24.04 8.44 -25.37
N PRO B 565 -22.91 8.15 -24.72
CA PRO B 565 -21.96 9.24 -24.44
C PRO B 565 -21.18 9.59 -25.71
N CYS B 566 -21.13 10.89 -26.01
CA CYS B 566 -20.33 11.30 -27.14
C CYS B 566 -18.84 11.20 -26.78
N SER B 567 -18.02 11.06 -27.83
CA SER B 567 -16.71 10.43 -27.72
C SER B 567 -15.73 11.18 -26.84
N PHE B 568 -14.93 10.42 -26.11
CA PHE B 568 -13.84 10.91 -25.27
C PHE B 568 -12.80 9.82 -25.18
N GLY B 569 -11.61 10.16 -24.72
CA GLY B 569 -10.60 9.12 -24.55
C GLY B 569 -9.23 9.72 -24.30
N GLY B 570 -8.21 8.91 -24.55
CA GLY B 570 -6.84 9.36 -24.34
C GLY B 570 -6.17 9.78 -25.63
N VAL B 571 -5.22 10.70 -25.50
CA VAL B 571 -4.40 11.19 -26.60
C VAL B 571 -2.95 10.90 -26.27
N SER B 572 -2.28 10.15 -27.16
CA SER B 572 -0.90 9.71 -27.01
C SER B 572 -0.08 10.29 -28.16
N VAL B 573 1.17 10.64 -27.88
CA VAL B 573 2.04 11.30 -28.86
C VAL B 573 3.23 10.38 -29.16
N ILE B 574 3.42 10.07 -30.44
CA ILE B 574 4.49 9.19 -30.90
C ILE B 574 5.58 10.03 -31.53
N THR B 575 6.79 9.97 -30.98
CA THR B 575 7.87 10.83 -31.44
C THR B 575 9.15 10.04 -31.66
N PRO B 576 9.98 10.43 -32.64
CA PRO B 576 11.28 9.78 -32.79
C PRO B 576 12.31 10.28 -31.79
N GLY B 577 12.20 11.54 -31.39
CA GLY B 577 13.17 12.15 -30.50
C GLY B 577 13.42 13.57 -30.96
N THR B 578 13.68 14.44 -29.99
CA THR B 578 13.91 15.85 -30.30
C THR B 578 15.19 16.02 -31.12
N ASN B 579 16.23 15.23 -30.82
CA ASN B 579 17.48 15.33 -31.56
C ASN B 579 17.33 14.82 -32.99
N ALA B 580 16.38 13.91 -33.22
CA ALA B 580 16.19 13.39 -34.57
C ALA B 580 15.33 14.34 -35.42
N SER B 581 14.08 14.55 -35.03
CA SER B 581 13.17 15.35 -35.84
C SER B 581 12.06 15.91 -34.96
N SER B 582 11.40 16.94 -35.47
CA SER B 582 10.31 17.60 -34.76
C SER B 582 8.93 17.17 -35.25
N GLU B 583 8.85 16.09 -36.02
CA GLU B 583 7.56 15.54 -36.42
C GLU B 583 7.07 14.54 -35.39
N VAL B 584 5.74 14.52 -35.17
CA VAL B 584 5.12 13.57 -34.27
C VAL B 584 3.87 13.00 -34.94
N ALA B 585 3.42 11.86 -34.43
CA ALA B 585 2.14 11.27 -34.79
C ALA B 585 1.24 11.27 -33.56
N VAL B 586 -0.06 11.22 -33.77
CA VAL B 586 -1.02 11.32 -32.67
C VAL B 586 -1.94 10.11 -32.71
N LEU B 587 -2.13 9.46 -31.57
CA LEU B 587 -3.04 8.35 -31.44
C LEU B 587 -4.19 8.74 -30.53
N TYR B 588 -5.41 8.67 -31.06
CA TYR B 588 -6.64 8.90 -30.33
C TYR B 588 -7.22 7.55 -29.97
N GLN B 589 -7.21 7.20 -28.68
CA GLN B 589 -7.43 5.82 -28.26
C GLN B 589 -8.91 5.46 -28.22
N ASP B 590 -9.27 4.38 -28.92
CA ASP B 590 -10.60 3.77 -28.90
C ASP B 590 -11.68 4.74 -29.38
N VAL B 591 -11.62 5.13 -30.65
CA VAL B 591 -12.58 6.03 -31.26
C VAL B 591 -12.55 5.78 -32.77
N ASN B 592 -13.66 6.10 -33.43
CA ASN B 592 -13.77 5.94 -34.87
C ASN B 592 -13.18 7.16 -35.58
N CYS B 593 -12.55 6.95 -36.73
CA CYS B 593 -11.85 8.03 -37.41
C CYS B 593 -12.80 9.00 -38.08
N THR B 594 -13.96 8.51 -38.54
CA THR B 594 -14.97 9.39 -39.11
C THR B 594 -15.66 10.24 -38.06
N ASP B 595 -15.38 10.00 -36.79
CA ASP B 595 -15.85 10.89 -35.73
C ASP B 595 -14.84 12.00 -35.44
N VAL B 596 -13.58 11.64 -35.25
CA VAL B 596 -12.57 12.64 -34.91
C VAL B 596 -12.27 13.54 -36.10
N SER B 597 -12.46 13.05 -37.33
CA SER B 597 -12.23 13.91 -38.49
C SER B 597 -13.24 15.05 -38.55
N THR B 598 -14.53 14.75 -38.38
CA THR B 598 -15.54 15.81 -38.39
C THR B 598 -15.43 16.69 -37.15
N ALA B 599 -15.04 16.09 -36.01
CA ALA B 599 -14.84 16.90 -34.81
C ALA B 599 -13.69 17.88 -34.97
N ILE B 600 -12.60 17.46 -35.62
CA ILE B 600 -11.46 18.35 -35.84
C ILE B 600 -11.80 19.42 -36.85
N HIS B 601 -12.47 19.03 -37.95
CA HIS B 601 -12.78 20.01 -39.00
C HIS B 601 -13.83 21.03 -38.54
N ALA B 602 -14.74 20.62 -37.65
CA ALA B 602 -15.73 21.56 -37.16
C ALA B 602 -15.28 22.23 -35.86
N ASP B 603 -14.03 22.01 -35.46
CA ASP B 603 -13.42 22.55 -34.25
C ASP B 603 -14.21 22.17 -32.99
N GLN B 604 -14.48 20.88 -32.84
CA GLN B 604 -15.27 20.43 -31.69
C GLN B 604 -14.40 19.84 -30.59
N LEU B 605 -13.21 19.36 -30.92
CA LEU B 605 -12.38 18.70 -29.91
C LEU B 605 -11.87 19.70 -28.88
N THR B 606 -11.97 19.32 -27.61
CA THR B 606 -11.52 20.14 -26.49
C THR B 606 -10.02 20.42 -26.50
N PRO B 607 -9.10 19.43 -26.73
CA PRO B 607 -7.70 19.85 -26.93
C PRO B 607 -7.56 20.51 -28.29
N ALA B 608 -7.54 21.83 -28.29
CA ALA B 608 -7.57 22.62 -29.51
C ALA B 608 -6.18 23.14 -29.80
N TRP B 609 -5.49 22.51 -30.74
CA TRP B 609 -4.16 22.91 -31.16
C TRP B 609 -4.30 23.87 -32.31
N ARG B 610 -3.79 25.09 -32.13
CA ARG B 610 -3.97 26.15 -33.12
C ARG B 610 -3.27 25.81 -34.42
N ILE B 611 -2.06 25.28 -34.34
CA ILE B 611 -1.30 24.94 -35.55
C ILE B 611 -1.15 23.43 -35.60
N TYR B 612 -2.10 22.77 -36.26
CA TYR B 612 -2.14 21.32 -36.36
C TYR B 612 -3.05 20.94 -37.52
N SER B 613 -2.49 20.25 -38.51
CA SER B 613 -3.23 19.83 -39.69
C SER B 613 -3.34 18.32 -39.67
N THR B 614 -4.55 17.81 -39.91
CA THR B 614 -4.77 16.37 -39.95
C THR B 614 -3.99 15.72 -41.09
N GLY B 615 -4.03 16.32 -42.27
CA GLY B 615 -3.30 15.79 -43.41
C GLY B 615 -4.02 14.65 -44.07
N ASN B 616 -3.33 14.04 -45.03
CA ASN B 616 -3.90 12.92 -45.78
C ASN B 616 -3.83 11.62 -45.00
N ASN B 617 -2.79 11.45 -44.19
CA ASN B 617 -2.52 10.18 -43.51
C ASN B 617 -3.43 10.03 -42.31
N VAL B 618 -4.54 9.32 -42.48
CA VAL B 618 -5.41 8.89 -41.39
C VAL B 618 -5.53 7.39 -41.45
N PHE B 619 -5.26 6.73 -40.33
CA PHE B 619 -5.28 5.27 -40.24
C PHE B 619 -6.24 4.89 -39.13
N GLN B 620 -7.05 3.86 -39.37
CA GLN B 620 -7.87 3.29 -38.32
C GLN B 620 -7.28 1.95 -37.90
N THR B 621 -6.91 1.85 -36.63
CA THR B 621 -6.41 0.61 -36.04
C THR B 621 -7.40 0.19 -34.96
N GLN B 622 -7.12 -0.96 -34.34
CA GLN B 622 -8.00 -1.44 -33.29
C GLN B 622 -7.83 -0.61 -32.02
N ALA B 623 -6.64 -0.05 -31.81
CA ALA B 623 -6.41 0.81 -30.65
C ALA B 623 -7.13 2.14 -30.80
N GLY B 624 -7.24 2.66 -32.01
CA GLY B 624 -7.91 3.91 -32.24
C GLY B 624 -7.48 4.52 -33.56
N CYS B 625 -7.60 5.84 -33.63
CA CYS B 625 -7.18 6.57 -34.81
C CYS B 625 -5.71 6.97 -34.71
N LEU B 626 -4.98 6.78 -35.80
CA LEU B 626 -3.58 7.19 -35.86
C LEU B 626 -3.45 8.23 -36.96
N ILE B 627 -3.00 9.43 -36.61
CA ILE B 627 -2.92 10.55 -37.52
C ILE B 627 -1.48 11.01 -37.63
N GLY B 628 -0.97 11.06 -38.85
CA GLY B 628 0.37 11.52 -39.13
C GLY B 628 1.37 10.46 -39.51
N ALA B 629 0.93 9.22 -39.69
CA ALA B 629 1.83 8.11 -39.98
C ALA B 629 1.35 7.36 -41.22
N GLU B 630 2.29 7.00 -42.09
CA GLU B 630 1.99 6.44 -43.39
C GLU B 630 2.13 4.93 -43.37
N HIS B 631 1.10 4.22 -43.85
CA HIS B 631 1.14 2.77 -43.88
C HIS B 631 2.15 2.25 -44.90
N VAL B 632 2.84 1.18 -44.54
CA VAL B 632 3.77 0.49 -45.42
C VAL B 632 3.43 -1.00 -45.39
N ASP B 633 3.65 -1.69 -46.51
CA ASP B 633 3.29 -3.09 -46.59
C ASP B 633 4.37 -3.99 -45.99
N THR B 634 5.63 -3.57 -46.07
CA THR B 634 6.72 -4.39 -45.58
C THR B 634 6.71 -4.44 -44.05
N SER B 635 7.27 -5.51 -43.50
CA SER B 635 7.25 -5.76 -42.06
C SER B 635 8.67 -5.70 -41.51
N TYR B 636 8.81 -5.13 -40.32
CA TYR B 636 10.10 -5.03 -39.65
C TYR B 636 9.93 -5.41 -38.19
N GLU B 637 11.03 -5.38 -37.44
CA GLU B 637 10.97 -5.60 -36.01
C GLU B 637 10.33 -4.39 -35.33
N CYS B 638 9.70 -4.63 -34.18
CA CYS B 638 8.94 -3.57 -33.53
C CYS B 638 9.86 -2.54 -32.91
N ASP B 639 9.60 -1.26 -33.19
CA ASP B 639 10.31 -0.14 -32.61
C ASP B 639 9.50 0.57 -31.54
N ILE B 640 8.31 1.06 -31.89
CA ILE B 640 7.41 1.70 -30.94
C ILE B 640 6.09 0.95 -30.98
N PRO B 641 5.70 0.27 -29.93
CA PRO B 641 4.49 -0.57 -29.99
C PRO B 641 3.18 0.20 -29.82
N ILE B 642 2.35 0.21 -30.86
CA ILE B 642 1.03 0.81 -30.74
C ILE B 642 0.01 -0.21 -30.26
N GLY B 643 -0.11 -1.35 -30.94
CA GLY B 643 -1.04 -2.36 -30.46
C GLY B 643 -1.71 -3.16 -31.55
N ALA B 644 -2.28 -4.31 -31.16
CA ALA B 644 -2.91 -5.28 -32.07
C ALA B 644 -1.98 -5.71 -33.20
N GLY B 645 -0.70 -5.85 -32.88
CA GLY B 645 0.28 -6.21 -33.88
C GLY B 645 0.80 -5.05 -34.71
N ILE B 646 0.37 -3.82 -34.42
CA ILE B 646 0.80 -2.65 -35.17
C ILE B 646 1.91 -1.96 -34.40
N CYS B 647 3.03 -1.72 -35.08
CA CYS B 647 4.14 -0.97 -34.52
C CYS B 647 4.43 0.22 -35.43
N ALA B 648 5.22 1.16 -34.93
CA ALA B 648 5.55 2.37 -35.67
C ALA B 648 7.04 2.64 -35.57
N SER B 649 7.60 3.26 -36.60
CA SER B 649 9.03 3.55 -36.60
C SER B 649 9.33 4.69 -37.56
N TYR B 650 10.49 5.32 -37.34
CA TYR B 650 10.95 6.45 -38.15
C TYR B 650 11.89 5.95 -39.23
N HIS B 651 11.37 5.86 -40.46
CA HIS B 651 12.09 5.21 -41.55
C HIS B 651 12.24 6.18 -42.72
N THR B 652 12.89 5.71 -43.77
CA THR B 652 13.06 6.49 -45.00
C THR B 652 12.08 6.03 -46.07
N GLN B 661 14.71 12.48 -46.92
CA GLN B 661 13.36 12.77 -46.42
C GLN B 661 12.79 11.59 -45.66
N LYS B 662 13.04 11.55 -44.36
CA LYS B 662 12.51 10.49 -43.51
C LYS B 662 11.12 10.85 -43.01
N SER B 663 10.38 9.83 -42.58
CA SER B 663 9.03 10.02 -42.08
C SER B 663 8.66 8.87 -41.15
N ILE B 664 7.60 9.08 -40.36
CA ILE B 664 7.09 8.05 -39.47
C ILE B 664 6.15 7.14 -40.23
N VAL B 665 6.36 5.83 -40.09
CA VAL B 665 5.57 4.83 -40.82
C VAL B 665 5.08 3.77 -39.85
N ALA B 666 3.87 3.28 -40.09
CA ALA B 666 3.24 2.28 -39.25
C ALA B 666 3.06 0.98 -40.01
N TYR B 667 3.47 -0.13 -39.41
CA TYR B 667 3.43 -1.43 -40.06
C TYR B 667 2.93 -2.50 -39.10
N THR B 668 2.88 -3.72 -39.59
CA THR B 668 2.65 -4.89 -38.75
C THR B 668 3.97 -5.55 -38.41
N MET B 669 4.18 -5.82 -37.12
CA MET B 669 5.46 -6.35 -36.68
C MET B 669 5.68 -7.77 -37.20
N SER B 670 6.94 -8.05 -37.57
CA SER B 670 7.34 -9.36 -38.09
C SER B 670 7.94 -10.17 -36.96
N LEU B 671 7.46 -11.40 -36.80
CA LEU B 671 7.78 -12.18 -35.61
C LEU B 671 9.19 -12.77 -35.68
N GLY B 672 9.66 -13.07 -36.88
CA GLY B 672 11.03 -13.54 -37.03
C GLY B 672 11.30 -13.96 -38.46
N ALA B 673 12.57 -14.25 -38.73
CA ALA B 673 12.97 -14.71 -40.04
C ALA B 673 12.42 -16.10 -40.30
N ASP B 674 11.91 -16.32 -41.51
CA ASP B 674 11.25 -17.57 -41.87
C ASP B 674 12.27 -18.52 -42.48
N SER B 675 12.36 -19.72 -41.91
CA SER B 675 13.27 -20.74 -42.40
C SER B 675 12.55 -22.08 -42.43
N SER B 676 13.05 -22.99 -43.24
CA SER B 676 12.47 -24.32 -43.43
C SER B 676 13.53 -25.38 -43.21
N ILE B 677 13.19 -26.40 -42.44
CA ILE B 677 14.00 -27.61 -42.28
C ILE B 677 13.16 -28.80 -42.71
N ALA B 678 13.75 -29.66 -43.53
CA ALA B 678 13.07 -30.83 -44.05
C ALA B 678 13.40 -32.04 -43.18
N TYR B 679 12.38 -32.64 -42.57
CA TYR B 679 12.57 -33.88 -41.84
C TYR B 679 12.92 -34.99 -42.81
N SER B 680 13.91 -35.80 -42.43
CA SER B 680 14.25 -37.02 -43.17
C SER B 680 14.64 -38.08 -42.16
N ASN B 681 14.17 -39.31 -42.38
CA ASN B 681 14.28 -40.34 -41.37
C ASN B 681 15.61 -41.09 -41.40
N ASN B 682 16.52 -40.74 -42.31
CA ASN B 682 17.82 -41.38 -42.35
C ASN B 682 18.97 -40.40 -42.56
N THR B 683 18.78 -39.11 -42.26
CA THR B 683 19.81 -38.10 -42.42
C THR B 683 19.96 -37.32 -41.12
N ILE B 684 21.20 -37.08 -40.71
CA ILE B 684 21.49 -36.32 -39.50
C ILE B 684 22.56 -35.28 -39.80
N ALA B 685 22.44 -34.11 -39.19
CA ALA B 685 23.38 -33.01 -39.35
C ALA B 685 24.23 -32.87 -38.11
N ILE B 686 25.53 -32.78 -38.29
CA ILE B 686 26.49 -32.83 -37.20
C ILE B 686 27.46 -31.66 -37.35
N PRO B 687 27.71 -30.87 -36.31
CA PRO B 687 28.62 -29.73 -36.44
C PRO B 687 30.05 -30.17 -36.68
N THR B 688 30.81 -29.33 -37.38
CA THR B 688 32.21 -29.60 -37.66
C THR B 688 33.15 -28.56 -37.08
N ASN B 689 32.64 -27.49 -36.48
CA ASN B 689 33.48 -26.46 -35.89
C ASN B 689 32.77 -25.92 -34.66
N PHE B 690 33.32 -24.85 -34.08
CA PHE B 690 32.69 -24.23 -32.92
C PHE B 690 33.13 -22.78 -32.79
N SER B 691 32.58 -22.12 -31.78
CA SER B 691 32.87 -20.72 -31.48
C SER B 691 32.74 -20.48 -29.98
N ILE B 692 33.42 -19.45 -29.50
CA ILE B 692 33.37 -19.02 -28.11
C ILE B 692 32.67 -17.67 -28.07
N SER B 693 31.61 -17.56 -27.27
CA SER B 693 30.84 -16.33 -27.20
C SER B 693 30.72 -15.86 -25.76
N ILE B 694 30.84 -14.56 -25.54
CA ILE B 694 30.72 -13.95 -24.22
C ILE B 694 29.53 -13.01 -24.21
N THR B 695 28.65 -13.18 -23.22
CA THR B 695 27.37 -12.51 -23.14
C THR B 695 27.28 -11.76 -21.81
N THR B 696 26.74 -10.55 -21.84
CA THR B 696 26.58 -9.75 -20.62
C THR B 696 25.16 -9.90 -20.10
N GLU B 697 25.00 -9.91 -18.79
CA GLU B 697 23.71 -9.97 -18.14
C GLU B 697 23.68 -8.99 -16.96
N VAL B 698 22.73 -8.07 -16.97
CA VAL B 698 22.69 -6.94 -16.05
C VAL B 698 21.54 -7.14 -15.08
N MET B 699 21.84 -7.12 -13.78
CA MET B 699 20.82 -7.45 -12.79
C MET B 699 20.81 -6.41 -11.67
N PRO B 700 19.63 -5.84 -11.34
CA PRO B 700 19.54 -4.96 -10.17
C PRO B 700 19.66 -5.75 -8.87
N VAL B 701 20.24 -5.10 -7.87
CA VAL B 701 20.41 -5.73 -6.56
C VAL B 701 19.85 -4.88 -5.42
N SER B 702 20.14 -3.59 -5.37
CA SER B 702 19.67 -2.75 -4.27
C SER B 702 19.21 -1.41 -4.82
N MET B 703 18.52 -0.65 -3.99
CA MET B 703 18.02 0.67 -4.37
C MET B 703 18.29 1.65 -3.24
N ALA B 704 17.81 2.88 -3.42
CA ALA B 704 18.21 3.96 -2.54
C ALA B 704 17.51 3.90 -1.19
N LYS B 705 18.30 4.01 -0.12
CA LYS B 705 17.76 4.06 1.24
C LYS B 705 17.41 5.51 1.55
N THR B 706 16.12 5.81 1.56
CA THR B 706 15.64 7.16 1.83
C THR B 706 14.81 7.17 3.10
N SER B 707 14.97 8.21 3.89
CA SER B 707 14.20 8.41 5.12
C SER B 707 13.53 9.77 5.06
N VAL B 708 12.40 9.87 5.77
CA VAL B 708 11.62 11.10 5.82
C VAL B 708 11.40 11.45 7.29
N ASP B 709 11.27 12.74 7.56
CA ASP B 709 10.88 13.23 8.88
C ASP B 709 9.41 13.63 8.80
N CYS B 710 8.57 12.97 9.59
CA CYS B 710 7.13 13.18 9.52
C CYS B 710 6.74 14.57 9.99
N ASN B 711 7.24 14.97 11.16
CA ASN B 711 6.88 16.27 11.72
C ASN B 711 7.50 17.41 10.91
N MET B 712 8.60 17.16 10.22
CA MET B 712 9.20 18.23 9.43
C MET B 712 8.54 18.34 8.05
N TYR B 713 8.10 17.21 7.49
CA TYR B 713 7.42 17.27 6.20
C TYR B 713 6.02 17.85 6.35
N ILE B 714 5.28 17.43 7.38
CA ILE B 714 3.90 17.87 7.54
C ILE B 714 3.85 19.24 8.20
N CYS B 715 4.50 19.40 9.34
CA CYS B 715 4.35 20.59 10.15
C CYS B 715 5.52 21.56 10.05
N GLY B 716 6.74 21.05 9.88
CA GLY B 716 7.85 21.96 10.00
C GLY B 716 8.18 22.19 11.47
N ASP B 717 8.37 23.46 11.81
CA ASP B 717 8.70 23.86 13.16
C ASP B 717 7.51 24.46 13.92
N SER B 718 6.31 24.34 13.40
CA SER B 718 5.15 24.90 14.08
C SER B 718 4.74 24.02 15.26
N THR B 719 4.31 24.65 16.35
CA THR B 719 3.93 23.91 17.54
C THR B 719 2.44 23.61 17.57
N GLU B 720 1.63 24.49 16.97
CA GLU B 720 0.18 24.23 16.86
C GLU B 720 -0.09 23.01 15.99
N CYS B 721 0.60 22.93 14.85
CA CYS B 721 0.51 21.74 14.00
C CYS B 721 1.03 20.51 14.72
N ALA B 722 2.10 20.66 15.50
CA ALA B 722 2.67 19.51 16.21
C ALA B 722 1.72 18.99 17.28
N ASN B 723 0.93 19.87 17.89
CA ASN B 723 -0.08 19.41 18.85
C ASN B 723 -1.30 18.82 18.14
N LEU B 724 -1.68 19.38 16.99
CA LEU B 724 -2.84 18.83 16.28
C LEU B 724 -2.51 17.47 15.65
N LEU B 725 -1.25 17.21 15.36
CA LEU B 725 -0.87 15.95 14.73
C LEU B 725 -0.83 14.81 15.73
N LEU B 726 -0.81 15.12 17.03
CA LEU B 726 -0.81 14.06 18.05
C LEU B 726 -2.19 13.41 18.16
N GLN B 727 -3.21 14.06 17.61
CA GLN B 727 -4.58 13.54 17.69
C GLN B 727 -4.75 12.30 16.83
N TYR B 728 -4.10 12.27 15.67
CA TYR B 728 -4.32 11.19 14.70
C TYR B 728 -3.68 9.88 15.17
N GLY B 729 -2.77 9.95 16.11
CA GLY B 729 -2.23 8.77 16.73
C GLY B 729 -0.79 8.58 16.35
N SER B 730 -0.40 7.31 16.26
CA SER B 730 0.96 6.95 15.86
C SER B 730 1.01 6.71 14.36
N PHE B 731 0.80 7.78 13.59
CA PHE B 731 1.00 7.70 12.16
C PHE B 731 2.45 7.96 11.77
N CYS B 732 3.16 8.80 12.49
CA CYS B 732 4.55 9.09 12.11
C CYS B 732 5.47 7.93 12.45
N THR B 733 5.24 7.28 13.59
CA THR B 733 6.13 6.21 14.05
C THR B 733 6.09 5.00 13.13
N GLN B 734 4.90 4.62 12.64
CA GLN B 734 4.82 3.44 11.82
C GLN B 734 5.32 3.69 10.39
N LEU B 735 5.19 4.93 9.89
CA LEU B 735 5.81 5.25 8.61
C LEU B 735 7.32 5.24 8.71
N ASN B 736 7.86 5.77 9.81
CA ASN B 736 9.30 5.71 10.04
C ASN B 736 9.79 4.27 10.15
N ARG B 737 9.02 3.42 10.82
CA ARG B 737 9.37 2.02 10.97
C ARG B 737 9.36 1.28 9.64
N ALA B 738 8.38 1.58 8.77
CA ALA B 738 8.32 0.94 7.46
C ALA B 738 9.52 1.32 6.61
N LEU B 739 9.87 2.60 6.60
CA LEU B 739 11.01 3.05 5.81
C LEU B 739 12.33 2.48 6.33
N SER B 740 12.46 2.35 7.66
CA SER B 740 13.67 1.76 8.22
C SER B 740 13.78 0.27 7.89
N GLY B 741 12.64 -0.44 7.87
CA GLY B 741 12.68 -1.84 7.47
C GLY B 741 13.10 -2.05 6.03
N ILE B 742 12.61 -1.19 5.13
CA ILE B 742 13.06 -1.24 3.74
C ILE B 742 14.57 -0.98 3.65
N ALA B 743 15.06 0.02 4.38
CA ALA B 743 16.47 0.37 4.33
C ALA B 743 17.36 -0.76 4.87
N ALA B 744 16.88 -1.52 5.85
CA ALA B 744 17.67 -2.65 6.34
C ALA B 744 17.70 -3.81 5.35
N GLU B 745 16.56 -4.09 4.70
CA GLU B 745 16.59 -5.20 3.74
C GLU B 745 17.44 -4.85 2.52
N GLN B 746 17.66 -3.56 2.27
CA GLN B 746 18.57 -3.20 1.17
C GLN B 746 20.01 -3.65 1.43
N ASP B 747 20.47 -3.60 2.69
CA ASP B 747 21.81 -4.08 3.00
C ASP B 747 21.86 -5.59 3.03
N ARG B 748 20.76 -6.22 3.47
CA ARG B 748 20.66 -7.68 3.36
C ARG B 748 20.77 -8.14 1.91
N ASN B 749 20.22 -7.38 0.97
CA ASN B 749 20.27 -7.74 -0.45
C ASN B 749 21.68 -7.79 -1.00
N THR B 750 22.53 -6.82 -0.65
CA THR B 750 23.90 -6.80 -1.17
C THR B 750 24.76 -7.86 -0.48
N ARG B 751 24.57 -8.05 0.82
CA ARG B 751 25.31 -9.11 1.52
C ARG B 751 24.96 -10.48 0.98
N GLU B 752 23.69 -10.68 0.59
CA GLU B 752 23.27 -11.96 0.05
C GLU B 752 23.96 -12.29 -1.27
N VAL B 753 24.16 -11.28 -2.13
CA VAL B 753 24.72 -11.54 -3.45
C VAL B 753 26.23 -11.67 -3.39
N PHE B 754 26.92 -10.69 -2.81
CA PHE B 754 28.36 -10.59 -3.06
C PHE B 754 29.21 -11.37 -2.06
N ALA B 755 28.76 -11.56 -0.83
CA ALA B 755 29.55 -12.26 0.17
C ALA B 755 29.37 -13.79 0.04
N GLN B 756 29.94 -14.32 -1.03
CA GLN B 756 29.89 -15.75 -1.32
C GLN B 756 31.15 -16.49 -0.86
N VAL B 757 32.27 -15.78 -0.69
CA VAL B 757 33.55 -16.39 -0.36
C VAL B 757 33.97 -15.97 1.04
N LYS B 758 34.53 -16.94 1.78
CA LYS B 758 35.00 -16.72 3.14
C LYS B 758 36.47 -16.37 3.23
N GLN B 759 37.23 -16.56 2.15
CA GLN B 759 38.65 -16.22 2.11
C GLN B 759 38.90 -15.26 0.96
N MET B 760 39.62 -14.17 1.24
CA MET B 760 40.00 -13.25 0.19
C MET B 760 41.28 -13.75 -0.50
N TYR B 761 41.19 -13.92 -1.81
CA TYR B 761 42.32 -14.37 -2.62
C TYR B 761 42.92 -13.17 -3.31
N LYS B 762 44.22 -12.95 -3.12
CA LYS B 762 44.85 -11.81 -3.79
C LYS B 762 44.98 -12.07 -5.27
N THR B 763 44.87 -11.00 -6.06
CA THR B 763 44.96 -11.10 -7.50
C THR B 763 46.37 -11.49 -7.90
N PRO B 764 46.54 -12.44 -8.82
CA PRO B 764 47.89 -12.87 -9.20
C PRO B 764 48.66 -11.78 -9.93
N THR B 765 49.98 -11.86 -9.83
CA THR B 765 50.85 -10.89 -10.48
C THR B 765 50.80 -11.01 -12.00
N LEU B 766 50.79 -12.24 -12.50
CA LEU B 766 50.77 -12.51 -13.94
C LEU B 766 49.37 -12.96 -14.33
N LYS B 767 48.74 -12.23 -15.23
CA LYS B 767 47.37 -12.47 -15.64
C LYS B 767 47.27 -13.06 -17.04
N TYR B 768 48.11 -14.04 -17.36
CA TYR B 768 48.15 -14.66 -18.69
C TYR B 768 48.27 -16.16 -18.48
N PHE B 769 47.13 -16.84 -18.43
CA PHE B 769 47.03 -18.21 -17.95
C PHE B 769 46.91 -19.15 -19.13
N GLY B 770 48.05 -19.65 -19.63
CA GLY B 770 48.03 -20.58 -20.74
C GLY B 770 47.55 -19.98 -22.04
N GLY B 771 47.66 -18.67 -22.20
CA GLY B 771 47.19 -18.02 -23.41
C GLY B 771 45.92 -17.22 -23.27
N PHE B 772 45.21 -17.34 -22.14
CA PHE B 772 44.00 -16.59 -21.89
C PHE B 772 44.35 -15.31 -21.14
N ASN B 773 44.05 -14.16 -21.74
CA ASN B 773 44.40 -12.87 -21.18
C ASN B 773 43.28 -12.41 -20.25
N PHE B 774 43.59 -12.28 -18.96
CA PHE B 774 42.63 -11.90 -17.93
C PHE B 774 42.85 -10.49 -17.41
N SER B 775 43.57 -9.65 -18.15
CA SER B 775 43.99 -8.37 -17.61
C SER B 775 42.88 -7.33 -17.60
N GLN B 776 41.78 -7.56 -18.31
CA GLN B 776 40.70 -6.58 -18.36
C GLN B 776 39.68 -6.76 -17.26
N ILE B 777 39.68 -7.90 -16.58
CA ILE B 777 38.66 -8.13 -15.55
C ILE B 777 39.29 -8.14 -14.16
N LEU B 778 40.58 -8.41 -14.07
CA LEU B 778 41.29 -8.31 -12.81
C LEU B 778 41.83 -6.90 -12.60
N PRO B 779 42.00 -6.46 -11.35
CA PRO B 779 42.43 -5.07 -11.11
C PRO B 779 43.86 -4.83 -11.56
N ASP B 780 44.10 -3.62 -12.05
CA ASP B 780 45.46 -3.17 -12.32
C ASP B 780 46.19 -2.93 -11.00
N PRO B 781 47.41 -3.47 -10.83
CA PRO B 781 48.13 -3.24 -9.57
C PRO B 781 48.39 -1.78 -9.22
N LEU B 782 48.49 -0.89 -10.20
CA LEU B 782 48.71 0.52 -9.96
C LEU B 782 47.63 1.33 -10.67
N LYS B 783 46.82 2.02 -9.87
CA LYS B 783 45.66 2.79 -10.34
C LYS B 783 45.13 3.59 -9.16
N PRO B 784 44.60 4.79 -9.41
CA PRO B 784 43.92 5.52 -8.32
C PRO B 784 42.71 4.80 -7.75
N THR B 785 41.96 4.06 -8.56
CA THR B 785 40.81 3.28 -8.10
C THR B 785 41.15 1.80 -8.21
N LYS B 786 40.69 1.02 -7.24
CA LYS B 786 41.02 -0.41 -7.22
C LYS B 786 39.91 -1.21 -7.90
N ARG B 787 39.60 -0.81 -9.14
CA ARG B 787 38.59 -1.47 -9.96
C ARG B 787 39.18 -1.79 -11.32
N SER B 788 38.60 -2.76 -12.00
CA SER B 788 39.09 -3.16 -13.31
C SER B 788 38.65 -2.18 -14.39
N PHE B 789 39.09 -2.44 -15.61
CA PHE B 789 38.77 -1.55 -16.73
C PHE B 789 37.29 -1.60 -17.08
N ILE B 790 36.72 -2.80 -17.13
CA ILE B 790 35.31 -2.97 -17.47
C ILE B 790 34.43 -2.37 -16.37
N GLU B 791 34.85 -2.51 -15.12
CA GLU B 791 34.11 -1.88 -14.02
C GLU B 791 34.19 -0.36 -14.10
N ASP B 792 35.32 0.19 -14.52
CA ASP B 792 35.40 1.63 -14.72
C ASP B 792 34.44 2.10 -15.81
N LEU B 793 34.35 1.34 -16.89
CA LEU B 793 33.38 1.64 -17.94
C LEU B 793 31.95 1.59 -17.41
N LEU B 794 31.63 0.57 -16.61
CA LEU B 794 30.28 0.43 -16.08
C LEU B 794 29.92 1.56 -15.12
N PHE B 795 30.85 1.99 -14.28
CA PHE B 795 30.55 3.11 -13.39
C PHE B 795 30.47 4.43 -14.15
N ASN B 796 31.13 4.54 -15.30
CA ASN B 796 30.99 5.76 -16.08
C ASN B 796 29.67 5.81 -16.85
N LYS B 797 29.13 4.66 -17.27
CA LYS B 797 27.97 4.71 -18.16
C LYS B 797 26.69 5.15 -17.44
N VAL B 798 26.44 4.68 -16.22
CA VAL B 798 25.18 4.99 -15.54
C VAL B 798 25.24 6.40 -14.98
N THR B 799 24.30 7.24 -15.40
CA THR B 799 24.25 8.65 -15.01
C THR B 799 23.08 8.85 -14.05
N LEU B 800 23.36 9.51 -12.92
CA LEU B 800 22.32 9.82 -11.96
C LEU B 800 21.81 11.24 -12.16
N ALA B 824 23.58 21.25 3.76
CA ALA B 824 23.01 20.47 2.67
C ALA B 824 21.57 20.08 2.96
N GLN B 825 21.11 20.34 4.19
CA GLN B 825 19.76 19.98 4.59
C GLN B 825 18.74 20.91 3.97
N LYS B 826 17.52 20.40 3.81
CA LYS B 826 16.44 21.11 3.15
C LYS B 826 15.23 21.16 4.07
N PHE B 827 14.34 22.13 3.81
CA PHE B 827 13.18 22.33 4.68
C PHE B 827 12.16 21.20 4.58
N ASN B 828 12.22 20.38 3.52
CA ASN B 828 11.18 19.39 3.30
C ASN B 828 11.37 18.15 4.17
N GLY B 829 12.59 17.88 4.61
CA GLY B 829 12.82 16.81 5.57
C GLY B 829 13.25 15.48 5.00
N LEU B 830 13.67 15.42 3.73
CA LEU B 830 14.07 14.16 3.13
C LEU B 830 15.56 13.91 3.33
N THR B 831 15.94 12.63 3.41
CA THR B 831 17.34 12.26 3.63
C THR B 831 17.62 10.96 2.88
N VAL B 832 18.88 10.77 2.47
CA VAL B 832 19.32 9.50 1.89
C VAL B 832 20.49 8.97 2.72
N LEU B 833 20.33 7.75 3.23
CA LEU B 833 21.35 7.16 4.09
C LEU B 833 22.46 6.51 3.24
N PRO B 834 23.67 6.37 3.79
CA PRO B 834 24.74 5.73 3.04
C PRO B 834 24.64 4.22 3.08
N PRO B 835 25.07 3.52 2.03
CA PRO B 835 25.10 2.06 2.08
C PRO B 835 26.19 1.54 3.01
N LEU B 836 25.98 0.33 3.54
CA LEU B 836 26.93 -0.23 4.48
C LEU B 836 28.20 -0.72 3.79
N LEU B 837 28.07 -1.34 2.64
CA LEU B 837 29.22 -1.82 1.87
C LEU B 837 29.62 -0.75 0.87
N THR B 838 30.85 -0.27 0.96
CA THR B 838 31.33 0.73 0.02
C THR B 838 31.60 0.10 -1.34
N ASP B 839 31.84 0.95 -2.33
CA ASP B 839 32.16 0.46 -3.66
C ASP B 839 33.50 -0.26 -3.68
N ASP B 840 34.42 0.17 -2.83
CA ASP B 840 35.72 -0.49 -2.74
C ASP B 840 35.60 -1.91 -2.21
N MET B 841 34.70 -2.12 -1.24
CA MET B 841 34.52 -3.46 -0.68
C MET B 841 33.87 -4.41 -1.68
N ILE B 842 32.89 -3.92 -2.45
CA ILE B 842 32.26 -4.74 -3.48
C ILE B 842 33.24 -5.08 -4.58
N ALA B 843 34.08 -4.10 -4.95
CA ALA B 843 35.13 -4.37 -5.95
C ALA B 843 36.12 -5.40 -5.45
N ALA B 844 36.48 -5.36 -4.17
CA ALA B 844 37.36 -6.37 -3.60
C ALA B 844 36.71 -7.75 -3.64
N TYR B 845 35.41 -7.81 -3.36
CA TYR B 845 34.69 -9.08 -3.40
C TYR B 845 34.70 -9.70 -4.80
N THR B 846 34.40 -8.89 -5.82
CA THR B 846 34.36 -9.44 -7.18
C THR B 846 35.76 -9.79 -7.68
N ALA B 847 36.78 -9.04 -7.26
CA ALA B 847 38.15 -9.39 -7.62
C ALA B 847 38.56 -10.73 -7.01
N ALA B 848 38.17 -10.97 -5.74
CA ALA B 848 38.47 -12.25 -5.13
C ALA B 848 37.74 -13.39 -5.83
N LEU B 849 36.50 -13.17 -6.24
CA LEU B 849 35.74 -14.20 -6.97
C LEU B 849 36.40 -14.54 -8.30
N VAL B 850 36.80 -13.53 -9.08
CA VAL B 850 37.46 -13.77 -10.36
C VAL B 850 38.79 -14.48 -10.17
N SER B 851 39.58 -14.06 -9.17
CA SER B 851 40.87 -14.69 -8.91
C SER B 851 40.72 -16.14 -8.49
N GLY B 852 39.73 -16.44 -7.64
CA GLY B 852 39.50 -17.82 -7.26
C GLY B 852 39.05 -18.69 -8.41
N THR B 853 38.19 -18.15 -9.27
CA THR B 853 37.74 -18.91 -10.44
C THR B 853 38.89 -19.19 -11.40
N ALA B 854 39.77 -18.22 -11.61
CA ALA B 854 40.89 -18.43 -12.51
C ALA B 854 41.92 -19.40 -11.92
N THR B 855 42.18 -19.30 -10.62
CA THR B 855 43.28 -20.08 -10.04
C THR B 855 42.84 -21.47 -9.60
N ALA B 856 41.83 -21.56 -8.72
CA ALA B 856 41.44 -22.82 -8.14
C ALA B 856 40.26 -23.50 -8.83
N GLY B 857 39.61 -22.83 -9.77
CA GLY B 857 38.53 -23.48 -10.51
C GLY B 857 37.23 -23.47 -9.75
N TRP B 858 36.53 -24.61 -9.79
CA TRP B 858 35.20 -24.71 -9.21
C TRP B 858 35.24 -25.23 -7.78
N THR B 859 36.43 -25.59 -7.29
CA THR B 859 36.52 -26.38 -6.07
C THR B 859 36.31 -25.52 -4.82
N PHE B 860 36.47 -24.21 -4.95
CA PHE B 860 36.49 -23.36 -3.76
C PHE B 860 35.09 -23.06 -3.25
N GLY B 861 34.07 -23.34 -4.06
CA GLY B 861 32.71 -23.22 -3.58
C GLY B 861 32.27 -24.39 -2.72
N ALA B 862 32.66 -25.61 -3.11
CA ALA B 862 32.23 -26.81 -2.39
C ALA B 862 32.98 -26.97 -1.07
N GLY B 863 34.28 -26.75 -1.06
CA GLY B 863 35.05 -26.92 0.15
C GLY B 863 36.28 -26.03 0.16
N ALA B 864 37.40 -26.63 0.55
CA ALA B 864 38.68 -25.95 0.49
C ALA B 864 39.10 -25.74 -0.96
N ALA B 865 39.81 -24.65 -1.22
CA ALA B 865 40.23 -24.36 -2.58
C ALA B 865 41.39 -25.25 -2.99
N LEU B 866 41.28 -25.85 -4.17
CA LEU B 866 42.25 -26.80 -4.69
C LEU B 866 42.82 -26.25 -5.98
N GLN B 867 44.15 -26.13 -6.06
CA GLN B 867 44.77 -25.51 -7.23
C GLN B 867 44.74 -26.45 -8.43
N ILE B 868 44.70 -25.86 -9.63
CA ILE B 868 44.67 -26.60 -10.89
C ILE B 868 45.14 -25.65 -11.98
N PRO B 869 45.85 -26.14 -13.01
CA PRO B 869 46.16 -25.28 -14.16
C PRO B 869 44.90 -24.93 -14.94
N PHE B 870 44.94 -23.80 -15.64
CA PHE B 870 43.74 -23.31 -16.32
C PHE B 870 43.38 -24.18 -17.51
N ALA B 871 44.37 -24.76 -18.19
CA ALA B 871 44.08 -25.61 -19.34
C ALA B 871 43.38 -26.89 -18.93
N MET B 872 43.78 -27.48 -17.80
CA MET B 872 43.13 -28.72 -17.36
C MET B 872 41.75 -28.44 -16.81
N GLN B 873 41.56 -27.26 -16.21
CA GLN B 873 40.22 -26.83 -15.81
C GLN B 873 39.31 -26.67 -17.02
N MET B 874 39.81 -26.09 -18.11
CA MET B 874 38.99 -25.94 -19.29
C MET B 874 38.72 -27.28 -19.96
N ALA B 875 39.65 -28.24 -19.85
CA ALA B 875 39.40 -29.58 -20.35
C ALA B 875 38.28 -30.27 -19.58
N TYR B 876 38.27 -30.11 -18.24
CA TYR B 876 37.15 -30.62 -17.45
C TYR B 876 35.83 -29.94 -17.83
N ARG B 877 35.88 -28.63 -18.10
CA ARG B 877 34.66 -27.92 -18.46
C ARG B 877 34.17 -28.31 -19.85
N PHE B 878 35.07 -28.80 -20.72
CA PHE B 878 34.61 -29.41 -21.97
C PHE B 878 34.01 -30.80 -21.75
N ASN B 879 34.57 -31.59 -20.83
CA ASN B 879 33.92 -32.86 -20.50
C ASN B 879 32.53 -32.66 -19.93
N GLY B 880 32.28 -31.52 -19.31
CA GLY B 880 30.95 -31.22 -18.79
C GLY B 880 29.89 -31.17 -19.87
N ILE B 881 30.19 -30.55 -21.01
CA ILE B 881 29.16 -30.29 -22.03
C ILE B 881 29.11 -31.33 -23.14
N GLY B 882 29.90 -32.41 -23.06
CA GLY B 882 29.78 -33.48 -24.03
C GLY B 882 30.81 -33.49 -25.13
N VAL B 883 31.91 -32.78 -24.97
CA VAL B 883 33.01 -32.76 -25.92
C VAL B 883 34.24 -33.34 -25.23
N THR B 884 34.98 -34.20 -25.92
CA THR B 884 36.08 -34.90 -25.27
C THR B 884 37.25 -33.96 -24.98
N GLN B 885 38.22 -34.48 -24.24
CA GLN B 885 39.35 -33.66 -23.78
C GLN B 885 40.27 -33.28 -24.94
N ASN B 886 40.41 -34.15 -25.94
CA ASN B 886 41.44 -33.93 -26.96
C ASN B 886 41.05 -32.79 -27.89
N VAL B 887 39.79 -32.36 -27.86
CA VAL B 887 39.37 -31.22 -28.68
C VAL B 887 39.98 -29.93 -28.15
N LEU B 888 40.08 -29.78 -26.84
CA LEU B 888 40.69 -28.58 -26.27
C LEU B 888 42.18 -28.52 -26.58
N TYR B 889 42.91 -29.59 -26.29
CA TYR B 889 44.38 -29.55 -26.34
C TYR B 889 44.89 -29.39 -27.77
N GLU B 890 44.26 -30.08 -28.71
CA GLU B 890 44.72 -30.03 -30.10
C GLU B 890 44.35 -28.70 -30.76
N ASN B 891 43.38 -27.98 -30.19
CA ASN B 891 42.95 -26.69 -30.72
C ASN B 891 42.99 -25.59 -29.67
N GLN B 892 44.04 -25.52 -28.85
CA GLN B 892 44.03 -24.61 -27.70
C GLN B 892 44.31 -23.17 -28.14
N LYS B 893 45.16 -22.99 -29.15
CA LYS B 893 45.53 -21.65 -29.60
C LYS B 893 44.33 -20.90 -30.18
N GLN B 894 43.51 -21.60 -30.97
CA GLN B 894 42.31 -20.99 -31.56
C GLN B 894 41.33 -20.55 -30.49
N ILE B 895 41.12 -21.41 -29.47
CA ILE B 895 40.20 -21.10 -28.39
C ILE B 895 40.68 -19.90 -27.58
N ALA B 896 41.99 -19.84 -27.29
CA ALA B 896 42.53 -18.69 -26.57
C ALA B 896 42.38 -17.39 -27.36
N ASN B 897 42.64 -17.45 -28.67
CA ASN B 897 42.53 -16.25 -29.49
C ASN B 897 41.11 -15.73 -29.56
N GLN B 898 40.13 -16.63 -29.74
CA GLN B 898 38.76 -16.13 -29.86
C GLN B 898 38.16 -15.75 -28.51
N PHE B 899 38.68 -16.31 -27.40
CA PHE B 899 38.33 -15.79 -26.08
C PHE B 899 38.80 -14.35 -25.90
N ASN B 900 40.06 -14.08 -26.25
CA ASN B 900 40.59 -12.71 -26.13
C ASN B 900 39.84 -11.74 -27.03
N LYS B 901 39.52 -12.16 -28.25
CA LYS B 901 38.77 -11.31 -29.17
C LYS B 901 37.37 -11.02 -28.65
N ALA B 902 36.72 -12.01 -28.03
CA ALA B 902 35.39 -11.77 -27.46
C ALA B 902 35.42 -10.76 -26.32
N ILE B 903 36.44 -10.84 -25.45
CA ILE B 903 36.57 -9.83 -24.39
C ILE B 903 36.80 -8.44 -24.99
N SER B 904 37.62 -8.37 -26.04
CA SER B 904 37.86 -7.07 -26.70
C SER B 904 36.57 -6.48 -27.28
N GLN B 905 35.74 -7.32 -27.89
CA GLN B 905 34.47 -6.82 -28.44
C GLN B 905 33.52 -6.37 -27.35
N ILE B 906 33.49 -7.06 -26.21
CA ILE B 906 32.66 -6.63 -25.09
C ILE B 906 33.13 -5.27 -24.56
N GLN B 907 34.44 -5.09 -24.46
CA GLN B 907 34.99 -3.81 -24.03
C GLN B 907 34.62 -2.68 -24.99
N GLU B 908 34.70 -2.93 -26.30
CA GLU B 908 34.31 -1.91 -27.28
C GLU B 908 32.82 -1.57 -27.17
N SER B 909 31.96 -2.59 -27.00
CA SER B 909 30.53 -2.33 -26.93
C SER B 909 30.15 -1.56 -25.67
N LEU B 910 30.90 -1.75 -24.58
CA LEU B 910 30.67 -0.91 -23.41
C LEU B 910 31.26 0.48 -23.60
N THR B 911 32.33 0.59 -24.40
CA THR B 911 32.99 1.89 -24.57
C THR B 911 32.14 2.83 -25.42
N THR B 912 31.65 2.37 -26.57
CA THR B 912 31.02 3.29 -27.52
C THR B 912 29.67 3.79 -27.02
N THR B 913 28.71 2.89 -26.88
CA THR B 913 27.38 3.27 -26.41
C THR B 913 26.72 2.05 -25.79
N SER B 914 25.90 2.30 -24.78
CA SER B 914 25.30 1.20 -24.02
C SER B 914 23.94 1.62 -23.50
N THR B 915 22.88 1.07 -24.10
CA THR B 915 21.58 0.98 -23.46
C THR B 915 21.41 -0.34 -22.73
N ALA B 916 22.43 -1.20 -22.76
CA ALA B 916 22.36 -2.49 -22.10
C ALA B 916 22.27 -2.33 -20.59
N LEU B 917 22.82 -1.24 -20.07
CA LEU B 917 22.68 -0.89 -18.66
C LEU B 917 21.43 -0.05 -18.40
N GLY B 918 20.39 -0.22 -19.21
CA GLY B 918 19.15 0.49 -18.97
C GLY B 918 18.47 0.06 -17.70
N LYS B 919 18.57 -1.23 -17.35
CA LYS B 919 17.88 -1.77 -16.19
C LYS B 919 18.38 -1.14 -14.89
N LEU B 920 19.68 -0.84 -14.82
CA LEU B 920 20.19 -0.14 -13.65
C LEU B 920 19.84 1.33 -13.68
N GLN B 921 19.64 1.89 -14.88
CA GLN B 921 19.19 3.28 -14.96
C GLN B 921 17.71 3.38 -14.64
N ASP B 922 16.94 2.38 -15.04
CA ASP B 922 15.50 2.37 -14.81
C ASP B 922 15.20 2.33 -13.31
N VAL B 923 16.02 1.61 -12.54
CA VAL B 923 15.91 1.61 -11.08
C VAL B 923 16.16 3.01 -10.53
N VAL B 924 17.11 3.74 -11.13
CA VAL B 924 17.49 5.06 -10.62
C VAL B 924 16.35 6.06 -10.82
N ASN B 925 15.64 5.96 -11.95
CA ASN B 925 14.67 6.98 -12.33
C ASN B 925 13.42 6.94 -11.44
N GLN B 926 12.84 5.76 -11.21
CA GLN B 926 11.58 5.70 -10.47
C GLN B 926 11.74 6.10 -9.01
N ASN B 927 12.96 6.05 -8.47
CA ASN B 927 13.17 6.64 -7.15
C ASN B 927 13.10 8.15 -7.23
N ALA B 928 13.75 8.75 -8.23
CA ALA B 928 13.81 10.21 -8.32
C ALA B 928 12.47 10.80 -8.72
N GLN B 929 11.67 10.04 -9.46
CA GLN B 929 10.30 10.46 -9.74
C GLN B 929 9.44 10.33 -8.48
N ALA B 930 9.79 9.41 -7.58
CA ALA B 930 9.00 9.20 -6.38
C ALA B 930 9.16 10.37 -5.41
N LEU B 931 10.37 10.92 -5.33
CA LEU B 931 10.60 12.01 -4.39
C LEU B 931 10.13 13.35 -4.95
N ASN B 932 10.23 13.53 -6.27
CA ASN B 932 9.83 14.80 -6.88
C ASN B 932 8.35 15.05 -6.74
N THR B 933 7.54 13.99 -6.68
CA THR B 933 6.12 14.14 -6.40
C THR B 933 5.87 14.39 -4.91
N LEU B 934 6.76 13.90 -4.05
CA LEU B 934 6.59 14.13 -2.61
C LEU B 934 6.87 15.59 -2.26
N VAL B 935 7.86 16.19 -2.91
CA VAL B 935 8.14 17.61 -2.69
C VAL B 935 7.08 18.49 -3.36
N LYS B 936 6.53 18.01 -4.48
CA LYS B 936 5.53 18.77 -5.22
C LYS B 936 4.23 18.94 -4.43
N GLN B 937 3.86 17.92 -3.65
CA GLN B 937 2.60 17.94 -2.93
C GLN B 937 2.60 18.92 -1.76
N LEU B 938 3.75 19.50 -1.42
CA LEU B 938 3.77 20.58 -0.43
C LEU B 938 3.28 21.90 -1.04
N SER B 939 3.15 21.95 -2.36
CA SER B 939 2.73 23.20 -3.00
C SER B 939 1.22 23.34 -3.04
N SER B 940 0.49 22.26 -2.79
CA SER B 940 -0.96 22.31 -2.86
C SER B 940 -1.56 22.80 -1.55
N ASN B 941 -2.78 23.33 -1.62
CA ASN B 941 -3.42 23.87 -0.43
C ASN B 941 -4.53 22.97 0.09
N PHE B 942 -5.01 22.05 -0.75
CA PHE B 942 -5.98 21.00 -0.37
C PHE B 942 -7.28 21.57 0.17
N GLY B 943 -7.63 22.79 -0.26
CA GLY B 943 -8.83 23.44 0.20
C GLY B 943 -8.63 24.55 1.23
N ALA B 944 -7.41 24.77 1.69
CA ALA B 944 -7.14 25.90 2.57
C ALA B 944 -6.88 27.16 1.76
N ILE B 945 -6.59 28.27 2.47
CA ILE B 945 -6.37 29.53 1.78
C ILE B 945 -4.97 29.59 1.19
N SER B 946 -4.03 28.86 1.78
CA SER B 946 -2.63 28.92 1.37
C SER B 946 -1.97 27.57 1.61
N SER B 947 -0.88 27.34 0.90
CA SER B 947 -0.07 26.14 1.07
C SER B 947 1.04 26.33 2.08
N VAL B 948 1.10 27.49 2.73
CA VAL B 948 2.16 27.84 3.67
C VAL B 948 1.55 27.84 5.07
N LEU B 949 2.16 27.10 5.99
CA LEU B 949 1.69 27.13 7.37
C LEU B 949 1.95 28.48 8.02
N ASN B 950 3.05 29.12 7.65
CA ASN B 950 3.46 30.36 8.29
C ASN B 950 2.49 31.50 7.98
N ASP B 951 1.95 31.53 6.75
CA ASP B 951 0.99 32.57 6.40
C ASP B 951 -0.32 32.41 7.16
N ILE B 952 -0.83 31.18 7.24
CA ILE B 952 -2.06 30.92 7.98
C ILE B 952 -1.86 31.25 9.45
N LEU B 953 -0.71 30.91 10.01
CA LEU B 953 -0.45 31.24 11.41
C LEU B 953 -0.22 32.73 11.60
N SER B 954 0.22 33.42 10.55
CA SER B 954 0.56 34.84 10.67
C SER B 954 -0.67 35.73 10.58
N ARG B 955 -1.62 35.40 9.73
CA ARG B 955 -2.73 36.31 9.44
C ARG B 955 -4.09 35.82 9.89
N LEU B 956 -4.16 34.76 10.71
CA LEU B 956 -5.47 34.23 11.09
C LEU B 956 -5.54 33.98 12.58
N ASP B 957 -6.73 34.22 13.14
CA ASP B 957 -7.00 33.97 14.55
C ASP B 957 -7.01 32.46 14.81
N LYS B 958 -6.75 32.08 16.07
CA LYS B 958 -6.42 30.70 16.40
C LYS B 958 -7.56 29.73 16.11
N VAL B 959 -8.78 30.10 16.51
CA VAL B 959 -9.94 29.23 16.29
C VAL B 959 -10.22 29.07 14.80
N GLU B 960 -10.01 30.14 14.02
CA GLU B 960 -10.18 30.04 12.57
C GLU B 960 -8.99 29.33 11.93
N ALA B 961 -7.79 29.50 12.49
CA ALA B 961 -6.60 28.93 11.86
C ALA B 961 -6.54 27.42 12.02
N GLU B 962 -7.13 26.88 13.09
CA GLU B 962 -7.12 25.42 13.27
C GLU B 962 -7.88 24.71 12.17
N VAL B 963 -8.99 25.29 11.71
CA VAL B 963 -9.77 24.68 10.63
C VAL B 963 -8.97 24.67 9.33
N GLN B 964 -8.20 25.72 9.07
CA GLN B 964 -7.37 25.75 7.87
C GLN B 964 -6.21 24.76 7.97
N ILE B 965 -5.61 24.62 9.16
CA ILE B 965 -4.45 23.74 9.31
C ILE B 965 -4.86 22.28 9.22
N ASP B 966 -6.09 21.97 9.64
CA ASP B 966 -6.56 20.58 9.60
C ASP B 966 -6.60 20.02 8.17
N ARG B 967 -6.97 20.84 7.20
CA ARG B 967 -7.01 20.39 5.81
C ARG B 967 -5.62 20.10 5.27
N LEU B 968 -4.65 20.94 5.59
CA LEU B 968 -3.27 20.69 5.19
C LEU B 968 -2.73 19.41 5.80
N ILE B 969 -3.01 19.18 7.09
CA ILE B 969 -2.57 17.97 7.76
C ILE B 969 -3.21 16.73 7.11
N THR B 970 -4.51 16.81 6.82
CA THR B 970 -5.22 15.70 6.20
C THR B 970 -4.68 15.37 4.81
N GLY B 971 -4.38 16.40 4.01
CA GLY B 971 -3.81 16.15 2.69
C GLY B 971 -2.39 15.60 2.74
N ARG B 972 -1.56 16.12 3.64
CA ARG B 972 -0.16 15.71 3.66
C ARG B 972 0.01 14.31 4.24
N LEU B 973 -0.92 13.88 5.10
CA LEU B 973 -0.91 12.47 5.55
C LEU B 973 -1.10 11.52 4.38
N GLN B 974 -2.05 11.79 3.49
CA GLN B 974 -2.24 10.95 2.31
C GLN B 974 -1.05 11.04 1.37
N SER B 975 -0.47 12.24 1.22
CA SER B 975 0.67 12.41 0.32
C SER B 975 1.89 11.63 0.79
N LEU B 976 2.02 11.42 2.10
CA LEU B 976 3.13 10.63 2.61
C LEU B 976 2.80 9.14 2.61
N GLN B 977 1.54 8.80 2.88
CA GLN B 977 1.10 7.40 2.90
C GLN B 977 1.21 6.75 1.53
N THR B 978 0.89 7.50 0.47
CA THR B 978 1.03 6.97 -0.89
C THR B 978 2.47 6.60 -1.20
N TYR B 979 3.42 7.46 -0.83
CA TYR B 979 4.83 7.20 -1.06
C TYR B 979 5.28 5.94 -0.32
N VAL B 980 4.87 5.82 0.94
CA VAL B 980 5.30 4.65 1.74
C VAL B 980 4.74 3.36 1.17
N THR B 981 3.46 3.36 0.77
CA THR B 981 2.86 2.16 0.17
C THR B 981 3.54 1.77 -1.13
N GLN B 982 3.78 2.72 -2.02
CA GLN B 982 4.36 2.39 -3.31
C GLN B 982 5.81 1.94 -3.18
N GLN B 983 6.54 2.48 -2.21
CA GLN B 983 7.92 2.02 -2.00
C GLN B 983 7.94 0.63 -1.36
N LEU B 984 6.96 0.32 -0.52
CA LEU B 984 6.83 -1.05 -0.02
C LEU B 984 6.56 -2.03 -1.15
N ILE B 985 5.80 -1.62 -2.16
CA ILE B 985 5.58 -2.50 -3.31
C ILE B 985 6.84 -2.63 -4.16
N ARG B 986 7.61 -1.55 -4.32
CA ARG B 986 8.82 -1.61 -5.16
C ARG B 986 9.95 -2.41 -4.50
N ALA B 987 9.93 -2.48 -3.16
CA ALA B 987 10.98 -3.23 -2.46
C ALA B 987 10.92 -4.72 -2.75
N ALA B 988 9.71 -5.27 -2.91
CA ALA B 988 9.56 -6.69 -3.24
C ALA B 988 10.08 -6.99 -4.64
N GLU B 989 9.86 -6.05 -5.57
CA GLU B 989 10.37 -6.19 -6.93
C GLU B 989 11.90 -6.18 -6.96
N ILE B 990 12.53 -5.34 -6.14
CA ILE B 990 14.00 -5.38 -6.05
C ILE B 990 14.48 -6.66 -5.38
N ARG B 991 13.75 -7.15 -4.38
CA ARG B 991 14.18 -8.32 -3.63
C ARG B 991 14.14 -9.58 -4.49
N ALA B 992 13.18 -9.66 -5.42
CA ALA B 992 13.17 -10.80 -6.36
C ALA B 992 14.41 -10.82 -7.24
N SER B 993 14.84 -9.66 -7.73
CA SER B 993 16.02 -9.59 -8.59
C SER B 993 17.29 -9.92 -7.82
N ALA B 994 17.40 -9.46 -6.57
CA ALA B 994 18.54 -9.81 -5.75
C ALA B 994 18.58 -11.30 -5.44
N ASN B 995 17.41 -11.91 -5.17
CA ASN B 995 17.36 -13.33 -4.87
C ASN B 995 17.67 -14.17 -6.11
N LEU B 996 17.45 -13.63 -7.31
CA LEU B 996 17.85 -14.36 -8.52
C LEU B 996 19.32 -14.17 -8.83
N ALA B 997 19.87 -12.98 -8.59
CA ALA B 997 21.28 -12.74 -8.84
C ALA B 997 22.16 -13.55 -7.89
N ALA B 998 21.68 -13.78 -6.67
CA ALA B 998 22.40 -14.64 -5.73
C ALA B 998 22.53 -16.06 -6.25
N THR B 999 21.45 -16.62 -6.82
CA THR B 999 21.52 -18.00 -7.28
C THR B 999 22.26 -18.11 -8.61
N LYS B 1000 22.28 -17.04 -9.41
CA LYS B 1000 23.14 -17.03 -10.59
C LYS B 1000 24.61 -17.04 -10.20
N MET B 1001 24.98 -16.28 -9.16
CA MET B 1001 26.35 -16.31 -8.68
C MET B 1001 26.71 -17.67 -8.10
N SER B 1002 25.79 -18.31 -7.37
CA SER B 1002 26.12 -19.62 -6.81
C SER B 1002 26.23 -20.70 -7.87
N GLU B 1003 25.31 -20.72 -8.84
CA GLU B 1003 25.20 -21.84 -9.76
C GLU B 1003 25.91 -21.63 -11.08
N CYS B 1004 26.45 -20.45 -11.34
CA CYS B 1004 27.10 -20.18 -12.62
C CYS B 1004 28.53 -19.71 -12.48
N VAL B 1005 28.83 -18.96 -11.42
CA VAL B 1005 30.20 -18.50 -11.19
C VAL B 1005 30.98 -19.53 -10.40
N LEU B 1006 30.40 -20.06 -9.32
CA LEU B 1006 31.09 -21.01 -8.46
C LEU B 1006 30.98 -22.45 -8.95
N GLY B 1007 30.33 -22.67 -10.09
CA GLY B 1007 30.23 -24.00 -10.67
C GLY B 1007 29.86 -23.91 -12.13
N GLN B 1008 29.46 -25.05 -12.69
CA GLN B 1008 28.93 -25.11 -14.04
C GLN B 1008 27.51 -25.65 -13.98
N SER B 1009 26.60 -25.06 -14.75
CA SER B 1009 25.19 -25.41 -14.71
C SER B 1009 24.75 -26.07 -16.01
N LYS B 1010 23.95 -27.12 -15.88
CA LYS B 1010 23.39 -27.83 -17.03
C LYS B 1010 22.00 -27.33 -17.41
N ARG B 1011 21.46 -26.36 -16.68
CA ARG B 1011 20.14 -25.84 -16.99
C ARG B 1011 20.17 -25.00 -18.25
N VAL B 1012 19.18 -25.20 -19.11
CA VAL B 1012 19.18 -24.60 -20.44
C VAL B 1012 18.83 -23.13 -20.33
N ASP B 1013 19.69 -22.27 -20.89
CA ASP B 1013 19.56 -20.83 -21.03
C ASP B 1013 19.53 -20.10 -19.68
N PHE B 1014 19.90 -20.76 -18.58
CA PHE B 1014 19.99 -20.08 -17.29
C PHE B 1014 21.15 -19.10 -17.29
N CYS B 1015 22.27 -19.47 -17.91
CA CYS B 1015 23.45 -18.62 -17.97
C CYS B 1015 24.00 -18.59 -19.40
N GLY B 1016 23.49 -17.67 -20.19
CA GLY B 1016 23.91 -17.50 -21.57
C GLY B 1016 23.17 -18.40 -22.52
N LYS B 1017 23.42 -18.19 -23.81
CA LYS B 1017 22.80 -18.96 -24.87
C LYS B 1017 23.87 -19.84 -25.52
N GLY B 1018 23.66 -21.15 -25.45
CA GLY B 1018 24.68 -22.12 -25.81
C GLY B 1018 24.93 -23.08 -24.67
N TYR B 1019 26.09 -23.73 -24.73
CA TYR B 1019 26.53 -24.64 -23.68
C TYR B 1019 27.47 -23.88 -22.74
N HIS B 1020 27.12 -23.84 -21.46
CA HIS B 1020 27.83 -23.03 -20.48
C HIS B 1020 29.22 -23.55 -20.23
N LEU B 1021 30.20 -22.65 -20.16
CA LEU B 1021 31.56 -22.98 -19.78
C LEU B 1021 31.96 -22.38 -18.44
N MET B 1022 31.86 -21.06 -18.28
CA MET B 1022 32.27 -20.38 -17.05
C MET B 1022 31.71 -18.96 -17.07
N SER B 1023 31.80 -18.28 -15.93
CA SER B 1023 31.23 -16.95 -15.81
C SER B 1023 32.07 -16.10 -14.87
N PHE B 1024 31.96 -14.77 -15.06
CA PHE B 1024 32.72 -13.79 -14.29
C PHE B 1024 31.78 -12.73 -13.73
N PRO B 1025 31.89 -12.38 -12.46
CA PRO B 1025 31.08 -11.29 -11.92
C PRO B 1025 31.78 -9.93 -12.02
N GLN B 1026 31.02 -8.86 -12.25
CA GLN B 1026 31.55 -7.51 -12.21
C GLN B 1026 30.54 -6.62 -11.49
N ALA B 1027 31.04 -5.64 -10.74
CA ALA B 1027 30.14 -4.73 -10.04
C ALA B 1027 29.63 -3.66 -10.98
N ALA B 1028 28.57 -2.97 -10.57
CA ALA B 1028 28.01 -1.86 -11.32
C ALA B 1028 27.26 -1.00 -10.30
N PRO B 1029 26.85 0.21 -10.68
CA PRO B 1029 26.03 1.00 -9.75
C PRO B 1029 24.67 0.35 -9.47
N HIS B 1030 24.47 -0.01 -8.20
CA HIS B 1030 23.24 -0.65 -7.72
C HIS B 1030 22.94 -1.98 -8.43
N GLY B 1031 23.96 -2.76 -8.77
CA GLY B 1031 23.69 -4.01 -9.46
C GLY B 1031 24.96 -4.75 -9.84
N VAL B 1032 24.75 -5.92 -10.46
CA VAL B 1032 25.83 -6.81 -10.84
C VAL B 1032 25.72 -7.10 -12.32
N VAL B 1033 26.84 -7.39 -12.97
CA VAL B 1033 26.89 -7.77 -14.38
C VAL B 1033 27.67 -9.06 -14.50
N PHE B 1034 27.03 -10.10 -15.02
CA PHE B 1034 27.69 -11.38 -15.26
C PHE B 1034 28.16 -11.44 -16.71
N LEU B 1035 29.38 -11.91 -16.91
CA LEU B 1035 29.92 -12.19 -18.23
C LEU B 1035 29.98 -13.71 -18.40
N HIS B 1036 29.20 -14.23 -19.33
CA HIS B 1036 28.99 -15.66 -19.52
C HIS B 1036 29.77 -16.12 -20.74
N VAL B 1037 30.57 -17.19 -20.59
CA VAL B 1037 31.32 -17.76 -21.69
C VAL B 1037 30.63 -19.05 -22.12
N THR B 1038 30.30 -19.16 -23.40
CA THR B 1038 29.52 -20.29 -23.89
C THR B 1038 30.11 -20.82 -25.19
N TYR B 1039 29.80 -22.09 -25.48
CA TYR B 1039 30.33 -22.85 -26.60
C TYR B 1039 29.22 -23.00 -27.64
N VAL B 1040 29.45 -22.49 -28.84
CA VAL B 1040 28.42 -22.44 -29.88
C VAL B 1040 28.85 -23.34 -31.04
N PRO B 1041 28.12 -24.42 -31.32
CA PRO B 1041 28.48 -25.25 -32.48
C PRO B 1041 28.22 -24.53 -33.79
N SER B 1042 28.96 -24.92 -34.82
CA SER B 1042 28.87 -24.26 -36.11
C SER B 1042 29.34 -25.18 -37.22
N GLN B 1043 29.01 -24.80 -38.45
CA GLN B 1043 29.38 -25.48 -39.69
C GLN B 1043 28.86 -26.92 -39.73
N GLU B 1044 27.54 -27.01 -39.82
CA GLU B 1044 26.86 -28.29 -39.87
C GLU B 1044 27.14 -29.02 -41.19
N ARG B 1045 26.87 -30.33 -41.20
CA ARG B 1045 27.03 -31.16 -42.38
C ARG B 1045 26.05 -32.33 -42.31
N ASN B 1046 25.63 -32.80 -43.48
CA ASN B 1046 24.68 -33.91 -43.61
C ASN B 1046 25.41 -35.23 -43.66
N PHE B 1047 24.85 -36.25 -43.03
CA PHE B 1047 25.31 -37.62 -43.16
C PHE B 1047 24.12 -38.56 -43.19
N THR B 1048 24.32 -39.72 -43.80
CA THR B 1048 23.34 -40.79 -43.70
C THR B 1048 23.62 -41.61 -42.45
N THR B 1049 22.58 -41.87 -41.66
CA THR B 1049 22.73 -42.48 -40.36
C THR B 1049 21.82 -43.68 -40.21
N ALA B 1050 22.20 -44.59 -39.30
CA ALA B 1050 21.47 -45.81 -39.04
C ALA B 1050 21.34 -46.03 -37.54
N PRO B 1051 20.26 -46.66 -37.08
CA PRO B 1051 20.13 -46.93 -35.64
C PRO B 1051 21.15 -47.91 -35.11
N ALA B 1052 21.26 -49.08 -35.70
CA ALA B 1052 22.22 -50.09 -35.29
C ALA B 1052 22.75 -50.78 -36.54
N ILE B 1053 23.79 -51.60 -36.35
CA ILE B 1053 24.35 -52.42 -37.42
C ILE B 1053 24.31 -53.87 -36.97
N CYS B 1054 24.23 -54.79 -37.94
CA CYS B 1054 24.18 -56.23 -37.68
C CYS B 1054 25.37 -56.88 -38.36
N HIS B 1055 26.28 -57.44 -37.57
CA HIS B 1055 27.50 -58.02 -38.12
C HIS B 1055 27.37 -59.51 -38.40
N GLU B 1056 27.14 -60.34 -37.37
CA GLU B 1056 26.90 -61.76 -37.57
C GLU B 1056 25.71 -62.15 -36.69
N GLY B 1057 24.50 -61.95 -37.22
CA GLY B 1057 23.28 -62.29 -36.51
C GLY B 1057 23.02 -61.52 -35.24
N LYS B 1058 23.76 -60.45 -34.96
CA LYS B 1058 23.66 -59.72 -33.71
C LYS B 1058 23.69 -58.23 -33.97
N ALA B 1059 22.86 -57.49 -33.24
CA ALA B 1059 22.71 -56.05 -33.39
C ALA B 1059 23.64 -55.33 -32.43
N TYR B 1060 24.43 -54.40 -32.94
CA TYR B 1060 25.38 -53.63 -32.14
C TYR B 1060 24.92 -52.18 -32.08
N PHE B 1061 24.90 -51.61 -30.88
CA PHE B 1061 24.51 -50.22 -30.69
C PHE B 1061 25.71 -49.42 -30.22
N PRO B 1062 25.77 -48.12 -30.50
CA PRO B 1062 26.88 -47.31 -30.00
C PRO B 1062 26.78 -47.09 -28.49
N ARG B 1063 27.93 -47.02 -27.84
CA ARG B 1063 27.94 -46.64 -26.42
C ARG B 1063 27.59 -45.17 -26.24
N GLU B 1064 28.24 -44.29 -26.99
CA GLU B 1064 27.89 -42.88 -27.04
C GLU B 1064 28.14 -42.38 -28.45
N GLY B 1065 27.25 -41.54 -28.93
CA GLY B 1065 27.39 -41.01 -30.28
C GLY B 1065 26.45 -41.66 -31.27
N VAL B 1066 26.73 -41.39 -32.54
CA VAL B 1066 25.89 -41.83 -33.65
C VAL B 1066 26.75 -42.48 -34.72
N PHE B 1067 26.14 -43.37 -35.50
CA PHE B 1067 26.78 -43.90 -36.70
C PHE B 1067 26.62 -42.90 -37.84
N VAL B 1068 27.66 -42.80 -38.67
CA VAL B 1068 27.63 -41.92 -39.84
C VAL B 1068 28.18 -42.67 -41.04
N PHE B 1069 27.87 -42.14 -42.22
CA PHE B 1069 28.29 -42.70 -43.49
C PHE B 1069 29.13 -41.66 -44.23
N ASN B 1070 30.43 -41.66 -43.97
CA ASN B 1070 31.38 -40.90 -44.77
C ASN B 1070 31.65 -41.69 -46.05
N GLY B 1071 31.11 -41.22 -47.17
CA GLY B 1071 31.53 -41.74 -48.47
C GLY B 1071 31.25 -43.21 -48.64
N THR B 1072 32.31 -44.01 -48.50
CA THR B 1072 32.21 -45.44 -48.72
C THR B 1072 32.00 -46.21 -47.42
N SER B 1073 32.59 -45.75 -46.32
CA SER B 1073 32.69 -46.55 -45.10
C SER B 1073 31.91 -45.89 -43.96
N TRP B 1074 31.45 -46.71 -43.02
CA TRP B 1074 30.72 -46.22 -41.85
C TRP B 1074 31.68 -45.91 -40.71
N PHE B 1075 31.32 -44.91 -39.91
CA PHE B 1075 32.10 -44.50 -38.75
C PHE B 1075 31.16 -44.28 -37.58
N ILE B 1076 31.74 -44.01 -36.41
CA ILE B 1076 31.00 -43.63 -35.22
C ILE B 1076 31.60 -42.33 -34.69
N THR B 1077 30.74 -41.37 -34.36
CA THR B 1077 31.22 -40.06 -33.93
C THR B 1077 30.36 -39.54 -32.79
N GLN B 1078 30.85 -38.52 -32.10
CA GLN B 1078 30.06 -37.88 -31.07
C GLN B 1078 29.07 -36.91 -31.70
N ARG B 1079 28.07 -36.51 -30.92
CA ARG B 1079 26.96 -35.73 -31.46
C ARG B 1079 27.35 -34.28 -31.73
N ASN B 1080 28.10 -33.66 -30.82
CA ASN B 1080 28.29 -32.22 -30.89
C ASN B 1080 29.45 -31.83 -31.79
N PHE B 1081 30.49 -32.64 -31.87
CA PHE B 1081 31.64 -32.35 -32.69
C PHE B 1081 31.86 -33.53 -33.63
N PHE B 1082 32.41 -33.26 -34.81
CA PHE B 1082 32.62 -34.31 -35.80
C PHE B 1082 34.04 -34.84 -35.68
N SER B 1083 34.18 -36.01 -35.05
CA SER B 1083 35.44 -36.73 -35.01
C SER B 1083 35.18 -38.19 -35.33
N PRO B 1084 35.38 -38.63 -36.57
CA PRO B 1084 35.00 -40.00 -36.94
C PRO B 1084 36.01 -41.05 -36.50
N GLN B 1085 35.51 -42.15 -35.95
CA GLN B 1085 36.36 -43.22 -35.44
C GLN B 1085 35.93 -44.55 -36.03
N ILE B 1086 36.88 -45.50 -36.05
CA ILE B 1086 36.58 -46.83 -36.55
C ILE B 1086 35.63 -47.55 -35.60
N ILE B 1087 34.63 -48.24 -36.17
CA ILE B 1087 33.73 -49.03 -35.35
C ILE B 1087 34.46 -50.25 -34.80
N THR B 1088 34.46 -50.39 -33.48
CA THR B 1088 35.28 -51.38 -32.80
C THR B 1088 34.40 -51.95 -31.69
N THR B 1089 34.81 -53.09 -31.12
CA THR B 1089 34.04 -53.67 -30.03
C THR B 1089 34.17 -52.83 -28.75
N ASP B 1090 35.18 -51.96 -28.69
CA ASP B 1090 35.36 -51.10 -27.52
C ASP B 1090 34.23 -50.09 -27.36
N ASN B 1091 33.82 -49.45 -28.45
CA ASN B 1091 32.84 -48.37 -28.36
C ASN B 1091 31.44 -48.79 -28.82
N THR B 1092 31.18 -50.08 -28.97
CA THR B 1092 29.85 -50.59 -29.28
C THR B 1092 29.49 -51.66 -28.24
N PHE B 1093 28.19 -51.87 -28.05
CA PHE B 1093 27.71 -52.91 -27.15
C PHE B 1093 26.64 -53.75 -27.82
N VAL B 1094 26.55 -55.02 -27.42
CA VAL B 1094 25.77 -56.03 -28.13
C VAL B 1094 24.49 -56.31 -27.37
N SER B 1095 23.37 -56.38 -28.08
CA SER B 1095 22.09 -56.74 -27.49
C SER B 1095 21.15 -57.26 -28.57
N GLY B 1096 20.63 -58.47 -28.35
CA GLY B 1096 19.56 -58.99 -29.18
C GLY B 1096 20.02 -59.49 -30.55
N ASN B 1097 19.03 -59.64 -31.43
CA ASN B 1097 19.25 -60.05 -32.81
C ASN B 1097 18.90 -58.89 -33.73
N CYS B 1098 19.36 -58.97 -34.97
CA CYS B 1098 19.11 -57.91 -35.95
C CYS B 1098 17.84 -58.17 -36.75
N ASP B 1099 16.74 -58.32 -36.00
CA ASP B 1099 15.42 -58.47 -36.61
C ASP B 1099 14.46 -57.38 -36.13
N VAL B 1100 14.46 -57.11 -34.82
CA VAL B 1100 13.43 -56.25 -34.24
C VAL B 1100 13.73 -54.77 -34.52
N VAL B 1101 15.00 -54.44 -34.71
CA VAL B 1101 15.38 -53.05 -34.97
C VAL B 1101 14.99 -52.68 -36.40
N ILE B 1102 14.37 -51.51 -36.55
CA ILE B 1102 13.89 -51.01 -37.84
C ILE B 1102 14.91 -50.02 -38.36
N GLY B 1103 15.51 -50.32 -39.52
CA GLY B 1103 16.49 -49.44 -40.11
C GLY B 1103 17.91 -49.97 -39.97
N ILE B 1104 18.03 -51.22 -39.55
CA ILE B 1104 19.35 -51.78 -39.30
C ILE B 1104 20.02 -52.14 -40.62
N ILE B 1105 21.35 -52.11 -40.64
CA ILE B 1105 22.14 -52.31 -41.85
C ILE B 1105 23.11 -53.46 -41.64
N ASN B 1106 23.93 -53.71 -42.67
CA ASN B 1106 25.02 -54.68 -42.62
C ASN B 1106 26.34 -53.94 -42.76
N ASN B 1107 27.24 -54.13 -41.80
CA ASN B 1107 28.58 -53.57 -41.90
C ASN B 1107 29.53 -54.39 -41.05
N THR B 1108 30.82 -54.29 -41.38
CA THR B 1108 31.84 -55.04 -40.67
C THR B 1108 32.23 -54.33 -39.38
N VAL B 1109 32.55 -55.11 -38.35
CA VAL B 1109 33.00 -54.60 -37.07
C VAL B 1109 34.41 -55.11 -36.81
N TYR B 1110 35.36 -54.19 -36.65
CA TYR B 1110 36.72 -54.58 -36.36
C TYR B 1110 36.83 -55.11 -34.92
N ASP B 1111 37.63 -56.15 -34.75
CA ASP B 1111 37.91 -56.73 -33.45
C ASP B 1111 39.34 -56.39 -33.06
N PRO B 1112 39.55 -55.75 -31.90
CA PRO B 1112 40.93 -55.33 -31.57
C PRO B 1112 41.83 -56.47 -31.13
N LEU B 1113 41.27 -57.66 -30.92
CA LEU B 1113 41.99 -58.89 -30.58
C LEU B 1113 42.81 -58.75 -29.30
N THR C 21 22.18 21.41 53.23
CA THR C 21 22.71 20.20 52.59
C THR C 21 21.91 19.88 51.33
N GLN C 22 22.36 18.87 50.60
CA GLN C 22 21.68 18.43 49.37
C GLN C 22 21.78 16.92 49.27
N HIS C 23 20.68 16.27 48.92
CA HIS C 23 20.66 14.83 48.75
C HIS C 23 20.04 14.49 47.40
N THR C 24 19.96 13.20 47.10
CA THR C 24 19.39 12.72 45.86
C THR C 24 18.08 11.99 46.15
N SER C 25 17.16 12.03 45.19
CA SER C 25 15.86 11.39 45.34
C SER C 25 15.72 10.30 44.29
N SER C 26 16.13 9.09 44.63
CA SER C 26 16.24 8.01 43.67
C SER C 26 14.96 7.21 43.63
N MET C 27 14.28 7.23 42.47
CA MET C 27 13.08 6.43 42.21
C MET C 27 11.98 6.71 43.23
N ARG C 28 11.82 7.98 43.59
CA ARG C 28 11.01 8.39 44.72
C ARG C 28 10.01 9.44 44.29
N GLY C 29 8.78 9.32 44.78
CA GLY C 29 7.77 10.33 44.56
C GLY C 29 6.71 10.00 43.54
N VAL C 30 6.55 8.72 43.17
CA VAL C 30 5.54 8.35 42.20
C VAL C 30 4.19 8.22 42.88
N TYR C 31 3.15 8.73 42.24
CA TYR C 31 1.79 8.64 42.75
C TYR C 31 0.88 8.06 41.68
N TYR C 32 -0.34 7.72 42.09
CA TYR C 32 -1.34 7.22 41.15
C TYR C 32 -1.88 8.37 40.33
N PRO C 33 -1.82 8.32 39.00
CA PRO C 33 -2.31 9.45 38.19
C PRO C 33 -3.81 9.64 38.23
N ASP C 34 -4.59 8.56 38.08
CA ASP C 34 -6.05 8.67 38.03
C ASP C 34 -6.69 7.58 38.88
N GLU C 35 -8.01 7.69 39.01
CA GLU C 35 -8.79 6.77 39.84
C GLU C 35 -9.46 5.71 38.95
N ILE C 36 -8.63 4.97 38.23
CA ILE C 36 -9.08 3.93 37.31
C ILE C 36 -8.25 2.68 37.56
N PHE C 37 -8.93 1.55 37.72
CA PHE C 37 -8.22 0.29 37.95
C PHE C 37 -7.54 -0.17 36.67
N ARG C 38 -6.28 -0.60 36.81
CA ARG C 38 -5.51 -1.18 35.71
C ARG C 38 -4.68 -2.32 36.26
N SER C 39 -4.40 -3.30 35.41
CA SER C 39 -3.61 -4.44 35.83
C SER C 39 -2.97 -5.11 34.63
N ASP C 40 -1.78 -5.67 34.86
CA ASP C 40 -1.02 -6.42 33.85
C ASP C 40 -0.78 -5.61 32.58
N THR C 41 -0.20 -4.42 32.74
CA THR C 41 -0.04 -3.51 31.61
C THR C 41 1.14 -2.58 31.87
N LEU C 42 1.55 -1.89 30.80
CA LEU C 42 2.52 -0.80 30.86
C LEU C 42 1.83 0.46 30.37
N TYR C 43 1.91 1.54 31.15
CA TYR C 43 1.11 2.73 30.90
C TYR C 43 2.00 3.96 30.85
N LEU C 44 1.92 4.72 29.74
CA LEU C 44 2.67 5.95 29.57
C LEU C 44 1.78 7.14 29.91
N THR C 45 2.23 7.96 30.86
CA THR C 45 1.44 9.12 31.25
C THR C 45 2.34 10.35 31.28
N GLN C 46 1.72 11.51 31.05
CA GLN C 46 2.41 12.78 30.97
C GLN C 46 1.85 13.71 32.03
N ASP C 47 2.66 14.06 33.03
CA ASP C 47 2.15 14.80 34.16
C ASP C 47 3.31 15.45 34.91
N LEU C 48 2.97 16.17 35.98
CA LEU C 48 3.97 16.73 36.88
C LEU C 48 4.49 15.64 37.81
N PHE C 49 5.71 15.19 37.59
CA PHE C 49 6.33 14.14 38.37
C PHE C 49 7.65 14.66 38.92
N LEU C 50 8.07 14.10 40.05
CA LEU C 50 9.41 14.38 40.54
C LEU C 50 10.42 13.53 39.77
N PRO C 51 11.38 14.13 39.08
CA PRO C 51 12.28 13.36 38.22
C PRO C 51 13.20 12.46 39.02
N PHE C 52 13.60 11.36 38.39
CA PHE C 52 14.46 10.41 39.06
C PHE C 52 15.86 10.99 39.24
N TYR C 53 16.46 10.68 40.39
CA TYR C 53 17.82 11.09 40.74
C TYR C 53 18.00 12.60 40.68
N SER C 54 17.01 13.34 41.16
CA SER C 54 17.07 14.79 41.24
C SER C 54 17.60 15.20 42.60
N ASN C 55 17.97 16.47 42.71
CA ASN C 55 18.52 17.00 43.95
C ASN C 55 17.41 17.55 44.85
N VAL C 56 17.39 17.11 46.10
CA VAL C 56 16.40 17.54 47.08
C VAL C 56 17.14 18.28 48.19
N THR C 57 16.53 19.36 48.68
CA THR C 57 17.16 20.16 49.72
C THR C 57 16.66 19.73 51.09
N GLY C 58 17.59 19.48 52.01
CA GLY C 58 17.22 18.98 53.31
C GLY C 58 17.40 19.99 54.43
N PHE C 59 16.46 20.01 55.37
CA PHE C 59 16.55 20.86 56.55
C PHE C 59 16.52 19.98 57.79
N HIS C 60 17.44 20.24 58.72
CA HIS C 60 17.55 19.47 59.94
C HIS C 60 17.12 20.30 61.15
N ASN C 68 12.90 27.86 60.34
CA ASN C 68 11.77 27.72 59.43
C ASN C 68 11.85 28.69 58.25
N PRO C 69 12.60 28.33 57.22
CA PRO C 69 12.69 29.21 56.05
C PRO C 69 11.40 29.22 55.25
N VAL C 70 11.26 30.25 54.41
CA VAL C 70 10.10 30.37 53.53
C VAL C 70 10.49 29.75 52.19
N ILE C 71 10.24 28.44 52.06
CA ILE C 71 10.63 27.72 50.85
C ILE C 71 9.68 28.07 49.71
N PRO C 72 10.17 28.37 48.51
CA PRO C 72 9.27 28.68 47.40
C PRO C 72 8.51 27.46 46.90
N PHE C 73 7.37 27.73 46.26
CA PHE C 73 6.45 26.73 45.73
C PHE C 73 6.33 26.99 44.23
N LYS C 74 7.16 26.32 43.43
CA LYS C 74 7.26 26.69 42.03
C LYS C 74 6.17 26.07 41.17
N ASP C 75 6.14 24.75 41.06
CA ASP C 75 5.06 24.03 40.39
C ASP C 75 4.37 23.02 41.29
N GLY C 76 5.12 22.37 42.17
CA GLY C 76 4.59 21.49 43.19
C GLY C 76 5.74 21.19 44.10
N ILE C 77 5.46 20.53 45.21
CA ILE C 77 6.53 20.06 46.08
C ILE C 77 6.30 18.61 46.44
N TYR C 78 7.40 17.87 46.52
CA TYR C 78 7.45 16.58 47.19
C TYR C 78 8.13 16.81 48.53
N PHE C 79 7.38 16.65 49.61
CA PHE C 79 7.82 16.96 50.95
C PHE C 79 7.90 15.67 51.75
N ALA C 80 9.10 15.32 52.20
CA ALA C 80 9.32 14.08 52.92
C ALA C 80 9.86 14.37 54.30
N ALA C 81 9.10 14.03 55.34
CA ALA C 81 9.49 14.32 56.72
C ALA C 81 9.78 13.02 57.44
N THR C 82 10.91 12.97 58.14
CA THR C 82 11.28 11.81 58.95
C THR C 82 11.43 12.25 60.40
N GLU C 83 10.91 11.44 61.32
CA GLU C 83 10.86 11.78 62.73
C GLU C 83 10.58 10.55 63.57
N LYS C 84 11.32 10.41 64.67
CA LYS C 84 11.00 9.38 65.65
C LYS C 84 9.76 9.76 66.45
N SER C 85 9.69 11.00 66.91
CA SER C 85 8.53 11.53 67.61
C SER C 85 7.90 12.60 66.73
N ASN C 86 6.57 12.73 66.81
CA ASN C 86 5.86 13.61 65.90
C ASN C 86 6.21 15.07 66.15
N VAL C 87 6.94 15.66 65.22
CA VAL C 87 7.34 17.06 65.30
C VAL C 87 6.69 17.93 64.23
N VAL C 88 6.70 17.51 62.97
CA VAL C 88 6.17 18.31 61.87
C VAL C 88 4.66 18.19 61.89
N ARG C 89 3.98 19.29 62.24
CA ARG C 89 2.53 19.34 62.28
C ARG C 89 2.04 20.41 61.32
N GLY C 90 1.74 20.01 60.09
CA GLY C 90 1.05 20.88 59.17
C GLY C 90 1.92 21.92 58.51
N TRP C 91 1.30 22.70 57.63
CA TRP C 91 1.99 23.68 56.81
C TRP C 91 1.13 24.93 56.72
N VAL C 92 1.67 25.95 56.08
CA VAL C 92 0.92 27.14 55.70
C VAL C 92 1.31 27.49 54.26
N PHE C 93 0.31 27.77 53.43
CA PHE C 93 0.52 28.09 52.02
C PHE C 93 -0.03 29.47 51.77
N GLY C 94 0.69 30.27 50.98
CA GLY C 94 0.20 31.60 50.71
C GLY C 94 0.97 32.28 49.61
N SER C 95 0.49 33.47 49.23
CA SER C 95 1.17 34.26 48.22
C SER C 95 2.15 35.23 48.85
N THR C 96 1.67 36.10 49.74
CA THR C 96 2.51 37.11 50.36
C THR C 96 2.77 36.89 51.84
N MET C 97 2.10 35.92 52.47
CA MET C 97 2.28 35.56 53.88
C MET C 97 2.07 36.76 54.82
N ASN C 98 1.06 37.59 54.51
CA ASN C 98 0.71 38.73 55.33
C ASN C 98 -0.80 38.87 55.38
N ASN C 99 -1.25 40.05 55.81
CA ASN C 99 -2.68 40.33 55.83
C ASN C 99 -3.21 40.72 54.45
N LYS C 100 -2.30 40.98 53.50
CA LYS C 100 -2.71 41.60 52.25
C LYS C 100 -3.39 40.60 51.32
N SER C 101 -3.00 39.33 51.36
CA SER C 101 -3.51 38.34 50.42
C SER C 101 -3.98 37.10 51.15
N GLN C 102 -4.76 36.29 50.42
CA GLN C 102 -5.36 35.09 50.99
C GLN C 102 -4.31 34.02 51.25
N SER C 103 -4.51 33.25 52.33
CA SER C 103 -3.60 32.17 52.66
C SER C 103 -4.36 31.04 53.34
N VAL C 104 -3.87 29.82 53.13
CA VAL C 104 -4.52 28.60 53.63
C VAL C 104 -3.56 27.92 54.60
N ILE C 105 -4.11 27.37 55.68
CA ILE C 105 -3.35 26.60 56.66
C ILE C 105 -3.95 25.21 56.77
N ILE C 106 -3.09 24.19 56.67
CA ILE C 106 -3.42 22.82 57.00
C ILE C 106 -2.66 22.48 58.27
N ILE C 107 -3.36 22.00 59.29
CA ILE C 107 -2.73 21.67 60.56
C ILE C 107 -3.57 20.63 61.25
N ASN C 108 -2.92 19.69 61.92
CA ASN C 108 -3.61 18.71 62.74
C ASN C 108 -3.22 18.89 64.20
N ASN C 109 -4.24 19.08 65.04
CA ASN C 109 -4.02 18.89 66.45
C ASN C 109 -4.30 17.43 66.80
N SER C 110 -4.04 17.07 68.06
CA SER C 110 -3.91 15.66 68.43
C SER C 110 -5.20 14.87 68.24
N THR C 111 -6.33 15.57 68.04
CA THR C 111 -7.56 14.88 67.71
C THR C 111 -7.93 15.05 66.23
N ASN C 112 -7.73 16.23 65.67
CA ASN C 112 -8.40 16.58 64.41
C ASN C 112 -7.42 17.10 63.37
N VAL C 113 -7.86 17.06 62.12
CA VAL C 113 -7.21 17.71 60.99
C VAL C 113 -8.11 18.85 60.53
N VAL C 114 -7.59 20.08 60.55
CA VAL C 114 -8.37 21.26 60.24
C VAL C 114 -7.67 22.06 59.14
N ILE C 115 -8.43 22.43 58.12
CA ILE C 115 -7.95 23.25 57.01
C ILE C 115 -8.76 24.53 57.00
N ARG C 116 -8.09 25.67 56.96
CA ARG C 116 -8.79 26.94 56.96
C ARG C 116 -8.11 27.91 56.02
N ALA C 117 -8.88 28.58 55.17
CA ALA C 117 -8.33 29.54 54.21
C ALA C 117 -8.90 30.91 54.48
N CYS C 118 -8.08 31.80 55.06
CA CYS C 118 -8.55 33.14 55.43
C CYS C 118 -7.40 34.12 55.28
N ASN C 119 -7.68 35.38 55.54
CA ASN C 119 -6.59 36.34 55.70
C ASN C 119 -5.99 36.22 57.10
N PHE C 120 -4.76 35.75 57.18
CA PHE C 120 -4.14 35.47 58.46
C PHE C 120 -3.09 36.53 58.77
N GLU C 121 -2.80 36.68 60.06
CA GLU C 121 -1.61 37.35 60.53
C GLU C 121 -0.55 36.28 60.81
N LEU C 122 0.59 36.39 60.14
CA LEU C 122 1.63 35.37 60.20
C LEU C 122 2.95 35.98 60.64
N CYS C 123 3.51 35.45 61.72
CA CYS C 123 4.82 35.85 62.21
C CYS C 123 5.39 34.72 63.05
N ASP C 124 6.69 34.47 62.87
CA ASP C 124 7.36 33.42 63.61
C ASP C 124 8.83 33.79 63.86
N ASN C 145 -6.17 36.80 64.62
CA ASN C 145 -7.06 37.67 63.85
C ASN C 145 -7.19 37.19 62.41
N ALA C 146 -8.27 36.48 62.11
CA ALA C 146 -8.55 35.98 60.77
C ALA C 146 -9.87 36.55 60.29
N PHE C 147 -9.86 37.16 59.11
CA PHE C 147 -11.05 37.76 58.54
C PHE C 147 -11.15 37.42 57.07
N ASN C 148 -12.32 37.69 56.49
CA ASN C 148 -12.64 37.39 55.09
C ASN C 148 -12.46 35.90 54.78
N CYS C 149 -12.95 35.04 55.68
CA CYS C 149 -12.79 33.60 55.52
C CYS C 149 -13.67 33.08 54.39
N THR C 150 -13.15 32.09 53.66
CA THR C 150 -13.84 31.50 52.53
C THR C 150 -14.05 29.99 52.68
N PHE C 151 -13.02 29.25 53.08
CA PHE C 151 -13.05 27.79 53.07
C PHE C 151 -12.66 27.27 54.45
N GLU C 152 -13.41 26.28 54.94
CA GLU C 152 -13.14 25.66 56.23
C GLU C 152 -13.48 24.17 56.15
N TYR C 153 -12.66 23.35 56.79
CA TYR C 153 -12.86 21.91 56.81
C TYR C 153 -12.30 21.34 58.12
N ILE C 154 -13.07 20.51 58.79
CA ILE C 154 -12.63 19.81 59.99
C ILE C 154 -12.97 18.34 59.84
N SER C 155 -11.99 17.47 60.04
CA SER C 155 -12.20 16.04 59.92
C SER C 155 -11.78 15.33 61.19
N ASP C 156 -12.43 14.20 61.45
CA ASP C 156 -12.12 13.39 62.62
C ASP C 156 -11.86 11.94 62.24
N LYS C 170 11.76 3.83 62.68
CA LYS C 170 11.14 5.14 62.73
C LYS C 170 10.04 5.24 61.68
N HIS C 171 9.71 6.46 61.28
CA HIS C 171 8.68 6.72 60.29
C HIS C 171 9.25 7.60 59.18
N LEU C 172 8.64 7.50 58.00
CA LEU C 172 8.93 8.39 56.88
C LEU C 172 7.60 8.72 56.21
N ARG C 173 7.21 9.99 56.26
CA ARG C 173 5.94 10.43 55.70
C ARG C 173 6.21 11.24 54.44
N GLU C 174 5.62 10.82 53.33
CA GLU C 174 5.86 11.43 52.03
C GLU C 174 4.57 12.09 51.57
N PHE C 175 4.68 13.32 51.09
CA PHE C 175 3.53 14.09 50.63
C PHE C 175 3.86 14.72 49.29
N VAL C 176 2.85 14.84 48.44
CA VAL C 176 2.97 15.58 47.18
C VAL C 176 1.86 16.62 47.15
N PHE C 177 2.25 17.89 46.97
CA PHE C 177 1.30 18.99 46.86
C PHE C 177 1.42 19.59 45.47
N LYS C 178 0.32 19.65 44.75
CA LYS C 178 0.32 20.41 43.49
C LYS C 178 -0.99 21.15 43.30
N ASN C 179 -0.90 22.32 42.69
CA ASN C 179 -2.01 23.26 42.57
C ASN C 179 -2.31 23.46 41.09
N LYS C 180 -3.57 23.26 40.70
CA LYS C 180 -3.99 23.56 39.33
C LYS C 180 -5.49 23.74 39.26
N ASP C 181 -5.91 24.73 38.45
CA ASP C 181 -7.32 25.08 38.22
C ASP C 181 -8.06 25.35 39.53
N GLY C 182 -7.37 26.00 40.47
CA GLY C 182 -7.98 26.31 41.74
C GLY C 182 -8.18 25.13 42.65
N PHE C 183 -7.58 23.99 42.34
CA PHE C 183 -7.68 22.79 43.17
C PHE C 183 -6.30 22.46 43.70
N LEU C 184 -6.22 22.23 45.00
CA LEU C 184 -4.99 21.78 45.64
C LEU C 184 -5.08 20.27 45.87
N TYR C 185 -4.18 19.52 45.24
CA TYR C 185 -4.11 18.07 45.34
C TYR C 185 -3.05 17.69 46.35
N VAL C 186 -3.41 16.81 47.28
CA VAL C 186 -2.50 16.29 48.30
C VAL C 186 -2.45 14.77 48.16
N TYR C 187 -1.24 14.22 48.12
CA TYR C 187 -1.02 12.79 48.04
C TYR C 187 -0.14 12.37 49.22
N LYS C 188 -0.48 11.25 49.87
CA LYS C 188 0.17 10.86 51.11
C LYS C 188 0.58 9.40 51.09
N GLY C 189 1.79 9.12 51.55
CA GLY C 189 2.24 7.75 51.76
C GLY C 189 3.12 7.64 52.98
N TYR C 190 3.20 6.43 53.52
CA TYR C 190 3.92 6.15 54.75
C TYR C 190 4.87 4.98 54.52
N GLN C 191 6.07 5.06 55.09
CA GLN C 191 7.04 3.98 54.99
C GLN C 191 7.87 3.89 56.27
N PRO C 192 8.05 2.68 56.81
CA PRO C 192 8.89 2.54 58.00
C PRO C 192 10.37 2.38 57.65
N ILE C 193 11.22 3.21 58.26
CA ILE C 193 12.66 3.18 58.05
C ILE C 193 13.35 3.21 59.42
N ASP C 194 14.68 3.30 59.39
CA ASP C 194 15.49 3.25 60.60
C ASP C 194 16.40 4.45 60.80
N VAL C 195 16.94 5.02 59.73
CA VAL C 195 17.92 6.10 59.82
C VAL C 195 17.21 7.43 59.60
N VAL C 196 17.68 8.47 60.30
CA VAL C 196 17.01 9.77 60.25
C VAL C 196 17.81 10.74 59.38
N ARG C 197 19.14 10.55 59.32
CA ARG C 197 20.04 11.54 58.72
C ARG C 197 19.81 11.69 57.22
N ASP C 198 19.57 10.59 56.50
CA ASP C 198 19.56 10.62 55.04
C ASP C 198 18.27 10.01 54.51
N LEU C 199 17.91 10.44 53.30
CA LEU C 199 16.81 9.81 52.57
C LEU C 199 17.24 8.43 52.10
N PRO C 200 16.53 7.38 52.49
CA PRO C 200 16.87 6.04 51.97
C PRO C 200 16.41 5.88 50.54
N SER C 201 17.12 5.03 49.80
CA SER C 201 16.74 4.75 48.42
C SER C 201 15.66 3.68 48.38
N GLY C 202 14.68 3.88 47.50
CA GLY C 202 13.64 2.89 47.34
C GLY C 202 12.50 3.43 46.51
N PHE C 203 11.47 2.60 46.35
CA PHE C 203 10.29 2.91 45.56
C PHE C 203 9.07 2.87 46.46
N ASN C 204 8.23 3.89 46.37
CA ASN C 204 7.02 3.95 47.17
C ASN C 204 5.99 4.81 46.46
N THR C 205 4.76 4.30 46.39
CA THR C 205 3.67 4.94 45.67
C THR C 205 2.76 5.66 46.64
N LEU C 206 2.10 6.72 46.14
CA LEU C 206 1.35 7.64 46.97
C LEU C 206 -0.10 7.68 46.51
N LYS C 207 -1.03 7.54 47.45
CA LYS C 207 -2.45 7.48 47.14
C LYS C 207 -3.11 8.84 47.39
N PRO C 208 -4.19 9.16 46.67
CA PRO C 208 -4.85 10.45 46.86
C PRO C 208 -5.53 10.56 48.21
N ILE C 209 -5.53 11.78 48.78
CA ILE C 209 -6.20 12.07 50.03
C ILE C 209 -7.17 13.24 49.88
N PHE C 210 -6.67 14.42 49.53
CA PHE C 210 -7.47 15.64 49.48
C PHE C 210 -7.40 16.27 48.10
N LYS C 211 -8.54 16.75 47.63
CA LYS C 211 -8.63 17.71 46.54
C LYS C 211 -9.45 18.89 47.05
N LEU C 212 -8.76 19.99 47.38
CA LEU C 212 -9.37 21.13 48.03
C LEU C 212 -9.74 22.20 47.00
N PRO C 213 -10.98 22.68 47.00
CA PRO C 213 -11.41 23.69 46.00
C PRO C 213 -11.20 25.13 46.47
N LEU C 214 -9.95 25.52 46.59
CA LEU C 214 -9.59 26.87 47.02
C LEU C 214 -8.75 27.54 45.93
N GLY C 215 -9.28 28.61 45.36
CA GLY C 215 -8.69 29.21 44.18
C GLY C 215 -7.74 30.37 44.41
N ILE C 216 -6.57 30.10 44.97
CA ILE C 216 -5.58 31.14 45.25
C ILE C 216 -4.27 30.76 44.57
N ASN C 217 -3.43 31.75 44.27
CA ASN C 217 -2.06 31.44 43.90
C ASN C 217 -1.27 31.08 45.14
N ILE C 218 -0.56 29.96 45.07
CA ILE C 218 0.35 29.54 46.12
C ILE C 218 1.74 29.62 45.53
N THR C 219 2.58 30.51 46.08
CA THR C 219 3.95 30.65 45.61
C THR C 219 4.98 30.39 46.69
N ASN C 220 4.59 30.33 47.95
CA ASN C 220 5.53 30.12 49.05
C ASN C 220 4.86 29.24 50.08
N PHE C 221 5.67 28.60 50.92
CA PHE C 221 5.15 27.83 52.03
C PHE C 221 6.17 27.77 53.15
N ARG C 222 5.69 27.55 54.36
CA ARG C 222 6.52 27.41 55.54
C ARG C 222 6.05 26.21 56.34
N ALA C 223 6.98 25.35 56.74
CA ALA C 223 6.61 24.23 57.59
C ALA C 223 6.40 24.70 59.02
N ILE C 224 5.42 24.10 59.69
CA ILE C 224 5.03 24.46 61.05
C ILE C 224 5.53 23.38 61.99
N LEU C 225 6.25 23.79 63.03
CA LEU C 225 6.92 22.86 63.94
C LEU C 225 6.44 23.07 65.37
N THR C 226 6.62 22.04 66.19
CA THR C 226 6.31 22.14 67.61
C THR C 226 7.46 22.79 68.38
N ALA C 240 13.27 14.22 62.73
CA ALA C 240 13.31 15.64 63.05
C ALA C 240 13.89 16.44 61.89
N ALA C 241 13.78 15.88 60.68
CA ALA C 241 14.28 16.53 59.47
C ALA C 241 13.22 16.45 58.40
N TYR C 242 13.23 17.40 57.47
CA TYR C 242 12.33 17.38 56.33
C TYR C 242 13.04 17.79 55.06
N PHE C 243 12.67 17.16 53.95
CA PHE C 243 13.32 17.33 52.67
C PHE C 243 12.30 17.81 51.64
N VAL C 244 12.72 18.73 50.77
CA VAL C 244 11.85 19.36 49.79
C VAL C 244 12.44 19.15 48.39
N GLY C 245 11.63 18.64 47.48
CA GLY C 245 12.00 18.59 46.07
C GLY C 245 10.88 19.15 45.22
N TYR C 246 11.22 19.52 44.00
CA TYR C 246 10.29 20.23 43.12
C TYR C 246 9.88 19.35 41.94
N LEU C 247 8.60 19.42 41.60
CA LEU C 247 8.06 18.62 40.49
C LEU C 247 8.32 19.31 39.16
N LYS C 248 8.36 18.51 38.10
CA LYS C 248 8.56 19.01 36.75
C LYS C 248 7.70 18.20 35.78
N PRO C 249 7.32 18.78 34.64
CA PRO C 249 6.49 18.03 33.68
C PRO C 249 7.31 16.99 32.94
N THR C 250 7.00 15.72 33.20
CA THR C 250 7.72 14.63 32.57
C THR C 250 6.74 13.56 32.12
N THR C 251 7.26 12.64 31.32
CA THR C 251 6.56 11.44 30.89
C THR C 251 7.11 10.24 31.62
N PHE C 252 6.24 9.48 32.28
CA PHE C 252 6.66 8.25 32.94
C PHE C 252 6.02 7.05 32.28
N MET C 253 6.66 5.90 32.47
CA MET C 253 6.06 4.61 32.18
C MET C 253 5.89 3.84 33.48
N LEU C 254 4.68 3.37 33.74
CA LEU C 254 4.30 2.72 34.98
C LEU C 254 3.93 1.28 34.70
N LYS C 255 4.39 0.37 35.56
CA LYS C 255 4.08 -1.04 35.44
C LYS C 255 3.07 -1.43 36.50
N TYR C 256 1.94 -1.97 36.07
CA TYR C 256 0.89 -2.44 36.94
C TYR C 256 0.95 -3.96 36.99
N ASP C 257 1.00 -4.54 38.19
CA ASP C 257 1.09 -5.99 38.28
C ASP C 257 -0.30 -6.61 38.06
N GLU C 258 -0.44 -7.88 38.46
CA GLU C 258 -1.73 -8.56 38.28
C GLU C 258 -2.80 -7.96 39.18
N ASN C 259 -2.40 -7.31 40.25
CA ASN C 259 -3.32 -6.48 41.03
C ASN C 259 -3.23 -5.03 40.57
N GLY C 260 -3.89 -4.15 41.30
CA GLY C 260 -3.83 -2.75 40.93
C GLY C 260 -2.79 -1.95 41.69
N THR C 261 -1.52 -2.31 41.56
CA THR C 261 -0.45 -1.60 42.24
C THR C 261 0.66 -1.28 41.26
N ILE C 262 1.31 -0.14 41.47
CA ILE C 262 2.37 0.33 40.56
C ILE C 262 3.69 -0.15 41.18
N THR C 263 4.18 -1.27 40.67
CA THR C 263 5.38 -1.86 41.25
C THR C 263 6.65 -1.12 40.81
N ASP C 264 6.70 -0.65 39.57
CA ASP C 264 7.94 -0.14 39.01
C ASP C 264 7.62 0.92 37.96
N ALA C 265 8.60 1.78 37.69
CA ALA C 265 8.42 2.88 36.74
C ALA C 265 9.76 3.27 36.12
N VAL C 266 9.70 3.87 34.94
CA VAL C 266 10.87 4.49 34.32
C VAL C 266 10.55 5.93 33.94
N ASP C 267 11.50 6.82 34.18
CA ASP C 267 11.48 8.20 33.71
C ASP C 267 11.98 8.22 32.29
N CYS C 268 11.23 8.87 31.40
CA CYS C 268 11.55 8.80 29.97
C CYS C 268 12.51 9.89 29.53
N SER C 269 13.09 10.65 30.44
CA SER C 269 14.03 11.72 30.10
C SER C 269 15.30 11.68 30.93
N GLN C 270 15.59 10.58 31.61
CA GLN C 270 16.80 10.49 32.41
C GLN C 270 18.00 10.15 31.54
N ASN C 271 17.90 9.13 30.72
CA ASN C 271 19.02 8.57 29.96
C ASN C 271 18.56 8.37 28.53
N PRO C 272 19.50 8.16 27.60
CA PRO C 272 19.10 7.59 26.29
C PRO C 272 18.48 6.22 26.40
N LEU C 273 18.95 5.37 27.31
CA LEU C 273 18.42 4.02 27.44
C LEU C 273 16.98 4.04 27.95
N ALA C 274 16.68 4.97 28.85
CA ALA C 274 15.32 5.10 29.37
C ALA C 274 14.36 5.58 28.28
N GLU C 275 14.82 6.49 27.42
CA GLU C 275 14.03 6.90 26.26
C GLU C 275 13.80 5.75 25.31
N LEU C 276 14.82 4.89 25.13
CA LEU C 276 14.65 3.71 24.27
C LEU C 276 13.61 2.75 24.85
N LYS C 277 13.65 2.56 26.18
CA LYS C 277 12.68 1.71 26.85
C LYS C 277 11.27 2.24 26.70
N CYS C 278 11.10 3.56 26.84
CA CYS C 278 9.78 4.16 26.64
C CYS C 278 9.36 4.08 25.17
N SER C 279 10.34 4.04 24.26
CA SER C 279 10.01 4.04 22.84
C SER C 279 9.55 2.67 22.37
N VAL C 280 10.14 1.58 22.88
CA VAL C 280 9.74 0.25 22.43
C VAL C 280 8.91 -0.53 23.45
N LYS C 281 8.50 0.10 24.55
CA LYS C 281 7.48 -0.42 25.48
C LYS C 281 7.92 -1.69 26.18
N SER C 282 9.10 -1.68 26.81
CA SER C 282 9.59 -2.84 27.52
C SER C 282 10.64 -2.43 28.54
N PHE C 283 11.05 -3.40 29.36
CA PHE C 283 12.14 -3.22 30.32
C PHE C 283 13.40 -3.99 29.92
N GLU C 284 13.30 -4.88 28.93
CA GLU C 284 14.45 -5.65 28.45
C GLU C 284 14.68 -5.30 26.99
N ILE C 285 15.95 -5.10 26.63
CA ILE C 285 16.33 -4.62 25.31
C ILE C 285 17.32 -5.61 24.72
N ASP C 286 17.05 -6.05 23.48
CA ASP C 286 17.98 -6.93 22.78
C ASP C 286 19.08 -6.11 22.10
N LYS C 287 20.08 -6.80 21.59
CA LYS C 287 21.22 -6.15 20.94
C LYS C 287 20.85 -5.65 19.55
N GLY C 288 21.26 -4.42 19.24
CA GLY C 288 21.05 -3.86 17.92
C GLY C 288 21.18 -2.35 17.97
N ILE C 289 20.69 -1.72 16.90
CA ILE C 289 20.62 -0.27 16.80
C ILE C 289 19.19 0.11 16.47
N TYR C 290 18.60 0.99 17.30
CA TYR C 290 17.20 1.36 17.21
C TYR C 290 17.06 2.85 17.04
N GLN C 291 16.15 3.28 16.19
CA GLN C 291 15.92 4.71 15.98
C GLN C 291 14.83 5.20 16.92
N THR C 292 15.21 6.03 17.89
CA THR C 292 14.30 6.47 18.93
C THR C 292 13.55 7.74 18.58
N SER C 293 14.25 8.83 18.28
CA SER C 293 13.57 10.12 18.14
C SER C 293 14.33 10.96 17.13
N ASN C 294 13.99 12.26 17.08
CA ASN C 294 14.60 13.22 16.19
C ASN C 294 15.16 14.37 17.01
N PHE C 295 16.21 14.99 16.51
CA PHE C 295 16.82 16.12 17.20
C PHE C 295 16.69 17.38 16.35
N ARG C 296 16.41 18.49 17.03
CA ARG C 296 16.41 19.83 16.47
C ARG C 296 17.41 20.69 17.24
N VAL C 297 17.53 21.94 16.82
CA VAL C 297 18.35 22.92 17.52
C VAL C 297 17.47 24.12 17.87
N VAL C 298 17.43 24.46 19.16
CA VAL C 298 16.56 25.53 19.66
C VAL C 298 17.12 26.88 19.23
N PRO C 299 16.30 27.80 18.73
CA PRO C 299 16.82 29.11 18.31
C PRO C 299 17.30 29.94 19.49
N SER C 300 18.27 30.83 19.21
CA SER C 300 18.94 31.58 20.25
C SER C 300 18.61 33.06 20.27
N GLY C 301 17.88 33.58 19.28
CA GLY C 301 17.64 35.01 19.24
C GLY C 301 16.41 35.34 18.42
N ASP C 302 16.17 36.64 18.27
CA ASP C 302 15.08 37.16 17.45
C ASP C 302 15.60 38.30 16.58
N VAL C 303 15.20 38.30 15.31
CA VAL C 303 15.56 39.36 14.36
C VAL C 303 14.28 39.87 13.73
N VAL C 304 13.94 41.13 13.98
CA VAL C 304 12.77 41.78 13.40
C VAL C 304 13.26 42.99 12.63
N ARG C 305 12.91 43.08 11.34
CA ARG C 305 13.31 44.19 10.49
C ARG C 305 12.12 44.74 9.72
N PHE C 306 11.87 46.02 9.85
CA PHE C 306 10.77 46.75 9.26
C PHE C 306 11.33 48.01 8.62
N PRO C 307 10.63 48.60 7.63
CA PRO C 307 11.22 49.72 6.87
C PRO C 307 11.35 51.01 7.68
N ASN C 308 12.01 52.02 7.09
CA ASN C 308 12.11 53.35 7.68
C ASN C 308 10.83 54.12 7.36
N ILE C 309 9.80 53.91 8.16
CA ILE C 309 8.54 54.62 8.00
C ILE C 309 8.26 55.40 9.27
N THR C 310 8.08 56.73 9.12
CA THR C 310 7.88 57.61 10.26
C THR C 310 6.58 58.39 10.24
N ASN C 311 6.06 58.71 9.05
CA ASN C 311 4.83 59.49 8.95
C ASN C 311 3.63 58.68 9.44
N LEU C 312 2.70 59.36 10.09
CA LEU C 312 1.38 58.78 10.32
C LEU C 312 0.48 59.07 9.12
N CYS C 313 -0.47 58.18 8.89
CA CYS C 313 -1.39 58.40 7.79
C CYS C 313 -2.83 58.53 8.28
N PRO C 314 -3.60 59.42 7.64
CA PRO C 314 -4.94 59.76 8.15
C PRO C 314 -5.99 58.69 7.89
N PHE C 315 -6.05 57.71 8.80
CA PHE C 315 -7.22 56.84 8.85
C PHE C 315 -8.45 57.63 9.29
N GLY C 316 -8.25 58.66 10.12
CA GLY C 316 -9.38 59.38 10.68
C GLY C 316 -10.16 60.18 9.66
N GLU C 317 -9.47 60.87 8.75
CA GLU C 317 -10.16 61.79 7.86
C GLU C 317 -10.92 61.04 6.77
N VAL C 318 -10.53 59.80 6.49
CA VAL C 318 -11.31 58.97 5.58
C VAL C 318 -12.60 58.54 6.26
N PHE C 319 -12.52 58.10 7.52
CA PHE C 319 -13.71 57.65 8.22
C PHE C 319 -14.57 58.82 8.67
N ASN C 320 -13.94 59.87 9.20
CA ASN C 320 -14.64 61.07 9.63
C ASN C 320 -14.47 62.15 8.57
N ALA C 321 -15.49 62.33 7.74
CA ALA C 321 -15.42 63.30 6.66
C ALA C 321 -16.80 63.90 6.46
N THR C 322 -16.81 65.05 5.77
CA THR C 322 -18.06 65.80 5.62
C THR C 322 -19.03 65.08 4.69
N LYS C 323 -18.57 64.67 3.51
CA LYS C 323 -19.45 64.17 2.45
C LYS C 323 -19.01 62.81 1.97
N PHE C 324 -19.94 61.87 1.93
CA PHE C 324 -19.75 60.57 1.30
C PHE C 324 -20.67 60.46 0.09
N PRO C 325 -20.15 60.09 -1.08
CA PRO C 325 -20.99 60.03 -2.28
C PRO C 325 -21.96 58.84 -2.24
N SER C 326 -22.88 58.85 -3.19
CA SER C 326 -23.86 57.78 -3.31
C SER C 326 -23.21 56.51 -3.84
N VAL C 327 -24.01 55.45 -3.91
CA VAL C 327 -23.46 54.11 -4.15
C VAL C 327 -23.00 53.96 -5.59
N TYR C 328 -23.60 54.70 -6.52
CA TYR C 328 -23.22 54.53 -7.92
C TYR C 328 -21.91 55.22 -8.25
N ALA C 329 -21.51 56.23 -7.48
CA ALA C 329 -20.30 57.00 -7.75
C ALA C 329 -19.32 56.95 -6.58
N TRP C 330 -19.10 55.76 -6.03
CA TRP C 330 -18.19 55.60 -4.90
C TRP C 330 -16.76 55.96 -5.27
N GLU C 331 -16.00 56.41 -4.28
CA GLU C 331 -14.61 56.80 -4.50
C GLU C 331 -13.67 55.85 -3.76
N ARG C 332 -12.47 55.75 -4.29
CA ARG C 332 -11.39 54.95 -3.73
C ARG C 332 -10.19 55.85 -3.46
N LYS C 333 -9.64 55.74 -2.25
CA LYS C 333 -8.48 56.52 -1.84
C LYS C 333 -7.32 55.58 -1.52
N LYS C 334 -6.11 56.01 -1.87
CA LYS C 334 -4.91 55.21 -1.69
C LYS C 334 -4.12 55.70 -0.49
N ILE C 335 -3.73 54.78 0.39
CA ILE C 335 -2.95 55.08 1.58
C ILE C 335 -1.59 54.41 1.43
N SER C 336 -0.52 55.20 1.51
CA SER C 336 0.83 54.67 1.34
C SER C 336 1.80 55.46 2.19
N ASN C 337 2.92 54.80 2.51
CA ASN C 337 4.05 55.39 3.25
C ASN C 337 3.62 55.95 4.61
N CYS C 338 3.13 55.08 5.48
CA CYS C 338 2.71 55.49 6.82
C CYS C 338 2.81 54.31 7.78
N VAL C 339 2.58 54.59 9.06
CA VAL C 339 2.43 53.56 10.08
C VAL C 339 0.98 53.57 10.55
N ALA C 340 0.31 52.43 10.41
CA ALA C 340 -1.11 52.32 10.66
C ALA C 340 -1.34 51.53 11.94
N ASP C 341 -1.94 52.17 12.94
CA ASP C 341 -2.08 51.54 14.25
C ASP C 341 -3.16 50.47 14.23
N TYR C 342 -4.27 50.73 13.53
CA TYR C 342 -5.47 49.89 13.37
C TYR C 342 -6.24 49.70 14.67
N SER C 343 -5.80 50.29 15.79
CA SER C 343 -6.46 50.04 17.07
C SER C 343 -7.78 50.81 17.19
N VAL C 344 -7.88 51.95 16.51
CA VAL C 344 -9.05 52.80 16.65
C VAL C 344 -10.25 52.17 15.95
N LEU C 345 -10.02 51.24 15.04
CA LEU C 345 -11.12 50.60 14.33
C LEU C 345 -11.84 49.59 15.21
N TYR C 346 -11.09 48.79 15.98
CA TYR C 346 -11.72 47.76 16.79
C TYR C 346 -11.65 48.02 18.29
N ASN C 347 -11.24 49.20 18.72
CA ASN C 347 -11.32 49.57 20.13
C ASN C 347 -12.55 50.40 20.47
N SER C 348 -13.52 50.48 19.57
CA SER C 348 -14.74 51.22 19.82
C SER C 348 -15.94 50.45 19.29
N THR C 349 -17.10 50.73 19.90
CA THR C 349 -18.38 50.21 19.40
C THR C 349 -19.05 51.17 18.43
N PHE C 350 -18.29 52.14 17.91
CA PHE C 350 -18.83 53.10 16.95
C PHE C 350 -19.18 52.42 15.63
N PHE C 351 -18.49 51.33 15.30
CA PHE C 351 -18.75 50.57 14.08
C PHE C 351 -19.68 49.40 14.40
N SER C 352 -20.86 49.40 13.78
CA SER C 352 -21.81 48.33 14.01
C SER C 352 -21.39 47.03 13.32
N THR C 353 -20.94 47.14 12.07
CA THR C 353 -20.55 45.97 11.28
C THR C 353 -19.06 46.03 10.98
N PHE C 354 -18.33 45.02 11.47
CA PHE C 354 -16.88 44.91 11.31
C PHE C 354 -16.56 43.50 10.83
N LYS C 355 -16.58 43.31 9.51
CA LYS C 355 -16.25 41.99 8.97
C LYS C 355 -14.87 42.01 8.35
N CYS C 356 -14.17 40.88 8.41
CA CYS C 356 -12.84 40.77 7.82
C CYS C 356 -12.71 39.43 7.12
N TYR C 357 -12.34 39.46 5.84
CA TYR C 357 -12.19 38.28 5.01
C TYR C 357 -10.72 38.13 4.66
N GLY C 358 -10.17 36.95 4.93
CA GLY C 358 -8.78 36.67 4.64
C GLY C 358 -7.81 37.01 5.75
N VAL C 359 -8.22 37.84 6.71
CA VAL C 359 -7.43 38.16 7.90
C VAL C 359 -8.35 38.15 9.11
N SER C 360 -7.73 38.24 10.27
CA SER C 360 -8.43 38.54 11.51
C SER C 360 -8.03 39.95 11.94
N ALA C 361 -8.93 40.63 12.63
CA ALA C 361 -8.68 42.02 13.02
C ALA C 361 -7.51 42.13 13.99
N THR C 362 -7.43 41.20 14.94
CA THR C 362 -6.40 41.25 15.97
C THR C 362 -5.00 41.05 15.40
N LYS C 363 -4.92 40.41 14.23
CA LYS C 363 -3.65 40.21 13.54
C LYS C 363 -3.39 41.27 12.47
N LEU C 364 -4.19 42.34 12.41
CA LEU C 364 -3.97 43.36 11.40
C LEU C 364 -2.76 44.22 11.73
N ASN C 365 -2.34 44.23 13.00
CA ASN C 365 -1.24 45.08 13.40
C ASN C 365 0.12 44.47 13.04
N ASP C 366 0.17 43.13 12.89
CA ASP C 366 1.45 42.47 12.68
C ASP C 366 1.87 42.47 11.21
N LEU C 367 0.91 42.34 10.30
CA LEU C 367 1.20 42.22 8.88
C LEU C 367 1.72 43.53 8.32
N CYS C 368 2.43 43.47 7.19
CA CYS C 368 2.92 44.69 6.57
C CYS C 368 2.62 44.67 5.08
N PHE C 369 1.86 45.66 4.62
CA PHE C 369 1.24 45.67 3.30
C PHE C 369 1.97 46.65 2.38
N SER C 370 1.85 46.42 1.08
CA SER C 370 2.43 47.35 0.13
C SER C 370 1.65 48.65 0.08
N ASN C 371 0.33 48.57 -0.04
CA ASN C 371 -0.56 49.72 -0.04
C ASN C 371 -1.99 49.28 0.30
N VAL C 372 -2.79 50.24 0.75
CA VAL C 372 -4.16 49.99 1.21
C VAL C 372 -5.11 50.90 0.45
N TYR C 373 -6.26 50.37 0.03
CA TYR C 373 -7.25 51.15 -0.70
C TYR C 373 -8.54 51.20 0.10
N ALA C 374 -9.12 52.38 0.23
CA ALA C 374 -10.34 52.58 1.00
C ALA C 374 -11.46 53.06 0.09
N ASP C 375 -12.58 52.35 0.09
CA ASP C 375 -13.73 52.66 -0.73
C ASP C 375 -14.82 53.23 0.15
N SER C 376 -15.38 54.37 -0.25
CA SER C 376 -16.31 55.12 0.61
C SER C 376 -17.66 55.29 -0.07
N PHE C 377 -18.73 54.85 0.58
CA PHE C 377 -20.07 55.13 0.06
C PHE C 377 -21.11 55.00 1.16
N VAL C 378 -22.38 55.07 0.76
CA VAL C 378 -23.52 55.09 1.66
C VAL C 378 -24.58 54.11 1.13
N VAL C 379 -25.17 53.32 2.03
CA VAL C 379 -26.19 52.34 1.66
C VAL C 379 -27.35 52.40 2.64
N LYS C 380 -28.36 51.60 2.37
CA LYS C 380 -29.54 51.51 3.21
C LYS C 380 -29.37 50.46 4.30
N GLY C 381 -30.48 50.13 4.96
CA GLY C 381 -30.43 49.09 5.97
C GLY C 381 -30.25 47.70 5.39
N ASP C 382 -31.25 47.20 4.66
CA ASP C 382 -31.19 45.85 4.12
C ASP C 382 -30.15 45.72 3.02
N ASP C 383 -29.59 46.85 2.57
CA ASP C 383 -28.57 46.81 1.54
C ASP C 383 -27.17 46.62 2.13
N VAL C 384 -27.04 46.62 3.46
CA VAL C 384 -25.68 46.52 4.02
C VAL C 384 -25.22 45.06 3.99
N ARG C 385 -26.16 44.12 3.91
CA ARG C 385 -25.78 42.71 3.93
C ARG C 385 -25.35 42.24 2.55
N GLN C 386 -25.65 43.00 1.52
CA GLN C 386 -25.41 42.53 0.15
C GLN C 386 -23.98 42.77 -0.29
N ILE C 387 -23.28 43.68 0.39
CA ILE C 387 -21.90 43.98 0.01
C ILE C 387 -20.95 43.04 0.74
N ALA C 388 -20.79 41.84 0.19
CA ALA C 388 -19.95 40.80 0.73
C ALA C 388 -19.56 39.89 -0.42
N PRO C 389 -18.41 39.21 -0.33
CA PRO C 389 -18.02 38.30 -1.40
C PRO C 389 -18.97 37.12 -1.52
N GLY C 390 -19.31 36.77 -2.76
CA GLY C 390 -20.26 35.70 -2.99
C GLY C 390 -21.68 36.02 -2.56
N GLN C 391 -22.12 37.26 -2.79
CA GLN C 391 -23.48 37.68 -2.47
C GLN C 391 -24.12 38.26 -3.73
N THR C 392 -25.38 37.89 -3.97
CA THR C 392 -26.13 38.35 -5.13
C THR C 392 -27.23 39.30 -4.67
N GLY C 393 -27.51 40.30 -5.50
CA GLY C 393 -28.52 41.29 -5.19
C GLY C 393 -28.49 42.38 -6.22
N VAL C 394 -29.42 43.33 -6.09
CA VAL C 394 -29.45 44.45 -7.03
C VAL C 394 -28.28 45.40 -6.79
N ILE C 395 -27.94 45.67 -5.52
CA ILE C 395 -26.84 46.59 -5.25
C ILE C 395 -25.50 45.89 -5.45
N ALA C 396 -25.49 44.55 -5.37
CA ALA C 396 -24.27 43.82 -5.66
C ALA C 396 -23.99 43.76 -7.14
N ASP C 397 -25.03 43.48 -7.94
CA ASP C 397 -24.82 43.28 -9.37
C ASP C 397 -24.69 44.60 -10.11
N TYR C 398 -25.40 45.63 -9.66
CA TYR C 398 -25.54 46.84 -10.45
C TYR C 398 -24.76 48.03 -9.90
N ASN C 399 -24.35 48.00 -8.63
CA ASN C 399 -23.73 49.16 -8.01
C ASN C 399 -22.32 48.89 -7.50
N TYR C 400 -22.12 47.83 -6.73
CA TYR C 400 -20.83 47.51 -6.16
C TYR C 400 -20.65 46.00 -6.08
N LYS C 401 -19.69 45.47 -6.83
CA LYS C 401 -19.42 44.04 -6.87
C LYS C 401 -18.08 43.76 -6.24
N LEU C 402 -18.03 42.74 -5.37
CA LEU C 402 -16.82 42.35 -4.68
C LEU C 402 -16.27 41.08 -5.29
N PRO C 403 -14.95 40.93 -5.41
CA PRO C 403 -14.39 39.70 -5.98
C PRO C 403 -14.56 38.52 -5.03
N ASP C 404 -14.49 37.31 -5.59
CA ASP C 404 -14.66 36.12 -4.77
C ASP C 404 -13.46 35.88 -3.86
N ASP C 405 -12.27 36.28 -4.31
CA ASP C 405 -11.04 36.12 -3.52
C ASP C 405 -10.72 37.36 -2.71
N PHE C 406 -11.74 38.08 -2.24
CA PHE C 406 -11.52 39.37 -1.60
C PHE C 406 -10.81 39.22 -0.26
N MET C 407 -9.81 40.06 -0.05
CA MET C 407 -9.02 40.11 1.18
C MET C 407 -9.06 41.51 1.74
N GLY C 408 -9.66 41.67 2.91
CA GLY C 408 -9.80 42.97 3.51
C GLY C 408 -10.99 43.01 4.44
N CYS C 409 -11.29 44.21 4.91
CA CYS C 409 -12.30 44.39 5.95
C CYS C 409 -13.36 45.39 5.55
N VAL C 410 -14.62 45.03 5.81
CA VAL C 410 -15.78 45.87 5.56
C VAL C 410 -16.20 46.49 6.88
N LEU C 411 -16.35 47.81 6.90
CA LEU C 411 -16.76 48.56 8.08
C LEU C 411 -18.00 49.37 7.75
N ALA C 412 -18.99 49.32 8.64
CA ALA C 412 -20.23 50.08 8.45
C ALA C 412 -20.64 50.71 9.77
N TRP C 413 -21.28 51.88 9.68
CA TRP C 413 -21.86 52.48 10.87
C TRP C 413 -23.06 53.33 10.50
N ASN C 414 -23.84 53.68 11.52
CA ASN C 414 -25.14 54.33 11.33
C ASN C 414 -25.01 55.82 11.56
N THR C 415 -25.46 56.62 10.58
CA THR C 415 -25.54 58.07 10.71
C THR C 415 -26.93 58.51 10.29
N ARG C 416 -27.85 58.54 11.25
CA ARG C 416 -29.18 59.08 10.97
C ARG C 416 -29.30 60.52 11.48
N ASN C 417 -28.38 60.94 12.34
CA ASN C 417 -28.42 62.30 12.86
C ASN C 417 -27.96 63.30 11.82
N ILE C 418 -26.88 62.99 11.10
CA ILE C 418 -26.37 63.90 10.07
C ILE C 418 -26.75 63.47 8.66
N ASP C 419 -27.68 62.52 8.53
CA ASP C 419 -28.16 61.99 7.26
C ASP C 419 -27.03 61.44 6.37
N TYR C 428 -28.44 58.02 -1.38
CA TYR C 428 -28.98 59.17 -2.08
C TYR C 428 -29.54 58.76 -3.44
N LYS C 429 -28.71 58.08 -4.23
CA LYS C 429 -29.10 57.60 -5.55
C LYS C 429 -28.62 56.17 -5.73
N TYR C 430 -29.42 55.35 -6.40
CA TYR C 430 -29.01 53.99 -6.72
C TYR C 430 -29.58 53.58 -8.08
N ARG C 431 -28.91 52.63 -8.72
CA ARG C 431 -29.25 52.20 -10.08
C ARG C 431 -29.86 50.81 -10.04
N TYR C 432 -30.95 50.61 -10.77
CA TYR C 432 -31.62 49.31 -10.80
C TYR C 432 -31.85 48.79 -12.22
N LEU C 433 -31.46 49.54 -13.25
CA LEU C 433 -31.60 49.13 -14.63
C LEU C 433 -30.26 49.26 -15.35
N ARG C 434 -29.77 48.15 -15.90
CA ARG C 434 -28.52 48.08 -16.63
C ARG C 434 -28.46 46.77 -17.37
N HIS C 435 -28.02 46.82 -18.63
CA HIS C 435 -27.89 45.63 -19.46
C HIS C 435 -26.69 44.81 -19.00
N GLY C 436 -26.96 43.71 -18.31
CA GLY C 436 -25.90 42.83 -17.84
C GLY C 436 -25.37 43.23 -16.48
N LYS C 437 -24.60 42.33 -15.89
CA LYS C 437 -24.01 42.56 -14.57
C LYS C 437 -22.74 43.38 -14.71
N LEU C 438 -22.03 43.56 -13.59
CA LEU C 438 -20.86 44.42 -13.53
C LEU C 438 -19.67 43.62 -13.02
N ARG C 439 -18.52 43.80 -13.66
CA ARG C 439 -17.29 43.14 -13.24
C ARG C 439 -16.82 43.71 -11.90
N PRO C 440 -16.05 42.93 -11.12
CA PRO C 440 -15.64 43.39 -9.79
C PRO C 440 -14.78 44.65 -9.81
N PHE C 441 -14.99 45.48 -8.79
CA PHE C 441 -14.24 46.73 -8.56
C PHE C 441 -14.33 47.68 -9.75
N GLU C 442 -15.50 47.74 -10.37
CA GLU C 442 -15.76 48.66 -11.47
C GLU C 442 -16.91 49.57 -11.11
N ARG C 443 -16.95 50.75 -11.73
CA ARG C 443 -17.98 51.74 -11.45
C ARG C 443 -18.58 52.23 -12.76
N ASP C 444 -19.79 52.78 -12.68
CA ASP C 444 -20.50 53.31 -13.82
C ASP C 444 -21.17 54.62 -13.44
N ILE C 445 -20.73 55.71 -14.05
CA ILE C 445 -21.33 57.02 -13.79
C ILE C 445 -21.83 57.63 -15.10
N PRO C 467 -31.63 55.86 -15.37
CA PRO C 467 -32.28 54.83 -14.55
C PRO C 467 -31.93 54.96 -13.07
N LEU C 468 -31.25 56.06 -12.72
CA LEU C 468 -30.93 56.32 -11.32
C LEU C 468 -32.17 56.77 -10.57
N ASN C 469 -32.40 56.18 -9.39
CA ASN C 469 -33.50 56.55 -8.53
C ASN C 469 -32.96 57.27 -7.31
N ASP C 470 -33.61 58.36 -6.93
CA ASP C 470 -33.28 59.06 -5.70
C ASP C 470 -33.74 58.25 -4.50
N TYR C 471 -32.86 58.08 -3.53
CA TYR C 471 -33.23 57.45 -2.28
C TYR C 471 -34.02 58.42 -1.40
N GLY C 472 -35.14 57.93 -0.87
CA GLY C 472 -36.01 58.74 -0.05
C GLY C 472 -35.55 58.75 1.39
N PHE C 473 -35.38 59.95 1.93
CA PHE C 473 -34.89 60.15 3.29
C PHE C 473 -35.87 59.61 4.33
N GLY C 480 -37.80 50.50 4.09
CA GLY C 480 -36.51 51.16 4.25
C GLY C 480 -36.07 51.23 5.70
N TYR C 481 -34.90 51.82 5.94
CA TYR C 481 -34.39 51.96 7.29
C TYR C 481 -33.40 53.12 7.25
N GLN C 482 -32.92 53.56 8.41
CA GLN C 482 -31.98 54.66 8.46
C GLN C 482 -30.67 54.29 7.74
N PRO C 483 -30.09 55.24 6.99
CA PRO C 483 -28.92 54.92 6.15
C PRO C 483 -27.66 54.64 6.97
N TYR C 484 -26.77 53.85 6.38
CA TYR C 484 -25.45 53.58 6.94
C TYR C 484 -24.37 54.10 6.00
N ARG C 485 -23.26 54.52 6.58
CA ARG C 485 -22.04 54.84 5.85
C ARG C 485 -21.09 53.66 5.92
N VAL C 486 -20.53 53.28 4.76
CA VAL C 486 -19.72 52.07 4.62
C VAL C 486 -18.36 52.44 4.04
N VAL C 487 -17.30 51.96 4.69
CA VAL C 487 -15.93 52.06 4.20
C VAL C 487 -15.36 50.65 4.08
N VAL C 488 -14.82 50.32 2.92
CA VAL C 488 -14.27 49.00 2.64
C VAL C 488 -12.77 49.14 2.44
N LEU C 489 -11.99 48.41 3.23
CA LEU C 489 -10.53 48.47 3.19
C LEU C 489 -10.01 47.22 2.49
N SER C 490 -9.14 47.43 1.50
CA SER C 490 -8.56 46.35 0.70
C SER C 490 -7.03 46.42 0.80
N PHE C 491 -6.40 45.25 0.95
CA PHE C 491 -4.99 45.14 1.25
C PHE C 491 -4.27 44.44 0.10
N GLU C 492 -3.08 44.91 -0.25
CA GLU C 492 -2.20 44.24 -1.20
C GLU C 492 -0.91 43.86 -0.49
N LEU C 493 -0.39 42.67 -0.78
CA LEU C 493 0.70 42.06 -0.02
C LEU C 493 1.94 41.93 -0.90
N LEU C 494 2.92 42.83 -0.68
CA LEU C 494 4.30 42.68 -1.15
C LEU C 494 4.39 42.55 -2.67
N ASN C 495 3.55 43.31 -3.37
CA ASN C 495 3.71 43.44 -4.82
C ASN C 495 4.77 44.48 -5.15
N ALA C 496 5.25 45.18 -4.14
CA ALA C 496 6.22 46.26 -4.24
C ALA C 496 7.03 46.26 -2.94
N PRO C 497 8.01 47.13 -2.77
CA PRO C 497 8.50 47.40 -1.41
C PRO C 497 7.37 47.85 -0.49
N ALA C 498 7.32 47.26 0.69
CA ALA C 498 6.21 47.49 1.61
C ALA C 498 6.32 48.88 2.23
N THR C 499 5.19 49.57 2.34
CA THR C 499 5.14 50.94 2.83
C THR C 499 4.29 51.15 4.07
N VAL C 500 3.15 50.49 4.18
CA VAL C 500 2.19 50.73 5.27
C VAL C 500 2.17 49.52 6.20
N CYS C 501 2.56 49.75 7.46
CA CYS C 501 2.46 48.78 8.54
C CYS C 501 2.73 49.36 9.93
N GLY C 502 2.23 48.66 10.94
CA GLY C 502 2.12 49.16 12.29
C GLY C 502 3.46 49.28 12.99
N PRO C 503 3.44 49.90 14.17
CA PRO C 503 4.70 50.19 14.87
C PRO C 503 5.28 48.93 15.52
N LYS C 504 6.40 48.47 14.98
CA LYS C 504 7.16 47.42 15.61
C LYS C 504 8.63 47.81 15.56
N LEU C 505 9.35 47.52 16.62
CA LEU C 505 10.72 47.97 16.79
C LEU C 505 11.67 47.00 16.11
N SER C 506 12.56 47.54 15.28
CA SER C 506 13.51 46.70 14.56
C SER C 506 14.65 46.26 15.46
N THR C 507 15.32 45.18 15.05
CA THR C 507 16.42 44.59 15.79
C THR C 507 17.58 44.36 14.83
N ASP C 508 18.80 44.51 15.34
CA ASP C 508 19.99 44.29 14.53
C ASP C 508 20.09 42.83 14.12
N LEU C 509 20.40 42.60 12.85
CA LEU C 509 20.38 41.24 12.31
C LEU C 509 21.62 40.47 12.74
N ILE C 510 21.43 39.18 13.00
CA ILE C 510 22.49 38.28 13.46
C ILE C 510 22.69 37.20 12.40
N LYS C 511 23.92 37.01 11.98
CA LYS C 511 24.24 36.09 10.89
C LYS C 511 24.88 34.83 11.44
N ASN C 512 24.68 33.71 10.74
CA ASN C 512 25.24 32.39 11.01
C ASN C 512 24.83 31.79 12.35
N GLN C 513 23.70 32.19 12.91
CA GLN C 513 23.15 31.55 14.10
C GLN C 513 21.68 31.20 13.88
N CYS C 514 21.24 30.12 14.50
CA CYS C 514 19.84 29.73 14.42
C CYS C 514 18.97 30.72 15.18
N VAL C 515 18.28 31.58 14.45
CA VAL C 515 17.46 32.63 15.05
C VAL C 515 16.06 32.61 14.47
N ASN C 516 15.10 33.16 15.22
CA ASN C 516 13.82 33.54 14.65
C ASN C 516 13.99 34.80 13.82
N PHE C 517 13.28 34.88 12.70
CA PHE C 517 13.34 36.10 11.91
C PHE C 517 11.95 36.54 11.48
N ASN C 518 11.79 37.85 11.34
CA ASN C 518 10.56 38.48 10.87
C ASN C 518 10.95 39.57 9.89
N PHE C 519 10.71 39.34 8.60
CA PHE C 519 10.99 40.30 7.55
C PHE C 519 9.68 40.70 6.90
N ASN C 520 9.18 41.89 7.23
CA ASN C 520 7.96 42.47 6.65
C ASN C 520 6.76 41.53 6.78
N GLY C 521 6.58 40.98 7.97
CA GLY C 521 5.50 40.06 8.20
C GLY C 521 5.78 38.63 7.81
N LEU C 522 6.94 38.36 7.21
CA LEU C 522 7.37 37.02 6.86
C LEU C 522 8.12 36.43 8.04
N THR C 523 7.49 35.46 8.71
CA THR C 523 8.03 34.87 9.92
C THR C 523 8.72 33.56 9.58
N GLY C 524 9.77 33.24 10.33
CA GLY C 524 10.46 31.98 10.11
C GLY C 524 11.51 31.72 11.15
N THR C 525 12.20 30.59 10.98
CA THR C 525 13.28 30.16 11.85
C THR C 525 14.40 29.61 10.99
N GLY C 526 15.63 30.04 11.23
CA GLY C 526 16.73 29.52 10.42
C GLY C 526 18.00 30.29 10.67
N VAL C 527 19.00 30.01 9.84
CA VAL C 527 20.25 30.75 9.85
C VAL C 527 20.31 31.61 8.60
N LEU C 528 20.91 32.79 8.73
CA LEU C 528 20.97 33.79 7.67
C LEU C 528 22.42 33.93 7.20
N THR C 529 22.62 34.02 5.90
CA THR C 529 23.94 33.98 5.30
C THR C 529 24.04 35.08 4.26
N PRO C 530 25.20 35.72 4.13
CA PRO C 530 25.42 36.59 2.96
C PRO C 530 25.33 35.81 1.65
N SER C 531 24.81 36.47 0.63
CA SER C 531 24.36 35.77 -0.57
C SER C 531 24.95 36.40 -1.83
N SER C 532 25.04 35.58 -2.88
CA SER C 532 25.59 35.98 -4.16
C SER C 532 24.56 36.10 -5.27
N LYS C 533 23.29 35.85 -4.97
CA LYS C 533 22.24 35.93 -5.99
C LYS C 533 22.01 37.37 -6.40
N ARG C 534 21.56 37.57 -7.63
CA ARG C 534 21.35 38.90 -8.18
C ARG C 534 19.85 39.18 -8.28
N PHE C 535 19.39 40.19 -7.57
CA PHE C 535 18.00 40.59 -7.54
C PHE C 535 17.79 41.77 -8.48
N GLN C 536 16.75 41.69 -9.30
CA GLN C 536 16.32 42.84 -10.09
C GLN C 536 15.65 43.87 -9.18
N PRO C 537 15.59 45.14 -9.60
CA PRO C 537 15.10 46.20 -8.69
C PRO C 537 13.67 46.03 -8.20
N PHE C 538 12.82 45.32 -8.94
CA PHE C 538 11.42 45.18 -8.50
C PHE C 538 11.23 43.95 -7.62
N GLN C 539 12.08 42.94 -7.75
CA GLN C 539 11.92 41.71 -7.00
C GLN C 539 12.21 41.93 -5.52
N GLN C 540 11.57 41.14 -4.66
CA GLN C 540 11.69 41.30 -3.22
C GLN C 540 12.21 40.07 -2.50
N PHE C 541 11.79 38.86 -2.87
CA PHE C 541 12.29 37.64 -2.24
C PHE C 541 12.18 36.47 -3.20
N GLY C 542 13.12 35.53 -3.08
CA GLY C 542 13.08 34.33 -3.89
C GLY C 542 12.24 33.22 -3.28
N ARG C 543 11.93 32.21 -4.08
CA ARG C 543 11.10 31.10 -3.64
C ARG C 543 11.66 29.78 -4.13
N ASP C 544 11.04 28.70 -3.64
CA ASP C 544 11.50 27.34 -3.87
C ASP C 544 10.39 26.53 -4.52
N VAL C 545 10.70 25.29 -4.89
CA VAL C 545 9.74 24.44 -5.58
C VAL C 545 8.65 23.97 -4.63
N SER C 546 8.97 23.86 -3.34
CA SER C 546 8.01 23.47 -2.31
C SER C 546 7.46 24.67 -1.57
N ASP C 547 7.54 25.86 -2.16
CA ASP C 547 6.89 27.09 -1.68
C ASP C 547 7.39 27.52 -0.30
N PHE C 548 8.70 27.42 -0.10
CA PHE C 548 9.35 28.04 1.04
C PHE C 548 10.26 29.14 0.52
N THR C 549 10.29 30.27 1.23
CA THR C 549 11.18 31.35 0.88
C THR C 549 12.61 30.98 1.26
N ASP C 550 13.54 31.10 0.31
CA ASP C 550 14.94 30.81 0.58
C ASP C 550 15.86 32.02 0.49
N SER C 551 15.40 33.12 -0.08
CA SER C 551 16.20 34.34 -0.14
C SER C 551 15.32 35.52 0.21
N VAL C 552 15.90 36.51 0.90
CA VAL C 552 15.15 37.68 1.31
C VAL C 552 16.01 38.91 1.02
N ARG C 553 15.37 40.06 0.88
CA ARG C 553 16.06 41.34 0.74
C ARG C 553 15.80 42.18 1.98
N ASP C 554 16.88 42.72 2.54
CA ASP C 554 16.81 43.47 3.79
C ASP C 554 16.06 44.78 3.55
N PRO C 555 14.99 45.07 4.31
CA PRO C 555 14.22 46.29 4.07
C PRO C 555 14.86 47.58 4.58
N LYS C 556 16.07 47.50 5.09
CA LYS C 556 16.76 48.71 5.52
C LYS C 556 18.02 48.99 4.71
N THR C 557 18.86 48.00 4.50
CA THR C 557 20.13 48.19 3.81
C THR C 557 20.16 47.60 2.40
N SER C 558 19.06 46.96 1.97
CA SER C 558 18.92 46.35 0.65
C SER C 558 20.03 45.34 0.37
N GLU C 559 20.24 44.43 1.32
CA GLU C 559 21.22 43.36 1.21
C GLU C 559 20.49 42.04 1.07
N ILE C 560 21.00 41.18 0.19
CA ILE C 560 20.35 39.91 -0.09
C ILE C 560 20.87 38.83 0.85
N LEU C 561 19.96 38.13 1.51
CA LEU C 561 20.29 37.16 2.56
C LEU C 561 19.72 35.80 2.18
N ASP C 562 20.55 34.77 2.31
CA ASP C 562 20.08 33.39 2.14
C ASP C 562 19.62 32.83 3.48
N ILE C 563 18.60 31.97 3.42
CA ILE C 563 18.00 31.36 4.60
C ILE C 563 18.21 29.85 4.52
N SER C 564 18.74 29.26 5.58
CA SER C 564 18.97 27.83 5.67
C SER C 564 18.32 27.30 6.94
N PRO C 565 17.90 26.03 6.95
CA PRO C 565 17.25 25.49 8.15
C PRO C 565 18.24 25.30 9.29
N CYS C 566 17.71 25.36 10.51
CA CYS C 566 18.47 24.92 11.67
C CYS C 566 18.58 23.40 11.64
N SER C 567 19.63 22.88 12.27
CA SER C 567 19.99 21.47 12.10
C SER C 567 18.93 20.57 12.72
N PHE C 568 18.62 19.47 12.01
CA PHE C 568 17.66 18.49 12.45
C PHE C 568 18.06 17.14 11.90
N GLY C 569 17.60 16.08 12.55
CA GLY C 569 17.90 14.75 12.04
C GLY C 569 17.35 13.68 12.94
N GLY C 570 17.77 12.45 12.68
CA GLY C 570 17.38 11.34 13.53
C GLY C 570 18.44 10.99 14.56
N VAL C 571 18.00 10.29 15.60
CA VAL C 571 18.88 9.82 16.66
C VAL C 571 18.70 8.30 16.78
N SER C 572 19.81 7.58 16.76
CA SER C 572 19.79 6.13 16.95
C SER C 572 20.57 5.77 18.19
N VAL C 573 20.11 4.75 18.92
CA VAL C 573 20.74 4.31 20.15
C VAL C 573 21.28 2.90 19.95
N ILE C 574 22.58 2.72 20.15
CA ILE C 574 23.28 1.46 19.95
C ILE C 574 23.58 0.85 21.30
N THR C 575 23.11 -0.36 21.53
CA THR C 575 23.19 -0.97 22.85
C THR C 575 23.77 -2.38 22.78
N PRO C 576 24.52 -2.81 23.79
CA PRO C 576 24.98 -4.21 23.80
C PRO C 576 23.95 -5.19 24.30
N GLY C 577 22.86 -4.69 24.88
CA GLY C 577 21.82 -5.53 25.45
C GLY C 577 21.63 -5.19 26.91
N THR C 578 20.39 -5.20 27.40
CA THR C 578 20.15 -4.87 28.80
C THR C 578 20.76 -5.92 29.73
N ASN C 579 20.69 -7.19 29.35
CA ASN C 579 21.30 -8.24 30.16
C ASN C 579 22.82 -8.13 30.20
N ALA C 580 23.42 -7.61 29.13
CA ALA C 580 24.87 -7.47 29.11
C ALA C 580 25.33 -6.26 29.92
N SER C 581 24.78 -5.08 29.62
CA SER C 581 25.23 -3.86 30.30
C SER C 581 24.18 -2.77 30.16
N SER C 582 24.36 -1.70 30.93
CA SER C 582 23.47 -0.56 30.91
C SER C 582 24.00 0.62 30.10
N GLU C 583 25.08 0.43 29.36
CA GLU C 583 25.64 1.50 28.56
C GLU C 583 25.02 1.54 27.18
N VAL C 584 25.09 2.71 26.54
CA VAL C 584 24.65 2.92 25.17
C VAL C 584 25.65 3.81 24.47
N ALA C 585 25.52 3.89 23.15
CA ALA C 585 26.20 4.88 22.33
C ALA C 585 25.14 5.55 21.48
N VAL C 586 25.36 6.81 21.08
CA VAL C 586 24.35 7.58 20.39
C VAL C 586 24.89 7.98 19.02
N LEU C 587 24.09 7.77 17.98
CA LEU C 587 24.42 8.20 16.63
C LEU C 587 23.48 9.32 16.22
N TYR C 588 24.03 10.51 16.00
CA TYR C 588 23.28 11.65 15.49
C TYR C 588 23.41 11.63 13.96
N GLN C 589 22.30 11.42 13.27
CA GLN C 589 22.34 11.18 11.83
C GLN C 589 22.36 12.48 11.05
N ASP C 590 23.22 12.52 10.02
CA ASP C 590 23.26 13.58 9.01
C ASP C 590 23.56 14.92 9.66
N VAL C 591 24.78 15.06 10.21
CA VAL C 591 25.22 16.27 10.88
C VAL C 591 26.73 16.26 11.00
N ASN C 592 27.33 17.44 10.83
CA ASN C 592 28.70 17.70 11.25
C ASN C 592 28.64 18.22 12.68
N CYS C 593 29.09 17.38 13.62
CA CYS C 593 28.50 17.49 14.95
C CYS C 593 29.44 18.11 15.96
N THR C 594 30.43 18.89 15.50
CA THR C 594 30.91 19.97 16.35
C THR C 594 29.77 20.93 16.66
N ASP C 595 28.82 21.06 15.72
CA ASP C 595 27.58 21.78 15.98
C ASP C 595 26.80 21.18 17.14
N VAL C 596 26.67 19.86 17.22
CA VAL C 596 25.87 19.33 18.32
C VAL C 596 26.68 19.30 19.60
N SER C 597 28.02 19.31 19.50
CA SER C 597 28.82 19.48 20.71
C SER C 597 28.61 20.87 21.31
N THR C 598 28.64 21.90 20.46
CA THR C 598 28.35 23.25 20.96
C THR C 598 26.91 23.39 21.43
N ALA C 599 25.98 22.68 20.78
CA ALA C 599 24.58 22.75 21.19
C ALA C 599 24.36 22.05 22.53
N ILE C 600 25.08 20.97 22.79
CA ILE C 600 24.99 20.31 24.09
C ILE C 600 25.62 21.18 25.17
N HIS C 601 26.78 21.78 24.87
CA HIS C 601 27.46 22.59 25.88
C HIS C 601 26.73 23.90 26.15
N ALA C 602 25.91 24.35 25.19
CA ALA C 602 25.10 25.55 25.38
C ALA C 602 23.64 25.24 25.67
N ASP C 603 23.29 23.96 25.82
CA ASP C 603 21.93 23.51 26.16
C ASP C 603 20.88 23.99 25.16
N GLN C 604 21.19 23.87 23.87
CA GLN C 604 20.24 24.24 22.82
C GLN C 604 19.73 23.05 22.03
N LEU C 605 20.10 21.82 22.39
CA LEU C 605 19.70 20.65 21.64
C LEU C 605 18.42 20.09 22.26
N THR C 606 17.35 20.01 21.47
CA THR C 606 16.03 19.79 22.05
C THR C 606 15.77 18.41 22.66
N PRO C 607 16.40 17.30 22.26
CA PRO C 607 16.29 16.14 23.17
C PRO C 607 17.28 16.34 24.31
N ALA C 608 16.75 16.73 25.46
CA ALA C 608 17.59 17.11 26.59
C ALA C 608 17.55 15.98 27.62
N TRP C 609 18.72 15.43 27.91
CA TRP C 609 18.84 14.35 28.87
C TRP C 609 19.51 14.89 30.12
N ARG C 610 18.84 14.72 31.26
CA ARG C 610 19.31 15.33 32.50
C ARG C 610 20.63 14.73 32.96
N ILE C 611 20.81 13.43 32.78
CA ILE C 611 22.06 12.78 33.15
C ILE C 611 22.68 12.24 31.88
N TYR C 612 23.54 13.04 31.25
CA TYR C 612 24.20 12.68 30.00
C TYR C 612 25.42 13.54 29.81
N SER C 613 26.56 12.90 29.54
CA SER C 613 27.81 13.59 29.28
C SER C 613 28.35 13.14 27.93
N THR C 614 28.75 14.11 27.11
CA THR C 614 29.32 13.78 25.81
C THR C 614 30.64 13.03 25.94
N GLY C 615 31.49 13.47 26.87
CA GLY C 615 32.71 12.76 27.16
C GLY C 615 33.82 13.06 26.17
N ASN C 616 34.90 12.29 26.31
CA ASN C 616 36.05 12.46 25.42
C ASN C 616 35.82 11.76 24.08
N ASN C 617 34.98 10.73 24.06
CA ASN C 617 34.79 9.89 22.88
C ASN C 617 33.76 10.53 21.95
N VAL C 618 34.23 11.22 20.92
CA VAL C 618 33.40 11.73 19.84
C VAL C 618 34.06 11.33 18.53
N PHE C 619 33.30 10.67 17.66
CA PHE C 619 33.82 10.15 16.41
C PHE C 619 32.97 10.68 15.26
N GLN C 620 33.62 11.18 14.22
CA GLN C 620 32.93 11.68 13.03
C GLN C 620 32.93 10.59 11.96
N THR C 621 31.74 10.15 11.56
CA THR C 621 31.57 9.12 10.56
C THR C 621 30.82 9.69 9.37
N GLN C 622 30.58 8.84 8.38
CA GLN C 622 29.78 9.25 7.23
C GLN C 622 28.29 9.26 7.56
N ALA C 623 27.86 8.35 8.43
CA ALA C 623 26.44 8.20 8.72
C ALA C 623 25.92 9.32 9.63
N GLY C 624 26.83 10.04 10.27
CA GLY C 624 26.44 11.04 11.25
C GLY C 624 27.65 11.34 12.13
N CYS C 625 27.40 11.33 13.43
CA CYS C 625 28.53 11.12 14.33
C CYS C 625 28.15 10.26 15.52
N LEU C 626 29.16 9.62 16.10
CA LEU C 626 28.99 8.60 17.13
C LEU C 626 29.58 9.12 18.42
N ILE C 627 28.75 9.21 19.46
CA ILE C 627 29.15 9.71 20.77
C ILE C 627 28.99 8.58 21.78
N GLY C 628 30.07 8.25 22.47
CA GLY C 628 30.07 7.20 23.45
C GLY C 628 30.77 5.93 23.04
N ALA C 629 31.41 5.90 21.87
CA ALA C 629 32.07 4.71 21.36
C ALA C 629 33.53 5.02 21.04
N GLU C 630 34.41 4.08 21.36
CA GLU C 630 35.86 4.28 21.27
C GLU C 630 36.41 3.59 20.02
N HIS C 631 37.09 4.36 19.18
CA HIS C 631 37.64 3.82 17.94
C HIS C 631 38.81 2.89 18.21
N VAL C 632 38.83 1.76 17.49
CA VAL C 632 39.93 0.80 17.56
C VAL C 632 40.39 0.50 16.14
N ASP C 633 41.70 0.31 15.97
CA ASP C 633 42.26 0.12 14.64
C ASP C 633 42.00 -1.29 14.12
N THR C 634 42.00 -2.28 15.02
CA THR C 634 41.88 -3.68 14.61
C THR C 634 40.46 -3.98 14.13
N SER C 635 40.34 -4.96 13.23
CA SER C 635 39.09 -5.25 12.53
C SER C 635 38.61 -6.65 12.84
N TYR C 636 37.28 -6.82 12.93
CA TYR C 636 36.66 -8.11 13.17
C TYR C 636 35.40 -8.24 12.32
N GLU C 637 34.79 -9.42 12.39
CA GLU C 637 33.44 -9.61 11.87
C GLU C 637 32.47 -8.74 12.67
N CYS C 638 31.85 -7.77 12.00
CA CYS C 638 31.20 -6.72 12.75
C CYS C 638 29.78 -7.12 13.15
N ASP C 639 29.39 -6.68 14.34
CA ASP C 639 28.17 -7.10 15.03
C ASP C 639 26.99 -6.17 14.76
N ILE C 640 27.11 -4.90 15.15
CA ILE C 640 26.05 -3.92 15.00
C ILE C 640 26.49 -2.93 13.94
N PRO C 641 25.82 -2.81 12.80
CA PRO C 641 26.33 -1.96 11.72
C PRO C 641 25.86 -0.52 11.78
N ILE C 642 26.80 0.43 11.83
CA ILE C 642 26.42 1.84 11.76
C ILE C 642 26.33 2.30 10.31
N GLY C 643 27.35 2.05 9.53
CA GLY C 643 27.17 2.41 8.14
C GLY C 643 28.42 3.00 7.53
N ALA C 644 28.54 2.86 6.21
CA ALA C 644 29.67 3.21 5.35
C ALA C 644 30.94 2.46 5.71
N GLY C 645 30.83 1.26 6.28
CA GLY C 645 31.99 0.47 6.67
C GLY C 645 32.27 0.45 8.15
N ILE C 646 31.55 1.21 8.97
CA ILE C 646 31.77 1.29 10.40
C ILE C 646 30.75 0.42 11.10
N CYS C 647 31.21 -0.42 12.03
CA CYS C 647 30.35 -1.24 12.87
C CYS C 647 30.77 -1.06 14.32
N ALA C 648 29.96 -1.58 15.25
CA ALA C 648 30.26 -1.48 16.68
C ALA C 648 29.99 -2.79 17.38
N SER C 649 30.66 -2.98 18.51
CA SER C 649 30.52 -4.21 19.29
C SER C 649 30.95 -3.95 20.73
N TYR C 650 30.71 -4.94 21.57
CA TYR C 650 31.06 -4.88 22.98
C TYR C 650 32.30 -5.72 23.25
N HIS C 651 33.46 -5.07 23.34
CA HIS C 651 34.72 -5.80 23.45
C HIS C 651 35.45 -5.39 24.73
N THR C 652 36.43 -6.21 25.10
CA THR C 652 37.25 -5.96 26.28
C THR C 652 38.25 -4.83 26.06
N GLN C 661 36.63 -5.26 32.31
CA GLN C 661 36.20 -3.97 31.83
C GLN C 661 35.96 -4.01 30.32
N LYS C 662 34.70 -3.93 29.93
CA LYS C 662 34.31 -4.00 28.52
C LYS C 662 33.69 -2.68 28.12
N SER C 663 33.97 -2.26 26.88
CA SER C 663 33.44 -1.01 26.34
C SER C 663 32.91 -1.24 24.94
N ILE C 664 32.12 -0.26 24.47
CA ILE C 664 31.59 -0.30 23.12
C ILE C 664 32.60 0.32 22.17
N VAL C 665 32.99 -0.44 21.14
CA VAL C 665 34.05 -0.03 20.22
C VAL C 665 33.50 0.01 18.81
N ALA C 666 34.00 0.95 18.01
CA ALA C 666 33.60 1.13 16.62
C ALA C 666 34.82 0.93 15.74
N TYR C 667 34.67 0.10 14.72
CA TYR C 667 35.79 -0.31 13.87
C TYR C 667 35.34 -0.45 12.42
N THR C 668 36.31 -0.43 11.52
CA THR C 668 36.03 -0.74 10.13
C THR C 668 35.99 -2.25 9.92
N MET C 669 34.89 -2.73 9.35
CA MET C 669 34.66 -4.17 9.26
C MET C 669 35.59 -4.82 8.25
N SER C 670 35.89 -6.10 8.49
CA SER C 670 36.80 -6.87 7.66
C SER C 670 35.98 -7.84 6.82
N LEU C 671 36.30 -7.91 5.52
CA LEU C 671 35.45 -8.66 4.60
C LEU C 671 35.64 -10.16 4.77
N GLY C 672 36.87 -10.62 4.95
CA GLY C 672 37.09 -12.04 5.13
C GLY C 672 38.54 -12.33 5.45
N ALA C 673 38.82 -13.62 5.60
CA ALA C 673 40.17 -14.08 5.91
C ALA C 673 41.09 -13.83 4.72
N ASP C 674 42.39 -13.83 5.00
CA ASP C 674 43.40 -13.59 3.98
C ASP C 674 43.99 -14.93 3.58
N SER C 675 43.95 -15.23 2.29
CA SER C 675 44.42 -16.51 1.78
C SER C 675 45.26 -16.28 0.53
N SER C 676 46.21 -17.18 0.31
CA SER C 676 47.09 -17.10 -0.86
C SER C 676 47.21 -18.48 -1.47
N ILE C 677 46.96 -18.58 -2.78
CA ILE C 677 47.08 -19.82 -3.52
C ILE C 677 48.10 -19.61 -4.62
N ALA C 678 49.13 -20.44 -4.63
CA ALA C 678 50.12 -20.38 -5.70
C ALA C 678 49.50 -20.89 -7.00
N TYR C 679 49.79 -20.20 -8.10
CA TYR C 679 49.47 -20.69 -9.42
C TYR C 679 50.74 -21.26 -10.05
N SER C 680 50.79 -22.57 -10.18
CA SER C 680 51.85 -23.23 -10.91
C SER C 680 51.21 -24.04 -12.03
N ASN C 681 51.82 -23.97 -13.21
CA ASN C 681 51.19 -24.50 -14.40
C ASN C 681 51.44 -25.99 -14.62
N ASN C 682 52.07 -26.68 -13.67
CA ASN C 682 52.30 -28.10 -13.81
C ASN C 682 51.94 -28.92 -12.59
N THR C 683 51.30 -28.33 -11.58
CA THR C 683 50.98 -29.06 -10.36
C THR C 683 49.48 -29.02 -10.09
N ILE C 684 49.01 -30.01 -9.33
CA ILE C 684 47.61 -30.15 -8.98
C ILE C 684 47.53 -30.49 -7.50
N ALA C 685 46.37 -30.25 -6.90
CA ALA C 685 46.13 -30.57 -5.50
C ALA C 685 44.91 -31.46 -5.38
N ILE C 686 45.05 -32.57 -4.65
CA ILE C 686 44.03 -33.61 -4.58
C ILE C 686 43.75 -33.90 -3.11
N PRO C 687 42.47 -33.97 -2.70
CA PRO C 687 42.16 -34.37 -1.33
C PRO C 687 42.45 -35.84 -1.09
N THR C 688 42.75 -36.18 0.16
CA THR C 688 42.97 -37.57 0.54
C THR C 688 41.99 -38.08 1.58
N ASN C 689 41.17 -37.22 2.18
CA ASN C 689 40.19 -37.66 3.17
C ASN C 689 38.93 -36.84 3.00
N PHE C 690 37.92 -37.16 3.80
CA PHE C 690 36.62 -36.52 3.69
C PHE C 690 35.91 -36.47 5.03
N SER C 691 34.89 -35.63 5.09
CA SER C 691 34.03 -35.51 6.26
C SER C 691 32.57 -35.42 5.82
N ILE C 692 31.68 -35.81 6.73
CA ILE C 692 30.24 -35.75 6.51
C ILE C 692 29.69 -34.63 7.39
N SER C 693 29.08 -33.63 6.76
CA SER C 693 28.59 -32.46 7.48
C SER C 693 27.08 -32.39 7.36
N ILE C 694 26.40 -32.17 8.49
CA ILE C 694 24.95 -32.02 8.51
C ILE C 694 24.62 -30.60 8.94
N THR C 695 23.91 -29.88 8.08
CA THR C 695 23.62 -28.46 8.31
C THR C 695 22.12 -28.22 8.23
N THR C 696 21.70 -27.05 8.70
CA THR C 696 20.31 -26.73 8.94
C THR C 696 19.88 -25.53 8.12
N GLU C 697 18.72 -25.64 7.46
CA GLU C 697 18.05 -24.52 6.81
C GLU C 697 16.67 -24.34 7.43
N VAL C 698 16.31 -23.09 7.73
CA VAL C 698 15.07 -22.78 8.43
C VAL C 698 14.23 -21.87 7.54
N MET C 699 13.02 -22.30 7.20
CA MET C 699 12.21 -21.58 6.24
C MET C 699 10.80 -21.37 6.74
N PRO C 700 10.24 -20.17 6.54
CA PRO C 700 8.83 -19.92 6.87
C PRO C 700 7.86 -20.39 5.81
N VAL C 701 6.74 -21.00 6.20
CA VAL C 701 5.78 -21.48 5.21
C VAL C 701 4.47 -20.71 5.28
N SER C 702 3.92 -20.53 6.47
CA SER C 702 2.64 -19.88 6.64
C SER C 702 2.72 -18.86 7.76
N MET C 703 1.63 -18.11 7.94
CA MET C 703 1.53 -17.15 9.03
C MET C 703 0.13 -17.20 9.60
N ALA C 704 -0.10 -16.43 10.66
CA ALA C 704 -1.34 -16.55 11.42
C ALA C 704 -2.51 -15.96 10.64
N LYS C 705 -3.61 -16.70 10.60
CA LYS C 705 -4.84 -16.21 10.02
C LYS C 705 -5.51 -15.26 11.01
N THR C 706 -6.33 -14.35 10.48
CA THR C 706 -7.00 -13.38 11.33
C THR C 706 -8.27 -12.91 10.64
N SER C 707 -9.20 -12.41 11.44
CA SER C 707 -10.46 -11.89 10.93
C SER C 707 -10.90 -10.71 11.78
N VAL C 708 -11.51 -9.73 11.13
CA VAL C 708 -11.92 -8.49 11.75
C VAL C 708 -13.39 -8.28 11.46
N ASP C 709 -14.14 -7.95 12.51
CA ASP C 709 -15.53 -7.54 12.37
C ASP C 709 -15.54 -6.02 12.15
N CYS C 710 -15.94 -5.60 10.95
CA CYS C 710 -15.82 -4.18 10.60
C CYS C 710 -16.75 -3.31 11.43
N ASN C 711 -18.01 -3.74 11.57
CA ASN C 711 -18.98 -2.94 12.33
C ASN C 711 -18.66 -2.94 13.82
N MET C 712 -18.11 -4.04 14.33
CA MET C 712 -17.83 -4.13 15.75
C MET C 712 -16.59 -3.32 16.12
N TYR C 713 -15.60 -3.29 15.22
CA TYR C 713 -14.41 -2.47 15.44
C TYR C 713 -14.76 -0.99 15.34
N ILE C 714 -15.47 -0.59 14.28
CA ILE C 714 -15.73 0.84 14.09
C ILE C 714 -16.81 1.34 15.03
N CYS C 715 -17.96 0.67 15.07
CA CYS C 715 -19.12 1.17 15.78
C CYS C 715 -19.44 0.46 17.09
N GLY C 716 -19.33 -0.86 17.13
CA GLY C 716 -19.70 -1.56 18.35
C GLY C 716 -21.16 -1.97 18.32
N ASP C 717 -21.90 -1.58 19.36
CA ASP C 717 -23.30 -1.94 19.50
C ASP C 717 -24.24 -0.78 19.20
N SER C 718 -23.75 0.31 18.63
CA SER C 718 -24.56 1.49 18.41
C SER C 718 -25.37 1.36 17.13
N THR C 719 -26.64 1.76 17.18
CA THR C 719 -27.45 1.80 15.97
C THR C 719 -27.26 3.11 15.23
N GLU C 720 -27.03 4.20 15.98
CA GLU C 720 -26.77 5.49 15.36
C GLU C 720 -25.47 5.47 14.56
N CYS C 721 -24.43 4.83 15.08
CA CYS C 721 -23.19 4.69 14.30
C CYS C 721 -23.39 3.79 13.09
N ALA C 722 -24.22 2.76 13.23
CA ALA C 722 -24.43 1.84 12.12
C ALA C 722 -25.20 2.50 10.98
N ASN C 723 -26.03 3.50 11.31
CA ASN C 723 -26.69 4.25 10.25
C ASN C 723 -25.70 5.10 9.45
N LEU C 724 -24.78 5.78 10.13
CA LEU C 724 -23.82 6.63 9.43
C LEU C 724 -22.76 5.82 8.69
N LEU C 725 -22.51 4.59 9.11
CA LEU C 725 -21.52 3.79 8.39
C LEU C 725 -22.04 3.35 7.02
N LEU C 726 -23.35 3.41 6.79
CA LEU C 726 -23.90 2.97 5.51
C LEU C 726 -23.66 3.99 4.41
N GLN C 727 -23.33 5.22 4.78
CA GLN C 727 -23.10 6.26 3.78
C GLN C 727 -21.76 6.09 3.09
N TYR C 728 -20.84 5.37 3.73
CA TYR C 728 -19.48 5.27 3.18
C TYR C 728 -19.38 4.14 2.15
N GLY C 729 -20.39 3.32 2.06
CA GLY C 729 -20.50 2.40 0.95
C GLY C 729 -20.32 0.98 1.41
N SER C 730 -19.77 0.17 0.51
CA SER C 730 -19.42 -1.22 0.82
C SER C 730 -17.93 -1.33 1.13
N PHE C 731 -17.54 -0.79 2.28
CA PHE C 731 -16.14 -0.94 2.71
C PHE C 731 -15.92 -2.22 3.49
N CYS C 732 -16.89 -2.64 4.31
CA CYS C 732 -16.66 -3.79 5.19
C CYS C 732 -16.62 -5.10 4.41
N THR C 733 -17.40 -5.21 3.34
CA THR C 733 -17.40 -6.43 2.53
C THR C 733 -16.06 -6.64 1.84
N GLN C 734 -15.43 -5.55 1.37
CA GLN C 734 -14.13 -5.65 0.73
C GLN C 734 -13.05 -6.09 1.71
N LEU C 735 -13.05 -5.51 2.91
CA LEU C 735 -12.03 -5.84 3.90
C LEU C 735 -12.19 -7.27 4.40
N ASN C 736 -13.44 -7.70 4.62
CA ASN C 736 -13.68 -9.09 4.98
C ASN C 736 -13.27 -10.04 3.86
N ARG C 737 -13.55 -9.68 2.61
CA ARG C 737 -13.16 -10.53 1.48
C ARG C 737 -11.66 -10.64 1.35
N ALA C 738 -10.93 -9.54 1.58
CA ALA C 738 -9.47 -9.57 1.47
C ALA C 738 -8.83 -10.41 2.57
N LEU C 739 -9.28 -10.22 3.82
CA LEU C 739 -8.74 -11.02 4.92
C LEU C 739 -9.09 -12.49 4.77
N SER C 740 -10.28 -12.78 4.23
CA SER C 740 -10.66 -14.16 3.94
C SER C 740 -9.78 -14.77 2.86
N GLY C 741 -9.40 -13.99 1.85
CA GLY C 741 -8.51 -14.49 0.82
C GLY C 741 -7.13 -14.82 1.34
N ILE C 742 -6.55 -13.95 2.18
CA ILE C 742 -5.25 -14.23 2.79
C ILE C 742 -5.31 -15.47 3.66
N ALA C 743 -6.37 -15.59 4.48
CA ALA C 743 -6.52 -16.74 5.36
C ALA C 743 -6.64 -18.04 4.57
N ALA C 744 -7.38 -18.02 3.46
CA ALA C 744 -7.49 -19.23 2.65
C ALA C 744 -6.21 -19.51 1.87
N GLU C 745 -5.38 -18.49 1.67
CA GLU C 745 -4.09 -18.71 1.00
C GLU C 745 -3.11 -19.46 1.90
N GLN C 746 -3.15 -19.20 3.21
CA GLN C 746 -2.18 -19.82 4.11
C GLN C 746 -2.30 -21.35 4.12
N ASP C 747 -3.51 -21.88 3.98
CA ASP C 747 -3.71 -23.32 3.95
C ASP C 747 -3.08 -23.95 2.71
N ARG C 748 -3.19 -23.27 1.57
CA ARG C 748 -2.52 -23.72 0.35
C ARG C 748 -1.01 -23.66 0.50
N ASN C 749 -0.50 -22.63 1.19
CA ASN C 749 0.94 -22.54 1.46
C ASN C 749 1.45 -23.74 2.23
N THR C 750 0.71 -24.17 3.25
CA THR C 750 1.12 -25.35 4.01
C THR C 750 0.99 -26.63 3.18
N ARG C 751 -0.13 -26.76 2.44
CA ARG C 751 -0.42 -28.00 1.73
C ARG C 751 0.57 -28.26 0.61
N GLU C 752 0.99 -27.23 -0.12
CA GLU C 752 1.88 -27.46 -1.26
C GLU C 752 3.26 -27.89 -0.79
N VAL C 753 3.63 -27.57 0.44
CA VAL C 753 4.94 -27.96 0.96
C VAL C 753 4.89 -29.37 1.53
N PHE C 754 3.93 -29.65 2.41
CA PHE C 754 4.04 -30.88 3.18
C PHE C 754 3.36 -32.08 2.55
N ALA C 755 2.36 -31.90 1.71
CA ALA C 755 1.66 -33.03 1.09
C ALA C 755 2.38 -33.44 -0.19
N GLN C 756 3.53 -34.09 -0.01
CA GLN C 756 4.36 -34.57 -1.12
C GLN C 756 4.32 -36.09 -1.27
N VAL C 757 3.63 -36.79 -0.37
CA VAL C 757 3.55 -38.23 -0.40
C VAL C 757 2.10 -38.63 -0.63
N LYS C 758 1.88 -39.49 -1.63
CA LYS C 758 0.53 -40.01 -1.86
C LYS C 758 0.18 -41.09 -0.84
N GLN C 759 1.15 -41.91 -0.47
CA GLN C 759 0.93 -43.06 0.38
C GLN C 759 1.68 -42.85 1.69
N MET C 760 1.08 -43.26 2.79
CA MET C 760 1.65 -43.02 4.11
C MET C 760 2.36 -44.28 4.59
N TYR C 761 3.62 -44.14 4.99
CA TYR C 761 4.46 -45.26 5.43
C TYR C 761 4.52 -45.29 6.95
N LYS C 762 4.33 -46.47 7.54
CA LYS C 762 4.54 -46.61 8.97
C LYS C 762 6.02 -46.52 9.31
N THR C 763 6.29 -45.93 10.48
CA THR C 763 7.65 -45.81 10.98
C THR C 763 8.21 -47.20 11.27
N PRO C 764 9.39 -47.54 10.73
CA PRO C 764 9.93 -48.88 10.94
C PRO C 764 10.29 -49.11 12.40
N THR C 765 10.11 -50.37 12.85
CA THR C 765 10.29 -50.66 14.26
C THR C 765 11.76 -50.68 14.66
N LEU C 766 12.65 -50.87 13.69
CA LEU C 766 14.09 -50.80 13.92
C LEU C 766 14.59 -49.49 13.31
N LYS C 767 15.41 -48.78 14.07
CA LYS C 767 15.92 -47.47 13.66
C LYS C 767 17.43 -47.45 13.52
N TYR C 768 18.03 -48.56 13.12
CA TYR C 768 19.48 -48.68 12.93
C TYR C 768 19.69 -49.35 11.58
N PHE C 769 19.88 -48.55 10.53
CA PHE C 769 19.94 -49.04 9.16
C PHE C 769 21.38 -49.07 8.67
N GLY C 770 21.96 -50.25 8.60
CA GLY C 770 23.29 -50.41 8.04
C GLY C 770 24.40 -49.70 8.76
N GLY C 771 24.23 -49.42 10.05
CA GLY C 771 25.20 -48.67 10.81
C GLY C 771 24.79 -47.25 11.13
N PHE C 772 23.78 -46.71 10.46
CA PHE C 772 23.34 -45.33 10.65
C PHE C 772 22.18 -45.30 11.63
N ASN C 773 22.24 -44.41 12.60
CA ASN C 773 21.26 -44.32 13.69
C ASN C 773 20.23 -43.26 13.36
N PHE C 774 18.99 -43.69 13.11
CA PHE C 774 17.90 -42.81 12.70
C PHE C 774 16.91 -42.53 13.83
N SER C 775 17.26 -42.86 15.07
CA SER C 775 16.29 -42.83 16.15
C SER C 775 15.94 -41.43 16.62
N GLN C 776 16.76 -40.44 16.31
CA GLN C 776 16.56 -39.07 16.77
C GLN C 776 15.80 -38.21 15.78
N ILE C 777 15.37 -38.77 14.64
CA ILE C 777 14.60 -38.02 13.66
C ILE C 777 13.31 -38.74 13.30
N LEU C 778 13.08 -39.92 13.86
CA LEU C 778 11.85 -40.70 13.78
C LEU C 778 11.14 -40.71 15.13
N PRO C 779 9.81 -40.79 15.15
CA PRO C 779 9.08 -40.76 16.41
C PRO C 779 9.34 -41.98 17.28
N ASP C 780 9.35 -41.75 18.59
CA ASP C 780 9.61 -42.84 19.54
C ASP C 780 8.41 -43.79 19.59
N PRO C 781 8.63 -45.10 19.67
CA PRO C 781 7.51 -46.04 19.73
C PRO C 781 6.73 -45.97 21.02
N LEU C 782 7.36 -45.55 22.12
CA LEU C 782 6.71 -45.49 23.43
C LEU C 782 6.91 -44.07 24.02
N LYS C 783 6.00 -43.18 23.66
CA LYS C 783 5.97 -41.80 24.12
C LYS C 783 4.61 -41.22 23.78
N PRO C 784 4.00 -40.47 24.70
CA PRO C 784 2.67 -39.88 24.42
C PRO C 784 2.64 -38.92 23.23
N THR C 785 3.71 -38.17 22.98
CA THR C 785 3.74 -37.27 21.83
C THR C 785 4.22 -38.01 20.57
N LYS C 786 3.74 -37.56 19.42
CA LYS C 786 4.05 -38.19 18.16
C LYS C 786 5.22 -37.49 17.43
N ARG C 787 5.61 -36.32 17.90
CA ARG C 787 6.75 -35.60 17.35
C ARG C 787 8.05 -36.25 17.83
N SER C 788 9.10 -36.13 17.02
CA SER C 788 10.37 -36.74 17.36
C SER C 788 11.16 -35.85 18.32
N PHE C 789 12.44 -36.19 18.51
CA PHE C 789 13.26 -35.45 19.47
C PHE C 789 13.59 -34.05 18.99
N ILE C 790 14.07 -33.94 17.75
CA ILE C 790 14.51 -32.65 17.23
C ILE C 790 13.30 -31.74 17.02
N GLU C 791 12.16 -32.31 16.61
CA GLU C 791 10.94 -31.53 16.51
C GLU C 791 10.50 -31.01 17.87
N ASP C 792 10.66 -31.82 18.93
CA ASP C 792 10.32 -31.37 20.27
C ASP C 792 11.24 -30.26 20.75
N LEU C 793 12.51 -30.30 20.35
CA LEU C 793 13.41 -29.18 20.66
C LEU C 793 12.98 -27.90 19.91
N LEU C 794 12.62 -28.04 18.63
CA LEU C 794 12.28 -26.88 17.83
C LEU C 794 10.98 -26.23 18.28
N PHE C 795 10.02 -27.04 18.72
CA PHE C 795 8.74 -26.49 19.16
C PHE C 795 8.88 -25.70 20.45
N ASN C 796 9.85 -26.06 21.29
CA ASN C 796 10.09 -25.26 22.49
C ASN C 796 11.06 -24.12 22.21
N LYS C 797 11.73 -24.15 21.05
CA LYS C 797 12.65 -23.07 20.71
C LYS C 797 11.91 -21.76 20.43
N VAL C 798 10.84 -21.81 19.67
CA VAL C 798 10.06 -20.60 19.38
C VAL C 798 8.96 -20.46 20.42
N THR C 799 8.98 -19.35 21.14
CA THR C 799 7.97 -19.05 22.15
C THR C 799 6.91 -18.15 21.52
N LEU C 800 5.72 -18.71 21.33
CA LEU C 800 4.65 -18.00 20.64
C LEU C 800 4.08 -16.89 21.51
N LYS C 807 -1.84 -11.82 24.34
CA LYS C 807 -3.23 -11.72 24.79
C LYS C 807 -4.04 -10.91 23.79
N GLN C 808 -5.28 -10.60 24.19
CA GLN C 808 -6.19 -9.65 23.57
C GLN C 808 -6.48 -9.89 22.08
N TYR C 809 -6.20 -11.10 21.59
CA TYR C 809 -6.54 -11.42 20.21
C TYR C 809 -8.00 -11.80 20.09
N GLY C 810 -8.52 -12.58 21.05
CA GLY C 810 -9.91 -12.99 21.02
C GLY C 810 -10.19 -14.37 20.43
N GLU C 811 -9.20 -15.26 20.40
CA GLU C 811 -9.39 -16.56 19.76
C GLU C 811 -9.95 -17.60 20.72
N CYS C 812 -10.54 -18.65 20.15
CA CYS C 812 -11.04 -19.77 20.94
C CYS C 812 -9.96 -20.83 21.12
N LEU C 813 -9.63 -21.13 22.37
CA LEU C 813 -8.49 -21.99 22.67
C LEU C 813 -8.91 -23.23 23.44
N ILE C 822 -12.61 -23.56 25.53
CA ILE C 822 -12.97 -22.22 25.96
C ILE C 822 -12.93 -21.24 24.80
N CYS C 823 -14.09 -20.71 24.42
CA CYS C 823 -14.20 -19.68 23.40
C CYS C 823 -14.42 -18.33 24.08
N ALA C 824 -13.47 -17.40 23.88
CA ALA C 824 -13.50 -16.09 24.50
C ALA C 824 -13.56 -15.02 23.42
N GLN C 825 -14.15 -13.89 23.76
CA GLN C 825 -14.35 -12.81 22.82
C GLN C 825 -14.01 -11.47 23.46
N LYS C 826 -13.63 -10.51 22.61
CA LYS C 826 -13.18 -9.20 23.05
C LYS C 826 -14.04 -8.13 22.42
N PHE C 827 -13.93 -6.92 22.97
CA PHE C 827 -14.80 -5.82 22.54
C PHE C 827 -14.38 -5.27 21.19
N ASN C 828 -13.12 -5.44 20.81
CA ASN C 828 -12.61 -4.78 19.62
C ASN C 828 -13.00 -5.50 18.34
N GLY C 829 -13.41 -6.76 18.44
CA GLY C 829 -13.93 -7.46 17.28
C GLY C 829 -12.94 -8.25 16.47
N LEU C 830 -11.69 -8.38 16.93
CA LEU C 830 -10.66 -9.11 16.20
C LEU C 830 -10.64 -10.56 16.66
N THR C 831 -10.19 -11.46 15.77
CA THR C 831 -10.22 -12.89 16.01
C THR C 831 -9.05 -13.52 15.26
N VAL C 832 -8.50 -14.60 15.79
CA VAL C 832 -7.48 -15.39 15.12
C VAL C 832 -8.07 -16.76 14.82
N LEU C 833 -8.03 -17.15 13.55
CA LEU C 833 -8.66 -18.38 13.08
C LEU C 833 -7.69 -19.55 13.16
N PRO C 834 -8.19 -20.78 13.38
CA PRO C 834 -7.29 -21.93 13.55
C PRO C 834 -6.92 -22.58 12.23
N PRO C 835 -5.74 -23.20 12.15
CA PRO C 835 -5.31 -23.83 10.90
C PRO C 835 -6.10 -25.10 10.60
N LEU C 836 -6.11 -25.47 9.32
CA LEU C 836 -6.81 -26.69 8.90
C LEU C 836 -6.04 -27.94 9.27
N LEU C 837 -4.72 -27.92 9.10
CA LEU C 837 -3.87 -29.07 9.42
C LEU C 837 -3.21 -28.82 10.77
N THR C 838 -3.48 -29.71 11.73
CA THR C 838 -2.93 -29.52 13.06
C THR C 838 -1.47 -29.96 13.10
N ASP C 839 -0.87 -29.90 14.29
CA ASP C 839 0.54 -30.23 14.45
C ASP C 839 0.79 -31.72 14.26
N ASP C 840 -0.14 -32.55 14.72
CA ASP C 840 0.00 -33.99 14.55
C ASP C 840 -0.11 -34.40 13.09
N MET C 841 -0.97 -33.73 12.32
CA MET C 841 -1.11 -34.08 10.91
C MET C 841 0.09 -33.64 10.10
N ILE C 842 0.85 -32.66 10.58
CA ILE C 842 2.08 -32.25 9.89
C ILE C 842 3.23 -33.17 10.28
N ALA C 843 3.29 -33.54 11.56
CA ALA C 843 4.32 -34.50 12.01
C ALA C 843 4.13 -35.86 11.36
N ALA C 844 2.89 -36.23 11.02
CA ALA C 844 2.66 -37.47 10.30
C ALA C 844 3.26 -37.42 8.89
N TYR C 845 3.12 -36.29 8.21
CA TYR C 845 3.71 -36.12 6.88
C TYR C 845 5.23 -36.19 6.94
N THR C 846 5.85 -35.50 7.90
CA THR C 846 7.31 -35.52 7.95
C THR C 846 7.84 -36.89 8.38
N ALA C 847 7.10 -37.61 9.24
CA ALA C 847 7.48 -38.96 9.58
C ALA C 847 7.39 -39.89 8.38
N ALA C 848 6.35 -39.73 7.54
CA ALA C 848 6.25 -40.53 6.33
C ALA C 848 7.40 -40.25 5.37
N LEU C 849 7.78 -38.98 5.22
CA LEU C 849 8.89 -38.63 4.34
C LEU C 849 10.21 -39.20 4.84
N VAL C 850 10.47 -39.13 6.16
CA VAL C 850 11.73 -39.66 6.69
C VAL C 850 11.75 -41.18 6.63
N SER C 851 10.59 -41.84 6.83
CA SER C 851 10.54 -43.29 6.68
C SER C 851 10.76 -43.73 5.24
N GLY C 852 10.17 -43.01 4.29
CA GLY C 852 10.34 -43.35 2.90
C GLY C 852 11.77 -43.15 2.40
N THR C 853 12.41 -42.09 2.85
CA THR C 853 13.80 -41.84 2.45
C THR C 853 14.73 -42.93 2.96
N ALA C 854 14.47 -43.41 4.18
CA ALA C 854 15.29 -44.47 4.75
C ALA C 854 15.04 -45.81 4.07
N THR C 855 13.78 -46.11 3.75
CA THR C 855 13.49 -47.44 3.22
C THR C 855 13.70 -47.51 1.71
N ALA C 856 12.99 -46.67 0.95
CA ALA C 856 12.97 -46.77 -0.51
C ALA C 856 13.91 -45.81 -1.23
N GLY C 857 14.39 -44.76 -0.58
CA GLY C 857 15.38 -43.90 -1.21
C GLY C 857 14.77 -42.86 -2.13
N TRP C 858 15.31 -42.76 -3.34
CA TRP C 858 14.87 -41.76 -4.31
C TRP C 858 13.68 -42.24 -5.12
N THR C 859 13.30 -43.51 -4.97
CA THR C 859 12.43 -44.15 -5.94
C THR C 859 10.98 -43.69 -5.81
N PHE C 860 10.58 -43.30 -4.61
CA PHE C 860 9.16 -43.00 -4.37
C PHE C 860 8.79 -41.60 -4.85
N GLY C 861 9.77 -40.81 -5.27
CA GLY C 861 9.47 -39.53 -5.89
C GLY C 861 8.85 -39.69 -7.27
N ALA C 862 9.32 -40.67 -8.04
CA ALA C 862 8.96 -40.82 -9.44
C ALA C 862 8.04 -42.01 -9.72
N GLY C 863 7.48 -42.65 -8.71
CA GLY C 863 6.60 -43.78 -8.94
C GLY C 863 6.29 -44.49 -7.65
N ALA C 864 6.00 -45.79 -7.79
CA ALA C 864 5.79 -46.63 -6.61
C ALA C 864 7.12 -46.87 -5.91
N ALA C 865 7.07 -46.95 -4.58
CA ALA C 865 8.29 -47.09 -3.79
C ALA C 865 8.90 -48.47 -3.99
N LEU C 866 10.20 -48.49 -4.26
CA LEU C 866 10.95 -49.72 -4.44
C LEU C 866 11.96 -49.85 -3.32
N GLN C 867 11.93 -50.98 -2.62
CA GLN C 867 12.82 -51.19 -1.49
C GLN C 867 14.25 -51.41 -1.95
N ILE C 868 15.21 -50.98 -1.11
CA ILE C 868 16.63 -51.07 -1.38
C ILE C 868 17.36 -50.93 -0.06
N PRO C 869 18.43 -51.69 0.20
CA PRO C 869 19.19 -51.52 1.45
C PRO C 869 19.87 -50.16 1.50
N PHE C 870 20.08 -49.66 2.73
CA PHE C 870 20.54 -48.29 2.90
C PHE C 870 21.99 -48.12 2.44
N ALA C 871 22.82 -49.15 2.62
CA ALA C 871 24.20 -49.07 2.17
C ALA C 871 24.28 -48.95 0.65
N MET C 872 23.35 -49.58 -0.06
CA MET C 872 23.34 -49.45 -1.51
C MET C 872 22.80 -48.09 -1.95
N GLN C 873 21.89 -47.51 -1.17
CA GLN C 873 21.50 -46.12 -1.41
C GLN C 873 22.69 -45.20 -1.28
N MET C 874 23.51 -45.42 -0.25
CA MET C 874 24.65 -44.53 -0.06
C MET C 874 25.71 -44.75 -1.13
N ALA C 875 25.86 -45.97 -1.62
CA ALA C 875 26.79 -46.21 -2.73
C ALA C 875 26.32 -45.52 -4.00
N TYR C 876 25.02 -45.56 -4.28
CA TYR C 876 24.49 -44.83 -5.43
C TYR C 876 24.64 -43.32 -5.28
N ARG C 877 24.41 -42.80 -4.07
CA ARG C 877 24.54 -41.37 -3.87
C ARG C 877 26.00 -40.92 -3.89
N PHE C 878 26.92 -41.85 -3.60
CA PHE C 878 28.34 -41.55 -3.79
C PHE C 878 28.71 -41.55 -5.26
N ASN C 879 28.13 -42.47 -6.04
CA ASN C 879 28.29 -42.42 -7.49
C ASN C 879 27.77 -41.13 -8.09
N GLY C 880 26.77 -40.52 -7.44
CA GLY C 880 26.23 -39.27 -7.93
C GLY C 880 27.24 -38.14 -7.98
N ILE C 881 28.10 -38.03 -6.96
CA ILE C 881 29.01 -36.89 -6.87
C ILE C 881 30.39 -37.18 -7.45
N GLY C 882 30.58 -38.30 -8.13
CA GLY C 882 31.83 -38.57 -8.80
C GLY C 882 32.75 -39.54 -8.09
N VAL C 883 32.42 -39.91 -6.85
CA VAL C 883 33.25 -40.85 -6.12
C VAL C 883 32.72 -42.26 -6.36
N THR C 884 33.63 -43.23 -6.38
CA THR C 884 33.23 -44.59 -6.73
C THR C 884 32.57 -45.29 -5.53
N GLN C 885 32.10 -46.52 -5.78
CA GLN C 885 31.41 -47.29 -4.75
C GLN C 885 32.37 -47.86 -3.72
N ASN C 886 33.60 -48.17 -4.15
CA ASN C 886 34.55 -48.83 -3.26
C ASN C 886 35.05 -47.87 -2.18
N VAL C 887 34.84 -46.57 -2.36
CA VAL C 887 35.15 -45.61 -1.30
C VAL C 887 34.18 -45.78 -0.14
N LEU C 888 32.88 -45.93 -0.44
CA LEU C 888 31.91 -46.20 0.61
C LEU C 888 32.11 -47.57 1.23
N TYR C 889 32.18 -48.62 0.40
CA TYR C 889 32.07 -49.98 0.94
C TYR C 889 33.27 -50.36 1.80
N GLU C 890 34.45 -49.86 1.47
CA GLU C 890 35.62 -50.18 2.28
C GLU C 890 35.64 -49.39 3.58
N ASN C 891 35.04 -48.20 3.58
CA ASN C 891 35.05 -47.30 4.73
C ASN C 891 33.67 -47.05 5.30
N GLN C 892 32.84 -48.10 5.45
CA GLN C 892 31.44 -47.86 5.80
C GLN C 892 31.28 -47.49 7.27
N LYS C 893 32.04 -48.14 8.16
CA LYS C 893 31.88 -47.89 9.59
C LYS C 893 32.28 -46.48 9.98
N GLN C 894 33.34 -45.96 9.36
CA GLN C 894 33.77 -44.58 9.62
C GLN C 894 32.70 -43.58 9.20
N ILE C 895 32.08 -43.78 8.04
CA ILE C 895 31.05 -42.87 7.56
C ILE C 895 29.82 -42.94 8.45
N ALA C 896 29.49 -44.14 8.93
CA ALA C 896 28.39 -44.27 9.89
C ALA C 896 28.68 -43.54 11.18
N ASN C 897 29.92 -43.62 11.66
CA ASN C 897 30.32 -42.90 12.87
C ASN C 897 30.22 -41.39 12.68
N GLN C 898 30.64 -40.88 11.52
CA GLN C 898 30.56 -39.45 11.26
C GLN C 898 29.11 -38.98 11.14
N PHE C 899 28.25 -39.80 10.54
CA PHE C 899 26.82 -39.47 10.48
C PHE C 899 26.21 -39.35 11.87
N ASN C 900 26.47 -40.35 12.73
CA ASN C 900 25.92 -40.32 14.08
C ASN C 900 26.47 -39.15 14.89
N LYS C 901 27.77 -38.87 14.74
CA LYS C 901 28.39 -37.76 15.47
C LYS C 901 27.84 -36.42 15.02
N ALA C 902 27.57 -36.24 13.72
CA ALA C 902 27.03 -34.98 13.24
C ALA C 902 25.59 -34.77 13.71
N ILE C 903 24.80 -35.86 13.77
CA ILE C 903 23.45 -35.75 14.34
C ILE C 903 23.52 -35.35 15.82
N SER C 904 24.48 -35.92 16.56
CA SER C 904 24.63 -35.57 17.96
C SER C 904 25.09 -34.12 18.14
N GLN C 905 25.91 -33.60 17.22
CA GLN C 905 26.29 -32.20 17.28
C GLN C 905 25.08 -31.29 17.01
N ILE C 906 24.23 -31.67 16.06
CA ILE C 906 23.01 -30.89 15.78
C ILE C 906 22.12 -30.82 17.02
N GLN C 907 22.00 -31.95 17.73
CA GLN C 907 21.17 -31.99 18.94
C GLN C 907 21.65 -31.01 20.00
N GLU C 908 22.96 -30.97 20.27
CA GLU C 908 23.46 -30.07 21.31
C GLU C 908 23.45 -28.62 20.84
N SER C 909 23.61 -28.39 19.53
CA SER C 909 23.53 -27.03 19.01
C SER C 909 22.13 -26.48 19.16
N LEU C 910 21.11 -27.33 19.04
CA LEU C 910 19.74 -26.88 19.32
C LEU C 910 19.48 -26.78 20.81
N THR C 911 20.03 -27.70 21.61
CA THR C 911 19.77 -27.70 23.05
C THR C 911 20.33 -26.45 23.72
N THR C 912 21.54 -26.04 23.32
CA THR C 912 22.06 -24.75 23.74
C THR C 912 21.19 -23.64 23.18
N THR C 913 20.96 -22.60 23.99
CA THR C 913 20.14 -21.48 23.55
C THR C 913 20.75 -20.78 22.35
N SER C 914 19.90 -20.42 21.39
CA SER C 914 20.37 -19.98 20.10
C SER C 914 19.39 -19.00 19.46
N THR C 915 19.88 -18.28 18.46
CA THR C 915 19.05 -17.47 17.58
C THR C 915 18.88 -18.14 16.22
N ALA C 916 19.11 -19.46 16.13
CA ALA C 916 19.10 -20.16 14.86
C ALA C 916 17.72 -20.15 14.22
N LEU C 917 16.67 -20.07 15.04
CA LEU C 917 15.31 -19.91 14.54
C LEU C 917 14.86 -18.46 14.57
N GLY C 918 15.76 -17.53 14.23
CA GLY C 918 15.39 -16.13 14.24
C GLY C 918 14.50 -15.74 13.06
N LYS C 919 14.42 -16.61 12.05
CA LYS C 919 13.54 -16.31 10.91
C LYS C 919 12.09 -16.69 11.21
N LEU C 920 11.87 -17.68 12.08
CA LEU C 920 10.51 -18.10 12.39
C LEU C 920 9.92 -17.29 13.53
N GLN C 921 10.77 -16.74 14.41
CA GLN C 921 10.27 -15.85 15.45
C GLN C 921 9.85 -14.50 14.86
N ASP C 922 10.53 -14.07 13.80
CA ASP C 922 10.21 -12.80 13.18
C ASP C 922 8.84 -12.82 12.52
N VAL C 923 8.38 -13.99 12.09
CA VAL C 923 7.01 -14.13 11.61
C VAL C 923 6.03 -13.96 12.76
N VAL C 924 6.41 -14.42 13.96
CA VAL C 924 5.57 -14.26 15.13
C VAL C 924 5.52 -12.80 15.55
N ASN C 925 6.68 -12.14 15.56
CA ASN C 925 6.78 -10.78 16.10
C ASN C 925 6.15 -9.75 15.18
N GLN C 926 6.13 -10.00 13.88
CA GLN C 926 5.60 -9.02 12.94
C GLN C 926 4.07 -9.02 12.95
N ASN C 927 3.46 -10.17 13.19
CA ASN C 927 2.01 -10.22 13.35
C ASN C 927 1.58 -9.50 14.62
N ALA C 928 2.31 -9.72 15.72
CA ALA C 928 1.94 -9.16 17.00
C ALA C 928 2.01 -7.64 17.01
N GLN C 929 3.03 -7.07 16.35
CA GLN C 929 3.11 -5.63 16.24
C GLN C 929 2.07 -5.08 15.29
N ALA C 930 1.55 -5.92 14.39
CA ALA C 930 0.55 -5.45 13.45
C ALA C 930 -0.78 -5.23 14.14
N LEU C 931 -1.10 -6.07 15.12
CA LEU C 931 -2.39 -6.00 15.78
C LEU C 931 -2.40 -4.99 16.90
N ASN C 932 -1.29 -4.86 17.64
CA ASN C 932 -1.22 -3.91 18.74
C ASN C 932 -1.34 -2.48 18.25
N THR C 933 -0.85 -2.20 17.04
CA THR C 933 -1.09 -0.90 16.42
C THR C 933 -2.57 -0.70 16.12
N LEU C 934 -3.24 -1.75 15.63
CA LEU C 934 -4.65 -1.65 15.26
C LEU C 934 -5.52 -1.44 16.49
N VAL C 935 -5.19 -2.10 17.60
CA VAL C 935 -5.94 -1.96 18.84
C VAL C 935 -5.72 -0.60 19.48
N LYS C 936 -4.46 -0.15 19.52
CA LYS C 936 -4.11 1.13 20.14
C LYS C 936 -4.75 2.31 19.42
N GLN C 937 -4.98 2.19 18.11
CA GLN C 937 -5.67 3.23 17.34
C GLN C 937 -7.13 3.39 17.73
N LEU C 938 -7.67 2.50 18.56
CA LEU C 938 -9.02 2.73 19.07
C LEU C 938 -9.02 3.81 20.14
N SER C 939 -7.84 4.12 20.71
CA SER C 939 -7.79 5.09 21.80
C SER C 939 -7.49 6.50 21.28
N SER C 940 -7.23 6.64 19.99
CA SER C 940 -6.91 7.95 19.46
C SER C 940 -8.17 8.79 19.29
N ASN C 941 -7.99 10.10 19.22
CA ASN C 941 -9.11 11.02 19.36
C ASN C 941 -9.71 11.37 18.01
N PHE C 942 -8.86 11.61 17.00
CA PHE C 942 -9.25 11.96 15.64
C PHE C 942 -10.06 13.26 15.57
N GLY C 943 -9.90 14.13 16.58
CA GLY C 943 -10.53 15.43 16.58
C GLY C 943 -11.82 15.56 17.37
N ALA C 944 -12.44 14.45 17.77
CA ALA C 944 -13.67 14.52 18.54
C ALA C 944 -13.38 14.96 19.98
N ILE C 945 -14.44 15.13 20.77
CA ILE C 945 -14.25 15.54 22.16
C ILE C 945 -13.73 14.38 22.99
N SER C 946 -14.06 13.15 22.59
CA SER C 946 -13.62 11.96 23.31
C SER C 946 -13.45 10.81 22.33
N SER C 947 -12.72 9.80 22.77
CA SER C 947 -12.39 8.65 21.94
C SER C 947 -13.27 7.43 22.20
N VAL C 948 -14.31 7.55 23.02
CA VAL C 948 -15.20 6.46 23.34
C VAL C 948 -16.60 6.82 22.82
N LEU C 949 -17.23 5.89 22.10
CA LEU C 949 -18.50 6.19 21.47
C LEU C 949 -19.62 6.28 22.49
N ASN C 950 -19.51 5.54 23.60
CA ASN C 950 -20.59 5.55 24.58
C ASN C 950 -20.69 6.88 25.31
N ASP C 951 -19.56 7.51 25.61
CA ASP C 951 -19.63 8.80 26.29
C ASP C 951 -20.09 9.91 25.35
N ILE C 952 -19.69 9.85 24.08
CA ILE C 952 -20.21 10.79 23.09
C ILE C 952 -21.71 10.62 22.92
N LEU C 953 -22.18 9.37 22.90
CA LEU C 953 -23.60 9.10 22.77
C LEU C 953 -24.35 9.49 24.03
N SER C 954 -23.68 9.46 25.18
CA SER C 954 -24.39 9.62 26.45
C SER C 954 -24.47 11.08 26.87
N ARG C 955 -23.44 11.88 26.59
CA ARG C 955 -23.43 13.25 27.09
C ARG C 955 -23.87 14.30 26.06
N LEU C 956 -24.21 13.91 24.83
CA LEU C 956 -24.52 14.86 23.79
C LEU C 956 -25.80 14.48 23.05
N ASP C 957 -26.50 15.50 22.53
CA ASP C 957 -27.67 15.30 21.70
C ASP C 957 -27.28 14.70 20.35
N LYS C 958 -28.29 14.21 19.63
CA LYS C 958 -28.03 13.44 18.40
C LYS C 958 -27.39 14.30 17.32
N VAL C 959 -27.92 15.51 17.11
CA VAL C 959 -27.41 16.37 16.04
C VAL C 959 -25.99 16.83 16.34
N GLU C 960 -25.73 17.14 17.61
CA GLU C 960 -24.37 17.51 18.01
C GLU C 960 -23.44 16.29 17.99
N ALA C 961 -23.98 15.08 18.19
CA ALA C 961 -23.12 13.90 18.22
C ALA C 961 -22.83 13.37 16.83
N GLU C 962 -23.55 13.84 15.80
CA GLU C 962 -23.30 13.37 14.45
C GLU C 962 -21.88 13.70 13.99
N VAL C 963 -21.42 14.91 14.29
CA VAL C 963 -20.09 15.35 13.88
C VAL C 963 -19.01 14.53 14.58
N GLN C 964 -19.16 14.36 15.90
CA GLN C 964 -18.16 13.63 16.67
C GLN C 964 -18.14 12.16 16.30
N ILE C 965 -19.27 11.58 15.89
CA ILE C 965 -19.26 10.22 15.39
C ILE C 965 -18.58 10.14 14.03
N ASP C 966 -18.80 11.13 13.16
CA ASP C 966 -18.16 11.12 11.85
C ASP C 966 -16.64 11.22 11.95
N ARG C 967 -16.12 11.98 12.91
CA ARG C 967 -14.67 12.05 13.11
C ARG C 967 -14.08 10.68 13.44
N LEU C 968 -14.72 9.95 14.36
CA LEU C 968 -14.23 8.63 14.75
C LEU C 968 -14.36 7.63 13.61
N ILE C 969 -15.46 7.69 12.87
CA ILE C 969 -15.65 6.76 11.74
C ILE C 969 -14.58 6.98 10.68
N THR C 970 -14.30 8.25 10.35
CA THR C 970 -13.29 8.57 9.35
C THR C 970 -11.90 8.12 9.79
N GLY C 971 -11.57 8.29 11.08
CA GLY C 971 -10.28 7.81 11.55
C GLY C 971 -10.15 6.29 11.53
N ARG C 972 -11.19 5.59 11.98
CA ARG C 972 -11.08 4.14 12.15
C ARG C 972 -11.11 3.41 10.81
N LEU C 973 -11.82 3.95 9.82
CA LEU C 973 -11.79 3.34 8.48
C LEU C 973 -10.38 3.40 7.88
N GLN C 974 -9.66 4.50 8.11
CA GLN C 974 -8.28 4.59 7.65
C GLN C 974 -7.38 3.64 8.41
N SER C 975 -7.58 3.52 9.72
CA SER C 975 -6.75 2.60 10.52
C SER C 975 -6.98 1.15 10.13
N LEU C 976 -8.14 0.83 9.56
CA LEU C 976 -8.39 -0.55 9.16
C LEU C 976 -7.95 -0.81 7.72
N GLN C 977 -8.07 0.19 6.85
CA GLN C 977 -7.60 0.07 5.47
C GLN C 977 -6.09 -0.10 5.42
N THR C 978 -5.37 0.61 6.28
CA THR C 978 -3.91 0.47 6.34
C THR C 978 -3.49 -0.94 6.72
N TYR C 979 -4.16 -1.54 7.70
CA TYR C 979 -3.85 -2.89 8.14
C TYR C 979 -4.09 -3.91 7.05
N VAL C 980 -5.22 -3.79 6.34
CA VAL C 980 -5.50 -4.77 5.29
C VAL C 980 -4.51 -4.65 4.14
N THR C 981 -4.12 -3.41 3.79
CA THR C 981 -3.11 -3.23 2.75
C THR C 981 -1.77 -3.85 3.14
N GLN C 982 -1.32 -3.64 4.38
CA GLN C 982 -0.03 -4.17 4.77
C GLN C 982 -0.05 -5.70 4.88
N GLN C 983 -1.19 -6.28 5.26
CA GLN C 983 -1.27 -7.74 5.28
C GLN C 983 -1.23 -8.33 3.89
N LEU C 984 -1.87 -7.65 2.93
CA LEU C 984 -1.78 -8.09 1.53
C LEU C 984 -0.36 -8.02 1.01
N ILE C 985 0.39 -7.00 1.41
CA ILE C 985 1.79 -6.89 0.99
C ILE C 985 2.65 -7.98 1.65
N ARG C 986 2.36 -8.32 2.92
CA ARG C 986 3.20 -9.29 3.64
C ARG C 986 2.91 -10.75 3.23
N ALA C 987 1.68 -11.05 2.82
CA ALA C 987 1.37 -12.41 2.39
C ALA C 987 2.11 -12.76 1.11
N ALA C 988 2.37 -11.78 0.25
CA ALA C 988 3.15 -12.02 -0.96
C ALA C 988 4.60 -12.31 -0.64
N GLU C 989 5.08 -11.82 0.51
CA GLU C 989 6.42 -12.16 0.98
C GLU C 989 6.47 -13.57 1.55
N ILE C 990 5.40 -13.99 2.23
CA ILE C 990 5.33 -15.36 2.75
C ILE C 990 5.22 -16.39 1.61
N ARG C 991 4.50 -16.04 0.54
CA ARG C 991 4.27 -16.97 -0.57
C ARG C 991 5.55 -17.35 -1.30
N ALA C 992 6.49 -16.41 -1.43
CA ALA C 992 7.76 -16.70 -2.09
C ALA C 992 8.56 -17.74 -1.31
N SER C 993 8.56 -17.63 0.02
CA SER C 993 9.24 -18.60 0.86
C SER C 993 8.57 -19.95 0.81
N ALA C 994 7.23 -19.98 0.75
CA ALA C 994 6.54 -21.26 0.64
C ALA C 994 6.82 -21.96 -0.68
N ASN C 995 6.90 -21.19 -1.77
CA ASN C 995 7.22 -21.78 -3.06
C ASN C 995 8.66 -22.30 -3.10
N LEU C 996 9.60 -21.57 -2.49
CA LEU C 996 10.97 -22.06 -2.43
C LEU C 996 11.09 -23.30 -1.55
N ALA C 997 10.33 -23.36 -0.45
CA ALA C 997 10.37 -24.54 0.40
C ALA C 997 9.77 -25.76 -0.29
N ALA C 998 8.72 -25.56 -1.10
CA ALA C 998 8.19 -26.66 -1.89
C ALA C 998 9.21 -27.16 -2.92
N THR C 999 9.92 -26.22 -3.56
CA THR C 999 10.95 -26.61 -4.52
C THR C 999 12.09 -27.38 -3.85
N LYS C 1000 12.51 -26.94 -2.67
CA LYS C 1000 13.54 -27.67 -1.93
C LYS C 1000 13.07 -29.06 -1.51
N MET C 1001 11.80 -29.18 -1.12
CA MET C 1001 11.28 -30.48 -0.72
C MET C 1001 11.22 -31.44 -1.89
N SER C 1002 10.82 -30.96 -3.07
CA SER C 1002 10.80 -31.85 -4.23
C SER C 1002 12.21 -32.23 -4.67
N GLU C 1003 13.12 -31.26 -4.72
CA GLU C 1003 14.36 -31.48 -5.46
C GLU C 1003 15.48 -31.99 -4.58
N CYS C 1004 15.33 -31.91 -3.25
CA CYS C 1004 16.42 -32.32 -2.37
C CYS C 1004 16.03 -33.41 -1.38
N VAL C 1005 14.75 -33.57 -1.07
CA VAL C 1005 14.35 -34.65 -0.17
C VAL C 1005 13.98 -35.90 -0.96
N LEU C 1006 13.21 -35.73 -2.04
CA LEU C 1006 12.82 -36.85 -2.88
C LEU C 1006 13.78 -37.11 -4.02
N GLY C 1007 14.96 -36.48 -4.03
CA GLY C 1007 15.95 -36.71 -5.06
C GLY C 1007 17.32 -36.24 -4.61
N GLN C 1008 18.25 -36.24 -5.54
CA GLN C 1008 19.57 -35.65 -5.34
C GLN C 1008 19.81 -34.58 -6.40
N SER C 1009 20.19 -33.38 -5.97
CA SER C 1009 20.29 -32.23 -6.86
C SER C 1009 21.75 -31.89 -7.13
N LYS C 1010 22.03 -31.46 -8.37
CA LYS C 1010 23.37 -31.07 -8.78
C LYS C 1010 23.59 -29.56 -8.73
N ARG C 1011 22.57 -28.78 -8.43
CA ARG C 1011 22.73 -27.34 -8.38
C ARG C 1011 23.61 -26.94 -7.22
N VAL C 1012 24.56 -26.05 -7.49
CA VAL C 1012 25.57 -25.67 -6.51
C VAL C 1012 24.92 -24.82 -5.44
N ASP C 1013 25.19 -25.16 -4.18
CA ASP C 1013 24.79 -24.46 -2.96
C ASP C 1013 23.28 -24.35 -2.81
N PHE C 1014 22.49 -25.13 -3.54
CA PHE C 1014 21.04 -25.13 -3.33
C PHE C 1014 20.67 -25.85 -2.05
N CYS C 1015 21.42 -26.88 -1.68
CA CYS C 1015 21.12 -27.68 -0.51
C CYS C 1015 22.41 -27.92 0.29
N GLY C 1016 22.70 -26.99 1.19
CA GLY C 1016 23.90 -27.04 2.00
C GLY C 1016 25.10 -26.47 1.29
N LYS C 1017 26.26 -26.67 1.92
CA LYS C 1017 27.55 -26.37 1.31
C LYS C 1017 28.35 -27.66 1.21
N GLY C 1018 28.79 -27.99 0.01
CA GLY C 1018 29.46 -29.23 -0.26
C GLY C 1018 28.80 -29.94 -1.41
N TYR C 1019 28.93 -31.26 -1.43
CA TYR C 1019 28.29 -32.11 -2.43
C TYR C 1019 27.12 -32.82 -1.77
N HIS C 1020 25.93 -32.59 -2.28
CA HIS C 1020 24.71 -33.06 -1.65
C HIS C 1020 24.63 -34.58 -1.67
N LEU C 1021 24.25 -35.17 -0.53
CA LEU C 1021 23.97 -36.59 -0.44
C LEU C 1021 22.52 -36.90 -0.11
N MET C 1022 22.00 -36.41 1.03
CA MET C 1022 20.62 -36.66 1.44
C MET C 1022 20.11 -35.42 2.18
N SER C 1023 18.81 -35.42 2.45
CA SER C 1023 18.17 -34.31 3.15
C SER C 1023 16.93 -34.81 3.86
N PHE C 1024 16.65 -34.23 5.03
CA PHE C 1024 15.56 -34.67 5.90
C PHE C 1024 14.69 -33.48 6.30
N PRO C 1025 13.37 -33.60 6.29
CA PRO C 1025 12.54 -32.49 6.74
C PRO C 1025 12.14 -32.64 8.21
N GLN C 1026 11.97 -31.50 8.88
CA GLN C 1026 11.45 -31.45 10.24
C GLN C 1026 10.45 -30.29 10.32
N ALA C 1027 9.46 -30.43 11.19
CA ALA C 1027 8.39 -29.44 11.31
C ALA C 1027 8.67 -28.52 12.48
N ALA C 1028 8.58 -27.22 12.25
CA ALA C 1028 8.82 -26.21 13.27
C ALA C 1028 7.63 -25.26 13.26
N PRO C 1029 7.38 -24.53 14.34
CA PRO C 1029 6.19 -23.67 14.38
C PRO C 1029 6.20 -22.61 13.28
N HIS C 1030 5.21 -22.71 12.39
CA HIS C 1030 5.03 -21.93 11.17
C HIS C 1030 6.13 -22.14 10.13
N GLY C 1031 6.73 -23.31 10.02
CA GLY C 1031 7.72 -23.49 8.99
C GLY C 1031 8.38 -24.86 9.03
N VAL C 1032 9.44 -24.98 8.24
CA VAL C 1032 10.10 -26.26 8.02
C VAL C 1032 11.59 -26.07 8.24
N VAL C 1033 12.26 -27.13 8.68
CA VAL C 1033 13.70 -27.15 8.92
C VAL C 1033 14.28 -28.32 8.13
N PHE C 1034 15.19 -28.02 7.21
CA PHE C 1034 15.82 -29.03 6.38
C PHE C 1034 17.18 -29.35 6.96
N LEU C 1035 17.47 -30.65 7.11
CA LEU C 1035 18.78 -31.13 7.52
C LEU C 1035 19.47 -31.70 6.29
N HIS C 1036 20.52 -31.04 5.83
CA HIS C 1036 21.23 -31.40 4.62
C HIS C 1036 22.51 -32.13 4.98
N VAL C 1037 22.71 -33.32 4.41
CA VAL C 1037 23.90 -34.14 4.64
C VAL C 1037 24.80 -33.96 3.42
N THR C 1038 26.06 -33.63 3.65
CA THR C 1038 26.94 -33.24 2.55
C THR C 1038 28.34 -33.81 2.73
N TYR C 1039 29.04 -33.97 1.61
CA TYR C 1039 30.37 -34.55 1.51
C TYR C 1039 31.40 -33.45 1.34
N VAL C 1040 32.34 -33.33 2.28
CA VAL C 1040 33.32 -32.25 2.27
C VAL C 1040 34.72 -32.85 2.15
N PRO C 1041 35.48 -32.55 1.09
CA PRO C 1041 36.84 -33.09 1.00
C PRO C 1041 37.81 -32.37 1.92
N SER C 1042 38.90 -33.05 2.25
CA SER C 1042 39.88 -32.52 3.20
C SER C 1042 41.19 -33.28 3.06
N GLN C 1043 42.21 -32.82 3.78
CA GLN C 1043 43.57 -33.38 3.79
C GLN C 1043 44.19 -33.36 2.39
N GLU C 1044 44.40 -32.14 1.88
CA GLU C 1044 44.89 -31.88 0.54
C GLU C 1044 46.35 -32.28 0.40
N ARG C 1045 46.78 -32.59 -0.84
CA ARG C 1045 48.19 -32.88 -1.12
C ARG C 1045 48.54 -32.46 -2.55
N ASN C 1046 49.79 -32.03 -2.74
CA ASN C 1046 50.27 -31.61 -4.06
C ASN C 1046 50.86 -32.77 -4.84
N PHE C 1047 50.63 -32.75 -6.16
CA PHE C 1047 51.27 -33.68 -7.09
C PHE C 1047 51.66 -32.92 -8.34
N THR C 1048 52.58 -33.48 -9.10
CA THR C 1048 52.89 -32.97 -10.43
C THR C 1048 52.01 -33.65 -11.46
N THR C 1049 51.47 -32.86 -12.38
CA THR C 1049 50.50 -33.37 -13.34
C THR C 1049 50.92 -33.05 -14.77
N ALA C 1050 50.35 -33.80 -15.70
CA ALA C 1050 50.61 -33.67 -17.12
C ALA C 1050 49.32 -33.76 -17.90
N PRO C 1051 49.23 -33.11 -19.07
CA PRO C 1051 47.99 -33.21 -19.86
C PRO C 1051 47.78 -34.57 -20.47
N ALA C 1052 48.84 -35.16 -21.05
CA ALA C 1052 48.76 -36.45 -21.71
C ALA C 1052 50.15 -37.06 -21.68
N ILE C 1053 50.23 -38.33 -22.06
CA ILE C 1053 51.51 -39.02 -22.21
C ILE C 1053 51.61 -39.54 -23.63
N CYS C 1054 52.84 -39.71 -24.11
CA CYS C 1054 53.11 -40.25 -25.44
C CYS C 1054 53.92 -41.53 -25.28
N HIS C 1055 53.36 -42.65 -25.75
CA HIS C 1055 54.02 -43.93 -25.55
C HIS C 1055 54.89 -44.34 -26.73
N GLU C 1056 54.30 -44.58 -27.91
CA GLU C 1056 55.05 -44.85 -29.12
C GLU C 1056 54.40 -44.05 -30.26
N GLY C 1057 54.78 -42.78 -30.36
CA GLY C 1057 54.23 -41.91 -31.40
C GLY C 1057 52.75 -41.63 -31.30
N LYS C 1058 52.10 -42.00 -30.18
CA LYS C 1058 50.67 -41.82 -30.00
C LYS C 1058 50.42 -41.13 -28.67
N ALA C 1059 49.42 -40.26 -28.64
CA ALA C 1059 49.09 -39.49 -27.45
C ALA C 1059 47.92 -40.13 -26.73
N TYR C 1060 48.07 -40.35 -25.42
CA TYR C 1060 47.06 -41.03 -24.62
C TYR C 1060 46.44 -40.05 -23.63
N PHE C 1061 45.13 -39.89 -23.71
CA PHE C 1061 44.40 -39.04 -22.80
C PHE C 1061 43.57 -39.89 -21.85
N PRO C 1062 43.38 -39.47 -20.61
CA PRO C 1062 42.55 -40.26 -19.69
C PRO C 1062 41.08 -40.22 -20.10
N ARG C 1063 40.36 -41.29 -19.79
CA ARG C 1063 38.91 -41.27 -19.98
C ARG C 1063 38.27 -40.26 -19.06
N GLU C 1064 38.54 -40.37 -17.76
CA GLU C 1064 38.15 -39.38 -16.77
C GLU C 1064 39.05 -39.56 -15.56
N GLY C 1065 39.56 -38.44 -15.06
CA GLY C 1065 40.58 -38.44 -14.04
C GLY C 1065 41.79 -37.63 -14.47
N VAL C 1066 42.82 -37.68 -13.63
CA VAL C 1066 44.03 -36.87 -13.82
C VAL C 1066 45.23 -37.80 -13.77
N PHE C 1067 46.28 -37.42 -14.49
CA PHE C 1067 47.59 -38.05 -14.32
C PHE C 1067 48.36 -37.35 -13.21
N VAL C 1068 48.94 -38.13 -12.31
CA VAL C 1068 49.69 -37.57 -11.19
C VAL C 1068 51.05 -38.25 -11.11
N PHE C 1069 52.00 -37.56 -10.49
CA PHE C 1069 53.35 -38.05 -10.27
C PHE C 1069 53.54 -38.33 -8.79
N ASN C 1070 53.58 -39.61 -8.43
CA ASN C 1070 53.82 -40.07 -7.07
C ASN C 1070 55.18 -39.64 -6.53
N GLY C 1071 56.15 -39.40 -7.40
CA GLY C 1071 57.54 -39.25 -7.01
C GLY C 1071 58.42 -40.38 -7.49
N THR C 1072 57.83 -41.53 -7.81
CA THR C 1072 58.55 -42.64 -8.41
C THR C 1072 57.92 -43.14 -9.70
N SER C 1073 56.60 -42.99 -9.88
CA SER C 1073 55.91 -43.48 -11.06
C SER C 1073 54.71 -42.58 -11.32
N TRP C 1074 54.16 -42.69 -12.52
CA TRP C 1074 52.99 -41.91 -12.93
C TRP C 1074 51.74 -42.75 -12.80
N PHE C 1075 50.69 -42.18 -12.22
CA PHE C 1075 49.44 -42.89 -12.00
C PHE C 1075 48.27 -42.06 -12.52
N ILE C 1076 47.09 -42.67 -12.51
CA ILE C 1076 45.85 -42.01 -12.87
C ILE C 1076 44.89 -42.12 -11.69
N THR C 1077 44.27 -40.99 -11.32
CA THR C 1077 43.35 -40.96 -10.19
C THR C 1077 42.07 -40.22 -10.54
N GLN C 1078 41.06 -40.43 -9.70
CA GLN C 1078 39.91 -39.53 -9.64
C GLN C 1078 40.30 -38.26 -8.89
N ARG C 1079 39.46 -37.23 -8.98
CA ARG C 1079 39.85 -35.94 -8.42
C ARG C 1079 39.41 -35.79 -6.98
N ASN C 1080 38.24 -36.31 -6.62
CA ASN C 1080 37.70 -36.04 -5.29
C ASN C 1080 38.31 -36.96 -4.24
N PHE C 1081 38.94 -38.05 -4.65
CA PHE C 1081 39.63 -38.94 -3.73
C PHE C 1081 40.94 -39.37 -4.37
N PHE C 1082 41.96 -39.59 -3.55
CA PHE C 1082 43.25 -40.04 -4.06
C PHE C 1082 43.27 -41.57 -4.00
N SER C 1083 43.03 -42.19 -5.15
CA SER C 1083 43.15 -43.63 -5.30
C SER C 1083 44.00 -43.91 -6.54
N PRO C 1084 45.32 -44.09 -6.39
CA PRO C 1084 46.18 -44.24 -7.56
C PRO C 1084 46.04 -45.60 -8.22
N GLN C 1085 45.91 -45.59 -9.55
CA GLN C 1085 45.72 -46.80 -10.34
C GLN C 1085 46.80 -46.88 -11.40
N ILE C 1086 47.11 -48.10 -11.84
CA ILE C 1086 48.11 -48.27 -12.88
C ILE C 1086 47.55 -47.79 -14.21
N ILE C 1087 48.38 -47.06 -14.97
CA ILE C 1087 47.96 -46.62 -16.30
C ILE C 1087 47.89 -47.81 -17.22
N THR C 1088 46.74 -47.99 -17.86
CA THR C 1088 46.48 -49.15 -18.69
C THR C 1088 45.75 -48.66 -19.94
N THR C 1089 45.64 -49.53 -20.95
CA THR C 1089 44.89 -49.20 -22.15
C THR C 1089 43.40 -49.02 -21.84
N ASP C 1090 42.93 -49.63 -20.75
CA ASP C 1090 41.57 -49.43 -20.28
C ASP C 1090 41.34 -47.98 -19.85
N ASN C 1091 42.31 -47.38 -19.15
CA ASN C 1091 42.06 -46.10 -18.49
C ASN C 1091 42.16 -44.94 -19.47
N THR C 1092 42.74 -45.16 -20.64
CA THR C 1092 43.09 -44.09 -21.56
C THR C 1092 42.56 -44.38 -22.96
N PHE C 1093 42.43 -43.33 -23.76
CA PHE C 1093 42.09 -43.44 -25.18
C PHE C 1093 43.10 -42.64 -25.99
N VAL C 1094 43.32 -43.06 -27.23
CA VAL C 1094 44.36 -42.49 -28.09
C VAL C 1094 43.72 -41.44 -28.99
N SER C 1095 44.52 -40.43 -29.37
CA SER C 1095 44.10 -39.41 -30.32
C SER C 1095 45.33 -38.74 -30.92
N GLY C 1096 45.62 -39.05 -32.17
CA GLY C 1096 46.67 -38.36 -32.90
C GLY C 1096 48.06 -38.73 -32.44
N ASN C 1097 49.01 -37.84 -32.74
CA ASN C 1097 50.41 -38.02 -32.36
C ASN C 1097 50.83 -36.89 -31.43
N CYS C 1098 51.93 -37.14 -30.70
CA CYS C 1098 52.34 -36.26 -29.60
C CYS C 1098 53.19 -35.09 -30.13
N ASP C 1099 52.52 -34.22 -30.87
CA ASP C 1099 53.15 -33.00 -31.37
C ASP C 1099 52.41 -31.73 -30.93
N VAL C 1100 51.09 -31.69 -31.08
CA VAL C 1100 50.36 -30.44 -30.88
C VAL C 1100 50.00 -30.24 -29.41
N VAL C 1101 50.07 -31.30 -28.61
CA VAL C 1101 49.76 -31.17 -27.19
C VAL C 1101 50.91 -30.50 -26.47
N ILE C 1102 50.58 -29.55 -25.59
CA ILE C 1102 51.57 -28.73 -24.90
C ILE C 1102 51.77 -29.32 -23.52
N GLY C 1103 52.97 -29.83 -23.26
CA GLY C 1103 53.29 -30.38 -21.94
C GLY C 1103 53.24 -31.88 -21.87
N ILE C 1104 53.15 -32.54 -23.02
CA ILE C 1104 53.05 -34.00 -23.05
C ILE C 1104 54.41 -34.61 -22.73
N ILE C 1105 54.39 -35.77 -22.09
CA ILE C 1105 55.60 -36.42 -21.59
C ILE C 1105 55.74 -37.80 -22.20
N ASN C 1106 56.86 -38.46 -21.89
CA ASN C 1106 57.14 -39.81 -22.35
C ASN C 1106 56.95 -40.79 -21.21
N ASN C 1107 56.08 -41.78 -21.41
CA ASN C 1107 55.89 -42.84 -20.44
C ASN C 1107 55.28 -44.05 -21.14
N THR C 1108 55.33 -45.19 -20.46
CA THR C 1108 54.84 -46.45 -21.00
C THR C 1108 53.41 -46.70 -20.53
N VAL C 1109 52.65 -47.45 -21.33
CA VAL C 1109 51.28 -47.83 -21.02
C VAL C 1109 51.23 -49.35 -20.91
N TYR C 1110 50.76 -49.86 -19.78
CA TYR C 1110 50.66 -51.29 -19.58
C TYR C 1110 49.57 -51.87 -20.50
N ASP C 1111 49.78 -53.12 -20.89
CA ASP C 1111 48.89 -53.80 -21.82
C ASP C 1111 48.18 -54.93 -21.11
N PRO C 1112 46.83 -54.97 -21.12
CA PRO C 1112 46.13 -56.11 -20.49
C PRO C 1112 46.42 -57.45 -21.16
N LEU C 1113 46.76 -57.45 -22.44
CA LEU C 1113 47.03 -58.65 -23.25
C LEU C 1113 45.87 -59.64 -23.23
C1 NAG D . 17.00 -66.93 -14.51
C2 NAG D . 16.20 -68.22 -14.62
C3 NAG D . 17.09 -69.34 -15.16
C4 NAG D . 17.72 -68.92 -16.49
C5 NAG D . 18.44 -67.59 -16.34
C6 NAG D . 18.94 -67.05 -17.66
C7 NAG D . 14.40 -69.08 -13.20
C8 NAG D . 13.97 -69.42 -11.80
N2 NAG D . 15.64 -68.60 -13.33
O3 NAG D . 16.32 -70.52 -15.34
O4 NAG D . 18.64 -69.91 -16.92
O5 NAG D . 17.55 -66.60 -15.80
O6 NAG D . 17.85 -66.74 -18.54
O7 NAG D . 13.65 -69.24 -14.15
C1 NAG E . -39.78 -11.19 -26.37
C2 NAG E . -39.76 -12.71 -26.13
C3 NAG E . -39.61 -13.44 -27.47
C4 NAG E . -40.68 -12.99 -28.46
C5 NAG E . -40.65 -11.47 -28.60
C6 NAG E . -41.76 -10.93 -29.48
C7 NAG E . -38.78 -14.13 -24.39
C8 NAG E . -37.59 -14.37 -23.52
N2 NAG E . -38.69 -13.09 -25.22
O3 NAG E . -39.71 -14.84 -27.25
O4 NAG E . -40.45 -13.59 -29.73
O5 NAG E . -40.81 -10.86 -27.31
O6 NAG E . -42.96 -11.69 -29.32
O7 NAG E . -39.77 -14.84 -24.35
C1 NAG F . -28.70 1.06 49.51
C2 NAG F . -27.80 0.32 50.51
C3 NAG F . -28.07 -1.18 50.43
C4 NAG F . -29.55 -1.48 50.59
C5 NAG F . -30.38 -0.66 49.61
C6 NAG F . -31.86 -0.80 49.84
C7 NAG F . -25.73 1.56 50.92
C8 NAG F . -24.29 1.72 50.55
N2 NAG F . -26.41 0.61 50.28
O3 NAG F . -27.32 -1.83 51.46
O4 NAG F . -29.78 -2.86 50.36
O5 NAG F . -30.07 0.74 49.76
O6 NAG F . -32.17 -1.09 51.19
O7 NAG F . -26.26 2.28 51.76
C1 NAG G . -20.13 -23.29 26.85
C2 NAG G . -18.68 -23.56 27.27
C3 NAG G . -18.64 -24.54 28.43
C4 NAG G . -19.50 -24.04 29.58
C5 NAG G . -20.92 -23.76 29.10
C6 NAG G . -21.80 -23.15 30.16
C7 NAG G . -17.14 -23.30 25.37
C8 NAG G . -16.41 -23.99 24.26
N2 NAG G . -17.91 -24.08 26.15
O3 NAG G . -17.30 -24.70 28.86
O4 NAG G . -19.54 -25.01 30.62
O5 NAG G . -20.87 -22.83 28.00
O6 NAG G . -21.30 -21.89 30.59
O7 NAG G . -17.05 -22.09 25.56
C1 NAG H . 21.25 -58.93 7.03
C2 NAG H . 22.71 -59.30 7.28
C3 NAG H . 22.80 -60.67 7.94
C4 NAG H . 21.92 -60.76 9.18
C5 NAG H . 20.49 -60.34 8.81
C6 NAG H . 19.57 -60.31 10.02
C7 NAG H . 24.13 -58.18 5.62
C8 NAG H . 24.86 -58.34 4.31
N2 NAG H . 23.47 -59.27 6.05
O3 NAG H . 24.16 -60.92 8.31
O4 NAG H . 21.89 -62.09 9.67
O5 NAG H . 20.51 -59.02 8.26
O6 NAG H . 20.26 -59.90 11.18
O7 NAG H . 24.13 -57.14 6.24
C1 NAG I . 4.31 -54.45 -20.42
C2 NAG I . 4.40 -55.93 -20.76
C3 NAG I . 3.96 -56.16 -22.19
C4 NAG I . 2.57 -55.59 -22.42
C5 NAG I . 2.52 -54.12 -21.99
C6 NAG I . 1.12 -53.54 -22.03
C7 NAG I . 6.01 -57.52 -19.80
C8 NAG I . 7.45 -57.91 -19.68
N2 NAG I . 5.75 -56.44 -20.54
O3 NAG I . 3.96 -57.56 -22.47
O4 NAG I . 2.22 -55.68 -23.79
O5 NAG I . 2.97 -53.99 -20.63
O6 NAG I . 0.52 -53.57 -20.75
O7 NAG I . 5.12 -58.15 -19.23
C1 NAG J . -3.63 -39.35 -35.97
C2 NAG J . -4.03 -40.32 -37.09
C3 NAG J . -5.23 -39.77 -37.86
C4 NAG J . -6.37 -39.45 -36.91
C5 NAG J . -5.90 -38.51 -35.81
C6 NAG J . -6.95 -38.24 -34.77
C7 NAG J . -2.55 -41.77 -38.44
C8 NAG J . -3.35 -42.93 -37.94
N2 NAG J . -2.91 -40.56 -38.00
O3 NAG J . -5.64 -40.73 -38.82
O4 NAG J . -7.43 -38.84 -37.64
O5 NAG J . -4.78 -39.08 -35.13
O6 NAG J . -7.64 -39.45 -34.42
O7 NAG J . -1.61 -41.91 -39.21
C1 NAG K . 9.62 -59.06 -1.53
C2 NAG K . 8.32 -58.60 -2.21
C3 NAG K . 7.15 -58.63 -1.22
C4 NAG K . 7.07 -59.97 -0.51
C5 NAG K . 8.42 -60.34 0.11
C6 NAG K . 8.44 -61.70 0.76
C7 NAG K . 7.73 -56.78 -3.76
C8 NAG K . 8.03 -55.38 -4.20
N2 NAG K . 8.48 -57.26 -2.76
O3 NAG K . 5.93 -58.39 -1.91
O4 NAG K . 6.09 -59.90 0.54
O5 NAG K . 9.41 -60.37 -0.93
O6 NAG K . 8.14 -62.73 -0.17
O7 NAG K . 6.84 -57.44 -4.29
C1 NAG L . 33.91 -68.02 -0.10
C2 NAG L . 33.20 -68.71 1.07
C3 NAG L . 34.06 -68.65 2.33
C4 NAG L . 35.45 -69.23 2.06
C5 NAG L . 36.08 -68.51 0.87
C6 NAG L . 37.40 -69.10 0.46
C7 NAG L . 30.80 -68.81 1.59
C8 NAG L . 29.55 -68.02 1.82
N2 NAG L . 31.90 -68.09 1.31
O3 NAG L . 33.42 -69.39 3.37
O4 NAG L . 36.27 -69.06 3.20
O5 NAG L . 35.22 -68.60 -0.28
O6 NAG L . 37.71 -68.80 -0.89
O7 NAG L . 30.82 -70.03 1.65
C1 NAG M . 36.25 -40.82 -45.61
C2 NAG M . 36.61 -39.66 -46.57
C3 NAG M . 37.93 -39.95 -47.28
C4 NAG M . 39.02 -40.30 -46.27
C5 NAG M . 38.56 -41.43 -45.37
C6 NAG M . 39.55 -41.78 -44.29
C7 NAG M . 35.31 -38.27 -48.13
C8 NAG M . 34.18 -38.25 -49.11
N2 NAG M . 35.55 -39.46 -47.54
O3 NAG M . 38.33 -38.82 -48.05
O4 NAG M . 40.21 -40.70 -46.95
O5 NAG M . 37.34 -41.06 -44.70
O6 NAG M . 40.73 -42.35 -44.84
O7 NAG M . 35.96 -37.28 -47.87
C1 NAG N . 3.61 68.73 -21.13
C2 NAG N . 2.42 68.16 -20.34
C3 NAG N . 2.09 69.06 -19.16
C4 NAG N . 3.33 69.30 -18.30
C5 NAG N . 4.45 69.85 -19.18
C6 NAG N . 5.74 70.06 -18.42
C7 NAG N . 0.91 66.86 -21.80
C8 NAG N . -0.32 66.91 -22.66
N2 NAG N . 1.25 68.02 -21.21
O3 NAG N . 1.06 68.47 -18.36
O4 NAG N . 3.04 70.23 -17.27
O5 NAG N . 4.74 68.92 -20.24
O6 NAG N . 5.50 70.22 -17.03
O7 NAG N . 1.58 65.85 -21.65
C1 NAG O . -21.09 64.77 -11.45
C2 NAG O . -22.36 65.11 -12.24
C3 NAG O . -23.52 65.39 -11.29
C4 NAG O . -23.71 64.23 -10.31
C5 NAG O . -22.40 63.95 -9.59
C6 NAG O . -22.48 62.74 -8.68
C7 NAG O . -22.22 66.17 -14.45
C8 NAG O . -21.95 67.44 -15.20
N2 NAG O . -22.12 66.24 -13.13
O3 NAG O . -24.70 65.58 -12.05
O4 NAG O . -24.72 64.56 -9.37
O5 NAG O . -21.36 63.69 -10.54
O6 NAG O . -22.02 61.57 -9.33
O7 NAG O . -22.51 65.13 -15.02
C1 NAG P . -18.34 47.63 -20.18
C2 NAG P . -19.30 46.44 -20.34
C3 NAG P . -19.69 46.27 -21.81
C4 NAG P . -20.27 47.57 -22.36
C5 NAG P . -19.27 48.71 -22.14
C6 NAG P . -19.80 50.05 -22.58
C7 NAG P . -19.34 44.44 -18.94
C8 NAG P . -18.59 43.21 -18.50
N2 NAG P . -18.70 45.22 -19.82
O3 NAG P . -20.65 45.24 -21.91
O4 NAG P . -20.55 47.44 -23.74
O5 NAG P . -18.95 48.82 -20.75
O6 NAG P . -19.76 50.20 -24.00
O7 NAG P . -20.46 44.71 -18.52
C1 NAG Q . 24.55 36.07 -15.36
C2 NAG Q . 25.55 37.16 -14.93
C3 NAG Q . 26.82 37.09 -15.78
C4 NAG Q . 27.39 35.67 -15.79
C5 NAG Q . 26.31 34.67 -16.18
C6 NAG Q . 26.78 33.24 -16.10
C7 NAG Q . 25.29 39.50 -14.25
C8 NAG Q . 24.55 40.79 -14.49
N2 NAG Q . 24.94 38.48 -15.03
O3 NAG Q . 27.79 38.01 -15.28
O4 NAG Q . 28.47 35.60 -16.72
O5 NAG Q . 25.19 34.78 -15.29
O6 NAG Q . 27.92 33.02 -16.93
O7 NAG Q . 26.16 39.40 -13.38
C1 NAG R . -16.87 4.12 -38.26
C2 NAG R . -16.73 2.59 -38.29
C3 NAG R . -17.00 2.08 -39.69
C4 NAG R . -18.36 2.55 -40.18
C5 NAG R . -18.46 4.07 -40.07
C6 NAG R . -19.84 4.60 -40.40
C7 NAG R . -15.22 1.23 -36.91
C8 NAG R . -13.80 0.92 -36.55
N2 NAG R . -15.41 2.18 -37.83
O3 NAG R . -16.95 0.65 -39.69
O4 NAG R . -18.54 2.18 -41.55
O5 NAG R . -18.18 4.49 -38.72
O6 NAG R . -19.89 5.14 -41.71
O7 NAG R . -16.16 0.65 -36.37
C1 NAG S . 12.61 -43.60 -44.48
C2 NAG S . 12.56 -45.12 -44.50
C3 NAG S . 12.36 -45.63 -45.93
C4 NAG S . 11.16 -44.96 -46.58
C5 NAG S . 11.27 -43.44 -46.47
C6 NAG S . 10.05 -42.72 -46.99
C7 NAG S . 13.82 -46.20 -42.70
C8 NAG S . 15.16 -46.72 -42.27
N2 NAG S . 13.77 -45.68 -43.92
O3 NAG S . 12.17 -47.04 -45.91
O4 NAG S . 11.10 -45.32 -47.96
O5 NAG S . 11.41 -43.07 -45.09
O6 NAG S . 8.99 -42.76 -46.06
O7 NAG S . 12.85 -46.23 -41.96
C1 NAG T . 36.82 -23.20 -37.50
C2 NAG T . 37.79 -23.80 -38.51
C3 NAG T . 39.14 -23.09 -38.43
C4 NAG T . 38.96 -21.58 -38.57
C5 NAG T . 37.93 -21.08 -37.55
C6 NAG T . 37.61 -19.62 -37.72
C7 NAG T . 37.87 -26.13 -39.28
C8 NAG T . 38.06 -27.56 -38.88
N2 NAG T . 37.96 -25.23 -38.29
O3 NAG T . 39.99 -23.57 -39.46
O4 NAG T . 40.20 -20.93 -38.33
O5 NAG T . 36.70 -21.79 -37.71
O6 NAG T . 36.37 -19.29 -37.11
O7 NAG T . 37.63 -25.81 -40.44
C1 NAG U . 46.31 -8.45 -22.48
C2 NAG U . 47.67 -8.29 -23.18
C3 NAG U . 48.17 -6.85 -23.05
C4 NAG U . 47.12 -5.87 -23.52
C5 NAG U . 45.83 -6.09 -22.75
C6 NAG U . 44.70 -5.21 -23.20
C7 NAG U . 49.47 -9.96 -23.41
C8 NAG U . 49.32 -9.82 -24.90
N2 NAG U . 48.66 -9.22 -22.66
O3 NAG U . 49.37 -6.69 -23.79
O4 NAG U . 47.56 -4.53 -23.31
O5 NAG U . 45.39 -7.45 -22.95
O6 NAG U . 44.81 -4.87 -24.57
O7 NAG U . 50.29 -10.73 -22.91
C1 NAG V . 22.21 -30.86 -46.69
C2 NAG V . 20.74 -31.08 -47.00
C3 NAG V . 20.13 -29.82 -47.61
C4 NAG V . 20.39 -28.62 -46.72
C5 NAG V . 21.88 -28.49 -46.40
C6 NAG V . 22.19 -27.39 -45.41
C7 NAG V . 19.64 -33.18 -47.66
C8 NAG V . 19.58 -34.28 -48.67
N2 NAG V . 20.55 -32.22 -47.88
O3 NAG V . 18.74 -30.01 -47.81
O4 NAG V . 19.95 -27.42 -47.37
O5 NAG V . 22.36 -29.72 -45.83
O6 NAG V . 21.12 -26.47 -45.32
O7 NAG V . 18.90 -33.16 -46.68
C1 NAG W . 22.42 -58.46 -44.49
C2 NAG W . 21.44 -58.06 -45.60
C3 NAG W . 20.29 -59.05 -45.66
C4 NAG W . 20.82 -60.47 -45.81
C5 NAG W . 21.81 -60.78 -44.69
C6 NAG W . 22.48 -62.13 -44.84
C7 NAG W . 20.98 -55.76 -46.33
C8 NAG W . 20.42 -54.43 -45.94
N2 NAG W . 20.94 -56.71 -45.38
O3 NAG W . 19.45 -58.72 -46.76
O4 NAG W . 19.74 -61.40 -45.75
O5 NAG W . 22.86 -59.81 -44.69
O6 NAG W . 21.75 -62.96 -45.73
O7 NAG W . 21.45 -55.98 -47.44
C1 NAG X . 21.12 19.66 41.87
C2 NAG X . 22.31 20.51 41.42
C3 NAG X . 21.84 21.91 41.05
C4 NAG X . 20.72 21.83 40.01
C5 NAG X . 19.60 20.92 40.49
C6 NAG X . 18.54 20.69 39.45
C7 NAG X . 24.54 20.03 42.33
C8 NAG X . 25.46 20.19 43.51
N2 NAG X . 23.31 20.57 42.47
O3 NAG X . 22.94 22.65 40.52
O4 NAG X . 20.19 23.13 39.78
O5 NAG X . 20.14 19.63 40.83
O6 NAG X . 18.23 21.88 38.73
O7 NAG X . 24.88 19.44 41.32
C1 NAG Y . 55.09 -44.32 -4.69
C2 NAG Y . 55.11 -43.97 -3.19
C3 NAG Y . 55.80 -45.08 -2.40
C4 NAG Y . 55.16 -46.44 -2.71
C5 NAG Y . 55.11 -46.67 -4.22
C6 NAG Y . 54.37 -47.93 -4.60
C7 NAG Y . 55.43 -41.85 -2.01
C8 NAG Y . 56.23 -40.58 -1.91
N2 NAG Y . 55.79 -42.70 -2.97
O3 NAG Y . 55.71 -44.81 -1.01
O4 NAG Y . 55.92 -47.48 -2.11
O5 NAG Y . 54.43 -45.58 -4.87
O6 NAG Y . 53.53 -47.71 -5.73
O7 NAG Y . 54.48 -42.06 -1.26
C1 NAG Z . -8.52 20.83 67.28
C2 NAG Z . -9.23 20.77 68.63
C3 NAG Z . -10.74 20.81 68.41
C4 NAG Z . -11.13 22.04 67.61
C5 NAG Z . -10.34 22.08 66.30
C6 NAG Z . -10.58 23.35 65.52
C7 NAG Z . -8.05 19.59 70.44
C8 NAG Z . -7.53 20.93 70.87
N2 NAG Z . -8.84 19.57 69.36
O3 NAG Z . -11.39 20.83 69.69
O4 NAG Z . -12.52 22.02 67.32
O5 NAG Z . -8.93 22.02 66.57
O6 NAG Z . -10.60 24.50 66.36
O7 NAG Z . -7.74 18.57 71.03
C1 NAG AA . 0.41 35.06 42.72
C2 NAG AA . 0.26 35.30 41.19
C3 NAG AA . 1.59 35.79 40.59
C4 NAG AA . 2.14 36.97 41.37
C5 NAG AA . 2.31 36.57 42.82
C6 NAG AA . 2.83 37.69 43.69
C7 NAG AA . -1.11 34.05 39.55
C8 NAG AA . -1.76 35.35 39.19
N2 NAG AA . -0.18 34.10 40.51
O3 NAG AA . 1.40 36.15 39.23
O4 NAG AA . 3.40 37.35 40.83
O5 NAG AA . 1.03 36.20 43.34
O6 NAG AA . 1.94 37.97 44.76
O7 NAG AA . -1.43 33.00 39.01
C1 NAG BA . -1.84 -9.68 44.35
C2 NAG BA . -0.39 -10.19 44.43
C3 NAG BA . -0.35 -11.59 45.06
C4 NAG BA . -1.06 -11.57 46.41
C5 NAG BA . -2.48 -11.03 46.25
C6 NAG BA . -3.21 -10.90 47.57
C7 NAG BA . 1.55 -10.04 42.92
C8 NAG BA . 2.02 -10.11 41.50
N2 NAG BA . 0.24 -10.21 43.11
O3 NAG BA . 1.00 -12.00 45.24
O4 NAG BA . -1.12 -12.89 46.94
O5 NAG BA . -2.44 -9.72 45.66
O6 NAG BA . -2.31 -10.67 48.64
O7 NAG BA . 2.32 -9.87 43.85
C1 NAG CA . 16.97 53.12 6.90
C2 NAG CA . 17.85 53.58 5.74
C3 NAG CA . 19.28 53.07 5.94
C4 NAG CA . 19.81 53.51 7.29
C5 NAG CA . 18.86 53.08 8.40
C6 NAG CA . 19.26 53.59 9.76
C7 NAG CA . 16.70 53.93 3.60
C8 NAG CA . 16.21 53.29 2.34
N2 NAG CA . 17.32 53.11 4.46
O3 NAG CA . 20.10 53.58 4.90
O4 NAG CA . 21.09 52.94 7.52
O5 NAG CA . 17.53 53.58 8.15
O6 NAG CA . 18.13 54.00 10.52
O7 NAG CA . 16.55 55.12 3.83
C1 NAG DA . 32.82 20.24 10.47
C2 NAG DA . 33.78 20.01 9.29
C3 NAG DA . 35.21 20.33 9.71
C4 NAG DA . 35.32 21.71 10.32
C5 NAG DA . 34.30 21.87 11.45
C6 NAG DA . 34.26 23.27 12.02
C7 NAG DA . 33.08 18.34 7.64
C8 NAG DA . 32.49 19.47 6.84
N2 NAG DA . 33.67 18.66 8.78
O3 NAG DA . 36.07 20.21 8.58
O4 NAG DA . 36.63 21.93 10.83
O5 NAG DA . 32.98 21.58 10.97
O6 NAG DA . 33.44 24.12 11.25
O7 NAG DA . 33.01 17.18 7.24
C1 NAG EA . 54.76 -24.76 -17.48
C2 NAG EA . 54.78 -25.55 -18.79
C3 NAG EA . 56.22 -25.84 -19.21
C4 NAG EA . 57.04 -24.56 -19.25
C5 NAG EA . 56.92 -23.82 -17.91
C6 NAG EA . 57.62 -22.48 -17.90
C7 NAG EA . 52.85 -26.99 -19.26
C8 NAG EA . 52.20 -28.32 -19.00
N2 NAG EA . 54.03 -26.79 -18.66
O3 NAG EA . 56.22 -26.46 -20.50
O4 NAG EA . 58.40 -24.84 -19.51
O5 NAG EA . 55.54 -23.57 -17.62
O6 NAG EA . 58.12 -22.18 -16.61
O7 NAG EA . 52.33 -26.15 -19.98
C1 NAG FA . 40.39 -39.61 7.71
C2 NAG FA . 41.18 -40.94 7.59
C3 NAG FA . 40.83 -41.87 8.75
C4 NAG FA . 41.00 -41.15 10.09
C5 NAG FA . 40.19 -39.87 10.09
C6 NAG FA . 40.37 -39.06 11.35
C7 NAG FA . 41.87 -41.93 5.46
C8 NAG FA . 41.42 -42.60 4.20
N2 NAG FA . 40.91 -41.58 6.32
O3 NAG FA . 41.67 -43.01 8.70
O4 NAG FA . 40.55 -42.00 11.14
O5 NAG FA . 40.60 -39.04 9.00
O6 NAG FA . 39.67 -37.83 11.27
O7 NAG FA . 43.06 -41.69 5.68
C1 NAG GA . 20.96 -44.29 18.64
C2 NAG GA . 21.66 -45.27 19.60
C3 NAG GA . 20.97 -45.28 20.97
C4 NAG GA . 20.84 -43.86 21.51
C5 NAG GA . 20.12 -42.98 20.50
C6 NAG GA . 20.00 -41.54 20.94
C7 NAG GA . 22.76 -47.39 18.99
C8 NAG GA . 24.03 -46.82 19.54
N2 NAG GA . 21.68 -46.61 19.03
O3 NAG GA . 21.73 -46.07 21.86
O4 NAG GA . 20.10 -43.88 22.73
O5 NAG GA . 20.85 -42.99 19.27
O6 NAG GA . 21.27 -40.91 20.97
O7 NAG GA . 22.71 -48.52 18.50
C1 NAG HA . 51.77 -28.26 -0.93
C2 NAG HA . 52.03 -26.82 -1.38
C3 NAG HA . 51.89 -25.86 -0.20
C4 NAG HA . 50.55 -26.05 0.49
C5 NAG HA . 50.36 -27.52 0.88
C6 NAG HA . 49.01 -27.81 1.48
C7 NAG HA . 53.68 -25.75 -2.88
C8 NAG HA . 55.09 -25.80 -3.38
N2 NAG HA . 53.35 -26.70 -1.98
O3 NAG HA . 52.02 -24.52 -0.63
O4 NAG HA . 50.47 -25.23 1.65
O5 NAG HA . 50.48 -28.34 -0.28
O6 NAG HA . 48.76 -29.21 1.53
O7 NAG HA . 52.88 -24.91 -3.25
C1 NAG IA . 60.43 -38.12 -25.63
C2 NAG IA . 61.32 -36.93 -25.25
C3 NAG IA . 61.72 -36.16 -26.50
C4 NAG IA . 62.36 -37.10 -27.53
C5 NAG IA . 61.43 -38.28 -27.82
C6 NAG IA . 62.05 -39.30 -28.72
C7 NAG IA . 61.27 -35.33 -23.39
C8 NAG IA . 60.40 -34.49 -22.50
N2 NAG IA . 60.63 -36.06 -24.31
O3 NAG IA . 62.64 -35.14 -26.15
O4 NAG IA . 62.61 -36.39 -28.74
O5 NAG IA . 61.11 -38.95 -26.58
O6 NAG IA . 62.05 -40.59 -28.12
O7 NAG IA . 62.50 -35.35 -23.28
#